data_2K4W
#
_entry.id   2K4W
#
_cell.length_a   1.000
_cell.length_b   1.000
_cell.length_c   1.000
_cell.angle_alpha   90.00
_cell.angle_beta   90.00
_cell.angle_gamma   90.00
#
_symmetry.space_group_name_H-M   'P 1'
#
loop_
_entity.id
_entity.type
_entity.pdbx_description
1 polymer 'Superoxide dismutase [Cu-Zn]'
2 non-polymer 'COPPER (I) ION'
3 non-polymer 'ZINC ION'
#
_entity_poly.entity_id   1
_entity_poly.type   'polypeptide(L)'
_entity_poly.pdbx_seq_one_letter_code
;ASEKVGMNLVTAQGVGQSIGTVVIDETEGGLKFTPHLKALPPGEHGFHIHANGSCQPAIKDGQAVAAEAAGGHLDPQNTG
KHEGPEGQGHLGDLPVLVVNNDGIATEPVTAPRLKSLDEVKDKALMIHVGGDNMSDQPKPLGGGGTRYACGVIK
;
_entity_poly.pdbx_strand_id   A
#
# COMPACT_ATOMS: atom_id res chain seq x y z
N ALA A 1 -20.40 -3.74 -2.71
CA ALA A 1 -20.29 -2.62 -1.76
C ALA A 1 -18.96 -1.90 -1.92
N SER A 2 -18.85 -0.62 -1.55
CA SER A 2 -17.71 0.23 -1.99
C SER A 2 -17.35 1.32 -0.98
N GLU A 3 -16.08 1.73 -0.98
CA GLU A 3 -15.53 2.83 -0.21
C GLU A 3 -14.39 3.51 -1.00
N LYS A 4 -14.47 4.83 -1.06
CA LYS A 4 -13.56 5.72 -1.78
C LYS A 4 -12.41 6.19 -0.87
N VAL A 5 -11.23 5.56 -0.90
CA VAL A 5 -10.19 5.80 0.09
C VAL A 5 -9.29 6.94 -0.39
N GLY A 6 -9.36 8.08 0.30
CA GLY A 6 -8.59 9.28 0.00
C GLY A 6 -7.14 9.11 0.45
N MET A 7 -6.24 8.98 -0.52
CA MET A 7 -4.80 8.84 -0.28
C MET A 7 -4.07 10.19 -0.38
N ASN A 8 -3.24 10.53 0.61
CA ASN A 8 -2.30 11.66 0.55
C ASN A 8 -0.86 11.15 0.33
N LEU A 9 -0.03 12.02 -0.25
CA LEU A 9 1.41 11.83 -0.40
C LEU A 9 2.08 11.86 0.98
N VAL A 10 3.13 11.09 1.20
CA VAL A 10 3.86 11.03 2.49
C VAL A 10 5.36 10.93 2.26
N THR A 11 6.17 11.63 3.08
CA THR A 11 7.61 11.83 2.78
C THR A 11 8.40 12.35 3.98
N ALA A 12 8.40 11.63 5.12
CA ALA A 12 9.26 11.85 6.30
C ALA A 12 8.81 13.01 7.20
N GLN A 13 8.04 13.96 6.65
CA GLN A 13 7.30 14.97 7.41
C GLN A 13 5.93 14.48 7.88
N GLY A 14 5.39 13.44 7.24
CA GLY A 14 4.03 12.93 7.42
C GLY A 14 3.14 13.29 6.24
N VAL A 15 1.85 13.50 6.51
CA VAL A 15 0.79 13.78 5.54
C VAL A 15 1.09 15.06 4.74
N GLY A 16 1.13 14.92 3.42
CA GLY A 16 1.28 16.00 2.45
C GLY A 16 -0.07 16.41 1.85
N GLN A 17 -0.06 16.64 0.53
CA GLN A 17 -1.29 16.88 -0.24
C GLN A 17 -1.83 15.54 -0.77
N SER A 18 -3.04 15.56 -1.32
CA SER A 18 -3.54 14.50 -2.19
C SER A 18 -3.58 14.92 -3.66
N ILE A 19 -3.57 13.92 -4.52
CA ILE A 19 -3.56 13.97 -5.99
C ILE A 19 -4.49 12.91 -6.63
N GLY A 20 -5.16 12.10 -5.80
CA GLY A 20 -6.01 10.98 -6.19
C GLY A 20 -6.53 10.21 -4.96
N THR A 21 -7.74 9.66 -5.04
CA THR A 21 -8.20 8.57 -4.17
C THR A 21 -7.81 7.24 -4.81
N VAL A 22 -8.18 6.13 -4.19
CA VAL A 22 -8.48 4.89 -4.90
C VAL A 22 -9.85 4.41 -4.45
N VAL A 23 -10.70 4.00 -5.40
CA VAL A 23 -11.98 3.38 -5.04
C VAL A 23 -11.74 1.89 -4.77
N ILE A 24 -12.20 1.44 -3.61
CA ILE A 24 -12.28 0.02 -3.26
C ILE A 24 -13.73 -0.42 -3.37
N ASP A 25 -13.95 -1.53 -4.06
CA ASP A 25 -15.26 -2.10 -4.32
C ASP A 25 -15.19 -3.62 -4.16
N GLU A 26 -15.84 -4.14 -3.13
CA GLU A 26 -15.76 -5.58 -2.80
C GLU A 26 -16.64 -6.41 -3.73
N THR A 27 -16.16 -7.61 -4.07
CA THR A 27 -16.92 -8.57 -4.87
C THR A 27 -16.54 -9.97 -4.43
N GLU A 28 -17.17 -10.98 -5.03
CA GLU A 28 -16.94 -12.38 -4.68
C GLU A 28 -15.54 -12.87 -5.13
N GLY A 29 -14.87 -12.10 -6.01
CA GLY A 29 -13.43 -12.20 -6.29
C GLY A 29 -12.55 -11.22 -5.51
N GLY A 30 -13.12 -10.59 -4.48
CA GLY A 30 -12.48 -9.73 -3.48
C GLY A 30 -12.46 -8.23 -3.75
N LEU A 31 -11.49 -7.53 -3.16
CA LEU A 31 -11.39 -6.07 -3.24
C LEU A 31 -10.95 -5.60 -4.63
N LYS A 32 -11.89 -5.11 -5.45
CA LYS A 32 -11.62 -4.41 -6.70
C LYS A 32 -11.04 -3.02 -6.39
N PHE A 33 -9.81 -2.77 -6.83
CA PHE A 33 -9.11 -1.50 -6.74
C PHE A 33 -9.30 -0.75 -8.07
N THR A 34 -9.75 0.51 -8.07
CA THR A 34 -9.68 1.34 -9.30
C THR A 34 -9.04 2.68 -8.92
N PRO A 35 -7.77 2.90 -9.29
CA PRO A 35 -7.04 4.10 -8.95
C PRO A 35 -7.48 5.25 -9.84
N HIS A 36 -7.14 6.47 -9.44
CA HIS A 36 -7.38 7.67 -10.24
C HIS A 36 -6.36 8.76 -9.82
N LEU A 37 -5.09 8.37 -9.66
CA LEU A 37 -4.00 9.22 -9.17
C LEU A 37 -3.10 9.72 -10.29
N LYS A 38 -2.80 11.00 -10.22
CA LYS A 38 -1.81 11.73 -10.98
C LYS A 38 -0.59 12.02 -10.09
N ALA A 39 0.52 12.37 -10.72
CA ALA A 39 1.72 13.02 -10.14
C ALA A 39 2.71 12.04 -9.49
N LEU A 40 2.57 10.74 -9.78
CA LEU A 40 3.50 9.73 -9.28
C LEU A 40 4.62 9.50 -10.26
N PRO A 41 5.74 8.92 -9.78
CA PRO A 41 6.73 8.45 -10.69
C PRO A 41 6.16 7.33 -11.58
N PRO A 42 6.29 7.44 -12.92
CA PRO A 42 5.34 6.93 -13.92
C PRO A 42 5.55 5.45 -14.28
N GLY A 43 6.03 4.69 -13.30
CA GLY A 43 6.39 3.28 -13.39
C GLY A 43 5.30 2.35 -12.90
N GLU A 44 5.69 1.56 -11.92
CA GLU A 44 4.90 0.51 -11.27
C GLU A 44 5.19 0.55 -9.76
N HIS A 45 4.16 0.41 -8.92
CA HIS A 45 4.26 0.63 -7.47
C HIS A 45 3.52 -0.43 -6.67
N GLY A 46 4.20 -1.13 -5.75
CA GLY A 46 3.58 -2.13 -4.86
C GLY A 46 2.35 -1.57 -4.13
N PHE A 47 1.36 -2.40 -3.81
CA PHE A 47 0.13 -2.00 -3.12
C PHE A 47 -0.01 -2.87 -1.87
N HIS A 48 0.07 -2.26 -0.68
CA HIS A 48 -0.19 -2.94 0.60
C HIS A 48 -1.42 -2.43 1.37
N ILE A 49 -1.88 -3.26 2.31
CA ILE A 49 -2.66 -2.90 3.49
C ILE A 49 -1.75 -3.03 4.72
N HIS A 50 -1.90 -2.14 5.68
CA HIS A 50 -1.04 -2.02 6.85
C HIS A 50 -1.80 -2.27 8.17
N ALA A 51 -1.07 -2.56 9.25
CA ALA A 51 -1.64 -3.16 10.46
C ALA A 51 -2.54 -2.21 11.28
N ASN A 52 -2.15 -0.96 11.44
CA ASN A 52 -3.01 0.13 11.90
C ASN A 52 -3.46 1.03 10.73
N GLY A 53 -4.29 2.04 11.02
CA GLY A 53 -4.66 3.11 10.08
C GLY A 53 -4.11 4.47 10.52
N SER A 54 -2.89 4.82 10.07
CA SER A 54 -2.24 6.10 10.44
C SER A 54 -1.02 6.43 9.55
N CYS A 55 -1.22 7.28 8.55
CA CYS A 55 -0.21 7.80 7.62
C CYS A 55 0.78 8.81 8.25
N GLN A 56 1.29 8.49 9.45
CA GLN A 56 2.09 9.39 10.27
C GLN A 56 3.53 8.84 10.48
N PRO A 57 4.54 9.73 10.62
CA PRO A 57 5.96 9.37 10.71
C PRO A 57 6.37 9.06 12.16
N ALA A 58 7.53 8.42 12.30
CA ALA A 58 8.25 8.28 13.57
C ALA A 58 9.60 9.00 13.49
N ILE A 59 10.09 9.53 14.61
CA ILE A 59 11.38 10.23 14.74
C ILE A 59 12.21 9.51 15.80
N LYS A 60 13.50 9.25 15.53
CA LYS A 60 14.45 8.60 16.45
C LYS A 60 15.89 8.87 15.97
N ASP A 61 16.85 9.06 16.88
CA ASP A 61 18.27 9.29 16.54
C ASP A 61 18.49 10.45 15.53
N GLY A 62 17.74 11.55 15.72
CA GLY A 62 17.86 12.78 14.92
C GLY A 62 17.35 12.67 13.48
N GLN A 63 16.59 11.62 13.14
CA GLN A 63 16.16 11.35 11.75
C GLN A 63 14.74 10.77 11.71
N ALA A 64 14.07 10.91 10.57
CA ALA A 64 12.65 10.60 10.42
C ALA A 64 12.39 9.34 9.57
N VAL A 65 11.42 8.53 9.99
CA VAL A 65 10.84 7.43 9.22
C VAL A 65 9.75 8.00 8.29
N ALA A 66 9.76 7.59 7.02
CA ALA A 66 8.89 8.10 5.94
C ALA A 66 7.41 8.29 6.33
N ALA A 67 6.81 7.26 6.94
CA ALA A 67 5.45 7.12 7.48
C ALA A 67 5.27 5.65 7.92
N GLU A 68 4.95 5.37 9.18
CA GLU A 68 5.06 4.03 9.81
C GLU A 68 4.10 3.81 10.99
N ALA A 69 3.36 4.81 11.48
CA ALA A 69 2.35 4.59 12.53
C ALA A 69 1.25 3.59 12.11
N ALA A 70 1.02 3.45 10.80
CA ALA A 70 0.23 2.39 10.18
C ALA A 70 0.74 0.96 10.44
N GLY A 71 1.92 0.74 11.04
CA GLY A 71 2.45 -0.61 11.31
C GLY A 71 3.22 -1.18 10.11
N GLY A 72 3.48 -2.50 10.15
CA GLY A 72 3.92 -3.29 8.98
C GLY A 72 2.76 -3.67 8.06
N HIS A 73 3.03 -4.37 6.95
CA HIS A 73 2.03 -4.80 5.96
C HIS A 73 1.18 -6.01 6.41
N LEU A 74 0.58 -5.88 7.59
CA LEU A 74 -0.39 -6.79 8.22
C LEU A 74 0.17 -8.22 8.33
N ASP A 75 1.16 -8.31 9.21
CA ASP A 75 2.16 -9.38 9.35
C ASP A 75 2.12 -10.07 10.75
N PRO A 76 1.03 -10.78 11.10
CA PRO A 76 0.85 -11.35 12.45
C PRO A 76 1.75 -12.56 12.73
N GLN A 77 1.65 -13.63 11.92
CA GLN A 77 2.37 -14.89 12.14
C GLN A 77 2.92 -15.41 10.80
N ASN A 78 4.23 -15.67 10.73
CA ASN A 78 4.97 -15.98 9.49
C ASN A 78 6.45 -16.37 9.77
N THR A 79 7.40 -15.41 9.68
CA THR A 79 8.87 -15.56 9.70
C THR A 79 9.60 -14.24 9.36
N GLY A 80 8.95 -13.31 8.67
CA GLY A 80 9.53 -12.08 8.13
C GLY A 80 9.42 -12.01 6.61
N LYS A 81 9.53 -13.17 5.94
CA LYS A 81 9.26 -13.31 4.51
C LYS A 81 7.88 -12.75 4.12
N HIS A 82 7.82 -12.16 2.92
CA HIS A 82 6.67 -11.49 2.34
C HIS A 82 5.87 -12.42 1.41
N GLU A 83 4.56 -12.23 1.34
CA GLU A 83 3.67 -13.02 0.49
C GLU A 83 3.97 -12.68 -0.98
N GLY A 84 4.14 -13.70 -1.85
CA GLY A 84 4.68 -13.49 -3.18
C GLY A 84 4.67 -14.74 -4.07
N PRO A 85 5.68 -14.94 -4.94
CA PRO A 85 5.66 -15.98 -5.97
C PRO A 85 5.86 -17.41 -5.44
N GLU A 86 6.41 -17.58 -4.23
CA GLU A 86 6.68 -18.87 -3.61
C GLU A 86 6.96 -18.72 -2.11
N GLY A 87 6.56 -19.71 -1.30
CA GLY A 87 6.60 -19.66 0.15
C GLY A 87 5.30 -19.10 0.74
N GLN A 88 5.39 -18.20 1.72
CA GLN A 88 4.26 -17.58 2.41
C GLN A 88 4.77 -16.36 3.21
N GLY A 89 3.88 -15.41 3.53
CA GLY A 89 4.20 -14.24 4.35
C GLY A 89 3.00 -13.53 4.97
N HIS A 90 2.91 -12.22 4.74
CA HIS A 90 1.93 -11.31 5.34
C HIS A 90 0.63 -11.22 4.50
N LEU A 91 -0.53 -11.07 5.14
CA LEU A 91 -1.81 -11.05 4.41
C LEU A 91 -2.18 -9.68 3.82
N GLY A 92 -1.48 -8.61 4.20
CA GLY A 92 -1.67 -7.23 3.69
C GLY A 92 -0.86 -6.90 2.44
N ASP A 93 -0.60 -7.86 1.56
CA ASP A 93 0.21 -7.71 0.35
C ASP A 93 -0.67 -7.95 -0.94
N LEU A 94 -0.59 -7.05 -1.92
CA LEU A 94 -1.56 -6.89 -3.02
C LEU A 94 -0.85 -6.54 -4.36
N PRO A 95 -1.47 -6.76 -5.55
CA PRO A 95 -0.78 -6.68 -6.84
C PRO A 95 -0.44 -5.23 -7.24
N VAL A 96 0.63 -5.09 -8.02
CA VAL A 96 1.36 -3.83 -8.25
C VAL A 96 0.53 -2.80 -9.04
N LEU A 97 0.50 -1.58 -8.52
CA LEU A 97 -0.15 -0.37 -9.03
C LEU A 97 0.64 0.19 -10.22
N VAL A 98 0.33 -0.28 -11.43
CA VAL A 98 0.88 0.24 -12.70
C VAL A 98 0.41 1.70 -12.92
N VAL A 99 1.34 2.55 -13.35
CA VAL A 99 1.17 3.97 -13.67
C VAL A 99 1.62 4.15 -15.13
N ASN A 100 0.91 4.93 -15.94
CA ASN A 100 1.37 5.21 -17.30
C ASN A 100 2.56 6.19 -17.31
N ASN A 101 3.32 6.23 -18.42
CA ASN A 101 4.53 7.05 -18.63
C ASN A 101 4.41 8.57 -18.29
N ASP A 102 3.19 9.11 -18.23
CA ASP A 102 2.83 10.51 -17.95
C ASP A 102 2.52 10.76 -16.46
N GLY A 103 2.64 9.73 -15.61
CA GLY A 103 2.50 9.82 -14.15
C GLY A 103 1.08 9.69 -13.64
N ILE A 104 0.19 9.05 -14.40
CA ILE A 104 -1.23 8.84 -14.05
C ILE A 104 -1.59 7.34 -14.08
N ALA A 105 -2.25 6.85 -13.03
CA ALA A 105 -2.76 5.47 -12.90
C ALA A 105 -4.30 5.44 -12.95
N THR A 106 -4.87 4.43 -13.64
CA THR A 106 -6.33 4.19 -13.66
C THR A 106 -6.77 2.72 -13.62
N GLU A 107 -5.84 1.75 -13.62
CA GLU A 107 -6.12 0.33 -13.87
C GLU A 107 -7.17 -0.30 -12.93
N PRO A 108 -8.37 -0.69 -13.42
CA PRO A 108 -9.33 -1.47 -12.66
C PRO A 108 -8.83 -2.91 -12.50
N VAL A 109 -8.30 -3.21 -11.30
CA VAL A 109 -7.74 -4.51 -10.90
C VAL A 109 -8.43 -5.02 -9.63
N THR A 110 -8.06 -6.21 -9.12
CA THR A 110 -8.71 -6.83 -7.95
C THR A 110 -7.71 -7.63 -7.15
N ALA A 111 -7.85 -7.59 -5.82
CA ALA A 111 -7.11 -8.43 -4.89
C ALA A 111 -8.05 -9.44 -4.21
N PRO A 112 -8.00 -10.74 -4.56
CA PRO A 112 -8.75 -11.80 -3.86
C PRO A 112 -8.18 -12.14 -2.47
N ARG A 113 -7.21 -11.36 -1.98
CA ARG A 113 -6.55 -11.55 -0.68
C ARG A 113 -7.46 -11.24 0.52
N LEU A 114 -8.57 -10.50 0.29
CA LEU A 114 -9.60 -10.04 1.23
C LEU A 114 -10.92 -9.86 0.44
N LYS A 115 -12.09 -9.92 1.08
CA LYS A 115 -13.39 -9.91 0.37
C LYS A 115 -14.57 -9.25 1.11
N SER A 116 -14.31 -8.09 1.73
CA SER A 116 -15.30 -7.15 2.27
C SER A 116 -14.59 -5.90 2.81
N LEU A 117 -15.21 -4.72 2.74
CA LEU A 117 -14.64 -3.51 3.38
C LEU A 117 -14.52 -3.68 4.89
N ASP A 118 -15.37 -4.50 5.51
CA ASP A 118 -15.31 -4.91 6.91
C ASP A 118 -13.99 -5.57 7.32
N GLU A 119 -13.21 -6.08 6.36
CA GLU A 119 -11.88 -6.66 6.59
C GLU A 119 -10.76 -5.58 6.61
N VAL A 120 -11.06 -4.32 6.28
CA VAL A 120 -10.07 -3.21 6.19
C VAL A 120 -10.48 -1.91 6.92
N LYS A 121 -11.64 -1.87 7.58
CA LYS A 121 -12.22 -0.67 8.23
C LYS A 121 -11.54 -0.19 9.53
N ASP A 122 -10.28 -0.58 9.76
CA ASP A 122 -9.43 -0.19 10.90
C ASP A 122 -7.95 -0.01 10.47
N LYS A 123 -7.71 0.10 9.15
CA LYS A 123 -6.39 -0.05 8.51
C LYS A 123 -6.06 1.13 7.57
N ALA A 124 -4.84 1.13 7.00
CA ALA A 124 -4.44 1.98 5.88
C ALA A 124 -4.10 1.17 4.62
N LEU A 125 -4.35 1.77 3.45
CA LEU A 125 -3.72 1.41 2.17
C LEU A 125 -2.35 2.10 2.08
N MET A 126 -1.43 1.55 1.29
CA MET A 126 -0.10 2.15 1.10
C MET A 126 0.46 1.85 -0.29
N ILE A 127 0.79 2.90 -1.05
CA ILE A 127 1.38 2.82 -2.39
C ILE A 127 2.90 2.91 -2.27
N HIS A 128 3.54 1.77 -2.52
CA HIS A 128 4.93 1.45 -2.26
C HIS A 128 5.87 1.78 -3.44
N VAL A 129 7.12 2.16 -3.16
CA VAL A 129 8.04 2.74 -4.16
C VAL A 129 8.46 1.72 -5.21
N GLY A 130 8.69 0.46 -4.82
CA GLY A 130 8.91 -0.65 -5.75
C GLY A 130 7.68 -1.56 -5.84
N GLY A 131 7.53 -2.27 -6.96
CA GLY A 131 6.74 -3.49 -7.07
C GLY A 131 7.30 -4.61 -6.18
N ASP A 132 6.49 -5.64 -5.98
CA ASP A 132 6.34 -6.23 -4.64
C ASP A 132 6.68 -7.74 -4.59
N ASN A 133 7.49 -8.26 -5.52
CA ASN A 133 7.66 -9.71 -5.73
C ASN A 133 8.85 -10.37 -4.99
N MET A 134 9.61 -9.66 -4.14
CA MET A 134 10.90 -10.15 -3.59
C MET A 134 11.08 -10.00 -2.07
N SER A 135 11.88 -10.90 -1.50
CA SER A 135 12.19 -11.04 -0.08
C SER A 135 13.68 -11.39 0.17
N ASP A 136 14.51 -11.31 -0.87
CA ASP A 136 15.67 -12.19 -1.11
C ASP A 136 17.00 -11.42 -1.12
N GLN A 137 16.94 -10.20 -0.62
CA GLN A 137 18.02 -9.23 -0.46
C GLN A 137 18.11 -8.88 1.05
N PRO A 138 19.20 -8.28 1.55
CA PRO A 138 19.32 -7.88 2.97
C PRO A 138 18.29 -6.84 3.43
N LYS A 139 17.53 -6.23 2.49
CA LYS A 139 16.32 -5.45 2.76
C LYS A 139 15.20 -5.88 1.77
N PRO A 140 13.95 -6.14 2.24
CA PRO A 140 12.89 -6.75 1.44
C PRO A 140 12.32 -5.82 0.37
N LEU A 141 11.57 -6.40 -0.58
CA LEU A 141 11.06 -5.77 -1.81
C LEU A 141 12.21 -5.25 -2.69
N GLY A 142 13.42 -5.84 -2.59
CA GLY A 142 14.64 -5.33 -3.24
C GLY A 142 15.11 -3.97 -2.70
N GLY A 143 14.57 -3.51 -1.56
CA GLY A 143 14.71 -2.15 -1.04
C GLY A 143 13.43 -1.30 -1.17
N GLY A 144 12.40 -1.78 -1.88
CA GLY A 144 11.12 -1.09 -2.15
C GLY A 144 10.19 -0.91 -0.95
N GLY A 145 10.71 -0.97 0.28
CA GLY A 145 9.96 -0.80 1.53
C GLY A 145 9.49 0.65 1.80
N THR A 146 10.03 1.63 1.07
CA THR A 146 9.55 3.03 1.04
C THR A 146 8.24 3.14 0.27
N ARG A 147 7.53 4.26 0.45
CA ARG A 147 6.18 4.49 -0.09
C ARG A 147 5.97 5.96 -0.47
N TYR A 148 5.19 6.21 -1.52
CA TYR A 148 4.88 7.56 -2.02
C TYR A 148 3.57 8.12 -1.42
N ALA A 149 2.58 7.26 -1.17
CA ALA A 149 1.26 7.65 -0.64
C ALA A 149 0.66 6.63 0.33
N CYS A 150 -0.20 7.10 1.22
CA CYS A 150 -0.94 6.35 2.23
C CYS A 150 -2.39 6.86 2.32
N GLY A 151 -3.33 6.02 2.74
CA GLY A 151 -4.74 6.37 2.92
C GLY A 151 -5.46 5.47 3.91
N VAL A 152 -5.90 6.03 5.03
CA VAL A 152 -6.70 5.35 6.06
C VAL A 152 -8.12 5.06 5.55
N ILE A 153 -8.61 3.83 5.71
CA ILE A 153 -9.98 3.45 5.33
C ILE A 153 -10.97 3.96 6.38
N LYS A 154 -12.07 4.59 5.96
CA LYS A 154 -13.06 5.20 6.87
C LYS A 154 -14.52 4.90 6.46
N ALA A 1 -19.36 -3.34 -2.75
CA ALA A 1 -19.79 -2.06 -2.14
C ALA A 1 -18.57 -1.30 -1.61
N SER A 2 -18.69 0.01 -1.34
CA SER A 2 -17.62 0.93 -1.75
C SER A 2 -17.14 1.91 -0.67
N GLU A 3 -15.81 2.15 -0.59
CA GLU A 3 -15.23 3.32 0.09
C GLU A 3 -14.05 3.91 -0.70
N LYS A 4 -14.01 5.23 -0.79
CA LYS A 4 -12.98 5.98 -1.50
C LYS A 4 -11.80 6.35 -0.58
N VAL A 5 -10.70 5.59 -0.59
CA VAL A 5 -9.61 5.80 0.38
C VAL A 5 -8.61 6.81 -0.18
N GLY A 6 -8.46 7.93 0.54
CA GLY A 6 -7.68 9.10 0.13
C GLY A 6 -6.19 8.87 0.30
N MET A 7 -5.48 8.79 -0.84
CA MET A 7 -4.03 8.71 -0.91
C MET A 7 -3.37 10.10 -0.87
N ASN A 8 -2.46 10.30 0.08
CA ASN A 8 -1.51 11.42 0.07
C ASN A 8 -0.09 10.93 -0.13
N LEU A 9 0.74 11.76 -0.76
CA LEU A 9 2.18 11.55 -0.91
C LEU A 9 2.82 11.42 0.48
N VAL A 10 3.79 10.52 0.64
CA VAL A 10 4.54 10.37 1.90
C VAL A 10 6.04 10.30 1.66
N THR A 11 6.83 10.83 2.60
CA THR A 11 8.28 11.06 2.42
C THR A 11 8.99 11.40 3.74
N ALA A 12 8.76 10.60 4.79
CA ALA A 12 9.43 10.64 6.11
C ALA A 12 9.00 11.81 7.00
N GLN A 13 8.65 12.97 6.43
CA GLN A 13 7.86 14.00 7.12
C GLN A 13 6.40 13.54 7.34
N GLY A 14 6.02 12.34 6.86
CA GLY A 14 4.68 11.79 6.97
C GLY A 14 3.80 12.25 5.82
N VAL A 15 2.55 12.56 6.14
CA VAL A 15 1.48 12.93 5.18
C VAL A 15 1.79 14.28 4.52
N GLY A 16 1.85 14.25 3.18
CA GLY A 16 2.10 15.39 2.32
C GLY A 16 0.84 15.88 1.60
N GLN A 17 0.99 16.14 0.31
CA GLN A 17 -0.07 16.58 -0.59
C GLN A 17 -0.96 15.41 -0.99
N SER A 18 -2.24 15.68 -1.18
CA SER A 18 -3.16 14.72 -1.76
C SER A 18 -3.11 14.76 -3.30
N ILE A 19 -3.24 13.59 -3.93
CA ILE A 19 -3.01 13.38 -5.38
C ILE A 19 -4.09 12.53 -6.07
N GLY A 20 -5.09 12.07 -5.31
CA GLY A 20 -6.09 11.11 -5.74
C GLY A 20 -6.60 10.25 -4.59
N THR A 21 -7.69 9.52 -4.81
CA THR A 21 -8.06 8.38 -3.96
C THR A 21 -7.71 7.09 -4.71
N VAL A 22 -7.89 5.96 -4.03
CA VAL A 22 -8.26 4.71 -4.72
C VAL A 22 -9.61 4.30 -4.17
N VAL A 23 -10.55 3.97 -5.04
CA VAL A 23 -11.85 3.43 -4.61
C VAL A 23 -11.74 1.93 -4.40
N ILE A 24 -12.08 1.49 -3.19
CA ILE A 24 -12.19 0.07 -2.85
C ILE A 24 -13.66 -0.34 -2.93
N ASP A 25 -13.98 -1.27 -3.82
CA ASP A 25 -15.31 -1.87 -3.99
C ASP A 25 -15.23 -3.39 -3.75
N GLU A 26 -15.76 -3.83 -2.62
CA GLU A 26 -15.62 -5.23 -2.18
C GLU A 26 -16.58 -6.20 -2.88
N THR A 27 -16.15 -7.46 -3.08
CA THR A 27 -16.94 -8.50 -3.77
C THR A 27 -16.42 -9.89 -3.44
N GLU A 28 -17.04 -10.93 -4.01
CA GLU A 28 -16.60 -12.33 -3.88
C GLU A 28 -15.20 -12.55 -4.49
N GLY A 29 -14.84 -11.74 -5.50
CA GLY A 29 -13.46 -11.63 -6.02
C GLY A 29 -12.56 -10.67 -5.24
N GLY A 30 -13.04 -10.21 -4.09
CA GLY A 30 -12.38 -9.39 -3.07
C GLY A 30 -12.38 -7.91 -3.36
N LEU A 31 -11.30 -7.24 -2.94
CA LEU A 31 -11.21 -5.79 -2.90
C LEU A 31 -10.88 -5.23 -4.28
N LYS A 32 -11.90 -4.82 -5.04
CA LYS A 32 -11.75 -4.21 -6.36
C LYS A 32 -11.17 -2.79 -6.22
N PHE A 33 -9.91 -2.64 -6.60
CA PHE A 33 -9.08 -1.47 -6.31
C PHE A 33 -9.04 -0.57 -7.57
N THR A 34 -9.75 0.58 -7.61
CA THR A 34 -9.84 1.37 -8.86
C THR A 34 -9.17 2.73 -8.64
N PRO A 35 -8.00 2.98 -9.24
CA PRO A 35 -7.23 4.21 -9.05
C PRO A 35 -7.75 5.34 -9.93
N HIS A 36 -7.58 6.58 -9.48
CA HIS A 36 -7.86 7.78 -10.29
C HIS A 36 -6.82 8.90 -10.07
N LEU A 37 -5.61 8.53 -9.62
CA LEU A 37 -4.50 9.42 -9.23
C LEU A 37 -3.71 9.95 -10.40
N LYS A 38 -3.05 11.07 -10.13
CA LYS A 38 -2.00 11.61 -10.96
C LYS A 38 -0.83 12.07 -10.09
N ALA A 39 0.25 12.40 -10.77
CA ALA A 39 1.50 12.99 -10.28
C ALA A 39 2.50 11.94 -9.77
N LEU A 40 2.38 10.68 -10.21
CA LEU A 40 3.32 9.61 -9.86
C LEU A 40 4.33 9.37 -10.96
N PRO A 41 5.45 8.72 -10.62
CA PRO A 41 6.33 8.24 -11.64
C PRO A 41 5.63 7.18 -12.50
N PRO A 42 5.64 7.35 -13.84
CA PRO A 42 4.52 6.98 -14.73
C PRO A 42 4.62 5.54 -15.22
N GLY A 43 5.18 4.68 -14.38
CA GLY A 43 5.47 3.27 -14.63
C GLY A 43 4.50 2.32 -13.94
N GLU A 44 5.09 1.48 -13.11
CA GLU A 44 4.45 0.44 -12.29
C GLU A 44 4.76 0.70 -10.80
N HIS A 45 3.81 0.39 -9.90
CA HIS A 45 3.99 0.51 -8.45
C HIS A 45 3.39 -0.68 -7.72
N GLY A 46 4.00 -1.16 -6.63
CA GLY A 46 3.39 -2.12 -5.72
C GLY A 46 2.18 -1.52 -5.01
N PHE A 47 1.36 -2.36 -4.38
CA PHE A 47 0.30 -1.95 -3.46
C PHE A 47 0.18 -3.03 -2.40
N HIS A 48 0.24 -2.68 -1.11
CA HIS A 48 -0.22 -3.57 -0.02
C HIS A 48 -1.32 -2.97 0.88
N ILE A 49 -1.93 -3.85 1.69
CA ILE A 49 -2.53 -3.50 2.99
C ILE A 49 -1.44 -3.54 4.07
N HIS A 50 -1.59 -2.68 5.08
CA HIS A 50 -0.72 -2.54 6.24
C HIS A 50 -1.59 -2.71 7.51
N ALA A 51 -0.97 -3.14 8.61
CA ALA A 51 -1.69 -3.76 9.74
C ALA A 51 -2.74 -2.87 10.44
N ASN A 52 -2.48 -1.58 10.48
CA ASN A 52 -3.22 -0.58 11.25
C ASN A 52 -3.55 0.68 10.40
N GLY A 53 -4.21 1.67 11.01
CA GLY A 53 -4.54 2.94 10.38
C GLY A 53 -3.81 4.10 11.03
N SER A 54 -3.09 4.88 10.20
CA SER A 54 -2.50 6.23 10.41
C SER A 54 -1.12 6.39 9.74
N CYS A 55 -1.07 7.06 8.58
CA CYS A 55 0.13 7.36 7.77
C CYS A 55 1.19 8.29 8.45
N GLN A 56 1.20 8.37 9.78
CA GLN A 56 2.04 9.24 10.60
C GLN A 56 3.32 8.50 11.05
N PRO A 57 4.52 9.09 10.89
CA PRO A 57 5.78 8.55 11.39
C PRO A 57 6.01 8.92 12.86
N ALA A 58 6.84 8.15 13.56
CA ALA A 58 7.49 8.61 14.79
C ALA A 58 8.84 9.30 14.49
N ILE A 59 9.47 9.86 15.53
CA ILE A 59 10.84 10.40 15.50
C ILE A 59 11.75 9.44 16.28
N LYS A 60 12.96 9.17 15.78
CA LYS A 60 13.99 8.46 16.53
C LYS A 60 15.12 9.42 16.99
N ASP A 61 16.37 9.13 16.65
CA ASP A 61 17.57 9.87 17.07
C ASP A 61 17.58 11.37 16.71
N GLY A 62 16.95 11.75 15.60
CA GLY A 62 17.02 13.11 15.02
C GLY A 62 16.59 13.15 13.57
N GLN A 63 15.49 12.45 13.28
CA GLN A 63 15.00 12.04 11.96
C GLN A 63 13.78 11.10 12.15
N ALA A 64 12.95 10.98 11.11
CA ALA A 64 11.58 10.47 11.21
C ALA A 64 11.35 9.14 10.47
N VAL A 65 10.54 8.26 11.08
CA VAL A 65 10.39 6.84 10.70
C VAL A 65 9.30 6.65 9.62
N ALA A 66 9.51 7.26 8.45
CA ALA A 66 8.79 7.03 7.17
C ALA A 66 7.29 7.41 7.18
N ALA A 67 6.49 6.59 7.87
CA ALA A 67 5.04 6.56 8.08
C ALA A 67 4.76 5.25 8.85
N GLU A 68 4.44 5.32 10.15
CA GLU A 68 4.64 4.23 11.11
C GLU A 68 3.34 3.68 11.70
N ALA A 69 2.41 4.53 12.14
CA ALA A 69 1.22 4.10 12.90
C ALA A 69 0.22 3.26 12.06
N ALA A 70 0.38 3.25 10.73
CA ALA A 70 -0.27 2.35 9.79
C ALA A 70 0.21 0.89 9.89
N GLY A 71 1.31 0.61 10.61
CA GLY A 71 1.93 -0.71 10.68
C GLY A 71 2.98 -0.93 9.60
N GLY A 72 3.74 -2.01 9.73
CA GLY A 72 4.51 -2.59 8.63
C GLY A 72 3.61 -3.32 7.64
N HIS A 73 4.21 -4.18 6.81
CA HIS A 73 3.46 -5.25 6.12
C HIS A 73 2.46 -5.91 7.11
N LEU A 74 1.27 -6.24 6.61
CA LEU A 74 0.12 -6.70 7.41
C LEU A 74 0.37 -8.05 8.12
N ASP A 75 1.19 -8.01 9.18
CA ASP A 75 1.89 -9.14 9.78
C ASP A 75 1.75 -9.19 11.34
N PRO A 76 0.52 -9.28 11.89
CA PRO A 76 0.34 -9.52 13.33
C PRO A 76 0.85 -10.92 13.70
N GLN A 77 0.64 -11.89 12.80
CA GLN A 77 1.28 -13.19 12.69
C GLN A 77 1.29 -13.53 11.19
N ASN A 78 2.31 -14.24 10.68
CA ASN A 78 2.39 -14.87 9.33
C ASN A 78 3.80 -15.33 8.92
N THR A 79 4.81 -14.47 9.10
CA THR A 79 6.19 -14.54 8.58
C THR A 79 6.97 -13.25 8.87
N GLY A 80 6.32 -12.08 8.79
CA GLY A 80 6.92 -10.78 9.11
C GLY A 80 7.69 -10.14 7.94
N LYS A 81 7.36 -10.53 6.69
CA LYS A 81 8.15 -10.21 5.49
C LYS A 81 7.35 -10.34 4.17
N HIS A 82 7.72 -11.25 3.26
CA HIS A 82 7.14 -11.29 1.91
C HIS A 82 7.29 -12.63 1.17
N GLU A 83 6.27 -12.96 0.38
CA GLU A 83 6.27 -14.08 -0.57
C GLU A 83 6.67 -13.60 -1.98
N GLY A 84 5.89 -13.94 -3.03
CA GLY A 84 6.15 -13.60 -4.43
C GLY A 84 6.21 -14.86 -5.30
N PRO A 85 7.38 -15.49 -5.46
CA PRO A 85 7.55 -16.69 -6.28
C PRO A 85 6.94 -17.94 -5.62
N GLU A 86 6.98 -18.06 -4.29
CA GLU A 86 6.48 -19.20 -3.52
C GLU A 86 5.70 -18.64 -2.31
N GLY A 87 4.48 -19.12 -2.11
CA GLY A 87 3.42 -18.46 -1.32
C GLY A 87 3.57 -18.53 0.19
N GLN A 88 4.62 -17.93 0.73
CA GLN A 88 4.96 -17.99 2.15
C GLN A 88 4.32 -16.83 2.97
N GLY A 89 3.19 -17.13 3.64
CA GLY A 89 2.74 -16.41 4.83
C GLY A 89 1.90 -15.15 4.57
N HIS A 90 2.53 -14.06 4.09
CA HIS A 90 1.91 -12.73 4.12
C HIS A 90 0.81 -12.55 3.05
N LEU A 91 -0.45 -12.82 3.45
CA LEU A 91 -1.65 -12.66 2.59
C LEU A 91 -1.89 -11.24 2.07
N GLY A 92 -1.37 -10.21 2.75
CA GLY A 92 -1.51 -8.79 2.37
C GLY A 92 -0.50 -8.31 1.33
N ASP A 93 0.39 -9.18 0.86
CA ASP A 93 1.14 -9.00 -0.38
C ASP A 93 0.15 -9.08 -1.58
N LEU A 94 0.25 -8.16 -2.55
CA LEU A 94 -0.91 -7.69 -3.34
C LEU A 94 -0.46 -7.21 -4.75
N PRO A 95 -1.38 -6.96 -5.72
CA PRO A 95 -1.04 -6.74 -7.12
C PRO A 95 -0.50 -5.33 -7.39
N VAL A 96 0.12 -5.13 -8.55
CA VAL A 96 0.77 -3.86 -8.92
C VAL A 96 -0.21 -2.83 -9.52
N LEU A 97 -0.13 -1.62 -8.98
CA LEU A 97 -0.76 -0.37 -9.38
C LEU A 97 -0.09 0.18 -10.66
N VAL A 98 -0.66 -0.08 -11.83
CA VAL A 98 -0.16 0.38 -13.14
C VAL A 98 -0.53 1.86 -13.38
N VAL A 99 0.41 2.61 -13.95
CA VAL A 99 0.34 4.05 -14.24
C VAL A 99 0.68 4.24 -15.73
N ASN A 100 0.01 5.15 -16.44
CA ASN A 100 0.34 5.48 -17.82
C ASN A 100 1.48 6.52 -17.92
N ASN A 101 2.15 6.62 -19.08
CA ASN A 101 3.34 7.47 -19.31
C ASN A 101 3.17 8.98 -18.92
N ASP A 102 1.92 9.46 -18.83
CA ASP A 102 1.54 10.83 -18.46
C ASP A 102 1.44 11.06 -16.94
N GLY A 103 1.80 10.05 -16.12
CA GLY A 103 1.84 10.14 -14.65
C GLY A 103 0.48 9.94 -13.98
N ILE A 104 -0.46 9.26 -14.65
CA ILE A 104 -1.86 9.08 -14.23
C ILE A 104 -2.17 7.58 -14.10
N ALA A 105 -2.84 7.17 -13.04
CA ALA A 105 -3.31 5.80 -12.82
C ALA A 105 -4.81 5.68 -13.11
N THR A 106 -5.23 4.50 -13.57
CA THR A 106 -6.56 4.27 -14.19
C THR A 106 -7.00 2.81 -14.17
N GLU A 107 -6.05 1.88 -14.32
CA GLU A 107 -6.29 0.43 -14.42
C GLU A 107 -6.75 -0.16 -13.07
N PRO A 108 -7.94 -0.80 -12.99
CA PRO A 108 -8.42 -1.43 -11.76
C PRO A 108 -7.70 -2.77 -11.49
N VAL A 109 -7.31 -2.99 -10.24
CA VAL A 109 -6.39 -4.07 -9.84
C VAL A 109 -6.82 -4.75 -8.53
N THR A 110 -7.87 -5.57 -8.66
CA THR A 110 -8.57 -6.31 -7.60
C THR A 110 -7.64 -7.23 -6.81
N ALA A 111 -7.82 -7.25 -5.48
CA ALA A 111 -7.15 -8.16 -4.57
C ALA A 111 -8.11 -9.24 -4.03
N PRO A 112 -8.13 -10.46 -4.60
CA PRO A 112 -8.96 -11.59 -4.11
C PRO A 112 -8.42 -12.24 -2.83
N ARG A 113 -7.34 -11.70 -2.24
CA ARG A 113 -6.66 -12.24 -1.06
C ARG A 113 -7.42 -11.94 0.25
N LEU A 114 -8.36 -10.99 0.19
CA LEU A 114 -9.39 -10.73 1.20
C LEU A 114 -10.76 -10.87 0.50
N LYS A 115 -11.86 -10.66 1.23
CA LYS A 115 -13.20 -10.49 0.64
C LYS A 115 -13.74 -9.06 0.82
N SER A 116 -13.75 -8.55 2.05
CA SER A 116 -14.78 -7.56 2.45
C SER A 116 -14.24 -6.26 3.07
N LEU A 117 -15.08 -5.21 3.13
CA LEU A 117 -14.68 -3.89 3.62
C LEU A 117 -14.52 -3.87 5.15
N ASP A 118 -15.34 -4.62 5.88
CA ASP A 118 -15.32 -4.73 7.34
C ASP A 118 -13.96 -5.15 7.91
N GLU A 119 -13.23 -6.03 7.21
CA GLU A 119 -11.88 -6.46 7.60
C GLU A 119 -10.77 -5.45 7.28
N VAL A 120 -11.08 -4.31 6.65
CA VAL A 120 -10.12 -3.21 6.40
C VAL A 120 -10.62 -1.85 6.90
N LYS A 121 -11.74 -1.77 7.64
CA LYS A 121 -12.43 -0.53 8.02
C LYS A 121 -11.62 0.49 8.85
N ASP A 122 -10.45 0.08 9.36
CA ASP A 122 -9.60 0.81 10.31
C ASP A 122 -8.09 0.54 10.06
N LYS A 123 -7.75 0.04 8.86
CA LYS A 123 -6.38 -0.23 8.41
C LYS A 123 -5.83 0.87 7.47
N ALA A 124 -4.79 0.58 6.68
CA ALA A 124 -4.21 1.47 5.69
C ALA A 124 -3.76 0.71 4.42
N LEU A 125 -3.61 1.48 3.35
CA LEU A 125 -3.11 1.11 2.03
C LEU A 125 -1.78 1.84 1.80
N MET A 126 -0.84 1.28 1.04
CA MET A 126 0.36 2.02 0.60
C MET A 126 0.68 1.74 -0.87
N ILE A 127 0.85 2.80 -1.67
CA ILE A 127 1.33 2.72 -3.06
C ILE A 127 2.85 2.74 -3.03
N HIS A 128 3.45 1.59 -3.33
CA HIS A 128 4.84 1.27 -3.09
C HIS A 128 5.78 1.70 -4.26
N VAL A 129 7.00 2.15 -3.96
CA VAL A 129 7.88 2.84 -4.94
C VAL A 129 8.29 1.91 -6.08
N GLY A 130 8.67 0.66 -5.77
CA GLY A 130 8.75 -0.43 -6.74
C GLY A 130 7.50 -1.32 -6.67
N GLY A 131 7.37 -2.25 -7.62
CA GLY A 131 6.43 -3.37 -7.57
C GLY A 131 6.59 -4.22 -6.30
N ASP A 132 5.55 -4.98 -6.00
CA ASP A 132 5.38 -5.69 -4.72
C ASP A 132 6.43 -6.80 -4.48
N ASN A 133 6.80 -7.57 -5.52
CA ASN A 133 7.26 -8.97 -5.40
C ASN A 133 8.71 -9.19 -4.91
N MET A 134 9.21 -8.38 -3.96
CA MET A 134 10.58 -8.45 -3.40
C MET A 134 10.60 -8.99 -1.97
N SER A 135 11.67 -9.68 -1.60
CA SER A 135 11.84 -10.30 -0.28
C SER A 135 13.33 -10.35 0.14
N ASP A 136 13.81 -11.43 0.77
CA ASP A 136 15.19 -11.65 1.28
C ASP A 136 16.31 -11.13 0.35
N GLN A 137 17.01 -10.08 0.80
CA GLN A 137 18.04 -9.34 0.06
C GLN A 137 19.02 -8.68 1.05
N PRO A 138 20.24 -8.28 0.62
CA PRO A 138 21.24 -7.60 1.46
C PRO A 138 20.88 -6.14 1.84
N LYS A 139 19.64 -5.71 1.62
CA LYS A 139 19.11 -4.38 1.98
C LYS A 139 17.75 -4.52 2.70
N PRO A 140 17.47 -3.71 3.74
CA PRO A 140 16.33 -3.88 4.63
C PRO A 140 14.98 -3.74 3.91
N LEU A 141 13.96 -4.42 4.44
CA LEU A 141 12.57 -4.40 3.97
C LEU A 141 12.40 -4.82 2.48
N GLY A 142 13.39 -5.55 1.94
CA GLY A 142 13.42 -6.00 0.54
C GLY A 142 13.75 -4.89 -0.45
N GLY A 143 14.29 -3.75 0.01
CA GLY A 143 14.64 -2.58 -0.81
C GLY A 143 13.43 -1.72 -1.18
N GLY A 144 12.36 -2.35 -1.68
CA GLY A 144 11.10 -1.72 -2.12
C GLY A 144 10.15 -1.33 -0.98
N GLY A 145 10.64 -1.22 0.26
CA GLY A 145 9.86 -0.84 1.44
C GLY A 145 9.37 0.61 1.43
N THR A 146 9.98 1.49 0.62
CA THR A 146 9.54 2.86 0.36
C THR A 146 8.20 2.90 -0.40
N ARG A 147 7.40 3.91 -0.09
CA ARG A 147 6.07 4.14 -0.67
C ARG A 147 5.93 5.59 -1.12
N TYR A 148 5.35 5.79 -2.31
CA TYR A 148 5.10 7.12 -2.88
C TYR A 148 3.91 7.78 -2.18
N ALA A 149 2.88 7.00 -1.84
CA ALA A 149 1.69 7.46 -1.12
C ALA A 149 1.16 6.44 -0.11
N CYS A 150 0.50 6.94 0.94
CA CYS A 150 -0.25 6.19 1.94
C CYS A 150 -1.72 6.66 1.97
N GLY A 151 -2.63 5.72 2.27
CA GLY A 151 -4.06 5.93 2.41
C GLY A 151 -4.62 5.17 3.60
N VAL A 152 -4.67 5.82 4.76
CA VAL A 152 -5.42 5.39 5.96
C VAL A 152 -6.94 5.29 5.67
N ILE A 153 -7.57 4.21 6.11
CA ILE A 153 -9.00 3.89 5.90
C ILE A 153 -9.82 4.32 7.14
N LYS A 154 -11.10 4.66 6.95
CA LYS A 154 -12.01 5.03 8.05
C LYS A 154 -13.26 4.15 8.04
N ALA A 1 -19.08 -3.80 -2.97
CA ALA A 1 -19.33 -2.83 -1.87
C ALA A 1 -18.27 -1.74 -1.92
N SER A 2 -18.63 -0.47 -1.87
CA SER A 2 -17.79 0.60 -2.46
C SER A 2 -17.23 1.56 -1.40
N GLU A 3 -15.92 1.81 -1.49
CA GLU A 3 -15.14 2.75 -0.71
C GLU A 3 -14.27 3.56 -1.70
N LYS A 4 -14.10 4.85 -1.46
CA LYS A 4 -13.23 5.72 -2.26
C LYS A 4 -12.13 6.35 -1.40
N VAL A 5 -11.00 5.64 -1.22
CA VAL A 5 -9.98 6.03 -0.25
C VAL A 5 -9.22 7.25 -0.76
N GLY A 6 -9.29 8.34 -0.01
CA GLY A 6 -8.47 9.54 -0.17
C GLY A 6 -7.01 9.21 0.15
N MET A 7 -6.21 9.08 -0.90
CA MET A 7 -4.78 8.82 -0.81
C MET A 7 -3.97 10.13 -0.95
N ASN A 8 -2.95 10.28 -0.11
CA ASN A 8 -2.17 11.53 0.01
C ASN A 8 -0.67 11.28 -0.11
N LEU A 9 0.05 12.25 -0.67
CA LEU A 9 1.51 12.31 -0.70
C LEU A 9 2.07 12.35 0.73
N VAL A 10 3.19 11.69 1.00
CA VAL A 10 3.78 11.52 2.35
C VAL A 10 5.30 11.60 2.35
N THR A 11 5.84 11.85 3.55
CA THR A 11 7.11 11.34 4.13
C THR A 11 7.67 12.28 5.20
N ALA A 12 7.90 11.75 6.41
CA ALA A 12 8.69 12.31 7.52
C ALA A 12 8.09 13.56 8.21
N GLN A 13 7.46 14.45 7.45
CA GLN A 13 6.68 15.60 7.96
C GLN A 13 5.21 15.21 8.22
N GLY A 14 4.80 13.99 7.82
CA GLY A 14 3.44 13.46 7.99
C GLY A 14 2.72 13.30 6.65
N VAL A 15 1.39 13.45 6.68
CA VAL A 15 0.49 13.40 5.52
C VAL A 15 0.37 14.78 4.88
N GLY A 16 0.54 14.83 3.55
CA GLY A 16 0.47 16.04 2.73
C GLY A 16 -0.86 16.19 2.01
N GLN A 17 -0.76 16.54 0.72
CA GLN A 17 -1.84 16.77 -0.21
C GLN A 17 -2.36 15.48 -0.83
N SER A 18 -3.63 15.46 -1.25
CA SER A 18 -4.17 14.40 -2.10
C SER A 18 -4.12 14.77 -3.59
N ILE A 19 -3.76 13.79 -4.42
CA ILE A 19 -3.61 13.92 -5.88
C ILE A 19 -4.61 13.04 -6.65
N GLY A 20 -5.58 12.48 -5.94
CA GLY A 20 -6.46 11.40 -6.38
C GLY A 20 -6.99 10.59 -5.20
N THR A 21 -8.21 10.08 -5.30
CA THR A 21 -8.63 8.94 -4.48
C THR A 21 -8.28 7.65 -5.22
N VAL A 22 -8.50 6.52 -4.59
CA VAL A 22 -8.53 5.20 -5.23
C VAL A 22 -9.83 4.52 -4.84
N VAL A 23 -10.57 4.00 -5.81
CA VAL A 23 -11.80 3.26 -5.53
C VAL A 23 -11.47 1.82 -5.19
N ILE A 24 -12.03 1.37 -4.06
CA ILE A 24 -12.05 -0.02 -3.62
C ILE A 24 -13.51 -0.47 -3.70
N ASP A 25 -13.83 -1.36 -4.66
CA ASP A 25 -15.14 -1.99 -4.71
C ASP A 25 -15.04 -3.50 -4.49
N GLU A 26 -15.50 -3.88 -3.32
CA GLU A 26 -15.54 -5.24 -2.79
C GLU A 26 -16.37 -6.16 -3.66
N THR A 27 -15.95 -7.42 -3.80
CA THR A 27 -16.75 -8.43 -4.49
C THR A 27 -16.40 -9.83 -4.02
N GLU A 28 -17.12 -10.81 -4.55
CA GLU A 28 -16.87 -12.22 -4.31
C GLU A 28 -15.45 -12.62 -4.78
N GLY A 29 -14.89 -11.87 -5.75
CA GLY A 29 -13.47 -11.91 -6.15
C GLY A 29 -12.53 -10.94 -5.42
N GLY A 30 -13.01 -10.38 -4.31
CA GLY A 30 -12.34 -9.48 -3.36
C GLY A 30 -12.22 -8.03 -3.81
N LEU A 31 -11.35 -7.28 -3.13
CA LEU A 31 -11.23 -5.82 -3.21
C LEU A 31 -10.76 -5.36 -4.60
N LYS A 32 -11.68 -4.82 -5.42
CA LYS A 32 -11.38 -4.31 -6.76
C LYS A 32 -10.82 -2.89 -6.66
N PHE A 33 -9.51 -2.77 -6.84
CA PHE A 33 -8.71 -1.57 -6.67
C PHE A 33 -8.60 -0.82 -8.03
N THR A 34 -9.24 0.35 -8.20
CA THR A 34 -9.08 1.15 -9.43
C THR A 34 -8.56 2.54 -9.03
N PRO A 35 -7.34 2.92 -9.44
CA PRO A 35 -6.76 4.21 -9.14
C PRO A 35 -7.35 5.28 -10.05
N HIS A 36 -7.15 6.55 -9.67
CA HIS A 36 -7.49 7.72 -10.49
C HIS A 36 -6.72 8.98 -10.02
N LEU A 37 -5.38 8.83 -9.90
CA LEU A 37 -4.47 9.87 -9.42
C LEU A 37 -3.51 10.36 -10.52
N LYS A 38 -3.08 11.61 -10.44
CA LYS A 38 -2.52 12.33 -11.60
C LYS A 38 -1.21 13.12 -11.36
N ALA A 39 -0.30 12.57 -10.56
CA ALA A 39 0.96 13.24 -10.20
C ALA A 39 2.16 12.32 -9.89
N LEU A 40 2.06 11.01 -10.16
CA LEU A 40 3.02 9.99 -9.70
C LEU A 40 3.99 9.53 -10.77
N PRO A 41 5.13 8.93 -10.36
CA PRO A 41 6.11 8.45 -11.30
C PRO A 41 5.57 7.29 -12.18
N PRO A 42 5.74 7.37 -13.51
CA PRO A 42 4.97 6.67 -14.54
C PRO A 42 5.51 5.27 -14.84
N GLY A 43 5.75 4.53 -13.75
CA GLY A 43 6.28 3.18 -13.78
C GLY A 43 5.28 2.13 -13.28
N GLU A 44 5.82 1.18 -12.53
CA GLU A 44 5.08 0.12 -11.83
C GLU A 44 5.45 0.18 -10.35
N HIS A 45 4.44 0.10 -9.49
CA HIS A 45 4.50 0.48 -8.07
C HIS A 45 3.74 -0.50 -7.20
N GLY A 46 4.35 -1.09 -6.19
CA GLY A 46 3.67 -1.96 -5.23
C GLY A 46 2.46 -1.28 -4.58
N PHE A 47 1.50 -2.08 -4.13
CA PHE A 47 0.34 -1.64 -3.33
C PHE A 47 0.16 -2.64 -2.18
N HIS A 48 0.09 -2.17 -0.93
CA HIS A 48 -0.32 -3.02 0.22
C HIS A 48 -1.54 -2.54 1.04
N ILE A 49 -2.00 -3.44 1.92
CA ILE A 49 -2.71 -3.15 3.18
C ILE A 49 -1.74 -3.32 4.38
N HIS A 50 -1.84 -2.40 5.33
CA HIS A 50 -1.07 -2.30 6.57
C HIS A 50 -2.00 -2.34 7.80
N ALA A 51 -1.46 -2.56 9.00
CA ALA A 51 -2.23 -2.81 10.22
C ALA A 51 -3.11 -1.64 10.67
N ASN A 52 -2.51 -0.50 11.02
CA ASN A 52 -3.23 0.64 11.59
C ASN A 52 -3.58 1.71 10.54
N GLY A 53 -4.72 2.39 10.72
CA GLY A 53 -5.09 3.60 9.96
C GLY A 53 -4.31 4.84 10.41
N SER A 54 -2.98 4.81 10.24
CA SER A 54 -2.05 5.79 10.84
C SER A 54 -0.79 6.01 9.96
N CYS A 55 -0.89 6.78 8.88
CA CYS A 55 0.21 7.09 7.94
C CYS A 55 1.41 7.89 8.53
N GLN A 56 1.48 8.10 9.85
CA GLN A 56 2.52 8.90 10.50
C GLN A 56 3.89 8.18 10.52
N PRO A 57 5.02 8.93 10.54
CA PRO A 57 6.35 8.37 10.73
C PRO A 57 6.54 7.88 12.17
N ALA A 58 7.40 6.88 12.35
CA ALA A 58 7.87 6.44 13.67
C ALA A 58 9.16 7.17 14.08
N ILE A 59 9.36 7.42 15.37
CA ILE A 59 10.63 7.95 15.91
C ILE A 59 11.58 6.78 16.18
N LYS A 60 12.57 6.61 15.30
CA LYS A 60 13.27 5.34 15.09
C LYS A 60 14.59 5.60 14.36
N ASP A 61 15.68 4.92 14.76
CA ASP A 61 17.04 5.11 14.20
C ASP A 61 17.51 6.59 14.18
N GLY A 62 17.12 7.36 15.20
CA GLY A 62 17.46 8.76 15.38
C GLY A 62 16.67 9.75 14.51
N GLN A 63 15.59 9.32 13.84
CA GLN A 63 14.88 10.16 12.86
C GLN A 63 13.38 9.84 12.76
N ALA A 64 12.61 10.69 12.07
CA ALA A 64 11.19 10.46 11.78
C ALA A 64 11.05 9.59 10.53
N VAL A 65 10.90 8.27 10.71
CA VAL A 65 10.94 7.28 9.63
C VAL A 65 9.64 7.29 8.80
N ALA A 66 9.63 8.15 7.78
CA ALA A 66 8.77 8.14 6.59
C ALA A 66 7.26 8.13 6.89
N ALA A 67 6.69 6.94 7.08
CA ALA A 67 5.28 6.62 7.28
C ALA A 67 5.20 5.15 7.71
N GLU A 68 5.07 4.88 9.01
CA GLU A 68 5.35 3.56 9.62
C GLU A 68 4.48 3.24 10.86
N ALA A 69 3.84 4.23 11.50
CA ALA A 69 2.85 4.04 12.58
C ALA A 69 1.61 3.24 12.13
N ALA A 70 1.49 2.99 10.83
CA ALA A 70 0.61 2.01 10.19
C ALA A 70 0.88 0.55 10.64
N GLY A 71 1.81 0.32 11.57
CA GLY A 71 2.01 -0.93 12.29
C GLY A 71 3.15 -1.79 11.76
N GLY A 72 4.04 -1.20 10.95
CA GLY A 72 5.06 -1.90 10.16
C GLY A 72 4.53 -2.15 8.75
N HIS A 73 4.34 -3.41 8.38
CA HIS A 73 3.44 -3.85 7.31
C HIS A 73 2.10 -4.28 7.96
N LEU A 74 1.84 -5.59 8.13
CA LEU A 74 0.66 -6.18 8.77
C LEU A 74 1.03 -7.62 9.14
N ASP A 75 1.75 -7.73 10.26
CA ASP A 75 2.70 -8.84 10.50
C ASP A 75 2.39 -9.55 11.84
N PRO A 76 1.25 -10.28 11.94
CA PRO A 76 0.75 -10.78 13.22
C PRO A 76 1.50 -12.01 13.74
N GLN A 77 1.78 -13.00 12.88
CA GLN A 77 2.30 -14.33 13.22
C GLN A 77 3.06 -14.91 12.00
N ASN A 78 3.10 -16.24 11.86
CA ASN A 78 3.61 -17.02 10.73
C ASN A 78 5.15 -17.06 10.67
N THR A 79 5.78 -15.88 10.53
CA THR A 79 7.22 -15.63 10.31
C THR A 79 7.57 -14.14 10.13
N GLY A 80 6.62 -13.27 9.79
CA GLY A 80 6.80 -11.81 9.81
C GLY A 80 7.94 -11.30 8.94
N LYS A 81 8.03 -11.73 7.67
CA LYS A 81 9.16 -11.41 6.77
C LYS A 81 8.79 -11.18 5.28
N HIS A 82 7.51 -10.91 4.98
CA HIS A 82 6.94 -10.62 3.65
C HIS A 82 6.47 -11.89 2.90
N GLU A 83 5.82 -11.70 1.74
CA GLU A 83 4.96 -12.71 1.09
C GLU A 83 4.75 -12.33 -0.40
N GLY A 84 5.85 -12.07 -1.12
CA GLY A 84 5.86 -11.57 -2.50
C GLY A 84 6.16 -12.63 -3.58
N PRO A 85 7.21 -13.46 -3.43
CA PRO A 85 7.54 -14.54 -4.36
C PRO A 85 7.15 -15.94 -3.87
N GLU A 86 7.01 -16.14 -2.55
CA GLU A 86 6.79 -17.40 -1.84
C GLU A 86 6.64 -17.10 -0.34
N GLY A 87 6.29 -18.12 0.47
CA GLY A 87 6.17 -18.02 1.93
C GLY A 87 4.80 -17.53 2.39
N GLN A 88 4.73 -17.00 3.61
CA GLN A 88 3.47 -16.70 4.33
C GLN A 88 3.64 -15.56 5.36
N GLY A 89 4.58 -14.63 5.12
CA GLY A 89 5.07 -13.67 6.11
C GLY A 89 4.44 -12.28 6.15
N HIS A 90 3.25 -12.07 5.54
CA HIS A 90 2.41 -10.85 5.58
C HIS A 90 1.26 -10.94 4.56
N LEU A 91 0.06 -11.29 5.04
CA LEU A 91 -1.15 -11.48 4.22
C LEU A 91 -1.75 -10.19 3.62
N GLY A 92 -1.12 -9.03 3.83
CA GLY A 92 -1.45 -7.75 3.19
C GLY A 92 -0.50 -7.38 2.05
N ASP A 93 0.46 -8.24 1.70
CA ASP A 93 1.21 -8.16 0.46
C ASP A 93 0.31 -8.55 -0.74
N LEU A 94 0.40 -7.78 -1.84
CA LEU A 94 -0.73 -7.45 -2.72
C LEU A 94 -0.20 -7.11 -4.14
N PRO A 95 -1.07 -6.99 -5.17
CA PRO A 95 -0.63 -6.81 -6.55
C PRO A 95 -0.04 -5.41 -6.79
N VAL A 96 0.78 -5.29 -7.84
CA VAL A 96 1.49 -4.06 -8.18
C VAL A 96 0.55 -3.13 -8.98
N LEU A 97 0.42 -1.91 -8.47
CA LEU A 97 -0.19 -0.73 -9.10
C LEU A 97 0.61 -0.33 -10.35
N VAL A 98 0.02 -0.43 -11.54
CA VAL A 98 0.61 0.15 -12.76
C VAL A 98 0.27 1.65 -12.79
N VAL A 99 1.21 2.46 -13.28
CA VAL A 99 1.08 3.90 -13.49
C VAL A 99 1.39 4.14 -14.97
N ASN A 100 0.49 4.78 -15.72
CA ASN A 100 0.71 4.96 -17.16
C ASN A 100 1.93 5.87 -17.44
N ASN A 101 2.56 5.68 -18.60
CA ASN A 101 3.81 6.32 -19.07
C ASN A 101 3.87 7.87 -19.07
N ASP A 102 2.77 8.57 -18.74
CA ASP A 102 2.66 10.03 -18.73
C ASP A 102 2.31 10.63 -17.34
N GLY A 103 2.22 9.82 -16.28
CA GLY A 103 2.18 10.27 -14.87
C GLY A 103 0.81 10.22 -14.18
N ILE A 104 -0.14 9.47 -14.75
CA ILE A 104 -1.48 9.24 -14.18
C ILE A 104 -1.66 7.73 -14.00
N ALA A 105 -2.16 7.30 -12.85
CA ALA A 105 -2.60 5.91 -12.63
C ALA A 105 -4.13 5.85 -12.76
N THR A 106 -4.62 5.03 -13.71
CA THR A 106 -6.04 4.67 -13.90
C THR A 106 -6.26 3.16 -14.07
N GLU A 107 -5.19 2.36 -13.97
CA GLU A 107 -5.13 0.94 -14.31
C GLU A 107 -5.67 0.05 -13.16
N PRO A 108 -6.75 -0.73 -13.36
CA PRO A 108 -7.40 -1.52 -12.32
C PRO A 108 -6.68 -2.85 -12.02
N VAL A 109 -6.72 -3.26 -10.75
CA VAL A 109 -6.32 -4.59 -10.24
C VAL A 109 -7.31 -5.06 -9.15
N THR A 110 -7.15 -6.28 -8.61
CA THR A 110 -8.03 -6.83 -7.56
C THR A 110 -7.21 -7.60 -6.54
N ALA A 111 -7.55 -7.48 -5.25
CA ALA A 111 -6.98 -8.27 -4.17
C ALA A 111 -7.98 -9.33 -3.66
N PRO A 112 -7.98 -10.57 -4.21
CA PRO A 112 -8.96 -11.61 -3.90
C PRO A 112 -8.85 -12.19 -2.48
N ARG A 113 -7.79 -11.85 -1.74
CA ARG A 113 -7.54 -12.31 -0.37
C ARG A 113 -8.66 -11.93 0.63
N LEU A 114 -9.37 -10.82 0.38
CA LEU A 114 -10.37 -10.22 1.26
C LEU A 114 -11.78 -10.44 0.69
N LYS A 115 -12.81 -10.23 1.52
CA LYS A 115 -14.21 -10.55 1.25
C LYS A 115 -15.23 -9.68 2.03
N SER A 116 -14.81 -8.47 2.42
CA SER A 116 -15.64 -7.38 2.99
C SER A 116 -14.81 -6.11 3.31
N LEU A 117 -15.39 -4.89 3.21
CA LEU A 117 -14.75 -3.68 3.77
C LEU A 117 -14.60 -3.80 5.31
N ASP A 118 -15.48 -4.55 5.96
CA ASP A 118 -15.44 -4.95 7.36
C ASP A 118 -14.08 -5.55 7.81
N GLU A 119 -13.23 -5.96 6.88
CA GLU A 119 -11.88 -6.49 7.12
C GLU A 119 -10.78 -5.42 7.08
N VAL A 120 -11.08 -4.19 6.63
CA VAL A 120 -10.13 -3.06 6.48
C VAL A 120 -10.63 -1.76 7.14
N LYS A 121 -11.69 -1.84 7.94
CA LYS A 121 -12.43 -0.72 8.56
C LYS A 121 -11.66 0.18 9.55
N ASP A 122 -10.40 -0.14 9.85
CA ASP A 122 -9.52 0.56 10.82
C ASP A 122 -8.04 0.46 10.39
N LYS A 123 -7.82 0.39 9.08
CA LYS A 123 -6.53 0.09 8.44
C LYS A 123 -6.06 1.21 7.48
N ALA A 124 -4.85 1.07 6.93
CA ALA A 124 -4.32 1.92 5.86
C ALA A 124 -3.95 1.09 4.62
N LEU A 125 -4.07 1.73 3.45
CA LEU A 125 -3.38 1.35 2.22
C LEU A 125 -1.94 1.88 2.25
N MET A 126 -1.10 1.47 1.29
CA MET A 126 0.17 2.17 1.00
C MET A 126 0.56 1.99 -0.46
N ILE A 127 0.79 3.10 -1.19
CA ILE A 127 1.44 3.06 -2.52
C ILE A 127 2.95 3.03 -2.32
N HIS A 128 3.55 1.97 -2.85
CA HIS A 128 4.95 1.60 -2.69
C HIS A 128 5.76 1.89 -3.97
N VAL A 129 7.04 2.23 -3.82
CA VAL A 129 7.85 2.89 -4.87
C VAL A 129 8.32 1.94 -5.96
N GLY A 130 8.46 0.64 -5.67
CA GLY A 130 8.69 -0.41 -6.68
C GLY A 130 7.71 -1.57 -6.49
N GLY A 131 7.56 -2.40 -7.52
CA GLY A 131 6.75 -3.62 -7.49
C GLY A 131 7.30 -4.68 -6.53
N ASP A 132 6.38 -5.41 -5.90
CA ASP A 132 6.55 -5.94 -4.54
C ASP A 132 7.01 -7.41 -4.45
N ASN A 133 7.03 -8.12 -5.58
CA ASN A 133 7.46 -9.53 -5.69
C ASN A 133 8.93 -9.75 -5.24
N MET A 134 9.77 -8.71 -5.32
CA MET A 134 11.24 -8.80 -5.21
C MET A 134 11.75 -8.84 -3.75
N SER A 135 11.37 -9.85 -2.98
CA SER A 135 12.17 -10.24 -1.80
C SER A 135 13.20 -11.33 -2.18
N ASP A 136 13.54 -12.25 -1.25
CA ASP A 136 14.49 -13.36 -1.46
C ASP A 136 15.91 -12.86 -1.85
N GLN A 137 16.36 -11.80 -1.18
CA GLN A 137 17.59 -11.05 -1.45
C GLN A 137 17.86 -10.06 -0.30
N PRO A 138 19.11 -9.63 -0.07
CA PRO A 138 19.47 -8.71 1.02
C PRO A 138 19.00 -7.26 0.79
N LYS A 139 18.71 -6.82 -0.45
CA LYS A 139 18.04 -5.54 -0.68
C LYS A 139 16.55 -5.64 -0.24
N PRO A 140 16.07 -4.83 0.73
CA PRO A 140 14.70 -4.94 1.24
C PRO A 140 13.71 -4.57 0.12
N LEU A 141 12.85 -5.53 -0.25
CA LEU A 141 11.85 -5.41 -1.32
C LEU A 141 12.49 -5.04 -2.67
N GLY A 142 13.77 -5.40 -2.89
CA GLY A 142 14.51 -5.09 -4.11
C GLY A 142 14.74 -3.59 -4.32
N GLY A 143 14.59 -2.78 -3.26
CA GLY A 143 14.61 -1.32 -3.30
C GLY A 143 13.24 -0.67 -3.53
N GLY A 144 12.15 -1.45 -3.62
CA GLY A 144 10.78 -0.95 -3.85
C GLY A 144 10.01 -0.59 -2.56
N GLY A 145 10.59 -0.86 -1.39
CA GLY A 145 9.93 -0.77 -0.08
C GLY A 145 9.70 0.65 0.44
N THR A 146 10.29 1.66 -0.19
CA THR A 146 9.93 3.09 -0.05
C THR A 146 8.47 3.30 -0.48
N ARG A 147 7.87 4.43 -0.07
CA ARG A 147 6.44 4.68 -0.21
C ARG A 147 6.12 6.09 -0.72
N TYR A 148 5.18 6.20 -1.67
CA TYR A 148 4.78 7.46 -2.32
C TYR A 148 3.46 8.04 -1.76
N ALA A 149 2.56 7.21 -1.20
CA ALA A 149 1.27 7.70 -0.67
C ALA A 149 0.64 6.85 0.46
N CYS A 150 0.00 7.58 1.38
CA CYS A 150 -0.96 7.17 2.42
C CYS A 150 -2.34 6.81 1.84
N GLY A 151 -3.20 6.23 2.67
CA GLY A 151 -4.64 6.06 2.42
C GLY A 151 -5.34 5.37 3.58
N VAL A 152 -5.73 6.11 4.62
CA VAL A 152 -6.54 5.60 5.75
C VAL A 152 -7.95 5.23 5.28
N ILE A 153 -8.42 4.03 5.64
CA ILE A 153 -9.66 3.40 5.11
C ILE A 153 -10.80 3.50 6.13
N LYS A 154 -12.03 3.75 5.66
CA LYS A 154 -13.28 3.50 6.38
C LYS A 154 -14.03 2.35 5.70
N ALA A 1 -19.38 -4.16 -2.96
CA ALA A 1 -19.72 -2.85 -2.35
C ALA A 1 -18.45 -2.12 -1.92
N SER A 2 -18.46 -0.83 -1.55
CA SER A 2 -17.35 0.04 -1.94
C SER A 2 -17.06 1.24 -1.05
N GLU A 3 -15.80 1.67 -1.11
CA GLU A 3 -15.32 2.91 -0.54
C GLU A 3 -14.09 3.43 -1.30
N LYS A 4 -14.02 4.75 -1.53
CA LYS A 4 -12.86 5.38 -2.18
C LYS A 4 -11.93 6.06 -1.16
N VAL A 5 -10.69 5.55 -1.00
CA VAL A 5 -9.74 6.17 -0.08
C VAL A 5 -8.94 7.25 -0.80
N GLY A 6 -9.08 8.48 -0.30
CA GLY A 6 -8.38 9.67 -0.79
C GLY A 6 -6.98 9.73 -0.20
N MET A 7 -5.99 9.38 -1.00
CA MET A 7 -4.58 9.36 -0.59
C MET A 7 -3.91 10.74 -0.65
N ASN A 8 -2.95 10.95 0.25
CA ASN A 8 -2.01 12.07 0.22
C ASN A 8 -0.59 11.56 -0.01
N LEU A 9 0.27 12.38 -0.62
CA LEU A 9 1.70 12.11 -0.76
C LEU A 9 2.34 12.09 0.64
N VAL A 10 3.34 11.23 0.86
CA VAL A 10 4.07 11.15 2.15
C VAL A 10 5.57 11.10 1.93
N THR A 11 6.34 11.64 2.90
CA THR A 11 7.79 11.91 2.75
C THR A 11 8.43 12.40 4.05
N ALA A 12 8.26 11.67 5.16
CA ALA A 12 8.90 11.90 6.47
C ALA A 12 8.41 13.14 7.24
N GLN A 13 7.68 14.04 6.59
CA GLN A 13 6.81 15.03 7.25
C GLN A 13 5.52 14.35 7.76
N GLY A 14 5.26 13.10 7.37
CA GLY A 14 3.96 12.44 7.47
C GLY A 14 3.12 12.79 6.23
N VAL A 15 1.88 13.23 6.46
CA VAL A 15 0.89 13.58 5.45
C VAL A 15 1.22 14.90 4.75
N GLY A 16 1.29 14.90 3.42
CA GLY A 16 1.46 16.07 2.55
C GLY A 16 0.16 16.53 1.92
N GLN A 17 0.19 16.84 0.62
CA GLN A 17 -1.00 17.17 -0.16
C GLN A 17 -1.55 15.95 -0.92
N SER A 18 -2.78 16.03 -1.40
CA SER A 18 -3.43 14.98 -2.20
C SER A 18 -3.41 15.28 -3.70
N ILE A 19 -3.43 14.21 -4.49
CA ILE A 19 -3.32 14.17 -5.97
C ILE A 19 -4.18 13.06 -6.62
N GLY A 20 -4.97 12.35 -5.81
CA GLY A 20 -5.98 11.39 -6.27
C GLY A 20 -6.46 10.42 -5.17
N THR A 21 -7.51 9.65 -5.47
CA THR A 21 -8.02 8.57 -4.62
C THR A 21 -7.74 7.22 -5.28
N VAL A 22 -8.11 6.13 -4.60
CA VAL A 22 -8.33 4.82 -5.20
C VAL A 22 -9.68 4.30 -4.71
N VAL A 23 -10.51 3.82 -5.64
CA VAL A 23 -11.79 3.19 -5.30
C VAL A 23 -11.59 1.71 -5.00
N ILE A 24 -12.00 1.29 -3.80
CA ILE A 24 -11.97 -0.09 -3.32
C ILE A 24 -13.40 -0.64 -3.34
N ASP A 25 -13.61 -1.77 -4.00
CA ASP A 25 -14.92 -2.40 -4.16
C ASP A 25 -14.81 -3.90 -3.90
N GLU A 26 -15.33 -4.34 -2.77
CA GLU A 26 -15.29 -5.73 -2.35
C GLU A 26 -16.27 -6.60 -3.14
N THR A 27 -15.87 -7.84 -3.40
CA THR A 27 -16.64 -8.84 -4.15
C THR A 27 -16.10 -10.24 -3.84
N GLU A 28 -16.63 -11.26 -4.53
CA GLU A 28 -16.23 -12.67 -4.40
C GLU A 28 -14.75 -12.90 -4.74
N GLY A 29 -14.15 -12.03 -5.57
CA GLY A 29 -12.70 -11.97 -5.83
C GLY A 29 -11.94 -11.01 -4.92
N GLY A 30 -12.56 -10.55 -3.85
CA GLY A 30 -12.04 -9.63 -2.83
C GLY A 30 -12.00 -8.17 -3.26
N LEU A 31 -11.00 -7.44 -2.77
CA LEU A 31 -10.92 -5.98 -2.88
C LEU A 31 -10.50 -5.53 -4.29
N LYS A 32 -11.47 -5.12 -5.12
CA LYS A 32 -11.25 -4.56 -6.46
C LYS A 32 -10.81 -3.09 -6.36
N PHE A 33 -9.58 -2.80 -6.76
CA PHE A 33 -8.88 -1.53 -6.63
C PHE A 33 -8.83 -0.82 -7.99
N THR A 34 -9.46 0.38 -8.12
CA THR A 34 -9.40 1.18 -9.35
C THR A 34 -8.83 2.56 -9.03
N PRO A 35 -7.65 2.93 -9.55
CA PRO A 35 -6.95 4.17 -9.22
C PRO A 35 -7.36 5.31 -10.16
N HIS A 36 -7.08 6.55 -9.75
CA HIS A 36 -7.28 7.73 -10.61
C HIS A 36 -6.29 8.89 -10.27
N LEU A 37 -5.07 8.56 -9.86
CA LEU A 37 -4.03 9.48 -9.38
C LEU A 37 -3.03 9.89 -10.45
N LYS A 38 -2.52 11.10 -10.29
CA LYS A 38 -1.47 11.67 -11.11
C LYS A 38 -0.31 12.11 -10.22
N ALA A 39 0.82 12.31 -10.86
CA ALA A 39 2.09 12.87 -10.37
C ALA A 39 3.09 11.80 -9.87
N LEU A 40 2.96 10.54 -10.31
CA LEU A 40 3.83 9.43 -9.89
C LEU A 40 4.80 9.01 -10.97
N PRO A 41 5.93 8.40 -10.58
CA PRO A 41 6.84 7.90 -11.57
C PRO A 41 6.25 6.72 -12.33
N PRO A 42 6.45 6.60 -13.65
CA PRO A 42 5.48 5.98 -14.56
C PRO A 42 5.65 4.46 -14.72
N GLY A 43 6.11 3.79 -13.66
CA GLY A 43 6.35 2.35 -13.63
C GLY A 43 5.32 1.56 -12.81
N GLU A 44 5.78 0.47 -12.18
CA GLU A 44 5.01 -0.24 -11.15
C GLU A 44 5.16 0.45 -9.79
N HIS A 45 4.03 0.68 -9.11
CA HIS A 45 4.02 1.03 -7.69
C HIS A 45 3.61 -0.21 -6.90
N GLY A 46 4.29 -0.51 -5.80
CA GLY A 46 3.80 -1.48 -4.83
C GLY A 46 2.45 -1.05 -4.26
N PHE A 47 1.72 -2.00 -3.68
CA PHE A 47 0.48 -1.74 -2.96
C PHE A 47 0.38 -2.75 -1.82
N HIS A 48 0.27 -2.25 -0.58
CA HIS A 48 -0.25 -3.05 0.54
C HIS A 48 -1.41 -2.38 1.31
N ILE A 49 -2.05 -3.19 2.14
CA ILE A 49 -2.77 -2.76 3.36
C ILE A 49 -1.86 -3.04 4.56
N HIS A 50 -1.92 -2.18 5.57
CA HIS A 50 -1.05 -2.19 6.75
C HIS A 50 -1.89 -2.26 8.04
N ALA A 51 -1.28 -2.72 9.13
CA ALA A 51 -1.97 -3.18 10.33
C ALA A 51 -2.76 -2.09 11.09
N ASN A 52 -2.32 -0.84 11.02
CA ASN A 52 -2.96 0.32 11.66
C ASN A 52 -3.26 1.45 10.65
N GLY A 53 -3.73 2.60 11.14
CA GLY A 53 -4.51 3.58 10.34
C GLY A 53 -3.98 5.01 10.25
N SER A 54 -2.67 5.28 10.31
CA SER A 54 -2.15 6.66 10.16
C SER A 54 -0.67 6.77 9.74
N CYS A 55 -0.39 7.30 8.55
CA CYS A 55 0.96 7.70 8.14
C CYS A 55 1.47 8.93 8.91
N GLN A 56 1.89 8.69 10.15
CA GLN A 56 2.66 9.62 10.96
C GLN A 56 4.03 9.02 11.26
N PRO A 57 5.13 9.80 11.13
CA PRO A 57 6.48 9.33 11.39
C PRO A 57 6.74 9.30 12.90
N ALA A 58 7.51 8.32 13.37
CA ALA A 58 8.07 8.37 14.71
C ALA A 58 9.19 9.42 14.75
N ILE A 59 9.18 10.31 15.74
CA ILE A 59 10.23 11.33 15.94
C ILE A 59 11.17 10.82 17.02
N LYS A 60 12.40 10.46 16.66
CA LYS A 60 13.36 9.79 17.53
C LYS A 60 14.76 9.81 16.92
N ASP A 61 15.81 9.74 17.75
CA ASP A 61 17.22 9.56 17.36
C ASP A 61 17.66 10.37 16.12
N GLY A 62 17.43 11.69 16.20
CA GLY A 62 17.89 12.67 15.21
C GLY A 62 17.05 12.76 13.93
N GLN A 63 15.91 12.08 13.82
CA GLN A 63 15.17 11.96 12.55
C GLN A 63 13.66 11.72 12.73
N ALA A 64 12.93 11.77 11.61
CA ALA A 64 11.51 11.44 11.51
C ALA A 64 11.34 10.19 10.64
N VAL A 65 10.86 9.08 11.24
CA VAL A 65 10.79 7.76 10.61
C VAL A 65 9.58 7.66 9.67
N ALA A 66 9.67 8.32 8.49
CA ALA A 66 8.88 8.12 7.27
C ALA A 66 7.35 8.32 7.40
N ALA A 67 6.68 7.36 8.05
CA ALA A 67 5.25 7.08 8.12
C ALA A 67 5.08 5.75 8.88
N GLU A 68 5.37 5.77 10.18
CA GLU A 68 5.58 4.57 11.02
C GLU A 68 4.26 4.02 11.58
N ALA A 69 3.35 4.91 12.04
CA ALA A 69 2.10 4.53 12.71
C ALA A 69 1.03 3.88 11.80
N ALA A 70 1.38 3.61 10.54
CA ALA A 70 0.66 2.68 9.67
C ALA A 70 0.75 1.22 10.16
N GLY A 71 1.79 0.85 10.92
CA GLY A 71 2.02 -0.54 11.32
C GLY A 71 2.76 -1.38 10.27
N GLY A 72 2.91 -2.68 10.54
CA GLY A 72 3.47 -3.66 9.61
C GLY A 72 2.57 -3.93 8.39
N HIS A 73 3.11 -4.66 7.41
CA HIS A 73 2.46 -5.03 6.13
C HIS A 73 1.46 -6.20 6.29
N LEU A 74 0.71 -6.18 7.42
CA LEU A 74 -0.36 -7.10 7.82
C LEU A 74 0.17 -8.55 7.83
N ASP A 75 0.99 -8.79 8.86
CA ASP A 75 2.21 -9.60 8.82
C ASP A 75 2.67 -10.29 10.14
N PRO A 76 1.96 -10.28 11.29
CA PRO A 76 2.56 -10.59 12.60
C PRO A 76 2.95 -12.07 12.81
N GLN A 77 2.31 -13.05 12.17
CA GLN A 77 2.67 -14.47 12.29
C GLN A 77 2.33 -15.23 11.01
N ASN A 78 3.24 -16.12 10.58
CA ASN A 78 3.41 -16.74 9.23
C ASN A 78 4.84 -17.33 9.12
N THR A 79 5.38 -17.56 7.91
CA THR A 79 6.75 -18.09 7.68
C THR A 79 7.87 -17.06 7.95
N GLY A 80 7.55 -15.78 8.08
CA GLY A 80 8.48 -14.70 8.44
C GLY A 80 8.85 -13.80 7.26
N LYS A 81 9.40 -14.35 6.18
CA LYS A 81 9.81 -13.52 5.04
C LYS A 81 8.62 -12.91 4.26
N HIS A 82 8.91 -11.90 3.44
CA HIS A 82 7.94 -11.30 2.51
C HIS A 82 7.56 -12.30 1.39
N GLU A 83 6.27 -12.38 1.03
CA GLU A 83 5.74 -13.42 0.13
C GLU A 83 6.10 -13.14 -1.35
N GLY A 84 6.13 -14.20 -2.18
CA GLY A 84 6.32 -14.12 -3.63
C GLY A 84 4.98 -14.27 -4.40
N PRO A 85 5.00 -14.69 -5.69
CA PRO A 85 3.78 -15.03 -6.43
C PRO A 85 3.15 -16.33 -5.92
N GLU A 86 3.94 -17.20 -5.29
CA GLU A 86 3.53 -18.33 -4.46
C GLU A 86 4.65 -18.61 -3.44
N GLY A 87 4.43 -19.57 -2.53
CA GLY A 87 5.24 -19.76 -1.33
C GLY A 87 4.43 -19.39 -0.09
N GLN A 88 4.95 -18.50 0.76
CA GLN A 88 4.28 -18.06 1.99
C GLN A 88 4.98 -16.80 2.54
N GLY A 89 4.26 -16.03 3.35
CA GLY A 89 4.64 -14.75 3.95
C GLY A 89 3.41 -14.03 4.51
N HIS A 90 3.31 -12.71 4.29
CA HIS A 90 2.31 -11.86 4.94
C HIS A 90 1.01 -11.74 4.12
N LEU A 91 -0.15 -11.84 4.77
CA LEU A 91 -1.44 -11.90 4.06
C LEU A 91 -1.77 -10.60 3.29
N GLY A 92 -1.35 -9.43 3.81
CA GLY A 92 -1.57 -8.11 3.19
C GLY A 92 -0.52 -7.68 2.17
N ASP A 93 0.44 -8.56 1.82
CA ASP A 93 1.23 -8.40 0.60
C ASP A 93 0.31 -8.61 -0.63
N LEU A 94 0.36 -7.68 -1.58
CA LEU A 94 -0.75 -7.32 -2.49
C LEU A 94 -0.20 -6.95 -3.89
N PRO A 95 -1.04 -6.95 -4.95
CA PRO A 95 -0.59 -6.85 -6.34
C PRO A 95 -0.23 -5.42 -6.72
N VAL A 96 0.79 -5.25 -7.56
CA VAL A 96 1.36 -3.93 -7.89
C VAL A 96 0.38 -3.01 -8.65
N LEU A 97 0.30 -1.77 -8.17
CA LEU A 97 -0.37 -0.63 -8.76
C LEU A 97 0.46 -0.11 -9.96
N VAL A 98 0.32 -0.75 -11.11
CA VAL A 98 0.94 -0.26 -12.37
C VAL A 98 0.35 1.11 -12.73
N VAL A 99 1.20 2.08 -13.06
CA VAL A 99 0.81 3.40 -13.57
C VAL A 99 1.26 3.49 -15.04
N ASN A 100 0.59 4.31 -15.86
CA ASN A 100 0.93 4.45 -17.28
C ASN A 100 2.29 5.16 -17.48
N ASN A 101 2.90 4.98 -18.66
CA ASN A 101 4.18 5.59 -19.10
C ASN A 101 4.29 7.12 -18.92
N ASP A 102 3.14 7.78 -18.77
CA ASP A 102 2.94 9.23 -18.76
C ASP A 102 2.66 9.79 -17.34
N GLY A 103 2.81 8.96 -16.29
CA GLY A 103 2.85 9.40 -14.86
C GLY A 103 1.55 9.33 -14.05
N ILE A 104 0.59 8.48 -14.45
CA ILE A 104 -0.79 8.46 -13.95
C ILE A 104 -1.31 7.03 -13.74
N ALA A 105 -1.94 6.80 -12.60
CA ALA A 105 -2.54 5.56 -12.16
C ALA A 105 -3.98 5.43 -12.68
N THR A 106 -4.23 4.40 -13.48
CA THR A 106 -5.51 4.17 -14.19
C THR A 106 -5.89 2.69 -14.37
N GLU A 107 -5.01 1.77 -13.96
CA GLU A 107 -5.16 0.32 -14.13
C GLU A 107 -6.07 -0.31 -13.04
N PRO A 108 -7.22 -0.93 -13.39
CA PRO A 108 -8.04 -1.72 -12.48
C PRO A 108 -7.34 -3.05 -12.13
N VAL A 109 -7.17 -3.31 -10.83
CA VAL A 109 -6.62 -4.57 -10.28
C VAL A 109 -7.48 -5.05 -9.10
N THR A 110 -7.20 -6.22 -8.52
CA THR A 110 -8.03 -6.82 -7.44
C THR A 110 -7.14 -7.64 -6.51
N ALA A 111 -7.41 -7.56 -5.21
CA ALA A 111 -6.72 -8.34 -4.17
C ALA A 111 -7.65 -9.39 -3.54
N PRO A 112 -7.64 -10.67 -3.99
CA PRO A 112 -8.41 -11.77 -3.39
C PRO A 112 -7.90 -12.26 -2.02
N ARG A 113 -6.92 -11.55 -1.44
CA ARG A 113 -6.30 -11.88 -0.15
C ARG A 113 -7.15 -11.39 1.04
N LEU A 114 -8.00 -10.38 0.81
CA LEU A 114 -8.96 -9.84 1.76
C LEU A 114 -10.31 -9.73 1.05
N LYS A 115 -11.40 -10.07 1.73
CA LYS A 115 -12.70 -10.26 1.08
C LYS A 115 -13.72 -9.16 1.35
N SER A 116 -13.58 -8.37 2.42
CA SER A 116 -14.57 -7.34 2.77
C SER A 116 -13.98 -6.16 3.56
N LEU A 117 -14.63 -4.97 3.49
CA LEU A 117 -14.17 -3.76 4.20
C LEU A 117 -14.04 -3.97 5.71
N ASP A 118 -14.88 -4.80 6.33
CA ASP A 118 -14.82 -5.12 7.78
C ASP A 118 -13.53 -5.84 8.24
N GLU A 119 -12.73 -6.38 7.32
CA GLU A 119 -11.35 -6.86 7.63
C GLU A 119 -10.38 -5.68 7.85
N VAL A 120 -10.71 -4.49 7.36
CA VAL A 120 -9.78 -3.36 7.16
C VAL A 120 -10.33 -2.00 7.63
N LYS A 121 -11.46 -2.02 8.35
CA LYS A 121 -12.15 -0.90 9.02
C LYS A 121 -11.27 0.05 9.87
N ASP A 122 -10.10 -0.42 10.28
CA ASP A 122 -9.17 0.20 11.25
C ASP A 122 -7.80 0.56 10.63
N LYS A 123 -7.68 0.46 9.30
CA LYS A 123 -6.39 0.36 8.60
C LYS A 123 -6.15 1.45 7.55
N ALA A 124 -4.90 1.53 7.08
CA ALA A 124 -4.48 2.35 5.97
C ALA A 124 -3.94 1.50 4.80
N LEU A 125 -3.96 2.08 3.59
CA LEU A 125 -3.36 1.53 2.37
C LEU A 125 -2.28 2.49 1.88
N MET A 126 -1.25 1.97 1.20
CA MET A 126 -0.22 2.80 0.57
C MET A 126 0.05 2.44 -0.88
N ILE A 127 0.24 3.47 -1.71
CA ILE A 127 0.91 3.35 -3.02
C ILE A 127 2.41 3.52 -2.76
N HIS A 128 3.10 2.38 -2.82
CA HIS A 128 4.52 2.21 -2.52
C HIS A 128 5.40 2.70 -3.68
N VAL A 129 6.63 3.18 -3.41
CA VAL A 129 7.42 3.98 -4.38
C VAL A 129 7.77 3.20 -5.65
N GLY A 130 8.24 1.96 -5.50
CA GLY A 130 8.43 0.99 -6.57
C GLY A 130 7.62 -0.29 -6.32
N GLY A 131 7.57 -1.17 -7.31
CA GLY A 131 6.94 -2.49 -7.22
C GLY A 131 7.65 -3.42 -6.23
N ASP A 132 6.87 -4.33 -5.64
CA ASP A 132 7.14 -4.90 -4.32
C ASP A 132 7.55 -6.39 -4.32
N ASN A 133 7.20 -7.14 -5.38
CA ASN A 133 7.26 -8.61 -5.40
C ASN A 133 8.69 -9.21 -5.53
N MET A 134 9.74 -8.40 -5.44
CA MET A 134 11.15 -8.84 -5.55
C MET A 134 11.66 -9.43 -4.22
N SER A 135 10.94 -10.44 -3.72
CA SER A 135 10.97 -10.98 -2.35
C SER A 135 12.11 -11.98 -2.06
N ASP A 136 13.27 -11.78 -2.67
CA ASP A 136 14.35 -12.77 -2.81
C ASP A 136 15.72 -12.26 -2.30
N GLN A 137 15.69 -11.22 -1.46
CA GLN A 137 16.84 -10.42 -1.06
C GLN A 137 16.66 -9.91 0.40
N PRO A 138 17.75 -9.61 1.14
CA PRO A 138 17.69 -9.13 2.53
C PRO A 138 17.20 -7.67 2.68
N LYS A 139 16.74 -7.03 1.58
CA LYS A 139 16.06 -5.74 1.59
C LYS A 139 14.56 -5.97 1.30
N PRO A 140 13.68 -5.99 2.32
CA PRO A 140 12.28 -6.41 2.17
C PRO A 140 11.47 -5.38 1.37
N LEU A 141 10.26 -5.79 0.94
CA LEU A 141 9.33 -5.01 0.13
C LEU A 141 9.91 -4.71 -1.27
N GLY A 142 10.79 -5.60 -1.75
CA GLY A 142 11.52 -5.49 -3.03
C GLY A 142 12.57 -4.37 -3.06
N GLY A 143 12.77 -3.65 -1.95
CA GLY A 143 13.46 -2.35 -1.91
C GLY A 143 12.52 -1.16 -2.11
N GLY A 144 11.28 -1.38 -2.59
CA GLY A 144 10.23 -0.37 -2.78
C GLY A 144 9.48 -0.01 -1.50
N GLY A 145 10.11 -0.19 -0.33
CA GLY A 145 9.48 -0.10 1.00
C GLY A 145 9.08 1.32 1.43
N THR A 146 9.60 2.36 0.78
CA THR A 146 9.12 3.73 0.90
C THR A 146 7.72 3.86 0.27
N ARG A 147 6.89 4.74 0.84
CA ARG A 147 5.54 5.03 0.34
C ARG A 147 5.55 6.34 -0.46
N TYR A 148 4.96 6.35 -1.66
CA TYR A 148 4.74 7.59 -2.43
C TYR A 148 3.48 8.31 -1.93
N ALA A 149 2.40 7.55 -1.70
CA ALA A 149 1.15 8.05 -1.12
C ALA A 149 0.49 7.05 -0.15
N CYS A 150 -0.32 7.57 0.77
CA CYS A 150 -0.98 6.84 1.87
C CYS A 150 -2.40 7.40 2.13
N GLY A 151 -3.31 6.56 2.63
CA GLY A 151 -4.66 6.95 3.04
C GLY A 151 -5.34 5.93 3.98
N VAL A 152 -6.21 6.42 4.86
CA VAL A 152 -6.95 5.65 5.87
C VAL A 152 -8.36 5.23 5.37
N ILE A 153 -8.84 4.08 5.85
CA ILE A 153 -10.14 3.46 5.50
C ILE A 153 -11.27 3.95 6.44
N LYS A 154 -12.48 4.04 5.89
CA LYS A 154 -13.71 4.41 6.58
C LYS A 154 -14.72 3.26 6.48
N ALA A 1 -18.93 -4.18 -2.45
CA ALA A 1 -19.17 -3.29 -1.28
C ALA A 1 -18.03 -2.26 -1.22
N SER A 2 -18.29 -1.00 -0.88
CA SER A 2 -17.47 0.11 -1.41
C SER A 2 -16.80 0.98 -0.36
N GLU A 3 -15.57 1.41 -0.68
CA GLU A 3 -14.83 2.44 0.05
C GLU A 3 -13.82 3.11 -0.90
N LYS A 4 -13.57 4.40 -0.68
CA LYS A 4 -13.00 5.34 -1.65
C LYS A 4 -11.80 6.12 -1.08
N VAL A 5 -10.62 5.49 -1.00
CA VAL A 5 -9.53 6.00 -0.15
C VAL A 5 -8.71 7.06 -0.88
N GLY A 6 -8.82 8.29 -0.39
CA GLY A 6 -7.96 9.44 -0.68
C GLY A 6 -6.54 9.20 -0.18
N MET A 7 -5.66 8.86 -1.12
CA MET A 7 -4.23 8.66 -0.89
C MET A 7 -3.48 10.01 -0.86
N ASN A 8 -2.72 10.27 0.21
CA ASN A 8 -1.88 11.47 0.35
C ASN A 8 -0.38 11.18 0.17
N LEU A 9 0.34 12.17 -0.34
CA LEU A 9 1.79 12.19 -0.59
C LEU A 9 2.59 12.33 0.71
N VAL A 10 2.50 11.33 1.58
CA VAL A 10 3.28 11.26 2.83
C VAL A 10 4.74 10.95 2.56
N THR A 11 5.61 11.60 3.33
CA THR A 11 7.04 11.32 3.33
C THR A 11 7.59 11.58 4.74
N ALA A 12 8.89 11.78 4.83
CA ALA A 12 9.63 11.99 6.09
C ALA A 12 9.35 13.39 6.69
N GLN A 13 8.56 14.22 6.01
CA GLN A 13 8.04 15.50 6.50
C GLN A 13 6.60 15.37 7.04
N GLY A 14 6.08 14.14 7.16
CA GLY A 14 4.73 13.83 7.60
C GLY A 14 3.75 13.67 6.44
N VAL A 15 2.45 13.70 6.77
CA VAL A 15 1.34 13.69 5.80
C VAL A 15 1.35 14.96 4.95
N GLY A 16 1.34 14.79 3.63
CA GLY A 16 1.32 15.86 2.63
C GLY A 16 -0.05 16.05 2.00
N GLN A 17 -0.06 16.24 0.67
CA GLN A 17 -1.21 16.59 -0.13
C GLN A 17 -1.97 15.36 -0.65
N SER A 18 -3.27 15.48 -0.87
CA SER A 18 -4.05 14.56 -1.69
C SER A 18 -3.85 14.89 -3.18
N ILE A 19 -3.85 13.85 -4.03
CA ILE A 19 -3.73 13.92 -5.51
C ILE A 19 -4.66 12.95 -6.26
N GLY A 20 -5.50 12.23 -5.52
CA GLY A 20 -6.53 11.33 -6.03
C GLY A 20 -6.99 10.31 -4.98
N THR A 21 -8.14 9.69 -5.23
CA THR A 21 -8.58 8.50 -4.50
C THR A 21 -8.19 7.25 -5.27
N VAL A 22 -8.13 6.11 -4.59
CA VAL A 22 -8.35 4.79 -5.22
C VAL A 22 -9.73 4.31 -4.78
N VAL A 23 -10.56 3.84 -5.72
CA VAL A 23 -11.83 3.21 -5.36
C VAL A 23 -11.64 1.72 -5.11
N ILE A 24 -12.12 1.25 -3.96
CA ILE A 24 -12.06 -0.13 -3.50
C ILE A 24 -13.48 -0.69 -3.48
N ASP A 25 -13.70 -1.81 -4.20
CA ASP A 25 -15.00 -2.49 -4.26
C ASP A 25 -14.84 -3.99 -4.02
N GLU A 26 -15.37 -4.43 -2.88
CA GLU A 26 -15.38 -5.79 -2.35
C GLU A 26 -16.17 -6.75 -3.25
N THR A 27 -15.63 -7.96 -3.46
CA THR A 27 -16.27 -8.99 -4.28
C THR A 27 -15.89 -10.36 -3.83
N GLU A 28 -16.73 -11.26 -4.28
CA GLU A 28 -16.43 -12.63 -4.65
C GLU A 28 -14.93 -12.91 -4.99
N GLY A 29 -14.26 -11.99 -5.71
CA GLY A 29 -12.81 -12.03 -6.02
C GLY A 29 -11.88 -11.15 -5.18
N GLY A 30 -12.41 -10.62 -4.08
CA GLY A 30 -11.81 -9.75 -3.07
C GLY A 30 -11.88 -8.25 -3.38
N LEU A 31 -10.93 -7.46 -2.88
CA LEU A 31 -10.92 -6.00 -3.04
C LEU A 31 -10.52 -5.59 -4.48
N LYS A 32 -11.48 -5.21 -5.32
CA LYS A 32 -11.22 -4.63 -6.64
C LYS A 32 -10.79 -3.17 -6.49
N PHE A 33 -9.56 -2.85 -6.88
CA PHE A 33 -8.86 -1.58 -6.70
C PHE A 33 -8.80 -0.83 -8.04
N THR A 34 -9.53 0.29 -8.22
CA THR A 34 -9.48 1.09 -9.46
C THR A 34 -8.87 2.45 -9.13
N PRO A 35 -7.64 2.75 -9.59
CA PRO A 35 -6.96 4.01 -9.31
C PRO A 35 -7.33 5.07 -10.36
N HIS A 36 -7.26 6.33 -9.96
CA HIS A 36 -7.54 7.49 -10.83
C HIS A 36 -6.73 8.74 -10.38
N LEU A 37 -5.46 8.48 -10.01
CA LEU A 37 -4.52 9.43 -9.40
C LEU A 37 -3.48 9.94 -10.37
N LYS A 38 -3.17 11.22 -10.23
CA LYS A 38 -2.07 11.88 -10.89
C LYS A 38 -0.91 12.09 -9.90
N ALA A 39 0.27 12.29 -10.47
CA ALA A 39 1.49 12.89 -9.87
C ALA A 39 2.53 11.88 -9.36
N LEU A 40 2.50 10.62 -9.80
CA LEU A 40 3.44 9.58 -9.37
C LEU A 40 4.57 9.37 -10.38
N PRO A 41 5.75 8.86 -9.98
CA PRO A 41 6.77 8.45 -10.92
C PRO A 41 6.27 7.32 -11.82
N PRO A 42 6.53 7.35 -13.15
CA PRO A 42 5.66 6.74 -14.16
C PRO A 42 5.96 5.25 -14.45
N GLY A 43 6.37 4.53 -13.40
CA GLY A 43 6.82 3.14 -13.48
C GLY A 43 5.74 2.11 -13.12
N GLU A 44 6.16 1.07 -12.40
CA GLU A 44 5.25 0.16 -11.69
C GLU A 44 5.56 0.17 -10.20
N HIS A 45 4.54 -0.15 -9.40
CA HIS A 45 4.53 0.12 -7.96
C HIS A 45 3.97 -1.06 -7.20
N GLY A 46 4.61 -1.48 -6.12
CA GLY A 46 4.00 -2.41 -5.19
C GLY A 46 2.74 -1.81 -4.55
N PHE A 47 1.91 -2.66 -3.96
CA PHE A 47 0.74 -2.28 -3.16
C PHE A 47 0.77 -3.16 -1.90
N HIS A 48 0.60 -2.59 -0.70
CA HIS A 48 0.37 -3.34 0.56
C HIS A 48 -0.72 -2.70 1.45
N ILE A 49 -1.31 -3.50 2.33
CA ILE A 49 -2.11 -3.12 3.51
C ILE A 49 -1.24 -3.29 4.76
N HIS A 50 -1.38 -2.39 5.72
CA HIS A 50 -0.59 -2.33 6.95
C HIS A 50 -1.51 -2.39 8.19
N ALA A 51 -0.96 -2.82 9.33
CA ALA A 51 -1.75 -3.35 10.45
C ALA A 51 -2.71 -2.35 11.13
N ASN A 52 -2.33 -1.07 11.21
CA ASN A 52 -3.16 0.03 11.74
C ASN A 52 -3.47 1.08 10.65
N GLY A 53 -4.17 2.17 11.00
CA GLY A 53 -4.53 3.25 10.08
C GLY A 53 -4.27 4.64 10.64
N SER A 54 -3.13 5.24 10.28
CA SER A 54 -2.68 6.61 10.61
C SER A 54 -1.24 6.82 10.11
N CYS A 55 -1.03 7.52 8.99
CA CYS A 55 0.26 7.65 8.29
C CYS A 55 1.35 8.50 9.02
N GLN A 56 1.35 8.51 10.36
CA GLN A 56 2.32 9.27 11.18
C GLN A 56 3.63 8.48 11.38
N PRO A 57 4.80 9.05 11.02
CA PRO A 57 6.10 8.43 11.31
C PRO A 57 6.54 8.72 12.75
N ALA A 58 7.22 7.76 13.39
CA ALA A 58 7.98 7.99 14.62
C ALA A 58 9.35 8.63 14.30
N ILE A 59 9.93 9.38 15.22
CA ILE A 59 11.25 10.03 15.04
C ILE A 59 12.35 9.28 15.80
N LYS A 60 13.46 9.03 15.10
CA LYS A 60 14.75 8.52 15.60
C LYS A 60 15.91 9.39 15.05
N ASP A 61 17.15 9.15 15.53
CA ASP A 61 18.37 9.81 15.04
C ASP A 61 18.46 9.82 13.50
N GLY A 62 18.39 11.02 12.92
CA GLY A 62 18.51 11.24 11.48
C GLY A 62 17.33 10.74 10.63
N GLN A 63 16.23 10.24 11.21
CA GLN A 63 15.21 9.50 10.45
C GLN A 63 13.80 9.58 11.02
N ALA A 64 12.83 9.93 10.17
CA ALA A 64 11.41 9.77 10.44
C ALA A 64 10.93 8.43 9.86
N VAL A 65 10.47 7.52 10.71
CA VAL A 65 10.20 6.11 10.41
C VAL A 65 8.86 5.93 9.67
N ALA A 66 8.86 6.31 8.39
CA ALA A 66 7.89 6.01 7.33
C ALA A 66 6.45 6.51 7.58
N ALA A 67 5.75 5.85 8.50
CA ALA A 67 4.32 5.88 8.79
C ALA A 67 4.02 4.87 9.92
N GLU A 68 4.90 4.73 10.93
CA GLU A 68 4.86 3.64 11.90
C GLU A 68 3.55 3.55 12.71
N ALA A 69 2.80 4.64 12.88
CA ALA A 69 1.47 4.59 13.51
C ALA A 69 0.41 3.84 12.67
N ALA A 70 0.69 3.55 11.39
CA ALA A 70 -0.06 2.65 10.53
C ALA A 70 0.44 1.18 10.60
N GLY A 71 1.53 0.90 11.32
CA GLY A 71 2.07 -0.44 11.51
C GLY A 71 2.96 -0.93 10.35
N GLY A 72 3.47 -2.16 10.49
CA GLY A 72 4.09 -2.92 9.40
C GLY A 72 3.04 -3.51 8.45
N HIS A 73 3.49 -4.24 7.42
CA HIS A 73 2.59 -4.99 6.53
C HIS A 73 1.68 -5.91 7.36
N LEU A 74 0.39 -6.01 7.04
CA LEU A 74 -0.57 -6.82 7.81
C LEU A 74 -0.15 -8.31 7.84
N ASP A 75 0.15 -8.79 9.04
CA ASP A 75 0.70 -10.11 9.34
C ASP A 75 0.19 -10.57 10.73
N PRO A 76 -0.81 -11.46 10.81
CA PRO A 76 -1.32 -11.93 12.10
C PRO A 76 -0.30 -12.83 12.80
N GLN A 77 0.29 -13.79 12.07
CA GLN A 77 1.23 -14.82 12.57
C GLN A 77 2.02 -15.53 11.43
N ASN A 78 2.03 -15.01 10.19
CA ASN A 78 2.58 -15.71 9.01
C ASN A 78 4.06 -16.11 9.16
N THR A 79 4.86 -15.21 9.79
CA THR A 79 6.31 -15.25 10.14
C THR A 79 6.94 -13.85 10.04
N GLY A 80 6.39 -12.99 9.18
CA GLY A 80 6.62 -11.54 9.25
C GLY A 80 7.74 -10.98 8.39
N LYS A 81 8.32 -11.77 7.46
CA LYS A 81 9.41 -11.29 6.59
C LYS A 81 8.88 -10.50 5.38
N HIS A 82 8.17 -11.16 4.45
CA HIS A 82 7.44 -10.62 3.28
C HIS A 82 6.94 -11.74 2.34
N GLU A 83 5.92 -11.47 1.54
CA GLU A 83 5.48 -12.31 0.43
C GLU A 83 5.13 -11.41 -0.77
N GLY A 84 5.62 -11.76 -1.96
CA GLY A 84 5.31 -11.08 -3.22
C GLY A 84 4.53 -12.01 -4.14
N PRO A 85 5.19 -12.73 -5.07
CA PRO A 85 4.58 -13.78 -5.90
C PRO A 85 4.37 -15.11 -5.12
N GLU A 86 4.17 -15.04 -3.80
CA GLU A 86 4.07 -16.18 -2.88
C GLU A 86 3.06 -15.85 -1.75
N GLY A 87 2.85 -16.78 -0.81
CA GLY A 87 2.21 -16.56 0.49
C GLY A 87 3.06 -17.19 1.59
N GLN A 88 3.74 -16.38 2.39
CA GLN A 88 5.03 -16.71 3.03
C GLN A 88 5.50 -15.74 4.13
N GLY A 89 4.84 -14.60 4.39
CA GLY A 89 5.37 -13.59 5.31
C GLY A 89 4.43 -12.48 5.78
N HIS A 90 3.50 -11.99 4.96
CA HIS A 90 2.45 -11.04 5.38
C HIS A 90 1.24 -11.12 4.42
N LEU A 91 0.07 -11.56 4.90
CA LEU A 91 -1.14 -11.64 4.07
C LEU A 91 -1.64 -10.30 3.48
N GLY A 92 -1.11 -9.16 3.93
CA GLY A 92 -1.45 -7.82 3.44
C GLY A 92 -0.75 -7.37 2.16
N ASP A 93 0.13 -8.18 1.55
CA ASP A 93 0.86 -7.80 0.34
C ASP A 93 0.06 -8.06 -0.97
N LEU A 94 0.05 -7.09 -1.90
CA LEU A 94 -0.89 -7.00 -3.03
C LEU A 94 -0.16 -6.92 -4.40
N PRO A 95 -0.84 -7.23 -5.53
CA PRO A 95 -0.25 -7.18 -6.88
C PRO A 95 0.03 -5.75 -7.35
N VAL A 96 0.88 -5.61 -8.36
CA VAL A 96 1.54 -4.34 -8.70
C VAL A 96 0.67 -3.36 -9.48
N LEU A 97 0.62 -2.14 -8.94
CA LEU A 97 -0.01 -0.93 -9.46
C LEU A 97 0.91 -0.30 -10.53
N VAL A 98 0.84 -0.80 -11.76
CA VAL A 98 1.50 -0.19 -12.93
C VAL A 98 0.88 1.21 -13.19
N VAL A 99 1.69 2.22 -13.54
CA VAL A 99 1.22 3.58 -13.91
C VAL A 99 1.77 3.98 -15.28
N ASN A 100 1.14 4.92 -15.98
CA ASN A 100 1.53 5.30 -17.35
C ASN A 100 2.76 6.23 -17.42
N ASN A 101 3.44 6.28 -18.58
CA ASN A 101 4.70 7.01 -18.86
C ASN A 101 4.75 8.50 -18.44
N ASP A 102 3.62 9.18 -18.24
CA ASP A 102 3.56 10.60 -17.82
C ASP A 102 3.16 10.83 -16.35
N GLY A 103 2.92 9.76 -15.57
CA GLY A 103 2.77 9.83 -14.11
C GLY A 103 1.33 9.81 -13.59
N ILE A 104 0.46 8.96 -14.16
CA ILE A 104 -0.95 8.80 -13.77
C ILE A 104 -1.27 7.30 -13.61
N ALA A 105 -1.96 6.96 -12.52
CA ALA A 105 -2.51 5.65 -12.23
C ALA A 105 -3.97 5.58 -12.71
N THR A 106 -4.29 4.69 -13.66
CA THR A 106 -5.57 4.70 -14.41
C THR A 106 -5.97 3.34 -15.00
N GLU A 107 -5.44 2.23 -14.46
CA GLU A 107 -5.81 0.84 -14.80
C GLU A 107 -5.97 0.04 -13.48
N PRO A 108 -6.93 -0.90 -13.39
CA PRO A 108 -7.30 -1.57 -12.13
C PRO A 108 -6.43 -2.78 -11.78
N VAL A 109 -6.49 -3.20 -10.50
CA VAL A 109 -5.99 -4.48 -9.97
C VAL A 109 -6.98 -5.03 -8.93
N THR A 110 -6.80 -6.26 -8.42
CA THR A 110 -7.72 -6.89 -7.42
C THR A 110 -6.93 -7.69 -6.39
N ALA A 111 -7.42 -7.73 -5.15
CA ALA A 111 -6.81 -8.45 -4.03
C ALA A 111 -7.59 -9.73 -3.61
N PRO A 112 -7.36 -10.90 -4.22
CA PRO A 112 -8.03 -12.15 -3.86
C PRO A 112 -7.59 -12.77 -2.52
N ARG A 113 -6.68 -12.12 -1.76
CA ARG A 113 -6.32 -12.56 -0.39
C ARG A 113 -7.41 -12.15 0.64
N LEU A 114 -8.37 -11.31 0.24
CA LEU A 114 -9.44 -10.74 1.06
C LEU A 114 -10.82 -11.20 0.55
N LYS A 115 -11.83 -11.02 1.40
CA LYS A 115 -13.26 -11.25 1.11
C LYS A 115 -14.23 -10.35 1.93
N SER A 116 -13.74 -9.33 2.63
CA SER A 116 -14.56 -8.23 3.15
C SER A 116 -13.75 -6.95 3.46
N LEU A 117 -14.37 -5.76 3.33
CA LEU A 117 -13.84 -4.53 3.95
C LEU A 117 -13.72 -4.69 5.49
N ASP A 118 -14.49 -5.59 6.11
CA ASP A 118 -14.40 -5.88 7.56
C ASP A 118 -12.97 -6.20 8.02
N GLU A 119 -12.17 -6.80 7.13
CA GLU A 119 -10.78 -7.21 7.39
C GLU A 119 -9.83 -6.00 7.46
N VAL A 120 -10.26 -4.82 7.02
CA VAL A 120 -9.41 -3.62 6.83
C VAL A 120 -10.07 -2.32 7.33
N LYS A 121 -11.19 -2.41 8.06
CA LYS A 121 -12.08 -1.32 8.50
C LYS A 121 -11.50 -0.22 9.42
N ASP A 122 -10.19 -0.23 9.67
CA ASP A 122 -9.45 0.72 10.52
C ASP A 122 -7.95 0.81 10.14
N LYS A 123 -7.61 0.43 8.89
CA LYS A 123 -6.23 0.25 8.42
C LYS A 123 -5.79 1.26 7.35
N ALA A 124 -4.48 1.26 7.02
CA ALA A 124 -3.92 1.99 5.88
C ALA A 124 -3.62 1.06 4.69
N LEU A 125 -3.71 1.64 3.50
CA LEU A 125 -3.21 1.10 2.23
C LEU A 125 -2.04 2.01 1.78
N MET A 126 -1.02 1.45 1.14
CA MET A 126 0.09 2.24 0.61
C MET A 126 0.40 1.91 -0.85
N ILE A 127 0.63 2.94 -1.66
CA ILE A 127 1.20 2.83 -3.01
C ILE A 127 2.71 3.04 -2.89
N HIS A 128 3.46 2.06 -3.39
CA HIS A 128 4.83 1.78 -2.98
C HIS A 128 5.83 1.88 -4.15
N VAL A 129 7.03 2.39 -3.90
CA VAL A 129 7.85 3.07 -4.94
C VAL A 129 8.27 2.14 -6.08
N GLY A 130 8.60 0.87 -5.78
CA GLY A 130 8.90 -0.15 -6.79
C GLY A 130 7.88 -1.29 -6.78
N GLY A 131 7.52 -1.78 -7.97
CA GLY A 131 6.83 -3.06 -8.20
C GLY A 131 7.47 -4.20 -7.42
N ASP A 132 6.63 -5.00 -6.78
CA ASP A 132 7.01 -6.00 -5.79
C ASP A 132 7.63 -7.27 -6.41
N ASN A 133 7.80 -7.35 -7.74
CA ASN A 133 8.58 -8.42 -8.39
C ASN A 133 10.10 -8.41 -8.06
N MET A 134 10.55 -7.43 -7.26
CA MET A 134 11.85 -7.39 -6.58
C MET A 134 11.82 -7.95 -5.14
N SER A 135 10.73 -8.59 -4.71
CA SER A 135 10.46 -9.03 -3.32
C SER A 135 11.60 -9.78 -2.59
N ASP A 136 12.52 -10.37 -3.34
CA ASP A 136 13.71 -11.11 -2.93
C ASP A 136 14.85 -10.26 -2.31
N GLN A 137 14.77 -8.93 -2.37
CA GLN A 137 15.91 -8.04 -2.08
C GLN A 137 16.58 -8.30 -0.70
N PRO A 138 17.90 -8.08 -0.58
CA PRO A 138 18.62 -8.10 0.70
C PRO A 138 18.34 -6.84 1.56
N LYS A 139 17.13 -6.26 1.43
CA LYS A 139 16.63 -5.16 2.27
C LYS A 139 15.17 -5.48 2.69
N PRO A 140 14.77 -5.17 3.95
CA PRO A 140 13.52 -5.65 4.54
C PRO A 140 12.28 -5.11 3.83
N LEU A 141 11.14 -5.78 4.06
CA LEU A 141 9.82 -5.43 3.53
C LEU A 141 9.71 -5.53 1.99
N GLY A 142 10.66 -6.21 1.33
CA GLY A 142 10.62 -6.53 -0.10
C GLY A 142 11.34 -5.52 -1.00
N GLY A 143 12.11 -4.59 -0.44
CA GLY A 143 12.87 -3.57 -1.21
C GLY A 143 12.00 -2.40 -1.65
N GLY A 144 11.02 -2.65 -2.53
CA GLY A 144 10.13 -1.63 -3.11
C GLY A 144 9.10 -1.03 -2.14
N GLY A 145 9.12 -1.47 -0.87
CA GLY A 145 8.17 -1.11 0.19
C GLY A 145 8.34 0.29 0.80
N THR A 146 9.18 1.17 0.23
CA THR A 146 9.12 2.62 0.48
C THR A 146 7.84 3.17 -0.17
N ARG A 147 7.22 4.20 0.43
CA ARG A 147 5.92 4.74 -0.02
C ARG A 147 6.06 5.95 -0.96
N TYR A 148 5.18 6.05 -1.95
CA TYR A 148 4.88 7.32 -2.64
C TYR A 148 3.55 7.94 -2.17
N ALA A 149 2.61 7.12 -1.67
CA ALA A 149 1.40 7.61 -1.02
C ALA A 149 0.84 6.61 0.01
N CYS A 150 0.20 7.15 1.07
CA CYS A 150 -0.50 6.43 2.14
C CYS A 150 -1.98 6.85 2.17
N GLY A 151 -2.87 5.90 2.47
CA GLY A 151 -4.33 6.02 2.38
C GLY A 151 -5.01 5.36 3.56
N VAL A 152 -5.52 6.14 4.51
CA VAL A 152 -6.23 5.61 5.70
C VAL A 152 -7.70 5.35 5.34
N ILE A 153 -8.18 4.14 5.67
CA ILE A 153 -9.57 3.71 5.48
C ILE A 153 -10.50 4.39 6.50
N LYS A 154 -11.64 4.91 6.03
CA LYS A 154 -12.70 5.53 6.83
C LYS A 154 -14.07 5.14 6.23
N ALA A 1 -19.40 -3.64 -3.39
CA ALA A 1 -19.72 -2.48 -2.52
C ALA A 1 -18.45 -1.78 -2.08
N SER A 2 -18.46 -0.45 -1.91
CA SER A 2 -17.25 0.36 -2.10
C SER A 2 -16.98 1.42 -1.04
N GLU A 3 -15.72 1.86 -0.94
CA GLU A 3 -15.30 3.12 -0.35
C GLU A 3 -14.05 3.66 -1.08
N LYS A 4 -14.05 4.95 -1.33
CA LYS A 4 -12.93 5.67 -1.95
C LYS A 4 -11.87 6.08 -0.91
N VAL A 5 -10.74 5.36 -0.87
CA VAL A 5 -9.64 5.67 0.06
C VAL A 5 -8.84 6.85 -0.49
N GLY A 6 -8.88 7.98 0.22
CA GLY A 6 -8.15 9.20 -0.11
C GLY A 6 -6.66 9.05 0.18
N MET A 7 -5.87 8.92 -0.87
CA MET A 7 -4.41 8.79 -0.83
C MET A 7 -3.74 10.17 -0.75
N ASN A 8 -2.93 10.41 0.28
CA ASN A 8 -2.00 11.54 0.33
C ASN A 8 -0.56 11.09 0.11
N LEU A 9 0.26 11.99 -0.43
CA LEU A 9 1.71 11.82 -0.53
C LEU A 9 2.32 11.70 0.87
N VAL A 10 3.23 10.76 1.04
CA VAL A 10 4.08 10.66 2.25
C VAL A 10 5.54 10.67 1.81
N THR A 11 6.38 11.36 2.58
CA THR A 11 7.74 11.74 2.17
C THR A 11 8.68 11.87 3.38
N ALA A 12 8.29 11.30 4.52
CA ALA A 12 8.92 11.43 5.85
C ALA A 12 8.75 12.83 6.47
N GLN A 13 8.49 13.88 5.68
CA GLN A 13 7.99 15.18 6.15
C GLN A 13 6.50 15.10 6.59
N GLY A 14 6.04 13.92 7.04
CA GLY A 14 4.66 13.59 7.38
C GLY A 14 3.83 13.19 6.16
N VAL A 15 2.53 12.99 6.42
CA VAL A 15 1.45 13.16 5.43
C VAL A 15 1.49 14.61 4.92
N GLY A 16 1.70 14.78 3.61
CA GLY A 16 1.96 16.08 2.99
C GLY A 16 0.73 16.75 2.41
N GLN A 17 0.22 16.16 1.33
CA GLN A 17 -0.76 16.76 0.43
C GLN A 17 -1.33 15.67 -0.49
N SER A 18 -2.55 15.91 -0.96
CA SER A 18 -3.38 14.93 -1.67
C SER A 18 -3.16 14.96 -3.19
N ILE A 19 -3.39 13.81 -3.85
CA ILE A 19 -3.09 13.58 -5.29
C ILE A 19 -4.13 12.73 -6.05
N GLY A 20 -5.15 12.24 -5.35
CA GLY A 20 -6.23 11.38 -5.85
C GLY A 20 -6.73 10.41 -4.78
N THR A 21 -7.78 9.65 -5.08
CA THR A 21 -8.18 8.49 -4.25
C THR A 21 -7.78 7.19 -4.96
N VAL A 22 -7.98 6.06 -4.30
CA VAL A 22 -8.23 4.79 -4.98
C VAL A 22 -9.57 4.27 -4.47
N VAL A 23 -10.46 3.86 -5.38
CA VAL A 23 -11.71 3.21 -4.96
C VAL A 23 -11.45 1.75 -4.65
N ILE A 24 -11.76 1.34 -3.42
CA ILE A 24 -11.86 -0.08 -3.08
C ILE A 24 -13.32 -0.47 -3.22
N ASP A 25 -13.57 -1.53 -3.98
CA ASP A 25 -14.88 -2.17 -4.10
C ASP A 25 -14.70 -3.67 -3.86
N GLU A 26 -15.44 -4.23 -2.90
CA GLU A 26 -15.45 -5.69 -2.70
C GLU A 26 -16.33 -6.37 -3.73
N THR A 27 -15.99 -7.63 -4.05
CA THR A 27 -16.73 -8.44 -5.02
C THR A 27 -16.37 -9.92 -4.82
N GLU A 28 -16.85 -10.80 -5.70
CA GLU A 28 -16.56 -12.23 -5.70
C GLU A 28 -15.06 -12.54 -5.86
N GLY A 29 -14.29 -11.64 -6.48
CA GLY A 29 -12.82 -11.68 -6.51
C GLY A 29 -12.12 -10.85 -5.43
N GLY A 30 -12.86 -10.48 -4.39
CA GLY A 30 -12.35 -9.71 -3.24
C GLY A 30 -12.19 -8.22 -3.52
N LEU A 31 -11.11 -7.64 -2.99
CA LEU A 31 -10.86 -6.20 -3.01
C LEU A 31 -10.39 -5.71 -4.39
N LYS A 32 -11.31 -5.17 -5.18
CA LYS A 32 -11.04 -4.46 -6.43
C LYS A 32 -10.56 -3.03 -6.16
N PHE A 33 -9.29 -2.77 -6.45
CA PHE A 33 -8.61 -1.49 -6.38
C PHE A 33 -8.74 -0.77 -7.74
N THR A 34 -9.39 0.40 -7.82
CA THR A 34 -9.44 1.17 -9.08
C THR A 34 -8.90 2.58 -8.84
N PRO A 35 -7.72 2.92 -9.39
CA PRO A 35 -7.04 4.19 -9.13
C PRO A 35 -7.55 5.31 -10.05
N HIS A 36 -7.35 6.56 -9.66
CA HIS A 36 -7.69 7.73 -10.50
C HIS A 36 -6.77 8.95 -10.24
N LEU A 37 -5.51 8.69 -9.84
CA LEU A 37 -4.56 9.70 -9.31
C LEU A 37 -3.64 10.23 -10.41
N LYS A 38 -3.21 11.50 -10.30
CA LYS A 38 -2.60 12.25 -11.43
C LYS A 38 -1.23 12.90 -11.16
N ALA A 39 -0.50 12.38 -10.18
CA ALA A 39 0.83 12.87 -9.80
C ALA A 39 1.63 11.79 -9.06
N LEU A 40 2.05 10.73 -9.77
CA LEU A 40 3.01 9.72 -9.26
C LEU A 40 4.08 9.39 -10.30
N PRO A 41 5.21 8.80 -9.87
CA PRO A 41 6.19 8.31 -10.81
C PRO A 41 5.61 7.14 -11.63
N PRO A 42 5.67 7.19 -12.98
CA PRO A 42 4.84 6.43 -13.91
C PRO A 42 5.37 5.02 -14.17
N GLY A 43 5.97 4.44 -13.14
CA GLY A 43 6.53 3.10 -13.15
C GLY A 43 5.52 2.05 -12.72
N GLU A 44 5.97 1.20 -11.81
CA GLU A 44 5.15 0.23 -11.09
C GLU A 44 5.48 0.30 -9.59
N HIS A 45 4.47 0.04 -8.75
CA HIS A 45 4.58 0.21 -7.30
C HIS A 45 3.88 -0.91 -6.54
N GLY A 46 4.58 -1.63 -5.67
CA GLY A 46 3.99 -2.60 -4.75
C GLY A 46 2.78 -2.03 -3.97
N PHE A 47 1.86 -2.89 -3.51
CA PHE A 47 0.62 -2.48 -2.85
C PHE A 47 0.48 -3.36 -1.59
N HIS A 48 0.58 -2.75 -0.40
CA HIS A 48 0.29 -3.45 0.87
C HIS A 48 -0.89 -2.87 1.66
N ILE A 49 -1.45 -3.70 2.54
CA ILE A 49 -2.20 -3.28 3.73
C ILE A 49 -1.25 -3.38 4.94
N HIS A 50 -1.49 -2.55 5.93
CA HIS A 50 -0.72 -2.42 7.17
C HIS A 50 -1.71 -2.49 8.34
N ALA A 51 -1.26 -2.94 9.53
CA ALA A 51 -2.15 -3.38 10.62
C ALA A 51 -3.12 -2.30 11.14
N ASN A 52 -2.68 -1.06 11.12
CA ASN A 52 -3.36 0.12 11.67
C ASN A 52 -3.68 1.17 10.58
N GLY A 53 -4.62 2.08 10.88
CA GLY A 53 -4.95 3.23 10.04
C GLY A 53 -4.34 4.54 10.56
N SER A 54 -3.10 4.83 10.18
CA SER A 54 -2.40 6.09 10.52
C SER A 54 -1.06 6.26 9.78
N CYS A 55 -1.05 6.94 8.64
CA CYS A 55 0.08 7.13 7.72
C CYS A 55 1.28 7.97 8.26
N GLN A 56 1.39 8.23 9.57
CA GLN A 56 2.28 9.26 10.12
C GLN A 56 3.59 8.69 10.73
N PRO A 57 4.71 9.43 10.66
CA PRO A 57 5.98 9.08 11.29
C PRO A 57 6.06 9.54 12.76
N ALA A 58 6.99 8.95 13.51
CA ALA A 58 7.55 9.55 14.72
C ALA A 58 8.81 10.39 14.40
N ILE A 59 9.25 11.24 15.34
CA ILE A 59 10.44 12.11 15.17
C ILE A 59 11.57 11.59 16.07
N LYS A 60 12.67 11.14 15.47
CA LYS A 60 13.79 10.45 16.13
C LYS A 60 15.14 10.80 15.44
N ASP A 61 16.23 10.86 16.19
CA ASP A 61 17.61 11.06 15.68
C ASP A 61 17.78 12.30 14.77
N GLY A 62 17.01 13.37 15.02
CA GLY A 62 17.02 14.61 14.24
C GLY A 62 16.25 14.53 12.91
N GLN A 63 15.54 13.43 12.64
CA GLN A 63 14.78 13.19 11.41
C GLN A 63 13.45 12.47 11.73
N ALA A 64 12.80 11.84 10.73
CA ALA A 64 11.44 11.31 10.87
C ALA A 64 11.31 9.85 10.38
N VAL A 65 10.57 9.02 11.12
CA VAL A 65 10.41 7.58 10.91
C VAL A 65 9.34 7.30 9.83
N ALA A 66 9.58 7.79 8.60
CA ALA A 66 8.84 7.53 7.35
C ALA A 66 7.30 7.63 7.44
N ALA A 67 6.66 6.54 7.87
CA ALA A 67 5.23 6.39 8.17
C ALA A 67 5.08 5.17 9.11
N GLU A 68 5.25 5.39 10.42
CA GLU A 68 5.41 4.36 11.44
C GLU A 68 4.06 3.83 11.94
N ALA A 69 3.13 4.73 12.26
CA ALA A 69 1.93 4.42 13.05
C ALA A 69 0.94 3.46 12.35
N ALA A 70 1.11 3.22 11.05
CA ALA A 70 0.30 2.32 10.25
C ALA A 70 0.59 0.82 10.51
N GLY A 71 1.76 0.44 11.04
CA GLY A 71 2.11 -0.98 11.25
C GLY A 71 3.22 -1.50 10.32
N GLY A 72 3.49 -2.80 10.41
CA GLY A 72 4.27 -3.57 9.42
C GLY A 72 3.37 -4.05 8.27
N HIS A 73 3.73 -5.13 7.57
CA HIS A 73 2.95 -5.71 6.45
C HIS A 73 1.64 -6.41 6.89
N LEU A 74 0.97 -5.90 7.93
CA LEU A 74 -0.26 -6.46 8.52
C LEU A 74 0.04 -7.86 9.11
N ASP A 75 1.15 -7.95 9.86
CA ASP A 75 1.98 -9.13 9.98
C ASP A 75 2.31 -9.60 11.44
N PRO A 76 1.33 -9.65 12.38
CA PRO A 76 1.57 -10.14 13.74
C PRO A 76 1.81 -11.65 13.82
N GLN A 77 1.39 -12.43 12.82
CA GLN A 77 1.57 -13.88 12.73
C GLN A 77 1.25 -14.38 11.30
N ASN A 78 2.02 -15.38 10.83
CA ASN A 78 1.85 -16.19 9.58
C ASN A 78 3.11 -16.99 9.19
N THR A 79 4.30 -16.54 9.64
CA THR A 79 5.70 -16.98 9.37
C THR A 79 6.68 -15.81 9.21
N GLY A 80 6.21 -14.55 9.27
CA GLY A 80 7.04 -13.34 9.33
C GLY A 80 7.66 -12.86 8.01
N LYS A 81 7.84 -13.75 7.02
CA LYS A 81 8.46 -13.40 5.72
C LYS A 81 7.48 -12.84 4.67
N HIS A 82 7.98 -12.36 3.54
CA HIS A 82 7.22 -11.67 2.48
C HIS A 82 7.02 -12.54 1.22
N GLU A 83 5.85 -12.42 0.57
CA GLU A 83 5.53 -13.06 -0.71
C GLU A 83 4.47 -12.23 -1.46
N GLY A 84 3.96 -12.74 -2.58
CA GLY A 84 2.87 -12.13 -3.35
C GLY A 84 2.01 -13.14 -4.16
N PRO A 85 2.59 -14.03 -5.00
CA PRO A 85 1.84 -14.77 -6.03
C PRO A 85 1.55 -16.26 -5.74
N GLU A 86 2.31 -16.93 -4.86
CA GLU A 86 2.35 -18.41 -4.72
C GLU A 86 3.35 -18.92 -3.66
N GLY A 87 3.81 -18.06 -2.75
CA GLY A 87 4.77 -18.37 -1.68
C GLY A 87 4.09 -18.50 -0.31
N GLN A 88 4.81 -18.18 0.75
CA GLN A 88 4.32 -18.18 2.14
C GLN A 88 4.82 -16.90 2.82
N GLY A 89 3.95 -16.20 3.57
CA GLY A 89 4.29 -14.90 4.14
C GLY A 89 3.09 -14.10 4.63
N HIS A 90 3.25 -12.77 4.72
CA HIS A 90 2.19 -11.86 5.19
C HIS A 90 0.94 -11.90 4.30
N LEU A 91 -0.25 -11.91 4.91
CA LEU A 91 -1.52 -11.72 4.20
C LEU A 91 -1.76 -10.28 3.74
N GLY A 92 -0.98 -9.30 4.22
CA GLY A 92 -1.07 -7.88 3.86
C GLY A 92 -0.38 -7.49 2.56
N ASP A 93 0.01 -8.43 1.69
CA ASP A 93 0.69 -8.17 0.41
C ASP A 93 -0.25 -8.42 -0.80
N LEU A 94 -0.29 -7.46 -1.74
CA LEU A 94 -1.27 -7.34 -2.84
C LEU A 94 -0.53 -7.10 -4.19
N PRO A 95 -1.19 -7.15 -5.38
CA PRO A 95 -0.50 -7.09 -6.67
C PRO A 95 -0.13 -5.64 -7.05
N VAL A 96 0.93 -5.49 -7.85
CA VAL A 96 1.60 -4.22 -8.14
C VAL A 96 0.67 -3.18 -8.80
N LEU A 97 0.63 -1.99 -8.23
CA LEU A 97 0.03 -0.76 -8.76
C LEU A 97 0.94 -0.22 -9.89
N VAL A 98 0.79 -0.79 -11.09
CA VAL A 98 1.40 -0.27 -12.33
C VAL A 98 0.78 1.09 -12.68
N VAL A 99 1.59 2.04 -13.17
CA VAL A 99 1.23 3.45 -13.41
C VAL A 99 1.52 3.81 -14.88
N ASN A 100 0.80 4.76 -15.47
CA ASN A 100 1.01 5.16 -16.87
C ASN A 100 2.01 6.33 -17.00
N ASN A 101 2.82 6.25 -18.07
CA ASN A 101 3.82 7.16 -18.65
C ASN A 101 3.74 8.65 -18.26
N ASP A 102 2.54 9.23 -18.28
CA ASP A 102 2.28 10.65 -18.04
C ASP A 102 2.48 11.05 -16.57
N GLY A 103 2.26 10.10 -15.65
CA GLY A 103 2.21 10.32 -14.19
C GLY A 103 0.82 10.10 -13.59
N ILE A 104 -0.05 9.36 -14.29
CA ILE A 104 -1.44 9.08 -13.88
C ILE A 104 -1.67 7.57 -13.77
N ALA A 105 -2.31 7.12 -12.69
CA ALA A 105 -2.77 5.73 -12.50
C ALA A 105 -4.29 5.64 -12.75
N THR A 106 -4.73 4.68 -13.57
CA THR A 106 -6.13 4.55 -14.02
C THR A 106 -6.63 3.14 -14.38
N GLU A 107 -5.82 2.08 -14.18
CA GLU A 107 -6.20 0.69 -14.49
C GLU A 107 -6.61 -0.07 -13.21
N PRO A 108 -7.70 -0.88 -13.23
CA PRO A 108 -8.15 -1.69 -12.11
C PRO A 108 -7.23 -2.89 -11.85
N VAL A 109 -7.10 -3.27 -10.58
CA VAL A 109 -6.53 -4.55 -10.11
C VAL A 109 -7.39 -5.12 -8.98
N THR A 110 -7.30 -6.42 -8.67
CA THR A 110 -8.16 -7.07 -7.67
C THR A 110 -7.37 -8.05 -6.81
N ALA A 111 -7.57 -8.02 -5.49
CA ALA A 111 -6.98 -8.98 -4.56
C ALA A 111 -8.05 -9.83 -3.82
N PRO A 112 -8.24 -11.13 -4.18
CA PRO A 112 -9.02 -12.10 -3.40
C PRO A 112 -8.30 -12.55 -2.10
N ARG A 113 -7.24 -11.84 -1.71
CA ARG A 113 -6.44 -12.08 -0.51
C ARG A 113 -7.27 -11.87 0.76
N LEU A 114 -8.11 -10.82 0.74
CA LEU A 114 -9.20 -10.55 1.69
C LEU A 114 -10.51 -10.70 0.91
N LYS A 115 -11.58 -11.07 1.61
CA LYS A 115 -12.90 -11.36 1.01
C LYS A 115 -13.87 -10.17 1.06
N SER A 116 -13.72 -9.19 1.95
CA SER A 116 -14.59 -7.99 1.93
C SER A 116 -13.93 -6.70 2.48
N LEU A 117 -14.53 -5.56 2.11
CA LEU A 117 -14.16 -4.21 2.58
C LEU A 117 -14.28 -4.09 4.11
N ASP A 118 -15.21 -4.84 4.70
CA ASP A 118 -15.53 -4.87 6.13
C ASP A 118 -14.39 -5.48 7.00
N GLU A 119 -13.32 -5.94 6.35
CA GLU A 119 -12.09 -6.45 6.98
C GLU A 119 -10.96 -5.39 7.06
N VAL A 120 -11.07 -4.24 6.37
CA VAL A 120 -10.02 -3.19 6.33
C VAL A 120 -10.44 -1.87 6.97
N LYS A 121 -11.60 -1.81 7.62
CA LYS A 121 -12.22 -0.59 8.16
C LYS A 121 -11.42 0.18 9.23
N ASP A 122 -10.34 -0.39 9.79
CA ASP A 122 -9.46 0.19 10.81
C ASP A 122 -7.99 0.35 10.35
N LYS A 123 -7.72 0.29 9.03
CA LYS A 123 -6.37 0.10 8.47
C LYS A 123 -5.90 1.22 7.52
N ALA A 124 -4.74 1.04 6.90
CA ALA A 124 -4.21 1.87 5.80
C ALA A 124 -3.68 1.01 4.65
N LEU A 125 -3.63 1.59 3.45
CA LEU A 125 -3.10 1.01 2.20
C LEU A 125 -1.93 1.87 1.73
N MET A 126 -0.79 1.26 1.41
CA MET A 126 0.43 1.99 1.02
C MET A 126 0.85 1.65 -0.41
N ILE A 127 1.06 2.68 -1.23
CA ILE A 127 1.65 2.58 -2.58
C ILE A 127 3.17 2.66 -2.44
N HIS A 128 3.81 1.50 -2.55
CA HIS A 128 5.20 1.26 -2.23
C HIS A 128 6.15 1.56 -3.40
N VAL A 129 7.36 2.04 -3.12
CA VAL A 129 8.23 2.66 -4.14
C VAL A 129 8.67 1.69 -5.25
N GLY A 130 8.82 0.39 -4.95
CA GLY A 130 9.09 -0.66 -5.94
C GLY A 130 8.00 -1.72 -5.97
N GLY A 131 7.79 -2.33 -7.15
CA GLY A 131 7.06 -3.58 -7.36
C GLY A 131 7.59 -4.73 -6.50
N ASP A 132 6.69 -5.64 -6.17
CA ASP A 132 6.64 -6.26 -4.85
C ASP A 132 7.25 -7.69 -4.80
N ASN A 133 7.76 -8.19 -5.93
CA ASN A 133 8.22 -9.59 -6.07
C ASN A 133 9.64 -9.88 -5.54
N MET A 134 10.39 -8.85 -5.13
CA MET A 134 11.77 -8.97 -4.62
C MET A 134 11.76 -9.29 -3.12
N SER A 135 12.14 -10.52 -2.75
CA SER A 135 12.05 -11.04 -1.38
C SER A 135 13.31 -11.81 -0.94
N ASP A 136 13.86 -12.70 -1.78
CA ASP A 136 15.07 -13.46 -1.46
C ASP A 136 16.33 -12.63 -1.75
N GLN A 137 16.67 -11.74 -0.80
CA GLN A 137 17.81 -10.81 -0.79
C GLN A 137 17.75 -9.90 0.46
N PRO A 138 18.89 -9.47 1.04
CA PRO A 138 18.93 -8.84 2.38
C PRO A 138 18.23 -7.49 2.45
N LYS A 139 18.16 -6.74 1.34
CA LYS A 139 17.28 -5.58 1.18
C LYS A 139 16.15 -5.94 0.17
N PRO A 140 15.02 -6.51 0.63
CA PRO A 140 13.90 -6.86 -0.23
C PRO A 140 13.21 -5.61 -0.78
N LEU A 141 12.32 -5.80 -1.75
CA LEU A 141 11.56 -4.76 -2.48
C LEU A 141 12.46 -3.86 -3.35
N GLY A 142 13.76 -4.16 -3.48
CA GLY A 142 14.72 -3.36 -4.27
C GLY A 142 15.02 -1.98 -3.65
N GLY A 143 14.88 -1.88 -2.32
CA GLY A 143 14.84 -0.60 -1.58
C GLY A 143 13.42 -0.03 -1.44
N GLY A 144 12.43 -0.61 -2.13
CA GLY A 144 11.03 -0.18 -2.19
C GLY A 144 10.21 -0.40 -0.91
N GLY A 145 10.87 -0.52 0.26
CA GLY A 145 10.23 -0.45 1.58
C GLY A 145 9.73 0.96 1.91
N THR A 146 10.27 1.98 1.23
CA THR A 146 9.70 3.33 1.12
C THR A 146 8.37 3.31 0.37
N ARG A 147 7.54 4.32 0.60
CA ARG A 147 6.19 4.44 0.02
C ARG A 147 5.94 5.87 -0.46
N TYR A 148 5.32 6.02 -1.64
CA TYR A 148 5.04 7.32 -2.28
C TYR A 148 3.76 7.96 -1.70
N ALA A 149 2.75 7.14 -1.42
CA ALA A 149 1.46 7.58 -0.88
C ALA A 149 0.84 6.54 0.06
N CYS A 150 0.08 7.03 1.04
CA CYS A 150 -0.67 6.24 2.02
C CYS A 150 -2.13 6.70 2.07
N GLY A 151 -3.01 5.74 2.32
CA GLY A 151 -4.47 5.86 2.33
C GLY A 151 -5.06 5.22 3.60
N VAL A 152 -5.22 5.99 4.65
CA VAL A 152 -5.98 5.62 5.87
C VAL A 152 -7.50 5.44 5.58
N ILE A 153 -8.10 4.42 6.19
CA ILE A 153 -9.48 3.94 5.92
C ILE A 153 -10.42 4.26 7.11
N LYS A 154 -11.72 4.45 6.84
CA LYS A 154 -12.77 4.57 7.87
C LYS A 154 -13.57 3.27 8.07
N ALA A 1 -20.34 -4.14 -1.57
CA ALA A 1 -20.45 -2.67 -1.53
C ALA A 1 -19.12 -2.06 -2.01
N SER A 2 -18.80 -0.83 -1.62
CA SER A 2 -17.65 -0.06 -2.13
C SER A 2 -17.27 1.04 -1.14
N GLU A 3 -16.01 1.48 -1.13
CA GLU A 3 -15.54 2.65 -0.38
C GLU A 3 -14.36 3.32 -1.13
N LYS A 4 -14.50 4.61 -1.39
CA LYS A 4 -13.51 5.47 -2.05
C LYS A 4 -12.48 5.98 -1.03
N VAL A 5 -11.22 5.53 -1.08
CA VAL A 5 -10.22 5.99 -0.10
C VAL A 5 -9.34 7.08 -0.72
N GLY A 6 -9.30 8.23 -0.04
CA GLY A 6 -8.42 9.36 -0.32
C GLY A 6 -7.00 9.08 0.13
N MET A 7 -6.11 8.93 -0.84
CA MET A 7 -4.69 8.62 -0.61
C MET A 7 -3.84 9.91 -0.65
N ASN A 8 -2.96 10.12 0.34
CA ASN A 8 -2.10 11.30 0.45
C ASN A 8 -0.61 10.93 0.29
N LEU A 9 0.16 11.80 -0.37
CA LEU A 9 1.62 11.69 -0.45
C LEU A 9 2.20 11.87 0.96
N VAL A 10 3.20 11.07 1.36
CA VAL A 10 3.85 11.14 2.69
C VAL A 10 5.35 11.00 2.59
N THR A 11 6.09 11.72 3.44
CA THR A 11 7.56 11.89 3.34
C THR A 11 8.18 12.41 4.64
N ALA A 12 8.24 11.53 5.64
CA ALA A 12 9.06 11.61 6.87
C ALA A 12 8.59 12.65 7.91
N GLN A 13 8.05 13.78 7.46
CA GLN A 13 7.46 14.83 8.29
C GLN A 13 6.11 14.34 8.87
N GLY A 14 5.39 13.51 8.10
CA GLY A 14 4.00 13.11 8.35
C GLY A 14 3.17 13.13 7.08
N VAL A 15 1.85 13.22 7.26
CA VAL A 15 0.85 13.43 6.18
C VAL A 15 1.20 14.68 5.36
N GLY A 16 1.28 14.51 4.03
CA GLY A 16 1.38 15.58 3.04
C GLY A 16 0.04 15.86 2.36
N GLN A 17 0.04 16.04 1.04
CA GLN A 17 -1.16 16.39 0.27
C GLN A 17 -1.57 15.28 -0.71
N SER A 18 -2.79 15.36 -1.24
CA SER A 18 -3.31 14.39 -2.21
C SER A 18 -3.34 14.90 -3.67
N ILE A 19 -3.45 13.93 -4.57
CA ILE A 19 -3.40 13.98 -6.04
C ILE A 19 -4.30 12.91 -6.73
N GLY A 20 -5.06 12.17 -5.92
CA GLY A 20 -5.92 11.05 -6.35
C GLY A 20 -6.51 10.28 -5.17
N THR A 21 -7.71 9.74 -5.34
CA THR A 21 -8.28 8.68 -4.48
C THR A 21 -8.11 7.35 -5.19
N VAL A 22 -8.56 6.27 -4.57
CA VAL A 22 -8.80 4.97 -5.23
C VAL A 22 -10.18 4.48 -4.81
N VAL A 23 -10.97 4.01 -5.77
CA VAL A 23 -12.23 3.29 -5.46
C VAL A 23 -11.91 1.84 -5.12
N ILE A 24 -12.32 1.42 -3.92
CA ILE A 24 -12.24 0.03 -3.49
C ILE A 24 -13.63 -0.57 -3.48
N ASP A 25 -13.76 -1.76 -4.04
CA ASP A 25 -15.03 -2.41 -4.37
C ASP A 25 -14.88 -3.89 -4.05
N GLU A 26 -15.78 -4.40 -3.23
CA GLU A 26 -15.66 -5.72 -2.60
C GLU A 26 -16.53 -6.73 -3.35
N THR A 27 -15.95 -7.87 -3.75
CA THR A 27 -16.65 -8.83 -4.62
C THR A 27 -16.15 -10.27 -4.39
N GLU A 28 -16.61 -11.24 -5.18
CA GLU A 28 -16.13 -12.64 -5.12
C GLU A 28 -14.63 -12.77 -5.48
N GLY A 29 -14.09 -11.81 -6.24
CA GLY A 29 -12.64 -11.63 -6.46
C GLY A 29 -11.95 -10.78 -5.39
N GLY A 30 -12.65 -10.48 -4.31
CA GLY A 30 -12.19 -9.72 -3.16
C GLY A 30 -12.18 -8.23 -3.40
N LEU A 31 -11.16 -7.56 -2.90
CA LEU A 31 -10.98 -6.11 -3.00
C LEU A 31 -10.47 -5.72 -4.39
N LYS A 32 -11.39 -5.40 -5.29
CA LYS A 32 -11.17 -4.76 -6.57
C LYS A 32 -10.83 -3.27 -6.33
N PHE A 33 -9.77 -2.79 -6.96
CA PHE A 33 -9.11 -1.52 -6.74
C PHE A 33 -9.00 -0.78 -8.08
N THR A 34 -9.79 0.28 -8.35
CA THR A 34 -9.66 1.04 -9.61
C THR A 34 -8.98 2.37 -9.29
N PRO A 35 -7.70 2.54 -9.67
CA PRO A 35 -6.94 3.74 -9.36
C PRO A 35 -7.33 4.88 -10.29
N HIS A 36 -7.10 6.10 -9.84
CA HIS A 36 -7.37 7.33 -10.59
C HIS A 36 -6.47 8.48 -10.10
N LEU A 37 -5.21 8.13 -9.80
CA LEU A 37 -4.14 9.01 -9.32
C LEU A 37 -3.26 9.49 -10.45
N LYS A 38 -2.74 10.69 -10.26
CA LYS A 38 -1.70 11.28 -11.10
C LYS A 38 -0.59 11.85 -10.22
N ALA A 39 0.54 12.07 -10.87
CA ALA A 39 1.81 12.62 -10.36
C ALA A 39 2.80 11.53 -9.90
N LEU A 40 2.67 10.29 -10.41
CA LEU A 40 3.52 9.14 -10.07
C LEU A 40 4.20 8.56 -11.27
N PRO A 41 5.37 7.94 -11.04
CA PRO A 41 6.16 7.68 -12.17
C PRO A 41 5.62 6.49 -12.98
N PRO A 42 5.70 6.55 -14.33
CA PRO A 42 4.85 5.85 -15.32
C PRO A 42 5.25 4.40 -15.58
N GLY A 43 5.78 3.76 -14.54
CA GLY A 43 6.12 2.35 -14.52
C GLY A 43 5.08 1.55 -13.75
N GLU A 44 5.60 0.77 -12.81
CA GLU A 44 4.91 -0.13 -11.91
C GLU A 44 5.16 0.26 -10.46
N HIS A 45 4.16 0.06 -9.59
CA HIS A 45 4.20 0.46 -8.18
C HIS A 45 3.57 -0.59 -7.28
N GLY A 46 4.30 -1.07 -6.27
CA GLY A 46 3.75 -1.89 -5.20
C GLY A 46 2.52 -1.24 -4.55
N PHE A 47 1.61 -2.07 -4.07
CA PHE A 47 0.38 -1.69 -3.38
C PHE A 47 0.26 -2.62 -2.15
N HIS A 48 0.07 -2.10 -0.93
CA HIS A 48 -0.35 -2.93 0.24
C HIS A 48 -1.54 -2.42 1.07
N ILE A 49 -2.05 -3.32 1.94
CA ILE A 49 -2.81 -3.01 3.17
C ILE A 49 -1.86 -3.15 4.38
N HIS A 50 -2.09 -2.32 5.40
CA HIS A 50 -1.21 -2.14 6.57
C HIS A 50 -2.00 -2.39 7.87
N ALA A 51 -1.32 -2.75 8.96
CA ALA A 51 -1.96 -3.36 10.13
C ALA A 51 -2.82 -2.41 10.97
N ASN A 52 -2.39 -1.16 11.14
CA ASN A 52 -3.13 -0.08 11.79
C ASN A 52 -3.45 1.07 10.79
N GLY A 53 -4.11 2.14 11.25
CA GLY A 53 -4.77 3.12 10.38
C GLY A 53 -4.43 4.59 10.63
N SER A 54 -3.14 4.96 10.69
CA SER A 54 -2.73 6.38 10.76
C SER A 54 -1.33 6.61 10.18
N CYS A 55 -1.19 7.50 9.20
CA CYS A 55 0.03 7.73 8.42
C CYS A 55 1.21 8.38 9.20
N GLN A 56 1.02 8.73 10.47
CA GLN A 56 1.90 9.67 11.17
C GLN A 56 3.15 8.97 11.75
N PRO A 57 4.37 9.55 11.63
CA PRO A 57 5.60 8.99 12.17
C PRO A 57 6.00 9.59 13.53
N ALA A 58 6.86 8.86 14.25
CA ALA A 58 7.75 9.39 15.28
C ALA A 58 9.20 9.50 14.77
N ILE A 59 10.10 10.02 15.60
CA ILE A 59 11.56 10.05 15.35
C ILE A 59 12.25 9.11 16.35
N LYS A 60 13.03 8.15 15.83
CA LYS A 60 13.99 7.32 16.57
C LYS A 60 15.43 7.80 16.28
N ASP A 61 16.43 7.13 16.86
CA ASP A 61 17.84 7.54 16.79
C ASP A 61 18.34 7.81 15.35
N GLY A 62 18.48 9.08 14.99
CA GLY A 62 18.93 9.55 13.68
C GLY A 62 17.96 9.29 12.53
N GLN A 63 16.66 9.02 12.78
CA GLN A 63 15.75 8.55 11.73
C GLN A 63 14.25 8.79 12.02
N ALA A 64 13.51 9.28 11.02
CA ALA A 64 12.05 9.38 11.07
C ALA A 64 11.41 8.02 10.73
N VAL A 65 10.47 7.54 11.54
CA VAL A 65 9.90 6.18 11.48
C VAL A 65 8.80 6.07 10.40
N ALA A 66 9.11 6.55 9.18
CA ALA A 66 8.43 6.39 7.88
C ALA A 66 6.99 6.92 7.75
N ALA A 67 6.11 6.43 8.62
CA ALA A 67 4.64 6.46 8.73
C ALA A 67 4.29 5.34 9.73
N GLU A 68 4.32 5.65 11.04
CA GLU A 68 4.53 4.66 12.11
C GLU A 68 3.21 4.00 12.53
N ALA A 69 2.18 4.79 12.81
CA ALA A 69 0.87 4.31 13.28
C ALA A 69 0.03 3.56 12.21
N ALA A 70 0.69 3.16 11.11
CA ALA A 70 0.21 2.20 10.13
C ALA A 70 0.59 0.74 10.48
N GLY A 71 1.52 0.50 11.41
CA GLY A 71 1.76 -0.83 11.98
C GLY A 71 2.53 -1.83 11.10
N GLY A 72 3.10 -1.40 9.97
CA GLY A 72 3.69 -2.30 8.98
C GLY A 72 2.64 -2.99 8.09
N HIS A 73 3.03 -4.03 7.35
CA HIS A 73 2.09 -4.81 6.53
C HIS A 73 1.03 -5.50 7.40
N LEU A 74 -0.18 -5.72 6.88
CA LEU A 74 -1.19 -6.48 7.59
C LEU A 74 -0.79 -7.97 7.71
N ASP A 75 -0.46 -8.35 8.94
CA ASP A 75 -0.33 -9.70 9.52
C ASP A 75 -0.06 -9.57 11.04
N PRO A 76 -0.30 -10.63 11.85
CA PRO A 76 -0.23 -10.53 13.31
C PRO A 76 1.15 -10.81 13.93
N GLN A 77 2.09 -11.48 13.26
CA GLN A 77 3.28 -12.09 13.90
C GLN A 77 4.25 -12.86 12.98
N ASN A 78 3.97 -13.00 11.69
CA ASN A 78 4.35 -14.17 10.88
C ASN A 78 5.86 -14.45 10.82
N THR A 79 6.65 -13.40 10.52
CA THR A 79 8.11 -13.36 10.24
C THR A 79 8.46 -12.05 9.53
N GLY A 80 9.74 -11.76 9.36
CA GLY A 80 10.25 -10.64 8.56
C GLY A 80 10.28 -10.93 7.05
N LYS A 81 10.18 -12.19 6.63
CA LYS A 81 10.14 -12.55 5.20
C LYS A 81 8.84 -12.00 4.54
N HIS A 82 8.92 -11.59 3.27
CA HIS A 82 7.86 -10.86 2.58
C HIS A 82 7.30 -11.64 1.38
N GLU A 83 5.99 -11.53 1.14
CA GLU A 83 5.23 -12.46 0.30
C GLU A 83 5.53 -12.26 -1.19
N GLY A 84 6.09 -13.31 -1.80
CA GLY A 84 6.29 -13.43 -3.25
C GLY A 84 5.10 -14.10 -3.95
N PRO A 85 5.06 -14.11 -5.30
CA PRO A 85 3.90 -14.48 -6.11
C PRO A 85 3.47 -15.97 -6.02
N GLU A 86 4.21 -16.80 -5.28
CA GLU A 86 3.90 -18.19 -4.91
C GLU A 86 4.74 -18.63 -3.69
N GLY A 87 5.10 -17.66 -2.83
CA GLY A 87 5.91 -17.79 -1.61
C GLY A 87 5.09 -17.49 -0.34
N GLN A 88 5.69 -16.83 0.66
CA GLN A 88 5.01 -16.47 1.91
C GLN A 88 5.60 -15.20 2.55
N GLY A 89 4.75 -14.43 3.23
CA GLY A 89 5.09 -13.32 4.12
C GLY A 89 3.91 -12.83 4.95
N HIS A 90 3.18 -11.83 4.43
CA HIS A 90 2.15 -11.07 5.15
C HIS A 90 0.89 -10.92 4.27
N LEU A 91 -0.32 -11.15 4.79
CA LEU A 91 -1.54 -11.22 3.96
C LEU A 91 -1.94 -9.90 3.30
N GLY A 92 -1.50 -8.76 3.84
CA GLY A 92 -1.67 -7.42 3.25
C GLY A 92 -0.75 -7.10 2.08
N ASP A 93 0.17 -8.00 1.71
CA ASP A 93 0.97 -7.91 0.48
C ASP A 93 0.07 -8.23 -0.74
N LEU A 94 0.17 -7.40 -1.79
CA LEU A 94 -0.92 -7.11 -2.75
C LEU A 94 -0.34 -6.85 -4.17
N PRO A 95 -1.16 -6.89 -5.23
CA PRO A 95 -0.69 -6.91 -6.63
C PRO A 95 -0.17 -5.55 -7.07
N VAL A 96 0.86 -5.54 -7.92
CA VAL A 96 1.57 -4.31 -8.33
C VAL A 96 0.69 -3.50 -9.29
N LEU A 97 0.59 -2.21 -8.96
CA LEU A 97 -0.25 -1.15 -9.50
C LEU A 97 0.42 -0.51 -10.75
N VAL A 98 -0.28 -0.46 -11.88
CA VAL A 98 0.29 -0.03 -13.19
C VAL A 98 -0.02 1.45 -13.48
N VAL A 99 0.97 2.16 -14.04
CA VAL A 99 0.97 3.62 -14.29
C VAL A 99 1.38 3.85 -15.76
N ASN A 100 0.77 4.82 -16.45
CA ASN A 100 1.07 5.17 -17.85
C ASN A 100 1.91 6.46 -17.96
N ASN A 101 2.62 6.63 -19.09
CA ASN A 101 3.57 7.72 -19.40
C ASN A 101 2.92 9.08 -19.76
N ASP A 102 2.01 9.47 -18.87
CA ASP A 102 1.67 10.87 -18.56
C ASP A 102 1.74 11.13 -17.03
N GLY A 103 2.11 10.10 -16.23
CA GLY A 103 2.24 10.13 -14.78
C GLY A 103 0.98 9.69 -14.02
N ILE A 104 0.14 8.83 -14.63
CA ILE A 104 -1.24 8.54 -14.19
C ILE A 104 -1.42 7.03 -13.99
N ALA A 105 -2.11 6.59 -12.94
CA ALA A 105 -2.59 5.20 -12.80
C ALA A 105 -4.10 5.14 -13.02
N THR A 106 -4.54 4.25 -13.93
CA THR A 106 -5.95 4.14 -14.35
C THR A 106 -6.39 2.73 -14.75
N GLU A 107 -5.55 1.71 -14.50
CA GLU A 107 -5.86 0.29 -14.77
C GLU A 107 -6.27 -0.43 -13.48
N PRO A 108 -7.39 -1.19 -13.46
CA PRO A 108 -7.88 -1.84 -12.27
C PRO A 108 -7.09 -3.13 -11.94
N VAL A 109 -6.85 -3.34 -10.64
CA VAL A 109 -6.22 -4.54 -10.06
C VAL A 109 -7.08 -5.06 -8.90
N THR A 110 -6.94 -6.33 -8.48
CA THR A 110 -7.89 -7.00 -7.58
C THR A 110 -7.18 -7.95 -6.62
N ALA A 111 -7.50 -7.89 -5.32
CA ALA A 111 -6.93 -8.73 -4.27
C ALA A 111 -7.95 -9.76 -3.70
N PRO A 112 -7.96 -11.03 -4.17
CA PRO A 112 -8.91 -12.07 -3.76
C PRO A 112 -8.64 -12.71 -2.39
N ARG A 113 -7.55 -12.33 -1.72
CA ARG A 113 -7.18 -12.84 -0.37
C ARG A 113 -7.80 -12.04 0.78
N LEU A 114 -8.55 -10.98 0.44
CA LEU A 114 -9.50 -10.24 1.28
C LEU A 114 -10.91 -10.41 0.64
N LYS A 115 -11.98 -10.00 1.33
CA LYS A 115 -13.35 -10.09 0.80
C LYS A 115 -14.38 -9.07 1.32
N SER A 116 -13.98 -8.09 2.13
CA SER A 116 -14.81 -6.93 2.51
C SER A 116 -13.99 -5.72 3.00
N LEU A 117 -14.62 -4.54 3.12
CA LEU A 117 -14.05 -3.43 3.90
C LEU A 117 -14.05 -3.74 5.41
N ASP A 118 -14.87 -4.68 5.90
CA ASP A 118 -15.08 -4.96 7.33
C ASP A 118 -13.80 -5.42 8.06
N GLU A 119 -12.91 -6.19 7.40
CA GLU A 119 -11.59 -6.52 7.94
C GLU A 119 -10.61 -5.32 8.03
N VAL A 120 -10.92 -4.19 7.40
CA VAL A 120 -9.99 -3.04 7.24
C VAL A 120 -10.58 -1.70 7.76
N LYS A 121 -11.65 -1.77 8.57
CA LYS A 121 -12.39 -0.66 9.21
C LYS A 121 -11.63 0.16 10.28
N ASP A 122 -10.31 0.12 10.29
CA ASP A 122 -9.38 0.73 11.26
C ASP A 122 -7.93 0.73 10.72
N LYS A 123 -7.77 0.72 9.39
CA LYS A 123 -6.49 0.47 8.71
C LYS A 123 -6.19 1.45 7.57
N ALA A 124 -4.96 1.39 7.04
CA ALA A 124 -4.50 2.17 5.89
C ALA A 124 -4.13 1.28 4.69
N LEU A 125 -4.16 1.89 3.50
CA LEU A 125 -3.63 1.38 2.24
C LEU A 125 -2.39 2.21 1.88
N MET A 126 -1.30 1.57 1.46
CA MET A 126 -0.05 2.26 1.11
C MET A 126 0.35 1.98 -0.34
N ILE A 127 0.82 3.02 -1.02
CA ILE A 127 1.33 2.94 -2.40
C ILE A 127 2.85 3.17 -2.40
N HIS A 128 3.54 2.28 -3.12
CA HIS A 128 4.93 1.92 -2.94
C HIS A 128 5.73 2.08 -4.25
N VAL A 129 6.93 2.68 -4.18
CA VAL A 129 7.56 3.45 -5.27
C VAL A 129 8.09 2.61 -6.45
N GLY A 130 8.23 1.29 -6.24
CA GLY A 130 8.37 0.29 -7.30
C GLY A 130 7.57 -0.95 -6.92
N GLY A 131 7.40 -1.89 -7.86
CA GLY A 131 6.95 -3.26 -7.58
C GLY A 131 7.86 -3.97 -6.57
N ASP A 132 7.28 -4.84 -5.75
CA ASP A 132 7.63 -4.91 -4.32
C ASP A 132 7.73 -6.35 -3.76
N ASN A 133 7.07 -7.32 -4.41
CA ASN A 133 6.89 -8.72 -3.97
C ASN A 133 8.15 -9.62 -4.05
N MET A 134 9.29 -9.13 -3.55
CA MET A 134 10.59 -9.81 -3.56
C MET A 134 10.99 -10.36 -2.19
N SER A 135 11.45 -11.61 -2.17
CA SER A 135 11.84 -12.37 -0.97
C SER A 135 13.36 -12.41 -0.70
N ASP A 136 14.20 -12.47 -1.74
CA ASP A 136 15.59 -12.90 -1.67
C ASP A 136 16.62 -11.75 -1.52
N GLN A 137 16.13 -10.50 -1.42
CA GLN A 137 16.97 -9.31 -1.30
C GLN A 137 17.30 -9.01 0.18
N PRO A 138 18.51 -8.51 0.50
CA PRO A 138 18.96 -8.32 1.88
C PRO A 138 18.17 -7.23 2.61
N LYS A 139 17.87 -6.09 1.95
CA LYS A 139 16.76 -5.24 2.36
C LYS A 139 15.43 -5.77 1.79
N PRO A 140 14.33 -5.81 2.57
CA PRO A 140 13.03 -6.27 2.10
C PRO A 140 12.41 -5.27 1.12
N LEU A 141 11.35 -5.69 0.42
CA LEU A 141 10.63 -4.90 -0.61
C LEU A 141 11.53 -4.64 -1.84
N GLY A 142 12.44 -5.60 -2.12
CA GLY A 142 13.53 -5.45 -3.11
C GLY A 142 14.66 -4.52 -2.66
N GLY A 143 14.50 -3.83 -1.53
CA GLY A 143 15.41 -2.82 -1.00
C GLY A 143 15.11 -1.40 -1.49
N GLY A 144 14.39 -1.27 -2.61
CA GLY A 144 13.98 0.01 -3.20
C GLY A 144 12.51 0.39 -2.97
N GLY A 145 11.71 -0.48 -2.33
CA GLY A 145 10.26 -0.33 -2.13
C GLY A 145 9.83 0.70 -1.08
N THR A 146 10.41 1.90 -1.11
CA THR A 146 9.99 3.10 -0.34
C THR A 146 8.54 3.47 -0.70
N ARG A 147 7.82 4.21 0.15
CA ARG A 147 6.46 4.70 -0.15
C ARG A 147 6.45 5.97 -1.03
N TYR A 148 5.41 6.17 -1.84
CA TYR A 148 5.00 7.52 -2.28
C TYR A 148 3.77 8.01 -1.48
N ALA A 149 2.84 7.13 -1.05
CA ALA A 149 1.58 7.54 -0.42
C ALA A 149 0.99 6.59 0.66
N CYS A 150 0.24 7.18 1.58
CA CYS A 150 -0.69 6.58 2.55
C CYS A 150 -2.15 6.71 2.04
N GLY A 151 -3.12 6.25 2.82
CA GLY A 151 -4.56 6.32 2.59
C GLY A 151 -5.35 5.59 3.69
N VAL A 152 -5.72 6.31 4.74
CA VAL A 152 -6.55 5.79 5.87
C VAL A 152 -7.98 5.54 5.38
N ILE A 153 -8.54 4.38 5.74
CA ILE A 153 -9.85 3.92 5.26
C ILE A 153 -10.98 4.57 6.05
N LYS A 154 -11.96 5.17 5.35
CA LYS A 154 -13.04 5.96 5.94
C LYS A 154 -14.37 5.78 5.17
N ALA A 1 -19.40 -3.89 -2.50
CA ALA A 1 -19.55 -2.88 -1.43
C ALA A 1 -18.41 -1.86 -1.55
N SER A 2 -18.70 -0.57 -1.69
CA SER A 2 -17.72 0.46 -2.07
C SER A 2 -17.15 1.23 -0.88
N GLU A 3 -15.89 1.66 -1.02
CA GLU A 3 -15.24 2.66 -0.17
C GLU A 3 -14.13 3.35 -0.97
N LYS A 4 -14.26 4.67 -1.20
CA LYS A 4 -13.32 5.46 -1.95
C LYS A 4 -12.36 6.17 -0.98
N VAL A 5 -11.09 5.75 -0.91
CA VAL A 5 -10.13 6.27 0.07
C VAL A 5 -9.28 7.38 -0.55
N GLY A 6 -9.27 8.54 0.09
CA GLY A 6 -8.40 9.67 -0.22
C GLY A 6 -6.96 9.35 0.17
N MET A 7 -6.10 9.25 -0.83
CA MET A 7 -4.65 9.03 -0.65
C MET A 7 -3.87 10.33 -0.74
N ASN A 8 -3.02 10.58 0.24
CA ASN A 8 -2.13 11.73 0.32
C ASN A 8 -0.67 11.31 0.06
N LEU A 9 0.11 12.21 -0.54
CA LEU A 9 1.54 12.05 -0.81
C LEU A 9 2.31 11.99 0.53
N VAL A 10 3.31 11.13 0.65
CA VAL A 10 4.10 10.95 1.91
C VAL A 10 5.60 10.89 1.63
N THR A 11 6.45 11.23 2.62
CA THR A 11 7.91 11.37 2.43
C THR A 11 8.69 11.44 3.76
N ALA A 12 8.50 10.43 4.62
CA ALA A 12 9.21 10.22 5.92
C ALA A 12 8.80 11.22 7.00
N GLN A 13 8.55 12.48 6.67
CA GLN A 13 8.16 13.53 7.60
C GLN A 13 6.69 13.41 8.04
N GLY A 14 5.85 12.73 7.25
CA GLY A 14 4.42 12.57 7.48
C GLY A 14 3.58 12.74 6.21
N VAL A 15 2.30 13.02 6.42
CA VAL A 15 1.27 13.19 5.39
C VAL A 15 1.33 14.59 4.77
N GLY A 16 1.35 14.65 3.44
CA GLY A 16 1.29 15.87 2.64
C GLY A 16 -0.13 16.20 2.20
N GLN A 17 -0.28 16.58 0.93
CA GLN A 17 -1.57 16.80 0.28
C GLN A 17 -1.94 15.64 -0.66
N SER A 18 -3.16 15.64 -1.19
CA SER A 18 -3.63 14.66 -2.16
C SER A 18 -3.80 15.25 -3.58
N ILE A 19 -3.44 14.46 -4.61
CA ILE A 19 -3.78 14.64 -6.03
C ILE A 19 -4.60 13.44 -6.55
N GLY A 20 -5.27 12.73 -5.64
CA GLY A 20 -6.37 11.86 -6.01
C GLY A 20 -6.80 10.87 -4.92
N THR A 21 -7.90 10.15 -5.15
CA THR A 21 -8.35 9.02 -4.32
C THR A 21 -8.00 7.70 -5.02
N VAL A 22 -8.36 6.60 -4.39
CA VAL A 22 -8.50 5.28 -5.02
C VAL A 22 -9.83 4.70 -4.56
N VAL A 23 -10.60 4.12 -5.50
CA VAL A 23 -11.83 3.42 -5.16
C VAL A 23 -11.56 1.95 -4.85
N ILE A 24 -12.04 1.48 -3.69
CA ILE A 24 -12.20 0.05 -3.41
C ILE A 24 -13.67 -0.33 -3.64
N ASP A 25 -13.92 -1.42 -4.35
CA ASP A 25 -15.17 -2.20 -4.25
C ASP A 25 -14.88 -3.64 -3.81
N GLU A 26 -15.57 -4.11 -2.77
CA GLU A 26 -15.67 -5.51 -2.44
C GLU A 26 -16.48 -6.23 -3.52
N THR A 27 -15.90 -7.24 -4.15
CA THR A 27 -16.61 -8.03 -5.16
C THR A 27 -16.34 -9.51 -4.96
N GLU A 28 -16.88 -10.39 -5.80
CA GLU A 28 -16.68 -11.84 -5.68
C GLU A 28 -15.17 -12.17 -5.64
N GLY A 29 -14.40 -11.56 -6.55
CA GLY A 29 -12.94 -11.65 -6.61
C GLY A 29 -12.18 -10.73 -5.65
N GLY A 30 -12.86 -10.22 -4.63
CA GLY A 30 -12.30 -9.43 -3.52
C GLY A 30 -12.18 -7.95 -3.80
N LEU A 31 -11.12 -7.32 -3.28
CA LEU A 31 -10.98 -5.85 -3.30
C LEU A 31 -10.53 -5.36 -4.68
N LYS A 32 -11.50 -4.88 -5.46
CA LYS A 32 -11.30 -4.14 -6.71
C LYS A 32 -10.76 -2.74 -6.43
N PHE A 33 -9.48 -2.52 -6.75
CA PHE A 33 -8.74 -1.28 -6.55
C PHE A 33 -8.65 -0.51 -7.87
N THR A 34 -9.39 0.61 -8.03
CA THR A 34 -9.29 1.46 -9.23
C THR A 34 -8.78 2.85 -8.82
N PRO A 35 -7.54 3.23 -9.22
CA PRO A 35 -6.94 4.51 -8.87
C PRO A 35 -7.38 5.63 -9.82
N HIS A 36 -7.12 6.88 -9.45
CA HIS A 36 -7.40 8.02 -10.33
C HIS A 36 -6.45 9.24 -10.13
N LEU A 37 -5.28 9.04 -9.50
CA LEU A 37 -4.33 10.10 -9.13
C LEU A 37 -3.46 10.52 -10.32
N LYS A 38 -3.19 11.83 -10.47
CA LYS A 38 -2.61 12.39 -11.72
C LYS A 38 -1.21 13.00 -11.59
N ALA A 39 -0.39 12.40 -10.75
CA ALA A 39 0.85 13.00 -10.26
C ALA A 39 1.81 11.94 -9.66
N LEU A 40 2.06 10.84 -10.37
CA LEU A 40 3.02 9.80 -9.94
C LEU A 40 3.86 9.29 -11.10
N PRO A 41 5.04 8.70 -10.81
CA PRO A 41 5.93 8.30 -11.87
C PRO A 41 5.37 7.09 -12.64
N PRO A 42 5.52 7.02 -13.97
CA PRO A 42 4.67 6.22 -14.88
C PRO A 42 5.15 4.76 -15.04
N GLY A 43 5.59 4.18 -13.93
CA GLY A 43 6.10 2.82 -13.84
C GLY A 43 5.25 1.89 -12.97
N GLU A 44 5.89 0.81 -12.54
CA GLU A 44 5.36 -0.24 -11.67
C GLU A 44 5.59 0.09 -10.19
N HIS A 45 4.58 -0.14 -9.35
CA HIS A 45 4.58 0.25 -7.94
C HIS A 45 3.94 -0.84 -7.11
N GLY A 46 4.43 -1.11 -5.91
CA GLY A 46 3.74 -1.98 -4.95
C GLY A 46 2.43 -1.36 -4.45
N PHE A 47 1.55 -2.19 -3.89
CA PHE A 47 0.37 -1.79 -3.10
C PHE A 47 0.22 -2.84 -1.99
N HIS A 48 0.18 -2.43 -0.73
CA HIS A 48 -0.29 -3.32 0.37
C HIS A 48 -1.25 -2.66 1.39
N ILE A 49 -1.90 -3.50 2.19
CA ILE A 49 -2.53 -3.16 3.47
C ILE A 49 -1.52 -3.36 4.61
N HIS A 50 -1.64 -2.54 5.65
CA HIS A 50 -0.81 -2.58 6.85
C HIS A 50 -1.71 -2.67 8.11
N ALA A 51 -1.15 -3.11 9.24
CA ALA A 51 -1.94 -3.61 10.38
C ALA A 51 -2.80 -2.57 11.13
N ASN A 52 -2.50 -1.28 10.99
CA ASN A 52 -3.18 -0.15 11.65
C ASN A 52 -3.49 1.02 10.69
N GLY A 53 -4.33 1.96 11.12
CA GLY A 53 -4.80 3.10 10.32
C GLY A 53 -4.28 4.43 10.85
N SER A 54 -3.07 4.83 10.47
CA SER A 54 -2.38 6.06 10.90
C SER A 54 -1.08 6.26 10.09
N CYS A 55 -1.14 6.96 8.94
CA CYS A 55 -0.02 7.28 8.03
C CYS A 55 1.07 8.20 8.64
N GLN A 56 1.50 7.94 9.88
CA GLN A 56 2.36 8.83 10.66
C GLN A 56 3.70 8.13 11.00
N PRO A 57 4.84 8.84 10.89
CA PRO A 57 6.16 8.33 11.25
C PRO A 57 6.42 8.47 12.75
N ALA A 58 7.50 7.82 13.21
CA ALA A 58 8.20 8.21 14.44
C ALA A 58 9.37 9.15 14.09
N ILE A 59 9.65 10.13 14.95
CA ILE A 59 10.79 11.06 14.83
C ILE A 59 11.80 10.72 15.94
N LYS A 60 13.02 10.31 15.58
CA LYS A 60 13.97 9.62 16.47
C LYS A 60 15.37 9.59 15.83
N ASP A 61 16.44 9.67 16.63
CA ASP A 61 17.85 9.56 16.16
C ASP A 61 18.26 10.69 15.18
N GLY A 62 17.53 11.82 15.16
CA GLY A 62 17.74 12.92 14.21
C GLY A 62 17.13 12.69 12.83
N GLN A 63 16.26 11.69 12.69
CA GLN A 63 15.65 11.26 11.42
C GLN A 63 14.18 10.84 11.64
N ALA A 64 13.45 10.53 10.56
CA ALA A 64 12.08 10.06 10.64
C ALA A 64 11.93 8.62 10.10
N VAL A 65 10.95 7.89 10.62
CA VAL A 65 10.66 6.48 10.27
C VAL A 65 9.45 6.43 9.31
N ALA A 66 9.75 6.38 8.00
CA ALA A 66 8.83 6.28 6.84
C ALA A 66 7.35 6.60 7.13
N ALA A 67 6.60 5.59 7.58
CA ALA A 67 5.37 5.69 8.35
C ALA A 67 5.28 4.42 9.22
N GLU A 68 5.03 4.60 10.52
CA GLU A 68 5.20 3.61 11.59
C GLU A 68 3.85 3.27 12.24
N ALA A 69 3.03 4.27 12.57
CA ALA A 69 1.74 4.08 13.25
C ALA A 69 0.70 3.32 12.41
N ALA A 70 0.97 3.12 11.12
CA ALA A 70 0.18 2.30 10.20
C ALA A 70 0.45 0.79 10.35
N GLY A 71 1.48 0.38 11.10
CA GLY A 71 1.86 -1.03 11.24
C GLY A 71 2.83 -1.49 10.14
N GLY A 72 3.33 -2.73 10.28
CA GLY A 72 4.02 -3.46 9.20
C GLY A 72 3.04 -4.00 8.15
N HIS A 73 3.57 -4.72 7.14
CA HIS A 73 2.74 -5.50 6.21
C HIS A 73 1.73 -6.38 6.98
N LEU A 74 0.49 -6.49 6.49
CA LEU A 74 -0.59 -7.12 7.24
C LEU A 74 -0.39 -8.65 7.45
N ASP A 75 0.05 -9.04 8.66
CA ASP A 75 0.14 -10.42 9.19
C ASP A 75 -0.04 -10.36 10.72
N PRO A 76 -0.92 -11.18 11.33
CA PRO A 76 -1.03 -11.27 12.79
C PRO A 76 0.15 -12.00 13.46
N GLN A 77 0.68 -13.10 12.89
CA GLN A 77 1.64 -14.04 13.51
C GLN A 77 1.90 -15.34 12.69
N ASN A 78 1.83 -15.28 11.36
CA ASN A 78 2.28 -16.39 10.50
C ASN A 78 3.81 -16.48 10.47
N THR A 79 4.51 -15.33 10.33
CA THR A 79 5.99 -15.20 10.36
C THR A 79 6.46 -13.77 10.10
N GLY A 80 5.80 -13.03 9.20
CA GLY A 80 6.14 -11.63 8.88
C GLY A 80 7.18 -11.44 7.76
N LYS A 81 7.66 -12.49 7.08
CA LYS A 81 8.83 -12.40 6.18
C LYS A 81 8.56 -12.33 4.64
N HIS A 82 7.33 -12.01 4.22
CA HIS A 82 6.94 -11.59 2.85
C HIS A 82 6.68 -12.75 1.85
N GLU A 83 6.11 -12.46 0.67
CA GLU A 83 5.33 -13.47 -0.08
C GLU A 83 5.21 -13.25 -1.60
N GLY A 84 5.33 -12.01 -2.11
CA GLY A 84 5.00 -11.63 -3.50
C GLY A 84 5.44 -12.55 -4.64
N PRO A 85 6.70 -13.06 -4.68
CA PRO A 85 7.16 -13.95 -5.76
C PRO A 85 6.93 -15.44 -5.48
N GLU A 86 6.60 -15.81 -4.24
CA GLU A 86 6.72 -17.17 -3.70
C GLU A 86 5.58 -17.41 -2.70
N GLY A 87 5.86 -17.39 -1.38
CA GLY A 87 4.82 -17.42 -0.35
C GLY A 87 5.30 -17.90 1.01
N GLN A 88 5.60 -16.97 1.93
CA GLN A 88 5.99 -17.26 3.32
C GLN A 88 5.77 -16.00 4.18
N GLY A 89 4.63 -15.33 4.03
CA GLY A 89 4.42 -13.97 4.56
C GLY A 89 2.96 -13.55 4.78
N HIS A 90 2.62 -12.38 4.25
CA HIS A 90 1.52 -11.54 4.76
C HIS A 90 0.19 -11.75 3.99
N LEU A 91 -0.96 -11.65 4.67
CA LEU A 91 -2.28 -11.80 4.02
C LEU A 91 -2.77 -10.52 3.34
N GLY A 92 -2.31 -9.34 3.78
CA GLY A 92 -2.66 -8.03 3.18
C GLY A 92 -1.65 -7.50 2.16
N ASP A 93 -0.71 -8.34 1.73
CA ASP A 93 0.09 -8.10 0.52
C ASP A 93 -0.72 -8.46 -0.75
N LEU A 94 -0.43 -7.75 -1.85
CA LEU A 94 -1.43 -7.30 -2.82
C LEU A 94 -0.76 -7.07 -4.21
N PRO A 95 -1.53 -6.93 -5.31
CA PRO A 95 -0.99 -6.80 -6.67
C PRO A 95 -0.35 -5.43 -6.90
N VAL A 96 0.56 -5.33 -7.87
CA VAL A 96 1.30 -4.08 -8.15
C VAL A 96 0.41 -3.02 -8.83
N LEU A 97 0.41 -1.83 -8.24
CA LEU A 97 -0.34 -0.63 -8.61
C LEU A 97 0.36 0.13 -9.75
N VAL A 98 0.46 -0.51 -10.92
CA VAL A 98 1.08 0.09 -12.12
C VAL A 98 0.37 1.40 -12.51
N VAL A 99 1.14 2.38 -13.00
CA VAL A 99 0.61 3.53 -13.74
C VAL A 99 1.21 3.53 -15.16
N ASN A 100 0.35 3.75 -16.16
CA ASN A 100 0.69 3.82 -17.58
C ASN A 100 1.60 5.02 -17.92
N ASN A 101 2.30 4.96 -19.06
CA ASN A 101 3.50 5.76 -19.45
C ASN A 101 3.48 7.31 -19.28
N ASP A 102 2.34 7.94 -18.95
CA ASP A 102 2.17 9.40 -18.81
C ASP A 102 2.29 9.92 -17.36
N GLY A 103 1.81 9.16 -16.37
CA GLY A 103 1.84 9.55 -14.94
C GLY A 103 0.50 9.78 -14.25
N ILE A 104 -0.62 9.36 -14.85
CA ILE A 104 -1.93 9.24 -14.16
C ILE A 104 -2.26 7.77 -13.91
N ALA A 105 -2.36 7.38 -12.64
CA ALA A 105 -2.77 6.01 -12.26
C ALA A 105 -4.26 5.82 -12.54
N THR A 106 -4.58 4.81 -13.36
CA THR A 106 -5.95 4.48 -13.81
C THR A 106 -6.14 2.98 -14.07
N GLU A 107 -5.26 2.14 -13.54
CA GLU A 107 -5.25 0.68 -13.73
C GLU A 107 -6.14 -0.02 -12.67
N PRO A 108 -7.28 -0.65 -13.06
CA PRO A 108 -8.09 -1.44 -12.15
C PRO A 108 -7.38 -2.78 -11.86
N VAL A 109 -6.83 -2.93 -10.64
CA VAL A 109 -6.20 -4.17 -10.16
C VAL A 109 -7.04 -4.77 -9.03
N THR A 110 -7.10 -6.10 -8.91
CA THR A 110 -8.07 -6.76 -8.02
C THR A 110 -7.37 -7.74 -7.08
N ALA A 111 -7.70 -7.65 -5.79
CA ALA A 111 -7.09 -8.46 -4.74
C ALA A 111 -8.10 -9.45 -4.10
N PRO A 112 -8.13 -10.73 -4.54
CA PRO A 112 -8.87 -11.81 -3.86
C PRO A 112 -8.24 -12.22 -2.51
N ARG A 113 -7.22 -11.49 -2.05
CA ARG A 113 -6.51 -11.72 -0.78
C ARG A 113 -7.38 -11.40 0.44
N LEU A 114 -8.31 -10.46 0.28
CA LEU A 114 -9.28 -10.00 1.28
C LEU A 114 -10.69 -10.32 0.74
N LYS A 115 -11.65 -10.49 1.65
CA LYS A 115 -13.03 -10.91 1.35
C LYS A 115 -14.08 -9.95 1.96
N SER A 116 -13.66 -8.80 2.48
CA SER A 116 -14.54 -7.80 3.08
C SER A 116 -13.84 -6.45 3.30
N LEU A 117 -14.63 -5.36 3.25
CA LEU A 117 -14.23 -4.05 3.79
C LEU A 117 -14.21 -4.08 5.33
N ASP A 118 -15.11 -4.85 5.96
CA ASP A 118 -15.31 -4.87 7.41
C ASP A 118 -14.06 -5.33 8.21
N GLU A 119 -13.19 -6.12 7.59
CA GLU A 119 -11.92 -6.58 8.15
C GLU A 119 -10.76 -5.58 7.97
N VAL A 120 -11.00 -4.43 7.32
CA VAL A 120 -9.99 -3.37 7.08
C VAL A 120 -10.45 -1.96 7.48
N LYS A 121 -11.56 -1.84 8.23
CA LYS A 121 -12.19 -0.57 8.69
C LYS A 121 -11.41 0.25 9.77
N ASP A 122 -10.12 -0.03 9.94
CA ASP A 122 -9.22 0.54 10.97
C ASP A 122 -7.75 0.47 10.51
N LYS A 123 -7.51 0.52 9.19
CA LYS A 123 -6.22 0.20 8.54
C LYS A 123 -5.85 1.15 7.40
N ALA A 124 -4.56 1.22 7.09
CA ALA A 124 -4.00 2.00 5.98
C ALA A 124 -3.76 1.16 4.72
N LEU A 125 -3.89 1.82 3.56
CA LEU A 125 -3.51 1.37 2.22
C LEU A 125 -2.30 2.23 1.79
N MET A 126 -1.21 1.63 1.29
CA MET A 126 -0.03 2.39 0.86
C MET A 126 0.39 2.09 -0.58
N ILE A 127 0.73 3.14 -1.33
CA ILE A 127 1.35 3.06 -2.66
C ILE A 127 2.87 3.00 -2.48
N HIS A 128 3.45 1.87 -2.82
CA HIS A 128 4.85 1.53 -2.59
C HIS A 128 5.74 1.87 -3.81
N VAL A 129 6.89 2.51 -3.57
CA VAL A 129 7.61 3.30 -4.60
C VAL A 129 8.02 2.49 -5.83
N GLY A 130 8.47 1.25 -5.64
CA GLY A 130 8.64 0.26 -6.71
C GLY A 130 7.74 -0.94 -6.47
N GLY A 131 7.52 -1.76 -7.51
CA GLY A 131 6.92 -3.10 -7.39
C GLY A 131 7.72 -3.95 -6.40
N ASP A 132 7.10 -4.20 -5.25
CA ASP A 132 7.65 -4.76 -4.00
C ASP A 132 7.90 -6.29 -4.09
N ASN A 133 8.14 -6.80 -5.30
CA ASN A 133 7.95 -8.22 -5.67
C ASN A 133 9.08 -9.18 -5.24
N MET A 134 10.12 -8.71 -4.52
CA MET A 134 11.42 -9.40 -4.41
C MET A 134 11.58 -10.22 -3.12
N SER A 135 12.42 -11.26 -3.19
CA SER A 135 12.86 -12.10 -2.07
C SER A 135 14.36 -12.45 -2.22
N ASP A 136 15.06 -12.66 -1.10
CA ASP A 136 16.51 -12.97 -0.99
C ASP A 136 17.43 -11.91 -1.63
N GLN A 137 17.74 -10.86 -0.86
CA GLN A 137 18.80 -9.89 -1.12
C GLN A 137 19.07 -9.05 0.14
N PRO A 138 20.26 -8.44 0.30
CA PRO A 138 20.62 -7.65 1.49
C PRO A 138 19.97 -6.26 1.56
N LYS A 139 18.81 -6.07 0.91
CA LYS A 139 17.91 -4.94 1.14
C LYS A 139 16.44 -5.44 1.25
N PRO A 140 15.68 -5.07 2.30
CA PRO A 140 14.35 -5.60 2.54
C PRO A 140 13.36 -5.12 1.45
N LEU A 141 12.49 -6.04 1.00
CA LEU A 141 11.59 -5.87 -0.16
C LEU A 141 12.36 -5.60 -1.47
N GLY A 142 13.64 -6.00 -1.54
CA GLY A 142 14.57 -5.65 -2.62
C GLY A 142 15.01 -4.18 -2.63
N GLY A 143 14.51 -3.38 -1.69
CA GLY A 143 14.56 -1.91 -1.66
C GLY A 143 13.19 -1.24 -1.78
N GLY A 144 12.12 -1.99 -2.10
CA GLY A 144 10.78 -1.44 -2.43
C GLY A 144 9.95 -0.92 -1.25
N GLY A 145 10.48 -0.95 -0.02
CA GLY A 145 9.73 -0.69 1.23
C GLY A 145 9.29 0.76 1.46
N THR A 146 9.76 1.72 0.65
CA THR A 146 9.37 3.14 0.67
C THR A 146 8.02 3.35 -0.03
N ARG A 147 7.31 4.43 0.32
CA ARG A 147 5.94 4.69 -0.15
C ARG A 147 5.79 6.10 -0.74
N TYR A 148 5.12 6.22 -1.89
CA TYR A 148 4.80 7.51 -2.53
C TYR A 148 3.54 8.16 -1.91
N ALA A 149 2.59 7.34 -1.45
CA ALA A 149 1.33 7.79 -0.84
C ALA A 149 0.75 6.80 0.17
N CYS A 150 -0.10 7.29 1.08
CA CYS A 150 -0.85 6.54 2.09
C CYS A 150 -2.30 7.06 2.18
N GLY A 151 -3.24 6.20 2.57
CA GLY A 151 -4.63 6.53 2.86
C GLY A 151 -5.25 5.57 3.89
N VAL A 152 -5.78 6.12 4.97
CA VAL A 152 -6.53 5.38 6.01
C VAL A 152 -7.98 5.14 5.58
N ILE A 153 -8.45 3.90 5.74
CA ILE A 153 -9.82 3.46 5.42
C ILE A 153 -10.80 3.98 6.48
N LYS A 154 -11.92 4.59 6.05
CA LYS A 154 -12.95 5.11 6.96
C LYS A 154 -14.28 4.35 6.81
N ALA A 1 -19.02 -4.47 -2.99
CA ALA A 1 -19.21 -3.54 -1.85
C ALA A 1 -18.05 -2.58 -1.77
N SER A 2 -18.27 -1.27 -1.64
CA SER A 2 -17.35 -0.30 -2.26
C SER A 2 -16.97 0.87 -1.34
N GLU A 3 -15.72 1.30 -1.44
CA GLU A 3 -15.17 2.44 -0.70
C GLU A 3 -13.96 3.04 -1.46
N LYS A 4 -13.94 4.36 -1.59
CA LYS A 4 -12.88 5.08 -2.33
C LYS A 4 -11.86 5.77 -1.40
N VAL A 5 -10.71 5.13 -1.14
CA VAL A 5 -9.77 5.65 -0.12
C VAL A 5 -8.98 6.83 -0.69
N GLY A 6 -9.08 7.98 -0.02
CA GLY A 6 -8.36 9.21 -0.34
C GLY A 6 -6.90 9.11 0.05
N MET A 7 -6.04 8.95 -0.95
CA MET A 7 -4.60 8.77 -0.75
C MET A 7 -3.82 10.09 -0.80
N ASN A 8 -3.33 10.53 0.37
CA ASN A 8 -2.36 11.62 0.47
C ASN A 8 -0.99 11.21 -0.08
N LEU A 9 -0.30 12.12 -0.75
CA LEU A 9 1.15 12.02 -0.97
C LEU A 9 1.86 12.16 0.37
N VAL A 10 2.85 11.30 0.65
CA VAL A 10 3.58 11.31 1.93
C VAL A 10 5.06 11.03 1.74
N THR A 11 5.86 11.42 2.73
CA THR A 11 7.32 11.38 2.70
C THR A 11 7.88 11.32 4.13
N ALA A 12 9.07 11.83 4.36
CA ALA A 12 9.78 11.80 5.65
C ALA A 12 9.33 12.92 6.61
N GLN A 13 8.69 13.96 6.09
CA GLN A 13 7.92 14.94 6.85
C GLN A 13 6.52 14.42 7.22
N GLY A 14 6.14 13.22 6.77
CA GLY A 14 4.78 12.69 6.94
C GLY A 14 3.89 13.16 5.79
N VAL A 15 2.69 13.64 6.13
CA VAL A 15 1.57 13.86 5.21
C VAL A 15 1.72 15.20 4.47
N GLY A 16 1.57 15.15 3.14
CA GLY A 16 1.56 16.29 2.23
C GLY A 16 0.14 16.72 1.86
N GLN A 17 -0.29 16.31 0.67
CA GLN A 17 -1.56 16.69 0.04
C GLN A 17 -2.02 15.54 -0.88
N SER A 18 -3.31 15.40 -1.10
CA SER A 18 -3.88 14.39 -2.00
C SER A 18 -3.97 14.90 -3.46
N ILE A 19 -3.97 13.96 -4.41
CA ILE A 19 -4.07 14.18 -5.86
C ILE A 19 -5.05 13.20 -6.53
N GLY A 20 -5.71 12.34 -5.74
CA GLY A 20 -6.36 11.13 -6.24
C GLY A 20 -6.80 10.20 -5.11
N THR A 21 -7.96 9.56 -5.28
CA THR A 21 -8.37 8.42 -4.45
C THR A 21 -8.04 7.13 -5.19
N VAL A 22 -8.25 5.98 -4.56
CA VAL A 22 -8.38 4.70 -5.26
C VAL A 22 -9.68 4.03 -4.82
N VAL A 23 -10.49 3.61 -5.80
CA VAL A 23 -11.78 2.96 -5.51
C VAL A 23 -11.62 1.46 -5.32
N ILE A 24 -12.02 0.99 -4.15
CA ILE A 24 -12.08 -0.42 -3.75
C ILE A 24 -13.52 -0.90 -3.98
N ASP A 25 -13.70 -2.02 -4.69
CA ASP A 25 -14.96 -2.76 -4.72
C ASP A 25 -14.74 -4.24 -4.44
N GLU A 26 -15.23 -4.66 -3.28
CA GLU A 26 -15.02 -5.95 -2.66
C GLU A 26 -16.01 -7.02 -3.13
N THR A 27 -15.50 -8.26 -3.21
CA THR A 27 -16.06 -9.35 -4.02
C THR A 27 -15.51 -10.69 -3.56
N GLU A 28 -16.29 -11.67 -3.97
CA GLU A 28 -15.87 -13.00 -4.31
C GLU A 28 -14.38 -13.11 -4.69
N GLY A 29 -13.94 -12.28 -5.65
CA GLY A 29 -12.53 -12.18 -6.11
C GLY A 29 -11.64 -11.19 -5.34
N GLY A 30 -12.14 -10.71 -4.21
CA GLY A 30 -11.57 -9.75 -3.24
C GLY A 30 -11.44 -8.32 -3.73
N LEU A 31 -10.78 -7.48 -2.94
CA LEU A 31 -10.70 -6.01 -3.07
C LEU A 31 -10.27 -5.53 -4.47
N LYS A 32 -11.23 -5.12 -5.32
CA LYS A 32 -10.98 -4.60 -6.67
C LYS A 32 -10.57 -3.11 -6.61
N PHE A 33 -9.29 -2.82 -6.80
CA PHE A 33 -8.65 -1.51 -6.66
C PHE A 33 -8.58 -0.81 -8.02
N THR A 34 -9.19 0.39 -8.18
CA THR A 34 -9.18 1.14 -9.45
C THR A 34 -8.68 2.57 -9.18
N PRO A 35 -7.52 2.99 -9.75
CA PRO A 35 -6.86 4.25 -9.39
C PRO A 35 -7.39 5.45 -10.15
N HIS A 36 -7.22 6.63 -9.54
CA HIS A 36 -7.45 7.91 -10.21
C HIS A 36 -6.49 9.01 -9.69
N LEU A 37 -5.18 8.81 -9.87
CA LEU A 37 -4.11 9.73 -9.46
C LEU A 37 -3.23 10.17 -10.66
N LYS A 38 -2.73 11.41 -10.65
CA LYS A 38 -2.28 12.16 -11.85
C LYS A 38 -0.92 12.89 -11.76
N ALA A 39 0.00 12.44 -10.90
CA ALA A 39 1.29 13.11 -10.68
C ALA A 39 2.41 12.19 -10.15
N LEU A 40 2.34 10.88 -10.39
CA LEU A 40 3.30 9.92 -9.80
C LEU A 40 4.50 9.72 -10.71
N PRO A 41 5.60 9.17 -10.16
CA PRO A 41 6.62 8.62 -11.00
C PRO A 41 6.02 7.49 -11.86
N PRO A 42 6.20 7.52 -13.19
CA PRO A 42 5.25 6.98 -14.18
C PRO A 42 5.46 5.49 -14.48
N GLY A 43 6.15 4.80 -13.57
CA GLY A 43 6.37 3.37 -13.58
C GLY A 43 5.62 2.74 -12.43
N GLU A 44 5.20 1.49 -12.62
CA GLU A 44 4.39 0.67 -11.72
C GLU A 44 4.78 0.70 -10.22
N HIS A 45 3.78 0.65 -9.32
CA HIS A 45 3.92 0.83 -7.87
C HIS A 45 3.30 -0.32 -7.07
N GLY A 46 4.05 -0.95 -6.17
CA GLY A 46 3.53 -1.94 -5.22
C GLY A 46 2.40 -1.38 -4.35
N PHE A 47 1.58 -2.25 -3.74
CA PHE A 47 0.47 -1.85 -2.88
C PHE A 47 0.45 -2.77 -1.64
N HIS A 48 0.46 -2.21 -0.43
CA HIS A 48 0.15 -2.97 0.80
C HIS A 48 -1.05 -2.43 1.61
N ILE A 49 -1.61 -3.31 2.43
CA ILE A 49 -2.43 -2.99 3.62
C ILE A 49 -1.55 -3.22 4.86
N HIS A 50 -1.66 -2.32 5.83
CA HIS A 50 -0.84 -2.31 7.05
C HIS A 50 -1.70 -2.61 8.29
N ALA A 51 -1.04 -2.90 9.42
CA ALA A 51 -1.70 -3.40 10.62
C ALA A 51 -2.53 -2.36 11.38
N ASN A 52 -2.01 -1.12 11.50
CA ASN A 52 -2.66 0.00 12.16
C ASN A 52 -3.08 1.10 11.15
N GLY A 53 -3.28 2.35 11.60
CA GLY A 53 -4.27 3.26 11.03
C GLY A 53 -3.83 4.64 10.53
N SER A 54 -2.56 5.07 10.61
CA SER A 54 -2.20 6.43 10.12
C SER A 54 -0.75 6.67 9.69
N CYS A 55 -0.60 7.39 8.58
CA CYS A 55 0.63 7.77 7.86
C CYS A 55 1.55 8.76 8.61
N GLN A 56 1.82 8.56 9.91
CA GLN A 56 2.64 9.47 10.72
C GLN A 56 4.00 8.84 11.10
N PRO A 57 5.14 9.42 10.68
CA PRO A 57 6.47 9.00 11.12
C PRO A 57 6.82 9.58 12.49
N ALA A 58 7.58 8.79 13.26
CA ALA A 58 8.44 9.32 14.33
C ALA A 58 9.79 9.75 13.74
N ILE A 59 10.32 10.89 14.20
CA ILE A 59 11.76 11.22 14.07
C ILE A 59 12.48 10.61 15.27
N LYS A 60 13.24 9.53 15.03
CA LYS A 60 13.70 8.57 16.04
C LYS A 60 15.02 7.92 15.61
N ASP A 61 15.99 7.77 16.52
CA ASP A 61 17.34 7.28 16.24
C ASP A 61 18.03 7.99 15.04
N GLY A 62 17.91 9.32 15.03
CA GLY A 62 18.50 10.23 14.02
C GLY A 62 17.59 10.57 12.84
N GLN A 63 16.55 9.78 12.57
CA GLN A 63 15.95 9.70 11.23
C GLN A 63 14.42 9.47 11.25
N ALA A 64 13.73 9.72 10.14
CA ALA A 64 12.27 9.52 10.05
C ALA A 64 11.94 8.04 9.80
N VAL A 65 11.15 7.39 10.68
CA VAL A 65 10.80 5.95 10.55
C VAL A 65 9.72 5.65 9.48
N ALA A 66 9.52 6.55 8.51
CA ALA A 66 8.55 6.48 7.39
C ALA A 66 7.08 6.63 7.80
N ALA A 67 6.59 5.77 8.69
CA ALA A 67 5.27 5.82 9.34
C ALA A 67 5.23 4.77 10.47
N GLU A 68 5.04 5.20 11.72
CA GLU A 68 4.96 4.29 12.89
C GLU A 68 3.49 3.96 13.22
N ALA A 69 2.60 4.97 13.21
CA ALA A 69 1.17 4.79 13.50
C ALA A 69 0.40 3.98 12.43
N ALA A 70 1.06 3.57 11.35
CA ALA A 70 0.55 2.63 10.35
C ALA A 70 0.84 1.16 10.72
N GLY A 71 1.86 0.87 11.53
CA GLY A 71 2.33 -0.50 11.77
C GLY A 71 3.07 -1.11 10.57
N GLY A 72 3.46 -2.38 10.68
CA GLY A 72 4.02 -3.17 9.57
C GLY A 72 2.95 -3.58 8.54
N HIS A 73 3.35 -4.36 7.53
CA HIS A 73 2.38 -5.02 6.62
C HIS A 73 1.39 -5.87 7.45
N LEU A 74 0.15 -6.05 6.99
CA LEU A 74 -0.83 -6.86 7.72
C LEU A 74 -0.40 -8.35 7.78
N ASP A 75 0.15 -8.72 8.94
CA ASP A 75 0.41 -10.07 9.45
C ASP A 75 0.69 -9.98 10.97
N PRO A 76 -0.08 -10.69 11.83
CA PRO A 76 0.20 -10.78 13.25
C PRO A 76 1.08 -11.98 13.65
N GLN A 77 1.26 -13.02 12.82
CA GLN A 77 1.84 -14.30 13.26
C GLN A 77 2.22 -15.32 12.16
N ASN A 78 1.77 -15.19 10.92
CA ASN A 78 1.91 -16.22 9.87
C ASN A 78 3.39 -16.57 9.59
N THR A 79 4.27 -15.58 9.65
CA THR A 79 5.71 -15.73 9.33
C THR A 79 6.52 -14.48 9.63
N GLY A 80 5.99 -13.29 9.34
CA GLY A 80 6.77 -12.04 9.36
C GLY A 80 7.62 -11.83 8.10
N LYS A 81 7.90 -12.86 7.30
CA LYS A 81 8.54 -12.69 5.98
C LYS A 81 7.52 -12.21 4.91
N HIS A 82 8.01 -11.53 3.87
CA HIS A 82 7.17 -10.97 2.81
C HIS A 82 6.73 -12.03 1.77
N GLU A 83 5.55 -11.84 1.16
CA GLU A 83 5.05 -12.70 0.08
C GLU A 83 5.72 -12.33 -1.25
N GLY A 84 5.21 -12.80 -2.39
CA GLY A 84 5.79 -12.56 -3.71
C GLY A 84 5.19 -13.49 -4.78
N PRO A 85 6.02 -14.01 -5.71
CA PRO A 85 5.53 -14.82 -6.84
C PRO A 85 5.23 -16.28 -6.46
N GLU A 86 5.60 -16.74 -5.27
CA GLU A 86 5.42 -18.09 -4.73
C GLU A 86 5.78 -18.09 -3.24
N GLY A 87 5.56 -19.23 -2.55
CA GLY A 87 5.76 -19.35 -1.10
C GLY A 87 4.52 -18.89 -0.33
N GLN A 88 4.73 -18.16 0.77
CA GLN A 88 3.69 -17.60 1.63
C GLN A 88 4.34 -16.55 2.53
N GLY A 89 3.70 -15.39 2.69
CA GLY A 89 4.18 -14.26 3.50
C GLY A 89 3.07 -13.57 4.30
N HIS A 90 3.06 -12.24 4.28
CA HIS A 90 1.95 -11.45 4.81
C HIS A 90 0.75 -11.48 3.84
N LEU A 91 -0.48 -11.67 4.35
CA LEU A 91 -1.69 -11.50 3.54
C LEU A 91 -2.00 -10.03 3.18
N GLY A 92 -1.33 -9.07 3.82
CA GLY A 92 -1.41 -7.63 3.55
C GLY A 92 -0.58 -7.10 2.39
N ASP A 93 -0.13 -7.97 1.48
CA ASP A 93 0.63 -7.60 0.28
C ASP A 93 -0.24 -7.79 -1.00
N LEU A 94 -0.25 -6.78 -1.89
CA LEU A 94 -1.25 -6.62 -2.96
C LEU A 94 -0.56 -6.29 -4.31
N PRO A 95 -1.19 -6.62 -5.46
CA PRO A 95 -0.56 -6.51 -6.78
C PRO A 95 -0.35 -5.06 -7.22
N VAL A 96 0.52 -4.91 -8.24
CA VAL A 96 1.19 -3.63 -8.56
C VAL A 96 0.24 -2.64 -9.24
N LEU A 97 0.05 -1.49 -8.59
CA LEU A 97 -0.60 -0.27 -9.05
C LEU A 97 0.18 0.33 -10.24
N VAL A 98 -0.13 -0.11 -11.46
CA VAL A 98 0.51 0.41 -12.69
C VAL A 98 0.11 1.89 -12.90
N VAL A 99 1.02 2.67 -13.50
CA VAL A 99 0.86 4.08 -13.95
C VAL A 99 1.24 4.09 -15.43
N ASN A 100 0.65 4.98 -16.22
CA ASN A 100 1.13 5.21 -17.58
C ASN A 100 2.39 6.11 -17.59
N ASN A 101 3.16 6.06 -18.69
CA ASN A 101 4.45 6.77 -18.88
C ASN A 101 4.43 8.31 -18.62
N ASP A 102 3.25 8.94 -18.54
CA ASP A 102 3.02 10.37 -18.33
C ASP A 102 2.72 10.74 -16.86
N GLY A 103 2.60 9.74 -15.97
CA GLY A 103 2.42 9.95 -14.51
C GLY A 103 0.97 9.88 -14.01
N ILE A 104 0.05 9.43 -14.86
CA ILE A 104 -1.39 9.25 -14.54
C ILE A 104 -1.74 7.77 -14.53
N ALA A 105 -2.45 7.32 -13.48
CA ALA A 105 -2.95 5.95 -13.32
C ALA A 105 -4.46 5.84 -13.56
N THR A 106 -4.87 4.71 -14.14
CA THR A 106 -6.27 4.27 -14.30
C THR A 106 -6.43 2.74 -14.34
N GLU A 107 -5.34 1.99 -14.35
CA GLU A 107 -5.29 0.54 -14.50
C GLU A 107 -5.84 -0.18 -13.26
N PRO A 108 -6.92 -0.97 -13.38
CA PRO A 108 -7.49 -1.73 -12.26
C PRO A 108 -6.63 -2.94 -11.91
N VAL A 109 -6.59 -3.27 -10.61
CA VAL A 109 -6.02 -4.53 -10.06
C VAL A 109 -6.94 -5.05 -8.94
N THR A 110 -6.65 -6.23 -8.36
CA THR A 110 -7.55 -6.89 -7.39
C THR A 110 -6.74 -7.73 -6.42
N ALA A 111 -7.00 -7.63 -5.12
CA ALA A 111 -6.40 -8.52 -4.11
C ALA A 111 -7.41 -9.56 -3.57
N PRO A 112 -7.31 -10.84 -3.96
CA PRO A 112 -8.32 -11.85 -3.65
C PRO A 112 -8.34 -12.36 -2.21
N ARG A 113 -7.28 -12.13 -1.43
CA ARG A 113 -7.10 -12.74 -0.11
C ARG A 113 -8.13 -12.27 0.92
N LEU A 114 -8.40 -10.97 0.96
CA LEU A 114 -9.33 -10.29 1.88
C LEU A 114 -10.78 -10.57 1.47
N LYS A 115 -11.71 -10.56 2.43
CA LYS A 115 -13.10 -11.01 2.27
C LYS A 115 -14.11 -10.17 3.10
N SER A 116 -13.98 -8.84 3.04
CA SER A 116 -14.90 -7.76 3.45
C SER A 116 -14.19 -6.46 3.86
N LEU A 117 -14.76 -5.29 3.54
CA LEU A 117 -14.34 -4.03 4.15
C LEU A 117 -14.38 -4.10 5.70
N ASP A 118 -15.32 -4.85 6.28
CA ASP A 118 -15.45 -5.09 7.72
C ASP A 118 -14.19 -5.62 8.44
N GLU A 119 -13.22 -6.23 7.75
CA GLU A 119 -11.93 -6.56 8.38
C GLU A 119 -10.86 -5.47 8.22
N VAL A 120 -11.01 -4.51 7.29
CA VAL A 120 -9.98 -3.47 6.99
C VAL A 120 -10.41 -2.02 7.30
N LYS A 121 -11.64 -1.79 7.77
CA LYS A 121 -12.18 -0.44 8.00
C LYS A 121 -11.49 0.44 9.06
N ASP A 122 -10.55 -0.10 9.84
CA ASP A 122 -9.72 0.65 10.83
C ASP A 122 -8.26 0.87 10.35
N LYS A 123 -7.85 0.25 9.23
CA LYS A 123 -6.45 0.15 8.79
C LYS A 123 -6.03 1.23 7.77
N ALA A 124 -4.72 1.33 7.51
CA ALA A 124 -4.15 2.12 6.41
C ALA A 124 -3.69 1.22 5.23
N LEU A 125 -3.61 1.82 4.04
CA LEU A 125 -3.00 1.24 2.83
C LEU A 125 -2.04 2.24 2.17
N MET A 126 -1.06 1.73 1.40
CA MET A 126 0.02 2.54 0.82
C MET A 126 0.30 2.17 -0.63
N ILE A 127 0.55 3.19 -1.46
CA ILE A 127 1.13 3.08 -2.81
C ILE A 127 2.64 3.30 -2.69
N HIS A 128 3.38 2.29 -3.13
CA HIS A 128 4.78 2.08 -2.80
C HIS A 128 5.71 2.21 -4.02
N VAL A 129 6.92 2.72 -3.81
CA VAL A 129 7.81 3.34 -4.83
C VAL A 129 8.19 2.39 -5.97
N GLY A 130 8.33 1.09 -5.70
CA GLY A 130 8.46 0.03 -6.71
C GLY A 130 7.44 -1.09 -6.49
N GLY A 131 7.30 -1.97 -7.48
CA GLY A 131 6.54 -3.21 -7.40
C GLY A 131 7.20 -4.25 -6.48
N ASP A 132 6.41 -5.25 -6.10
CA ASP A 132 6.48 -5.82 -4.74
C ASP A 132 6.91 -7.30 -4.68
N ASN A 133 7.42 -7.88 -5.77
CA ASN A 133 7.85 -9.29 -5.81
C ASN A 133 9.15 -9.60 -5.02
N MET A 134 9.87 -8.56 -4.56
CA MET A 134 11.19 -8.66 -3.91
C MET A 134 11.12 -9.07 -2.43
N SER A 135 10.89 -10.34 -2.16
CA SER A 135 11.16 -10.96 -0.86
C SER A 135 12.64 -11.42 -0.73
N ASP A 136 12.99 -12.08 0.38
CA ASP A 136 14.25 -12.79 0.69
C ASP A 136 15.55 -11.94 0.70
N GLN A 137 15.55 -10.73 0.13
CA GLN A 137 16.66 -9.78 0.14
C GLN A 137 16.94 -9.24 1.57
N PRO A 138 18.21 -8.94 1.92
CA PRO A 138 18.57 -8.32 3.21
C PRO A 138 18.09 -6.87 3.33
N LYS A 139 17.89 -6.17 2.20
CA LYS A 139 17.02 -5.00 2.11
C LYS A 139 15.72 -5.41 1.39
N PRO A 140 14.72 -5.97 2.09
CA PRO A 140 13.50 -6.50 1.47
C PRO A 140 12.71 -5.38 0.78
N LEU A 141 11.93 -5.76 -0.23
CA LEU A 141 11.23 -4.89 -1.18
C LEU A 141 12.20 -4.09 -2.08
N GLY A 142 13.51 -4.33 -2.01
CA GLY A 142 14.54 -3.65 -2.81
C GLY A 142 14.64 -2.14 -2.55
N GLY A 143 14.05 -1.64 -1.45
CA GLY A 143 13.84 -0.21 -1.19
C GLY A 143 12.57 0.36 -1.84
N GLY A 144 11.96 -0.35 -2.79
CA GLY A 144 10.68 0.00 -3.44
C GLY A 144 9.49 -0.06 -2.47
N GLY A 145 9.65 -0.73 -1.33
CA GLY A 145 8.68 -0.75 -0.22
C GLY A 145 8.58 0.57 0.55
N THR A 146 9.35 1.61 0.18
CA THR A 146 9.10 3.00 0.61
C THR A 146 7.86 3.55 -0.10
N ARG A 147 7.25 4.62 0.43
CA ARG A 147 5.95 5.15 -0.01
C ARG A 147 6.06 6.28 -1.07
N TYR A 148 5.07 6.41 -1.93
CA TYR A 148 4.74 7.69 -2.61
C TYR A 148 3.42 8.27 -2.06
N ALA A 149 2.42 7.43 -1.77
CA ALA A 149 1.15 7.84 -1.16
C ALA A 149 0.66 6.84 -0.10
N CYS A 150 -0.14 7.33 0.85
CA CYS A 150 -0.75 6.60 1.97
C CYS A 150 -2.21 7.06 2.16
N GLY A 151 -3.08 6.15 2.61
CA GLY A 151 -4.52 6.36 2.71
C GLY A 151 -5.14 5.56 3.86
N VAL A 152 -5.83 6.26 4.75
CA VAL A 152 -6.55 5.69 5.89
C VAL A 152 -7.95 5.24 5.47
N ILE A 153 -8.30 3.98 5.74
CA ILE A 153 -9.61 3.39 5.43
C ILE A 153 -10.60 3.79 6.52
N LYS A 154 -11.87 4.05 6.16
CA LYS A 154 -12.90 4.52 7.10
C LYS A 154 -13.73 3.36 7.67
N ALA A 1 -18.66 -4.11 -3.06
CA ALA A 1 -19.20 -2.99 -2.24
C ALA A 1 -18.05 -2.11 -1.74
N SER A 2 -18.30 -0.84 -1.46
CA SER A 2 -17.37 0.19 -1.96
C SER A 2 -16.93 1.23 -0.91
N GLU A 3 -15.67 1.70 -1.02
CA GLU A 3 -15.17 2.92 -0.36
C GLU A 3 -13.97 3.50 -1.11
N LYS A 4 -13.99 4.82 -1.26
CA LYS A 4 -13.16 5.61 -2.15
C LYS A 4 -12.12 6.42 -1.35
N VAL A 5 -10.95 5.86 -1.05
CA VAL A 5 -10.03 6.56 -0.13
C VAL A 5 -9.16 7.62 -0.80
N GLY A 6 -9.21 8.85 -0.28
CA GLY A 6 -8.35 9.96 -0.67
C GLY A 6 -6.90 9.69 -0.27
N MET A 7 -6.09 9.27 -1.23
CA MET A 7 -4.67 8.96 -1.00
C MET A 7 -3.79 10.21 -1.04
N ASN A 8 -2.97 10.39 -0.01
CA ASN A 8 -2.13 11.55 0.25
C ASN A 8 -0.64 11.20 0.09
N LEU A 9 0.16 12.14 -0.42
CA LEU A 9 1.53 11.92 -0.86
C LEU A 9 2.54 11.94 0.32
N VAL A 10 2.32 11.09 1.33
CA VAL A 10 3.12 11.05 2.57
C VAL A 10 4.57 10.68 2.34
N THR A 11 5.40 11.16 3.27
CA THR A 11 6.83 10.87 3.37
C THR A 11 7.31 11.18 4.79
N ALA A 12 8.58 11.45 4.96
CA ALA A 12 9.28 11.61 6.24
C ALA A 12 8.87 12.87 7.03
N GLN A 13 7.84 13.58 6.58
CA GLN A 13 7.27 14.76 7.22
C GLN A 13 5.88 14.44 7.83
N GLY A 14 5.34 13.25 7.57
CA GLY A 14 3.92 12.94 7.72
C GLY A 14 3.16 13.26 6.43
N VAL A 15 1.94 13.78 6.58
CA VAL A 15 0.93 13.94 5.53
C VAL A 15 1.02 15.32 4.88
N GLY A 16 0.92 15.40 3.55
CA GLY A 16 1.25 16.58 2.75
C GLY A 16 0.11 17.15 1.90
N GLN A 17 -0.33 16.42 0.88
CA GLN A 17 -1.31 16.84 -0.13
C GLN A 17 -1.81 15.63 -0.95
N SER A 18 -3.01 15.71 -1.52
CA SER A 18 -3.64 14.58 -2.24
C SER A 18 -4.14 14.98 -3.64
N ILE A 19 -3.65 14.29 -4.66
CA ILE A 19 -4.00 14.51 -6.09
C ILE A 19 -4.80 13.32 -6.64
N GLY A 20 -5.49 12.60 -5.75
CA GLY A 20 -6.59 11.73 -6.13
C GLY A 20 -7.04 10.78 -5.02
N THR A 21 -8.08 9.98 -5.28
CA THR A 21 -8.50 8.85 -4.42
C THR A 21 -7.97 7.53 -4.99
N VAL A 22 -8.29 6.42 -4.33
CA VAL A 22 -8.44 5.12 -5.01
C VAL A 22 -9.77 4.52 -4.58
N VAL A 23 -10.57 4.03 -5.53
CA VAL A 23 -11.83 3.34 -5.20
C VAL A 23 -11.59 1.87 -4.92
N ILE A 24 -11.95 1.44 -3.72
CA ILE A 24 -11.88 0.04 -3.28
C ILE A 24 -13.30 -0.52 -3.33
N ASP A 25 -13.42 -1.76 -3.80
CA ASP A 25 -14.67 -2.45 -4.05
C ASP A 25 -14.49 -3.95 -3.82
N GLU A 26 -15.00 -4.44 -2.70
CA GLU A 26 -14.87 -5.85 -2.32
C GLU A 26 -15.73 -6.76 -3.21
N THR A 27 -15.31 -8.02 -3.41
CA THR A 27 -16.07 -9.03 -4.16
C THR A 27 -15.61 -10.44 -3.77
N GLU A 28 -16.18 -11.46 -4.40
CA GLU A 28 -15.86 -12.89 -4.23
C GLU A 28 -14.46 -13.26 -4.76
N GLY A 29 -13.80 -12.34 -5.46
CA GLY A 29 -12.36 -12.36 -5.76
C GLY A 29 -11.53 -11.33 -4.97
N GLY A 30 -12.11 -10.80 -3.89
CA GLY A 30 -11.50 -9.88 -2.93
C GLY A 30 -11.56 -8.39 -3.26
N LEU A 31 -10.57 -7.64 -2.77
CA LEU A 31 -10.52 -6.17 -2.86
C LEU A 31 -10.12 -5.71 -4.26
N LYS A 32 -11.10 -5.38 -5.10
CA LYS A 32 -10.91 -4.65 -6.36
C LYS A 32 -10.53 -3.19 -6.06
N PHE A 33 -9.65 -2.60 -6.85
CA PHE A 33 -8.99 -1.34 -6.61
C PHE A 33 -8.84 -0.57 -7.93
N THR A 34 -9.44 0.63 -8.04
CA THR A 34 -9.37 1.45 -9.27
C THR A 34 -8.79 2.83 -8.92
N PRO A 35 -7.54 3.14 -9.34
CA PRO A 35 -6.88 4.41 -9.02
C PRO A 35 -7.35 5.51 -9.96
N HIS A 36 -7.08 6.76 -9.58
CA HIS A 36 -7.40 7.93 -10.43
C HIS A 36 -6.56 9.19 -10.08
N LEU A 37 -5.30 9.01 -9.67
CA LEU A 37 -4.43 10.11 -9.21
C LEU A 37 -3.60 10.71 -10.35
N LYS A 38 -3.51 12.03 -10.43
CA LYS A 38 -2.85 12.75 -11.55
C LYS A 38 -1.39 13.16 -11.34
N ALA A 39 -0.71 12.60 -10.34
CA ALA A 39 0.66 12.96 -10.02
C ALA A 39 1.41 11.83 -9.30
N LEU A 40 2.02 10.92 -10.07
CA LEU A 40 2.92 9.87 -9.57
C LEU A 40 4.01 9.54 -10.62
N PRO A 41 5.11 8.87 -10.21
CA PRO A 41 6.05 8.31 -11.16
C PRO A 41 5.39 7.22 -12.02
N PRO A 42 5.42 7.34 -13.37
CA PRO A 42 4.58 6.61 -14.34
C PRO A 42 5.16 5.23 -14.70
N GLY A 43 5.57 4.53 -13.65
CA GLY A 43 6.20 3.21 -13.72
C GLY A 43 5.22 2.10 -13.35
N GLU A 44 5.69 1.25 -12.46
CA GLU A 44 4.95 0.12 -11.92
C GLU A 44 5.39 -0.12 -10.45
N HIS A 45 4.41 -0.19 -9.54
CA HIS A 45 4.64 0.00 -8.09
C HIS A 45 4.03 -1.10 -7.23
N GLY A 46 4.56 -1.34 -6.03
CA GLY A 46 3.94 -2.21 -5.04
C GLY A 46 2.69 -1.55 -4.40
N PHE A 47 1.77 -2.36 -3.87
CA PHE A 47 0.59 -1.92 -3.12
C PHE A 47 0.53 -2.76 -1.81
N HIS A 48 0.54 -2.16 -0.62
CA HIS A 48 0.17 -2.91 0.63
C HIS A 48 -1.00 -2.31 1.41
N ILE A 49 -1.64 -3.15 2.23
CA ILE A 49 -2.47 -2.82 3.40
C ILE A 49 -1.58 -2.89 4.66
N HIS A 50 -1.96 -2.17 5.70
CA HIS A 50 -1.13 -1.95 6.89
C HIS A 50 -1.98 -2.03 8.17
N ALA A 51 -1.40 -2.55 9.26
CA ALA A 51 -2.14 -3.01 10.45
C ALA A 51 -2.90 -1.93 11.24
N ASN A 52 -2.52 -0.65 11.13
CA ASN A 52 -3.27 0.49 11.69
C ASN A 52 -3.52 1.62 10.65
N GLY A 53 -4.18 2.71 11.07
CA GLY A 53 -4.81 3.73 10.19
C GLY A 53 -4.33 5.17 10.37
N SER A 54 -3.06 5.40 10.72
CA SER A 54 -2.50 6.75 10.92
C SER A 54 -1.08 6.87 10.32
N CYS A 55 -0.94 7.52 9.16
CA CYS A 55 0.28 7.57 8.33
C CYS A 55 1.48 8.38 8.91
N GLN A 56 1.48 8.76 10.18
CA GLN A 56 2.49 9.66 10.75
C GLN A 56 3.76 8.91 11.20
N PRO A 57 4.98 9.36 10.82
CA PRO A 57 6.23 8.74 11.24
C PRO A 57 6.60 9.09 12.68
N ALA A 58 7.29 8.17 13.36
CA ALA A 58 8.15 8.49 14.50
C ALA A 58 9.52 8.98 14.01
N ILE A 59 10.18 9.85 14.79
CA ILE A 59 11.56 10.32 14.57
C ILE A 59 12.40 9.87 15.78
N LYS A 60 13.62 9.37 15.57
CA LYS A 60 14.50 8.98 16.70
C LYS A 60 16.02 9.18 16.50
N ASP A 61 16.51 9.39 15.27
CA ASP A 61 17.94 9.24 14.94
C ASP A 61 18.37 9.99 13.67
N GLY A 62 17.96 11.26 13.53
CA GLY A 62 18.21 12.04 12.30
C GLY A 62 17.47 11.50 11.08
N GLN A 63 16.40 10.73 11.32
CA GLN A 63 15.68 9.93 10.34
C GLN A 63 14.30 9.54 10.87
N ALA A 64 13.38 9.27 9.94
CA ALA A 64 11.97 9.00 10.21
C ALA A 64 11.60 7.53 9.96
N VAL A 65 10.78 6.94 10.83
CA VAL A 65 10.35 5.53 10.76
C VAL A 65 9.10 5.37 9.86
N ALA A 66 9.06 6.11 8.73
CA ALA A 66 8.05 6.08 7.65
C ALA A 66 6.60 6.44 8.06
N ALA A 67 5.97 5.59 8.88
CA ALA A 67 4.62 5.72 9.44
C ALA A 67 4.50 4.73 10.61
N GLU A 68 4.49 5.22 11.85
CA GLU A 68 4.48 4.38 13.06
C GLU A 68 3.08 3.81 13.29
N ALA A 69 2.06 4.68 13.34
CA ALA A 69 0.67 4.29 13.55
C ALA A 69 -0.01 3.72 12.28
N ALA A 70 0.79 3.26 11.32
CA ALA A 70 0.39 2.30 10.28
C ALA A 70 0.65 0.84 10.71
N GLY A 71 1.38 0.58 11.81
CA GLY A 71 1.53 -0.75 12.41
C GLY A 71 2.62 -1.61 11.76
N GLY A 72 2.37 -2.05 10.52
CA GLY A 72 3.19 -3.02 9.78
C GLY A 72 2.43 -3.73 8.66
N HIS A 73 3.09 -4.61 7.92
CA HIS A 73 2.55 -5.31 6.72
C HIS A 73 1.31 -6.21 6.95
N LEU A 74 0.89 -6.44 8.19
CA LEU A 74 -0.37 -7.08 8.61
C LEU A 74 -0.27 -8.62 8.46
N ASP A 75 0.00 -9.28 9.58
CA ASP A 75 0.78 -10.54 9.61
C ASP A 75 0.76 -11.32 10.96
N PRO A 76 -0.42 -11.67 11.52
CA PRO A 76 -0.52 -12.36 12.81
C PRO A 76 0.06 -13.79 12.77
N GLN A 77 -0.31 -14.61 11.78
CA GLN A 77 0.20 -15.99 11.62
C GLN A 77 0.52 -16.26 10.14
N ASN A 78 1.67 -15.78 9.67
CA ASN A 78 2.28 -16.16 8.38
C ASN A 78 3.74 -16.62 8.60
N THR A 79 4.67 -15.67 8.79
CA THR A 79 6.13 -15.87 8.97
C THR A 79 6.86 -14.55 9.19
N GLY A 80 6.50 -13.51 8.43
CA GLY A 80 7.05 -12.14 8.58
C GLY A 80 8.12 -11.78 7.56
N LYS A 81 8.61 -12.73 6.75
CA LYS A 81 9.70 -12.50 5.79
C LYS A 81 9.34 -11.66 4.54
N HIS A 82 8.05 -11.45 4.26
CA HIS A 82 7.51 -10.92 2.98
C HIS A 82 7.64 -11.95 1.84
N GLU A 83 6.93 -11.78 0.72
CA GLU A 83 6.87 -12.78 -0.36
C GLU A 83 6.49 -12.15 -1.72
N GLY A 84 5.87 -12.94 -2.59
CA GLY A 84 5.43 -12.61 -3.95
C GLY A 84 4.92 -13.83 -4.74
N PRO A 85 5.55 -15.03 -4.65
CA PRO A 85 5.19 -16.21 -5.43
C PRO A 85 4.59 -17.39 -4.62
N GLU A 86 4.45 -17.31 -3.29
CA GLU A 86 4.32 -18.50 -2.42
C GLU A 86 3.35 -18.37 -1.21
N GLY A 87 2.81 -17.18 -0.92
CA GLY A 87 1.94 -16.90 0.21
C GLY A 87 2.67 -16.65 1.54
N GLN A 88 3.91 -17.15 1.66
CA GLN A 88 4.71 -17.24 2.89
C GLN A 88 5.34 -15.89 3.31
N GLY A 89 4.55 -14.87 3.66
CA GLY A 89 5.06 -13.55 4.00
C GLY A 89 4.20 -12.80 5.02
N HIS A 90 3.28 -12.00 4.51
CA HIS A 90 2.26 -11.23 5.23
C HIS A 90 0.94 -11.33 4.44
N LEU A 91 -0.23 -11.16 5.08
CA LEU A 91 -1.50 -11.21 4.35
C LEU A 91 -1.88 -9.87 3.71
N GLY A 92 -1.34 -8.75 4.20
CA GLY A 92 -1.58 -7.40 3.69
C GLY A 92 -0.70 -6.94 2.53
N ASP A 93 -0.06 -7.86 1.76
CA ASP A 93 0.63 -7.51 0.51
C ASP A 93 -0.29 -7.74 -0.72
N LEU A 94 -0.29 -6.82 -1.70
CA LEU A 94 -1.22 -6.74 -2.83
C LEU A 94 -0.45 -6.62 -4.18
N PRO A 95 -1.04 -7.02 -5.32
CA PRO A 95 -0.33 -7.10 -6.61
C PRO A 95 -0.03 -5.71 -7.17
N VAL A 96 0.91 -5.65 -8.13
CA VAL A 96 1.58 -4.39 -8.46
C VAL A 96 0.67 -3.39 -9.21
N LEU A 97 0.63 -2.19 -8.65
CA LEU A 97 -0.06 -0.99 -9.09
C LEU A 97 0.74 -0.36 -10.26
N VAL A 98 0.51 -0.84 -11.49
CA VAL A 98 1.07 -0.29 -12.73
C VAL A 98 0.54 1.16 -12.94
N VAL A 99 1.30 2.04 -13.57
CA VAL A 99 0.95 3.47 -13.77
C VAL A 99 1.18 3.87 -15.23
N ASN A 100 0.20 4.56 -15.82
CA ASN A 100 0.30 5.10 -17.18
C ASN A 100 1.38 6.21 -17.34
N ASN A 101 2.06 6.18 -18.50
CA ASN A 101 3.25 6.95 -18.89
C ASN A 101 3.26 8.48 -18.59
N ASP A 102 2.09 9.10 -18.47
CA ASP A 102 1.88 10.55 -18.41
C ASP A 102 2.16 11.14 -17.01
N GLY A 103 2.14 10.29 -15.98
CA GLY A 103 2.19 10.66 -14.56
C GLY A 103 0.84 10.53 -13.85
N ILE A 104 -0.14 9.90 -14.49
CA ILE A 104 -1.50 9.68 -14.00
C ILE A 104 -1.75 8.17 -13.87
N ALA A 105 -2.20 7.69 -12.71
CA ALA A 105 -2.63 6.30 -12.50
C ALA A 105 -4.13 6.16 -12.76
N THR A 106 -4.52 5.09 -13.45
CA THR A 106 -5.90 4.79 -13.88
C THR A 106 -6.15 3.28 -14.06
N GLU A 107 -5.11 2.47 -13.88
CA GLU A 107 -5.02 1.02 -14.10
C GLU A 107 -5.63 0.21 -12.93
N PRO A 108 -6.68 -0.61 -13.15
CA PRO A 108 -7.33 -1.40 -12.10
C PRO A 108 -6.52 -2.67 -11.72
N VAL A 109 -6.64 -3.08 -10.46
CA VAL A 109 -6.11 -4.36 -9.90
C VAL A 109 -7.07 -4.93 -8.85
N THR A 110 -6.90 -6.20 -8.44
CA THR A 110 -7.71 -6.87 -7.39
C THR A 110 -6.81 -7.71 -6.50
N ALA A 111 -7.01 -7.67 -5.17
CA ALA A 111 -6.30 -8.54 -4.23
C ALA A 111 -7.24 -9.57 -3.55
N PRO A 112 -7.12 -10.88 -3.86
CA PRO A 112 -7.95 -11.93 -3.27
C PRO A 112 -7.54 -12.35 -1.85
N ARG A 113 -6.48 -11.76 -1.26
CA ARG A 113 -6.04 -12.12 0.11
C ARG A 113 -6.98 -11.58 1.22
N LEU A 114 -7.92 -10.68 0.89
CA LEU A 114 -8.91 -10.08 1.78
C LEU A 114 -10.25 -9.95 1.02
N LYS A 115 -11.38 -10.17 1.67
CA LYS A 115 -12.67 -10.49 1.00
C LYS A 115 -13.92 -9.80 1.57
N SER A 116 -13.74 -8.72 2.33
CA SER A 116 -14.78 -7.79 2.73
C SER A 116 -14.14 -6.42 2.98
N LEU A 117 -14.95 -5.36 3.06
CA LEU A 117 -14.47 -4.03 3.46
C LEU A 117 -14.47 -3.93 5.00
N ASP A 118 -15.43 -4.58 5.66
CA ASP A 118 -15.54 -4.72 7.12
C ASP A 118 -14.24 -5.21 7.78
N GLU A 119 -13.53 -6.17 7.17
CA GLU A 119 -12.27 -6.72 7.70
C GLU A 119 -11.06 -5.76 7.57
N VAL A 120 -11.22 -4.60 6.92
CA VAL A 120 -10.16 -3.58 6.73
C VAL A 120 -10.58 -2.16 7.16
N LYS A 121 -11.70 -2.04 7.89
CA LYS A 121 -12.36 -0.77 8.27
C LYS A 121 -11.54 0.25 9.10
N ASP A 122 -10.32 -0.09 9.52
CA ASP A 122 -9.43 0.78 10.33
C ASP A 122 -7.96 0.73 9.85
N LYS A 123 -7.74 0.34 8.60
CA LYS A 123 -6.40 0.20 8.02
C LYS A 123 -6.04 1.35 7.07
N ALA A 124 -4.75 1.63 6.97
CA ALA A 124 -4.20 2.33 5.81
C ALA A 124 -3.91 1.32 4.68
N LEU A 125 -4.03 1.77 3.43
CA LEU A 125 -3.36 1.17 2.27
C LEU A 125 -2.39 2.19 1.70
N MET A 126 -1.26 1.72 1.19
CA MET A 126 -0.19 2.56 0.67
C MET A 126 0.33 2.11 -0.70
N ILE A 127 0.81 3.09 -1.48
CA ILE A 127 1.49 2.90 -2.79
C ILE A 127 3.00 2.97 -2.56
N HIS A 128 3.75 2.02 -3.12
CA HIS A 128 5.13 1.72 -2.76
C HIS A 128 6.09 1.82 -3.97
N VAL A 129 7.32 2.30 -3.76
CA VAL A 129 8.20 2.84 -4.82
C VAL A 129 8.67 1.77 -5.81
N GLY A 130 8.91 0.54 -5.37
CA GLY A 130 9.14 -0.62 -6.23
C GLY A 130 7.96 -1.59 -6.22
N GLY A 131 7.76 -2.31 -7.34
CA GLY A 131 6.99 -3.56 -7.39
C GLY A 131 7.58 -4.62 -6.46
N ASP A 132 6.71 -5.46 -5.92
CA ASP A 132 6.80 -5.87 -4.52
C ASP A 132 7.37 -7.28 -4.28
N ASN A 133 7.43 -8.13 -5.32
CA ASN A 133 7.71 -9.57 -5.24
C ASN A 133 9.19 -9.94 -4.98
N MET A 134 9.83 -9.39 -3.95
CA MET A 134 11.25 -9.62 -3.62
C MET A 134 11.48 -9.71 -2.10
N SER A 135 12.20 -10.74 -1.67
CA SER A 135 12.46 -11.00 -0.23
C SER A 135 13.90 -11.43 0.03
N ASP A 136 14.37 -12.49 -0.66
CA ASP A 136 15.58 -13.27 -0.35
C ASP A 136 16.90 -12.57 -0.76
N GLN A 137 16.97 -11.26 -0.55
CA GLN A 137 18.05 -10.34 -0.91
C GLN A 137 18.54 -9.59 0.35
N PRO A 138 19.74 -8.95 0.33
CA PRO A 138 20.30 -8.24 1.48
C PRO A 138 19.47 -7.01 1.91
N LYS A 139 18.60 -6.48 1.03
CA LYS A 139 17.36 -5.83 1.47
C LYS A 139 16.16 -6.43 0.69
N PRO A 140 15.02 -6.73 1.35
CA PRO A 140 13.80 -7.13 0.68
C PRO A 140 13.20 -5.94 -0.09
N LEU A 141 12.30 -6.22 -1.05
CA LEU A 141 11.68 -5.26 -1.96
C LEU A 141 12.71 -4.52 -2.86
N GLY A 142 13.99 -4.93 -2.86
CA GLY A 142 15.09 -4.27 -3.57
C GLY A 142 15.45 -2.87 -3.00
N GLY A 143 14.91 -2.52 -1.83
CA GLY A 143 14.91 -1.16 -1.29
C GLY A 143 13.73 -0.29 -1.77
N GLY A 144 12.79 -0.84 -2.55
CA GLY A 144 11.59 -0.17 -3.06
C GLY A 144 10.41 -0.11 -2.07
N GLY A 145 10.63 -0.46 -0.80
CA GLY A 145 9.64 -0.43 0.28
C GLY A 145 9.30 0.98 0.80
N THR A 146 9.99 2.01 0.29
CA THR A 146 9.59 3.43 0.43
C THR A 146 8.25 3.67 -0.27
N ARG A 147 7.56 4.74 0.13
CA ARG A 147 6.17 5.03 -0.25
C ARG A 147 6.03 6.19 -1.25
N TYR A 148 5.00 6.17 -2.09
CA TYR A 148 4.54 7.37 -2.83
C TYR A 148 3.20 7.92 -2.31
N ALA A 149 2.40 7.13 -1.58
CA ALA A 149 1.17 7.60 -0.93
C ALA A 149 0.69 6.65 0.19
N CYS A 150 -0.09 7.17 1.14
CA CYS A 150 -1.02 6.42 1.99
C CYS A 150 -2.47 6.84 1.71
N GLY A 151 -3.45 6.05 2.14
CA GLY A 151 -4.85 6.45 2.33
C GLY A 151 -5.49 5.59 3.42
N VAL A 152 -6.22 6.21 4.34
CA VAL A 152 -6.89 5.54 5.46
C VAL A 152 -8.33 5.19 5.09
N ILE A 153 -8.74 3.94 5.31
CA ILE A 153 -10.07 3.41 4.96
C ILE A 153 -11.18 4.09 5.76
N LYS A 154 -12.16 4.67 5.05
CA LYS A 154 -13.34 5.32 5.67
C LYS A 154 -14.64 4.56 5.41
N ALA A 1 -19.23 -4.69 0.12
CA ALA A 1 -19.41 -3.22 0.12
C ALA A 1 -18.34 -2.55 -0.75
N SER A 2 -18.17 -1.24 -0.59
CA SER A 2 -17.26 -0.41 -1.37
C SER A 2 -16.79 0.77 -0.51
N GLU A 3 -15.62 1.33 -0.85
CA GLU A 3 -15.03 2.50 -0.20
C GLU A 3 -14.10 3.22 -1.19
N LYS A 4 -14.37 4.49 -1.46
CA LYS A 4 -13.50 5.37 -2.23
C LYS A 4 -12.47 6.01 -1.28
N VAL A 5 -11.22 5.54 -1.25
CA VAL A 5 -10.23 6.05 -0.27
C VAL A 5 -9.42 7.19 -0.87
N GLY A 6 -9.49 8.36 -0.22
CA GLY A 6 -8.77 9.58 -0.59
C GLY A 6 -7.33 9.53 -0.10
N MET A 7 -6.42 9.30 -1.04
CA MET A 7 -4.98 9.21 -0.79
C MET A 7 -4.25 10.57 -0.88
N ASN A 8 -3.25 10.72 -0.02
CA ASN A 8 -2.39 11.89 0.09
C ASN A 8 -0.92 11.54 -0.17
N LEU A 9 -0.16 12.50 -0.70
CA LEU A 9 1.26 12.40 -1.04
C LEU A 9 2.14 12.50 0.22
N VAL A 10 2.01 11.52 1.10
CA VAL A 10 2.77 11.43 2.37
C VAL A 10 4.22 11.03 2.17
N THR A 11 5.04 11.39 3.17
CA THR A 11 6.48 11.16 3.20
C THR A 11 6.98 11.22 4.65
N ALA A 12 8.26 11.52 4.84
CA ALA A 12 9.00 11.52 6.11
C ALA A 12 8.39 12.47 7.17
N GLN A 13 7.68 13.51 6.72
CA GLN A 13 7.05 14.53 7.55
C GLN A 13 5.63 14.12 8.00
N GLY A 14 5.03 13.11 7.35
CA GLY A 14 3.60 12.84 7.35
C GLY A 14 2.94 13.40 6.09
N VAL A 15 1.76 13.99 6.26
CA VAL A 15 0.80 14.36 5.19
C VAL A 15 1.28 15.56 4.34
N GLY A 16 1.06 15.48 3.01
CA GLY A 16 1.45 16.47 2.00
C GLY A 16 0.25 17.07 1.26
N GLN A 17 0.02 16.65 0.00
CA GLN A 17 -1.08 17.04 -0.87
C GLN A 17 -1.97 15.87 -1.30
N SER A 18 -3.26 16.12 -1.53
CA SER A 18 -4.16 15.17 -2.22
C SER A 18 -4.29 15.48 -3.73
N ILE A 19 -4.33 14.44 -4.56
CA ILE A 19 -4.33 14.52 -6.04
C ILE A 19 -5.28 13.52 -6.73
N GLY A 20 -6.08 12.79 -5.96
CA GLY A 20 -6.86 11.65 -6.44
C GLY A 20 -7.30 10.71 -5.30
N THR A 21 -8.20 9.79 -5.61
CA THR A 21 -8.59 8.68 -4.71
C THR A 21 -8.22 7.35 -5.37
N VAL A 22 -8.59 6.25 -4.72
CA VAL A 22 -8.78 4.96 -5.37
C VAL A 22 -10.14 4.43 -4.97
N VAL A 23 -10.92 3.89 -5.92
CA VAL A 23 -12.18 3.22 -5.61
C VAL A 23 -11.94 1.74 -5.33
N ILE A 24 -12.39 1.28 -4.16
CA ILE A 24 -12.28 -0.10 -3.72
C ILE A 24 -13.68 -0.71 -3.61
N ASP A 25 -13.91 -1.86 -4.24
CA ASP A 25 -15.19 -2.58 -4.25
C ASP A 25 -14.96 -4.08 -4.21
N GLU A 26 -15.75 -4.70 -3.35
CA GLU A 26 -15.50 -6.03 -2.84
C GLU A 26 -16.19 -7.10 -3.67
N THR A 27 -15.52 -8.22 -3.96
CA THR A 27 -16.22 -9.37 -4.51
C THR A 27 -15.60 -10.69 -4.10
N GLU A 28 -16.10 -11.81 -4.63
CA GLU A 28 -15.61 -13.16 -4.32
C GLU A 28 -14.21 -13.46 -4.91
N GLY A 29 -13.68 -12.55 -5.74
CA GLY A 29 -12.26 -12.46 -6.13
C GLY A 29 -11.51 -11.33 -5.43
N GLY A 30 -12.12 -10.75 -4.41
CA GLY A 30 -11.58 -9.79 -3.45
C GLY A 30 -11.75 -8.32 -3.81
N LEU A 31 -10.83 -7.51 -3.30
CA LEU A 31 -10.84 -6.04 -3.47
C LEU A 31 -10.48 -5.65 -4.91
N LYS A 32 -11.49 -5.27 -5.71
CA LYS A 32 -11.30 -4.61 -7.00
C LYS A 32 -10.93 -3.14 -6.78
N PHE A 33 -9.72 -2.77 -7.20
CA PHE A 33 -9.06 -1.51 -6.93
C PHE A 33 -8.91 -0.72 -8.24
N THR A 34 -9.60 0.43 -8.39
CA THR A 34 -9.52 1.25 -9.61
C THR A 34 -9.01 2.63 -9.24
N PRO A 35 -7.75 2.98 -9.58
CA PRO A 35 -7.14 4.26 -9.24
C PRO A 35 -7.61 5.34 -10.21
N HIS A 36 -7.40 6.61 -9.83
CA HIS A 36 -7.68 7.76 -10.71
C HIS A 36 -6.80 8.98 -10.38
N LEU A 37 -5.57 8.74 -9.90
CA LEU A 37 -4.64 9.79 -9.44
C LEU A 37 -3.77 10.29 -10.58
N LYS A 38 -3.66 11.61 -10.72
CA LYS A 38 -3.25 12.24 -11.99
C LYS A 38 -1.83 12.85 -12.02
N ALA A 39 -0.98 12.45 -11.07
CA ALA A 39 0.36 13.01 -10.89
C ALA A 39 1.27 12.07 -10.08
N LEU A 40 1.78 11.00 -10.71
CA LEU A 40 2.77 10.07 -10.14
C LEU A 40 3.81 9.68 -11.19
N PRO A 41 5.01 9.22 -10.79
CA PRO A 41 5.98 8.72 -11.73
C PRO A 41 5.46 7.47 -12.45
N PRO A 42 5.56 7.41 -13.80
CA PRO A 42 4.65 6.70 -14.70
C PRO A 42 5.04 5.23 -14.92
N GLY A 43 5.58 4.62 -13.87
CA GLY A 43 6.14 3.27 -13.85
C GLY A 43 5.21 2.22 -13.24
N GLU A 44 5.81 1.38 -12.39
CA GLU A 44 5.16 0.31 -11.65
C GLU A 44 5.61 0.39 -10.18
N HIS A 45 4.64 0.34 -9.28
CA HIS A 45 4.81 0.63 -7.85
C HIS A 45 4.18 -0.43 -6.95
N GLY A 46 4.74 -0.73 -5.78
CA GLY A 46 4.15 -1.65 -4.81
C GLY A 46 2.84 -1.10 -4.24
N PHE A 47 1.91 -1.97 -3.87
CA PHE A 47 0.66 -1.61 -3.18
C PHE A 47 0.60 -2.46 -1.90
N HIS A 48 0.74 -1.85 -0.72
CA HIS A 48 0.52 -2.57 0.57
C HIS A 48 -0.67 -2.03 1.38
N ILE A 49 -1.19 -2.88 2.26
CA ILE A 49 -1.98 -2.52 3.44
C ILE A 49 -1.06 -2.63 4.66
N HIS A 50 -1.35 -1.85 5.70
CA HIS A 50 -0.54 -1.76 6.91
C HIS A 50 -1.47 -1.75 8.12
N ALA A 51 -1.02 -2.33 9.24
CA ALA A 51 -1.90 -2.91 10.25
C ALA A 51 -2.84 -1.91 10.94
N ASN A 52 -2.47 -0.64 11.06
CA ASN A 52 -3.34 0.43 11.59
C ASN A 52 -3.46 1.63 10.61
N GLY A 53 -4.55 2.39 10.71
CA GLY A 53 -4.88 3.51 9.82
C GLY A 53 -4.33 4.84 10.31
N SER A 54 -3.04 5.11 10.04
CA SER A 54 -2.38 6.36 10.43
C SER A 54 -1.03 6.56 9.71
N CYS A 55 -1.04 7.32 8.60
CA CYS A 55 0.13 7.75 7.82
C CYS A 55 1.04 8.76 8.56
N GLN A 56 1.37 8.51 9.82
CA GLN A 56 2.01 9.48 10.73
C GLN A 56 3.37 8.94 11.24
N PRO A 57 4.48 9.72 11.11
CA PRO A 57 5.85 9.25 11.34
C PRO A 57 6.28 9.22 12.81
N ALA A 58 7.53 8.78 13.00
CA ALA A 58 8.36 8.99 14.18
C ALA A 58 9.84 9.14 13.76
N ILE A 59 10.72 9.48 14.70
CA ILE A 59 12.18 9.48 14.52
C ILE A 59 12.77 8.34 15.35
N LYS A 60 13.69 7.58 14.76
CA LYS A 60 14.44 6.49 15.41
C LYS A 60 15.81 6.33 14.76
N ASP A 61 16.85 6.02 15.54
CA ASP A 61 18.14 5.50 15.05
C ASP A 61 18.87 6.42 14.04
N GLY A 62 18.60 7.73 14.08
CA GLY A 62 19.16 8.72 13.15
C GLY A 62 18.39 8.86 11.83
N GLN A 63 17.14 8.40 11.75
CA GLN A 63 16.30 8.43 10.53
C GLN A 63 14.80 8.58 10.86
N ALA A 64 13.99 8.97 9.87
CA ALA A 64 12.55 9.23 10.01
C ALA A 64 11.71 8.07 9.44
N VAL A 65 10.77 7.55 10.24
CA VAL A 65 10.04 6.30 9.98
C VAL A 65 8.95 6.43 8.88
N ALA A 66 8.54 7.66 8.52
CA ALA A 66 7.50 8.03 7.53
C ALA A 66 6.07 7.71 7.99
N ALA A 67 5.83 6.49 8.46
CA ALA A 67 4.59 6.11 9.14
C ALA A 67 4.90 5.01 10.19
N GLU A 68 4.87 5.37 11.47
CA GLU A 68 5.07 4.45 12.60
C GLU A 68 3.72 3.96 13.14
N ALA A 69 2.76 4.88 13.28
CA ALA A 69 1.40 4.57 13.75
C ALA A 69 0.60 3.70 12.75
N ALA A 70 1.12 3.49 11.53
CA ALA A 70 0.53 2.61 10.52
C ALA A 70 0.72 1.12 10.79
N GLY A 71 1.62 0.70 11.69
CA GLY A 71 1.84 -0.73 11.97
C GLY A 71 2.70 -1.44 10.92
N GLY A 72 2.82 -2.77 11.06
CA GLY A 72 3.56 -3.65 10.14
C GLY A 72 2.82 -3.90 8.81
N HIS A 73 3.32 -4.83 8.00
CA HIS A 73 2.75 -5.28 6.71
C HIS A 73 1.38 -5.99 6.83
N LEU A 74 0.76 -5.98 8.02
CA LEU A 74 -0.35 -6.84 8.43
C LEU A 74 0.14 -8.30 8.36
N ASP A 75 0.80 -8.70 9.45
CA ASP A 75 1.96 -9.60 9.44
C ASP A 75 2.33 -10.33 10.76
N PRO A 76 1.44 -10.47 11.79
CA PRO A 76 1.87 -10.75 13.16
C PRO A 76 2.47 -12.14 13.40
N GLN A 77 2.03 -13.18 12.69
CA GLN A 77 2.37 -14.59 12.98
C GLN A 77 2.64 -15.44 11.72
N ASN A 78 2.72 -14.80 10.55
CA ASN A 78 2.65 -15.48 9.25
C ASN A 78 3.99 -16.08 8.80
N THR A 79 5.08 -15.32 9.01
CA THR A 79 6.50 -15.48 8.63
C THR A 79 7.12 -14.09 8.58
N GLY A 80 8.46 -13.99 8.69
CA GLY A 80 9.16 -12.71 8.83
C GLY A 80 9.47 -12.03 7.50
N LYS A 81 9.85 -12.81 6.47
CA LYS A 81 10.28 -12.30 5.16
C LYS A 81 9.13 -11.83 4.25
N HIS A 82 9.44 -11.29 3.08
CA HIS A 82 8.47 -10.69 2.15
C HIS A 82 8.52 -11.32 0.75
N GLU A 83 7.44 -11.18 -0.03
CA GLU A 83 7.28 -11.82 -1.33
C GLU A 83 6.39 -11.03 -2.33
N GLY A 84 5.25 -11.59 -2.74
CA GLY A 84 4.33 -11.14 -3.77
C GLY A 84 3.63 -12.32 -4.48
N PRO A 85 4.38 -13.29 -5.07
CA PRO A 85 3.83 -14.27 -6.00
C PRO A 85 3.47 -15.65 -5.43
N GLU A 86 3.82 -16.01 -4.18
CA GLU A 86 3.83 -17.43 -3.75
C GLU A 86 3.44 -17.72 -2.29
N GLY A 87 3.42 -16.72 -1.39
CA GLY A 87 2.80 -16.82 -0.06
C GLY A 87 3.73 -16.86 1.16
N GLN A 88 5.06 -16.98 1.00
CA GLN A 88 6.05 -16.83 2.09
C GLN A 88 6.23 -15.36 2.56
N GLY A 89 5.15 -14.70 2.99
CA GLY A 89 5.23 -13.34 3.54
C GLY A 89 3.91 -12.72 3.96
N HIS A 90 3.72 -12.55 5.27
CA HIS A 90 2.71 -11.66 5.86
C HIS A 90 1.27 -12.04 5.40
N LEU A 91 0.39 -11.05 5.22
CA LEU A 91 -0.77 -11.17 4.30
C LEU A 91 -1.11 -9.87 3.55
N GLY A 92 -0.81 -8.69 4.12
CA GLY A 92 -1.19 -7.38 3.58
C GLY A 92 -0.31 -6.82 2.47
N ASP A 93 0.33 -7.67 1.67
CA ASP A 93 1.07 -7.31 0.46
C ASP A 93 0.21 -7.56 -0.81
N LEU A 94 0.16 -6.60 -1.76
CA LEU A 94 -0.77 -6.57 -2.89
C LEU A 94 -0.01 -6.32 -4.21
N PRO A 95 -0.51 -6.79 -5.36
CA PRO A 95 0.21 -6.78 -6.64
C PRO A 95 0.43 -5.36 -7.14
N VAL A 96 1.47 -5.16 -7.97
CA VAL A 96 1.96 -3.81 -8.28
C VAL A 96 0.89 -2.91 -8.90
N LEU A 97 0.80 -1.71 -8.34
CA LEU A 97 0.08 -0.57 -8.85
C LEU A 97 0.83 -0.06 -10.08
N VAL A 98 0.50 -0.61 -11.24
CA VAL A 98 0.96 -0.12 -12.55
C VAL A 98 0.39 1.28 -12.78
N VAL A 99 1.21 2.17 -13.32
CA VAL A 99 0.90 3.56 -13.66
C VAL A 99 1.08 3.72 -15.16
N ASN A 100 0.15 4.36 -15.87
CA ASN A 100 0.32 4.62 -17.29
C ASN A 100 1.50 5.58 -17.57
N ASN A 101 2.16 5.42 -18.72
CA ASN A 101 3.36 6.15 -19.15
C ASN A 101 3.28 7.70 -19.12
N ASP A 102 2.08 8.27 -19.02
CA ASP A 102 1.78 9.71 -19.04
C ASP A 102 1.78 10.35 -17.64
N GLY A 103 1.85 9.55 -16.56
CA GLY A 103 1.95 10.02 -15.17
C GLY A 103 0.63 10.02 -14.40
N ILE A 104 -0.34 9.24 -14.86
CA ILE A 104 -1.66 9.07 -14.25
C ILE A 104 -1.88 7.58 -14.00
N ALA A 105 -2.21 7.20 -12.77
CA ALA A 105 -2.61 5.83 -12.44
C ALA A 105 -4.12 5.72 -12.65
N THR A 106 -4.52 4.91 -13.63
CA THR A 106 -5.91 4.62 -14.00
C THR A 106 -6.17 3.11 -14.18
N GLU A 107 -5.12 2.31 -14.06
CA GLU A 107 -5.06 0.88 -14.31
C GLU A 107 -5.79 0.09 -13.20
N PRO A 108 -6.90 -0.62 -13.49
CA PRO A 108 -7.61 -1.43 -12.51
C PRO A 108 -6.83 -2.71 -12.19
N VAL A 109 -6.78 -3.08 -10.91
CA VAL A 109 -6.21 -4.35 -10.41
C VAL A 109 -7.13 -4.95 -9.35
N THR A 110 -6.93 -6.23 -9.00
CA THR A 110 -7.74 -6.92 -7.97
C THR A 110 -6.84 -7.68 -7.02
N ALA A 111 -7.14 -7.64 -5.73
CA ALA A 111 -6.36 -8.29 -4.69
C ALA A 111 -7.15 -9.43 -3.98
N PRO A 112 -7.15 -10.67 -4.50
CA PRO A 112 -7.82 -11.82 -3.90
C PRO A 112 -7.27 -12.29 -2.53
N ARG A 113 -6.30 -11.58 -1.94
CA ARG A 113 -5.86 -11.84 -0.56
C ARG A 113 -6.86 -11.27 0.47
N LEU A 114 -7.53 -10.16 0.13
CA LEU A 114 -8.52 -9.47 0.95
C LEU A 114 -9.90 -9.67 0.33
N LYS A 115 -10.88 -10.15 1.10
CA LYS A 115 -12.18 -10.63 0.60
C LYS A 115 -13.39 -9.86 1.15
N SER A 116 -13.14 -8.84 1.96
CA SER A 116 -14.05 -7.72 2.25
C SER A 116 -13.29 -6.45 2.69
N LEU A 117 -13.97 -5.28 2.70
CA LEU A 117 -13.46 -4.11 3.46
C LEU A 117 -13.43 -4.40 4.97
N ASP A 118 -14.34 -5.25 5.46
CA ASP A 118 -14.53 -5.60 6.87
C ASP A 118 -13.22 -5.87 7.65
N GLU A 119 -12.29 -6.64 7.08
CA GLU A 119 -10.99 -6.97 7.70
C GLU A 119 -9.95 -5.83 7.65
N VAL A 120 -10.27 -4.70 7.01
CA VAL A 120 -9.36 -3.54 6.83
C VAL A 120 -10.04 -2.22 7.20
N LYS A 121 -11.19 -2.26 7.88
CA LYS A 121 -12.01 -1.10 8.27
C LYS A 121 -11.30 -0.04 9.14
N ASP A 122 -10.16 -0.42 9.71
CA ASP A 122 -9.33 0.27 10.69
C ASP A 122 -7.95 0.71 10.13
N LYS A 123 -7.69 0.52 8.83
CA LYS A 123 -6.33 0.46 8.27
C LYS A 123 -5.99 1.54 7.21
N ALA A 124 -4.72 1.55 6.81
CA ALA A 124 -4.19 2.38 5.72
C ALA A 124 -3.88 1.54 4.47
N LEU A 125 -4.12 2.13 3.29
CA LEU A 125 -3.66 1.64 1.98
C LEU A 125 -2.51 2.55 1.52
N MET A 126 -1.39 1.99 1.07
CA MET A 126 -0.17 2.76 0.79
C MET A 126 0.46 2.41 -0.56
N ILE A 127 0.66 3.42 -1.41
CA ILE A 127 1.41 3.33 -2.67
C ILE A 127 2.90 3.47 -2.37
N HIS A 128 3.65 2.40 -2.62
CA HIS A 128 5.06 2.24 -2.32
C HIS A 128 5.96 2.49 -3.54
N VAL A 129 7.16 3.03 -3.32
CA VAL A 129 8.13 3.32 -4.40
C VAL A 129 8.65 2.02 -5.01
N GLY A 130 9.12 1.08 -4.18
CA GLY A 130 9.48 -0.28 -4.61
C GLY A 130 8.23 -1.12 -4.91
N GLY A 131 8.38 -2.10 -5.81
CA GLY A 131 7.36 -3.04 -6.27
C GLY A 131 7.07 -4.17 -5.28
N ASP A 132 6.40 -5.21 -5.78
CA ASP A 132 5.84 -6.29 -4.97
C ASP A 132 5.69 -7.57 -5.83
N ASN A 133 6.66 -8.48 -5.70
CA ASN A 133 6.89 -9.65 -6.58
C ASN A 133 8.05 -10.57 -6.13
N MET A 134 8.60 -10.38 -4.92
CA MET A 134 10.03 -10.60 -4.63
C MET A 134 10.25 -11.50 -3.41
N SER A 135 10.08 -12.82 -3.58
CA SER A 135 10.32 -13.81 -2.51
C SER A 135 11.82 -13.99 -2.23
N ASP A 136 12.29 -13.52 -1.06
CA ASP A 136 13.64 -13.66 -0.47
C ASP A 136 14.53 -12.43 -0.71
N GLN A 137 15.11 -11.87 0.36
CA GLN A 137 15.93 -10.66 0.31
C GLN A 137 16.84 -10.52 1.55
N PRO A 138 18.08 -9.99 1.40
CA PRO A 138 18.95 -9.65 2.51
C PRO A 138 18.58 -8.28 3.12
N LYS A 139 18.47 -7.23 2.29
CA LYS A 139 17.88 -5.94 2.71
C LYS A 139 16.37 -6.18 2.96
N PRO A 140 15.87 -6.03 4.20
CA PRO A 140 14.59 -6.61 4.62
C PRO A 140 13.38 -5.90 4.02
N LEU A 141 12.22 -6.58 4.10
CA LEU A 141 10.86 -6.04 3.91
C LEU A 141 10.49 -5.67 2.45
N GLY A 142 11.49 -5.61 1.55
CA GLY A 142 11.36 -5.26 0.13
C GLY A 142 12.26 -4.11 -0.33
N GLY A 143 13.04 -3.48 0.56
CA GLY A 143 14.13 -2.54 0.21
C GLY A 143 13.73 -1.14 -0.28
N GLY A 144 12.54 -0.99 -0.87
CA GLY A 144 11.97 0.28 -1.34
C GLY A 144 10.75 0.71 -0.52
N GLY A 145 10.96 0.93 0.79
CA GLY A 145 9.91 1.22 1.78
C GLY A 145 9.42 2.67 1.80
N THR A 146 10.01 3.55 0.98
CA THR A 146 9.47 4.89 0.68
C THR A 146 8.12 4.77 0.00
N ARG A 147 7.23 5.72 0.27
CA ARG A 147 5.89 5.81 -0.31
C ARG A 147 5.84 6.93 -1.36
N TYR A 148 4.95 6.82 -2.34
CA TYR A 148 4.42 7.97 -3.07
C TYR A 148 3.05 8.42 -2.53
N ALA A 149 2.29 7.56 -1.84
CA ALA A 149 1.03 7.94 -1.18
C ALA A 149 0.58 7.01 -0.05
N CYS A 150 -0.32 7.50 0.80
CA CYS A 150 -1.05 6.78 1.84
C CYS A 150 -2.50 7.31 1.94
N GLY A 151 -3.44 6.48 2.37
CA GLY A 151 -4.84 6.85 2.59
C GLY A 151 -5.49 5.99 3.67
N VAL A 152 -6.21 6.63 4.58
CA VAL A 152 -6.87 5.96 5.72
C VAL A 152 -8.30 5.58 5.34
N ILE A 153 -8.68 4.34 5.62
CA ILE A 153 -10.02 3.80 5.36
C ILE A 153 -11.05 4.42 6.32
N LYS A 154 -12.25 4.75 5.82
CA LYS A 154 -13.33 5.32 6.61
C LYS A 154 -14.40 4.26 6.86
N ALA A 1 -20.07 -2.97 -3.02
CA ALA A 1 -20.13 -2.04 -1.88
C ALA A 1 -18.76 -1.38 -1.71
N SER A 2 -18.70 -0.07 -1.47
CA SER A 2 -17.57 0.72 -1.95
C SER A 2 -17.14 1.86 -1.01
N GLU A 3 -15.87 2.25 -1.11
CA GLU A 3 -15.38 3.53 -0.60
C GLU A 3 -14.14 4.01 -1.38
N LYS A 4 -14.15 5.30 -1.70
CA LYS A 4 -13.09 6.01 -2.36
C LYS A 4 -12.11 6.59 -1.31
N VAL A 5 -10.87 6.08 -1.24
CA VAL A 5 -9.88 6.54 -0.25
C VAL A 5 -8.88 7.50 -0.92
N GLY A 6 -8.68 8.66 -0.30
CA GLY A 6 -7.72 9.69 -0.73
C GLY A 6 -6.31 9.29 -0.32
N MET A 7 -5.47 9.00 -1.31
CA MET A 7 -4.09 8.57 -1.08
C MET A 7 -3.14 9.77 -1.06
N ASN A 8 -3.01 10.39 0.11
CA ASN A 8 -2.22 11.60 0.32
C ASN A 8 -0.71 11.34 0.17
N LEU A 9 0.01 12.26 -0.47
CA LEU A 9 1.47 12.19 -0.61
C LEU A 9 2.10 12.29 0.78
N VAL A 10 3.09 11.44 1.06
CA VAL A 10 3.85 11.41 2.34
C VAL A 10 5.33 11.22 2.06
N THR A 11 6.18 11.65 3.01
CA THR A 11 7.63 11.77 2.84
C THR A 11 8.36 12.04 4.16
N ALA A 12 8.03 11.28 5.20
CA ALA A 12 8.68 11.28 6.53
C ALA A 12 8.41 12.55 7.39
N GLN A 13 7.95 13.65 6.78
CA GLN A 13 7.49 14.85 7.47
C GLN A 13 6.00 14.74 7.88
N GLY A 14 5.31 13.66 7.50
CA GLY A 14 3.88 13.43 7.73
C GLY A 14 3.05 13.57 6.46
N VAL A 15 1.74 13.81 6.63
CA VAL A 15 0.76 14.05 5.55
C VAL A 15 1.04 15.39 4.84
N GLY A 16 1.14 15.34 3.51
CA GLY A 16 1.32 16.51 2.64
C GLY A 16 0.00 17.04 2.10
N GLN A 17 -0.41 16.49 0.96
CA GLN A 17 -1.62 16.81 0.20
C GLN A 17 -1.79 15.73 -0.89
N SER A 18 -2.98 15.57 -1.47
CA SER A 18 -3.26 14.51 -2.46
C SER A 18 -3.52 15.04 -3.89
N ILE A 19 -3.05 14.32 -4.91
CA ILE A 19 -3.41 14.50 -6.34
C ILE A 19 -4.29 13.35 -6.83
N GLY A 20 -5.18 12.88 -5.96
CA GLY A 20 -6.33 12.10 -6.36
C GLY A 20 -6.87 11.20 -5.25
N THR A 21 -7.54 10.12 -5.64
CA THR A 21 -7.98 9.03 -4.75
C THR A 21 -7.77 7.68 -5.45
N VAL A 22 -8.11 6.60 -4.77
CA VAL A 22 -8.36 5.29 -5.36
C VAL A 22 -9.72 4.81 -4.87
N VAL A 23 -10.54 4.27 -5.78
CA VAL A 23 -11.83 3.66 -5.40
C VAL A 23 -11.66 2.20 -5.07
N ILE A 24 -12.14 1.79 -3.89
CA ILE A 24 -12.26 0.39 -3.49
C ILE A 24 -13.73 -0.02 -3.54
N ASP A 25 -13.99 -1.18 -4.13
CA ASP A 25 -15.30 -1.83 -4.18
C ASP A 25 -15.12 -3.33 -3.93
N GLU A 26 -15.94 -3.94 -3.09
CA GLU A 26 -15.78 -5.35 -2.72
C GLU A 26 -16.48 -6.33 -3.68
N THR A 27 -15.99 -7.58 -3.68
CA THR A 27 -16.60 -8.71 -4.37
C THR A 27 -16.23 -10.00 -3.62
N GLU A 28 -16.80 -11.13 -4.02
CA GLU A 28 -16.45 -12.44 -3.46
C GLU A 28 -15.04 -12.90 -3.89
N GLY A 29 -14.45 -12.22 -4.88
CA GLY A 29 -13.00 -12.20 -5.17
C GLY A 29 -12.27 -11.00 -4.59
N GLY A 30 -12.87 -10.33 -3.61
CA GLY A 30 -12.27 -9.34 -2.71
C GLY A 30 -12.22 -7.90 -3.23
N LEU A 31 -11.12 -7.22 -2.88
CA LEU A 31 -11.03 -5.76 -2.95
C LEU A 31 -10.61 -5.28 -4.34
N LYS A 32 -11.58 -4.77 -5.11
CA LYS A 32 -11.41 -4.17 -6.43
C LYS A 32 -10.92 -2.72 -6.31
N PHE A 33 -9.67 -2.49 -6.70
CA PHE A 33 -8.90 -1.24 -6.62
C PHE A 33 -8.93 -0.55 -8.00
N THR A 34 -9.47 0.69 -8.12
CA THR A 34 -9.43 1.45 -9.38
C THR A 34 -8.88 2.85 -9.10
N PRO A 35 -7.65 3.19 -9.56
CA PRO A 35 -6.99 4.45 -9.24
C PRO A 35 -7.42 5.56 -10.20
N HIS A 36 -7.12 6.82 -9.87
CA HIS A 36 -7.37 7.94 -10.79
C HIS A 36 -6.41 9.15 -10.59
N LEU A 37 -5.26 8.94 -9.94
CA LEU A 37 -4.30 10.00 -9.58
C LEU A 37 -3.41 10.36 -10.77
N LYS A 38 -3.06 11.65 -10.93
CA LYS A 38 -2.33 12.13 -12.15
C LYS A 38 -0.88 12.54 -11.93
N ALA A 39 -0.36 12.18 -10.76
CA ALA A 39 0.93 12.61 -10.27
C ALA A 39 1.60 11.52 -9.41
N LEU A 40 2.08 10.44 -10.03
CA LEU A 40 2.96 9.44 -9.39
C LEU A 40 4.08 8.96 -10.31
N PRO A 41 5.13 8.33 -9.75
CA PRO A 41 6.21 7.82 -10.57
C PRO A 41 5.71 6.73 -11.53
N PRO A 42 5.97 6.86 -12.85
CA PRO A 42 5.13 6.41 -13.95
C PRO A 42 5.42 4.96 -14.38
N GLY A 43 5.78 4.14 -13.39
CA GLY A 43 6.14 2.73 -13.57
C GLY A 43 5.11 1.75 -12.97
N GLU A 44 5.62 0.79 -12.23
CA GLU A 44 4.85 -0.25 -11.55
C GLU A 44 5.18 -0.23 -10.06
N HIS A 45 4.16 -0.34 -9.18
CA HIS A 45 4.34 -0.19 -7.73
C HIS A 45 3.70 -1.26 -6.87
N GLY A 46 4.32 -1.55 -5.73
CA GLY A 46 3.69 -2.21 -4.61
C GLY A 46 2.47 -1.41 -4.12
N PHE A 47 1.37 -2.09 -3.80
CA PHE A 47 0.22 -1.51 -3.10
C PHE A 47 -0.20 -2.55 -2.07
N HIS A 48 0.04 -2.31 -0.78
CA HIS A 48 -0.40 -3.25 0.27
C HIS A 48 -1.40 -2.68 1.29
N ILE A 49 -2.00 -3.61 2.04
CA ILE A 49 -2.72 -3.38 3.31
C ILE A 49 -1.77 -3.67 4.48
N HIS A 50 -1.81 -2.85 5.54
CA HIS A 50 -1.00 -2.90 6.74
C HIS A 50 -1.87 -2.64 8.00
N ALA A 51 -1.45 -3.19 9.15
CA ALA A 51 -2.32 -3.47 10.31
C ALA A 51 -2.91 -2.27 11.08
N ASN A 52 -2.47 -1.03 10.86
CA ASN A 52 -3.05 0.16 11.50
C ASN A 52 -3.21 1.33 10.53
N GLY A 53 -4.37 2.00 10.56
CA GLY A 53 -4.76 3.10 9.67
C GLY A 53 -4.16 4.45 10.05
N SER A 54 -2.84 4.57 10.09
CA SER A 54 -2.16 5.82 10.48
C SER A 54 -0.74 5.99 9.90
N CYS A 55 -0.58 7.02 9.07
CA CYS A 55 0.62 7.35 8.32
C CYS A 55 1.60 8.30 9.09
N GLN A 56 1.34 8.55 10.38
CA GLN A 56 2.11 9.44 11.24
C GLN A 56 3.53 8.88 11.54
N PRO A 57 4.61 9.66 11.36
CA PRO A 57 5.98 9.30 11.76
C PRO A 57 6.40 9.92 13.10
N ALA A 58 7.52 9.41 13.65
CA ALA A 58 8.32 10.04 14.72
C ALA A 58 9.64 10.63 14.18
N ILE A 59 10.37 11.41 14.99
CA ILE A 59 11.63 12.09 14.62
C ILE A 59 12.76 11.60 15.55
N LYS A 60 13.80 10.96 15.00
CA LYS A 60 14.84 10.23 15.75
C LYS A 60 16.17 10.20 14.98
N ASP A 61 17.30 10.00 15.65
CA ASP A 61 18.54 9.45 15.06
C ASP A 61 19.08 10.23 13.82
N GLY A 62 18.79 11.53 13.71
CA GLY A 62 19.17 12.37 12.55
C GLY A 62 18.23 12.26 11.34
N GLN A 63 17.00 11.79 11.53
CA GLN A 63 16.05 11.41 10.48
C GLN A 63 14.60 11.36 11.00
N ALA A 64 13.66 10.88 10.18
CA ALA A 64 12.24 10.78 10.56
C ALA A 64 11.64 9.48 10.03
N VAL A 65 10.80 8.83 10.82
CA VAL A 65 10.46 7.39 10.71
C VAL A 65 9.35 7.13 9.66
N ALA A 66 9.42 7.79 8.49
CA ALA A 66 8.63 7.58 7.26
C ALA A 66 7.10 7.77 7.38
N ALA A 67 6.47 6.89 8.15
CA ALA A 67 5.06 6.67 8.46
C ALA A 67 5.02 5.42 9.36
N GLU A 68 5.01 5.64 10.68
CA GLU A 68 5.40 4.69 11.73
C GLU A 68 4.20 3.96 12.35
N ALA A 69 3.07 4.66 12.55
CA ALA A 69 1.85 4.12 13.18
C ALA A 69 1.03 3.16 12.28
N ALA A 70 1.70 2.41 11.41
CA ALA A 70 1.13 1.62 10.31
C ALA A 70 0.95 0.12 10.61
N GLY A 71 1.52 -0.42 11.69
CA GLY A 71 1.27 -1.80 12.14
C GLY A 71 2.20 -2.89 11.56
N GLY A 72 3.38 -2.54 11.04
CA GLY A 72 4.37 -3.52 10.56
C GLY A 72 4.03 -4.04 9.16
N HIS A 73 3.43 -5.23 9.07
CA HIS A 73 2.73 -5.77 7.88
C HIS A 73 1.26 -6.01 8.29
N LEU A 74 0.72 -7.24 8.29
CA LEU A 74 -0.65 -7.61 8.69
C LEU A 74 -0.76 -9.14 8.64
N ASP A 75 -0.50 -9.76 9.79
CA ASP A 75 -0.16 -11.18 10.00
C ASP A 75 0.22 -11.46 11.47
N PRO A 76 -0.08 -12.66 12.02
CA PRO A 76 0.31 -13.03 13.38
C PRO A 76 1.72 -13.64 13.48
N GLN A 77 2.16 -14.47 12.52
CA GLN A 77 3.44 -15.18 12.61
C GLN A 77 3.99 -15.66 11.24
N ASN A 78 3.62 -15.00 10.15
CA ASN A 78 3.84 -15.49 8.78
C ASN A 78 5.29 -15.32 8.26
N THR A 79 6.27 -15.15 9.15
CA THR A 79 7.73 -14.95 8.91
C THR A 79 8.09 -13.60 8.26
N GLY A 80 7.20 -13.01 7.46
CA GLY A 80 7.30 -11.62 6.98
C GLY A 80 8.16 -11.40 5.74
N LYS A 81 8.95 -12.38 5.29
CA LYS A 81 9.95 -12.19 4.21
C LYS A 81 9.35 -11.75 2.86
N HIS A 82 8.04 -11.97 2.64
CA HIS A 82 7.12 -11.25 1.75
C HIS A 82 6.91 -12.00 0.41
N GLU A 83 5.90 -11.60 -0.38
CA GLU A 83 5.50 -12.32 -1.60
C GLU A 83 6.56 -12.30 -2.72
N GLY A 84 6.60 -13.40 -3.47
CA GLY A 84 7.58 -13.69 -4.53
C GLY A 84 7.08 -14.75 -5.51
N PRO A 85 7.98 -15.49 -6.21
CA PRO A 85 7.58 -16.54 -7.14
C PRO A 85 7.02 -17.77 -6.40
N GLU A 86 7.66 -18.18 -5.31
CA GLU A 86 7.21 -19.26 -4.40
C GLU A 86 7.02 -18.76 -2.94
N GLY A 87 7.34 -17.49 -2.66
CA GLY A 87 7.41 -16.90 -1.32
C GLY A 87 6.16 -16.12 -0.90
N GLN A 88 6.07 -15.80 0.40
CA GLN A 88 4.98 -15.07 1.03
C GLN A 88 5.49 -14.44 2.35
N GLY A 89 4.65 -13.68 3.06
CA GLY A 89 5.01 -13.08 4.34
C GLY A 89 3.90 -12.35 5.08
N HIS A 90 2.83 -11.92 4.40
CA HIS A 90 1.61 -11.42 5.05
C HIS A 90 0.38 -11.46 4.13
N LEU A 91 -0.83 -11.55 4.70
CA LEU A 91 -2.07 -11.68 3.91
C LEU A 91 -2.44 -10.41 3.13
N GLY A 92 -1.88 -9.26 3.53
CA GLY A 92 -1.97 -7.97 2.84
C GLY A 92 -0.88 -7.73 1.79
N ASP A 93 0.00 -8.71 1.51
CA ASP A 93 0.80 -8.73 0.28
C ASP A 93 -0.17 -8.89 -0.91
N LEU A 94 -0.01 -8.08 -1.97
CA LEU A 94 -1.08 -7.68 -2.90
C LEU A 94 -0.49 -7.43 -4.32
N PRO A 95 -1.31 -7.47 -5.38
CA PRO A 95 -0.84 -7.30 -6.76
C PRO A 95 -0.44 -5.85 -7.06
N VAL A 96 0.47 -5.66 -8.02
CA VAL A 96 1.10 -4.36 -8.28
C VAL A 96 0.17 -3.34 -8.97
N LEU A 97 0.26 -2.11 -8.47
CA LEU A 97 -0.35 -0.90 -8.98
C LEU A 97 0.42 -0.39 -10.20
N VAL A 98 -0.07 -0.69 -11.40
CA VAL A 98 0.48 -0.18 -12.66
C VAL A 98 0.13 1.31 -12.82
N VAL A 99 1.13 2.11 -13.17
CA VAL A 99 1.08 3.54 -13.46
C VAL A 99 1.57 3.71 -14.90
N ASN A 100 0.94 4.57 -15.70
CA ASN A 100 1.39 4.75 -17.09
C ASN A 100 2.56 5.76 -17.18
N ASN A 101 3.38 5.63 -18.23
CA ASN A 101 4.60 6.41 -18.51
C ASN A 101 4.47 7.97 -18.49
N ASP A 102 3.23 8.51 -18.46
CA ASP A 102 2.88 9.93 -18.42
C ASP A 102 2.83 10.49 -16.98
N GLY A 103 2.64 9.63 -15.98
CA GLY A 103 2.51 9.98 -14.55
C GLY A 103 1.12 9.77 -13.95
N ILE A 104 0.20 9.11 -14.68
CA ILE A 104 -1.20 8.89 -14.27
C ILE A 104 -1.47 7.39 -14.09
N ALA A 105 -2.17 7.00 -13.02
CA ALA A 105 -2.66 5.64 -12.82
C ALA A 105 -4.20 5.60 -12.98
N THR A 106 -4.70 4.68 -13.82
CA THR A 106 -6.15 4.45 -14.04
C THR A 106 -6.53 2.98 -14.30
N GLU A 107 -5.63 2.04 -14.04
CA GLU A 107 -5.80 0.61 -14.33
C GLU A 107 -6.54 -0.11 -13.17
N PRO A 108 -7.73 -0.71 -13.39
CA PRO A 108 -8.45 -1.49 -12.38
C PRO A 108 -7.83 -2.87 -12.16
N VAL A 109 -7.65 -3.25 -10.88
CA VAL A 109 -7.13 -4.55 -10.42
C VAL A 109 -7.89 -5.02 -9.16
N THR A 110 -7.74 -6.28 -8.72
CA THR A 110 -8.50 -6.85 -7.59
C THR A 110 -7.63 -7.75 -6.71
N ALA A 111 -7.86 -7.72 -5.39
CA ALA A 111 -7.13 -8.51 -4.40
C ALA A 111 -8.01 -9.58 -3.68
N PRO A 112 -7.95 -10.86 -4.09
CA PRO A 112 -8.73 -11.97 -3.51
C PRO A 112 -8.18 -12.53 -2.18
N ARG A 113 -7.33 -11.77 -1.48
CA ARG A 113 -6.88 -12.09 -0.12
C ARG A 113 -8.00 -11.86 0.92
N LEU A 114 -8.83 -10.85 0.70
CA LEU A 114 -9.98 -10.43 1.51
C LEU A 114 -11.28 -10.89 0.82
N LYS A 115 -12.41 -10.89 1.53
CA LYS A 115 -13.73 -11.28 0.98
C LYS A 115 -14.87 -10.30 1.32
N SER A 116 -14.57 -9.20 2.01
CA SER A 116 -15.49 -8.11 2.34
C SER A 116 -14.72 -6.78 2.48
N LEU A 117 -15.43 -5.65 2.52
CA LEU A 117 -14.81 -4.34 2.79
C LEU A 117 -14.71 -4.08 4.30
N ASP A 118 -15.78 -4.37 5.04
CA ASP A 118 -15.93 -4.07 6.47
C ASP A 118 -14.85 -4.72 7.36
N GLU A 119 -14.23 -5.81 6.90
CA GLU A 119 -13.13 -6.47 7.62
C GLU A 119 -11.80 -5.68 7.58
N VAL A 120 -11.67 -4.64 6.73
CA VAL A 120 -10.48 -3.76 6.67
C VAL A 120 -10.81 -2.28 6.95
N LYS A 121 -12.00 -2.00 7.52
CA LYS A 121 -12.53 -0.65 7.85
C LYS A 121 -11.62 0.30 8.64
N ASP A 122 -10.58 -0.22 9.31
CA ASP A 122 -9.68 0.50 10.24
C ASP A 122 -8.20 0.44 9.83
N LYS A 123 -7.91 -0.03 8.61
CA LYS A 123 -6.55 -0.30 8.13
C LYS A 123 -5.98 0.78 7.18
N ALA A 124 -4.68 0.69 6.90
CA ALA A 124 -4.00 1.54 5.90
C ALA A 124 -3.87 0.82 4.56
N LEU A 125 -4.25 1.53 3.49
CA LEU A 125 -3.78 1.32 2.11
C LEU A 125 -2.54 2.19 1.93
N MET A 126 -1.45 1.68 1.36
CA MET A 126 -0.29 2.53 1.04
C MET A 126 0.27 2.24 -0.35
N ILE A 127 0.48 3.28 -1.16
CA ILE A 127 1.24 3.19 -2.42
C ILE A 127 2.72 3.16 -2.05
N HIS A 128 3.38 2.04 -2.31
CA HIS A 128 4.78 1.81 -1.98
C HIS A 128 5.71 2.31 -3.10
N VAL A 129 6.90 2.80 -2.72
CA VAL A 129 7.92 3.29 -3.67
C VAL A 129 8.48 2.13 -4.51
N GLY A 130 8.67 0.96 -3.90
CA GLY A 130 9.03 -0.28 -4.59
C GLY A 130 7.89 -0.89 -5.42
N GLY A 131 8.06 -2.16 -5.78
CA GLY A 131 7.15 -2.99 -6.56
C GLY A 131 6.56 -4.08 -5.67
N ASP A 132 6.31 -5.25 -6.26
CA ASP A 132 6.13 -6.50 -5.52
C ASP A 132 6.42 -7.73 -6.43
N ASN A 133 6.91 -8.80 -5.79
CA ASN A 133 7.63 -10.00 -6.29
C ASN A 133 9.10 -9.94 -5.80
N MET A 134 9.30 -10.03 -4.48
CA MET A 134 10.55 -9.66 -3.78
C MET A 134 10.58 -10.21 -2.36
N SER A 135 10.71 -11.53 -2.30
CA SER A 135 10.62 -12.39 -1.11
C SER A 135 11.96 -12.78 -0.48
N ASP A 136 13.10 -12.34 -1.02
CA ASP A 136 14.42 -12.92 -0.73
C ASP A 136 15.57 -12.01 -1.17
N GLN A 137 15.65 -10.84 -0.54
CA GLN A 137 16.66 -9.82 -0.78
C GLN A 137 17.25 -9.39 0.58
N PRO A 138 18.54 -8.97 0.65
CA PRO A 138 19.24 -8.72 1.91
C PRO A 138 18.58 -7.60 2.74
N LYS A 139 18.03 -6.58 2.08
CA LYS A 139 16.86 -5.86 2.59
C LYS A 139 15.60 -6.49 1.94
N PRO A 140 14.70 -7.16 2.69
CA PRO A 140 13.52 -7.81 2.13
C PRO A 140 12.51 -6.77 1.62
N LEU A 141 11.56 -7.21 0.77
CA LEU A 141 10.66 -6.30 0.02
C LEU A 141 11.47 -5.38 -0.91
N GLY A 142 12.65 -5.86 -1.36
CA GLY A 142 13.61 -5.12 -2.19
C GLY A 142 14.23 -3.89 -1.51
N GLY A 143 13.92 -3.62 -0.24
CA GLY A 143 14.19 -2.34 0.43
C GLY A 143 13.21 -1.21 0.08
N GLY A 144 12.16 -1.49 -0.72
CA GLY A 144 11.20 -0.51 -1.26
C GLY A 144 10.00 -0.22 -0.35
N GLY A 145 10.20 -0.28 0.98
CA GLY A 145 9.17 -0.15 2.01
C GLY A 145 8.75 1.29 2.35
N THR A 146 9.39 2.30 1.76
CA THR A 146 8.92 3.69 1.73
C THR A 146 7.62 3.81 0.93
N ARG A 147 6.80 4.81 1.28
CA ARG A 147 5.49 5.05 0.67
C ARG A 147 5.55 6.30 -0.20
N TYR A 148 5.03 6.26 -1.43
CA TYR A 148 4.71 7.49 -2.18
C TYR A 148 3.43 8.13 -1.63
N ALA A 149 2.48 7.31 -1.15
CA ALA A 149 1.23 7.80 -0.57
C ALA A 149 0.67 6.92 0.57
N CYS A 150 0.05 7.62 1.53
CA CYS A 150 -0.86 7.15 2.58
C CYS A 150 -2.21 6.67 1.99
N GLY A 151 -3.16 6.34 2.86
CA GLY A 151 -4.50 5.89 2.50
C GLY A 151 -5.24 5.23 3.66
N VAL A 152 -5.47 5.99 4.74
CA VAL A 152 -6.30 5.54 5.87
C VAL A 152 -7.74 5.23 5.44
N ILE A 153 -8.22 4.03 5.74
CA ILE A 153 -9.61 3.63 5.51
C ILE A 153 -10.47 4.16 6.67
N LYS A 154 -11.61 4.79 6.36
CA LYS A 154 -12.55 5.29 7.37
C LYS A 154 -13.21 4.11 8.12
N ALA A 1 -19.46 -4.21 -0.78
CA ALA A 1 -19.15 -2.92 -0.13
C ALA A 1 -18.02 -2.21 -0.88
N SER A 2 -17.71 -0.95 -0.58
CA SER A 2 -16.83 -0.12 -1.40
C SER A 2 -16.37 1.08 -0.56
N GLU A 3 -15.12 1.55 -0.70
CA GLU A 3 -14.71 2.86 -0.20
C GLU A 3 -13.61 3.47 -1.08
N LYS A 4 -13.81 4.73 -1.48
CA LYS A 4 -12.85 5.57 -2.16
C LYS A 4 -11.88 6.16 -1.12
N VAL A 5 -10.63 5.70 -1.08
CA VAL A 5 -9.64 6.24 -0.13
C VAL A 5 -8.83 7.35 -0.76
N GLY A 6 -8.88 8.52 -0.11
CA GLY A 6 -8.04 9.70 -0.37
C GLY A 6 -6.62 9.50 0.11
N MET A 7 -5.74 9.27 -0.86
CA MET A 7 -4.29 9.04 -0.66
C MET A 7 -3.51 10.37 -0.68
N ASN A 8 -2.63 10.56 0.29
CA ASN A 8 -1.68 11.68 0.35
C ASN A 8 -0.26 11.19 0.03
N LEU A 9 0.53 12.04 -0.64
CA LEU A 9 1.97 11.87 -0.83
C LEU A 9 2.68 11.83 0.53
N VAL A 10 3.72 10.99 0.69
CA VAL A 10 4.55 10.93 1.91
C VAL A 10 6.02 10.65 1.55
N THR A 11 6.94 10.90 2.50
CA THR A 11 8.40 10.61 2.43
C THR A 11 9.11 11.10 3.70
N ALA A 12 8.84 10.44 4.83
CA ALA A 12 9.47 10.63 6.16
C ALA A 12 9.18 11.98 6.85
N GLN A 13 8.95 13.05 6.11
CA GLN A 13 8.63 14.39 6.61
C GLN A 13 7.25 14.41 7.30
N GLY A 14 6.40 13.41 7.06
CA GLY A 14 5.00 13.32 7.50
C GLY A 14 4.06 13.14 6.32
N VAL A 15 2.77 13.44 6.53
CA VAL A 15 1.75 13.54 5.48
C VAL A 15 1.95 14.83 4.67
N GLY A 16 2.01 14.70 3.34
CA GLY A 16 2.25 15.79 2.39
C GLY A 16 0.98 16.48 1.92
N GLN A 17 0.45 16.06 0.78
CA GLN A 17 -0.80 16.55 0.19
C GLN A 17 -1.41 15.49 -0.76
N SER A 18 -2.67 15.68 -1.14
CA SER A 18 -3.45 14.78 -2.01
C SER A 18 -3.40 15.15 -3.50
N ILE A 19 -3.53 14.13 -4.35
CA ILE A 19 -3.39 14.17 -5.83
C ILE A 19 -4.38 13.24 -6.57
N GLY A 20 -5.40 12.78 -5.87
CA GLY A 20 -6.32 11.74 -6.32
C GLY A 20 -6.72 10.79 -5.19
N THR A 21 -7.62 9.86 -5.51
CA THR A 21 -8.03 8.77 -4.61
C THR A 21 -7.77 7.43 -5.28
N VAL A 22 -7.97 6.34 -4.55
CA VAL A 22 -8.11 4.98 -5.11
C VAL A 22 -9.47 4.45 -4.66
N VAL A 23 -10.26 3.89 -5.58
CA VAL A 23 -11.51 3.20 -5.22
C VAL A 23 -11.23 1.75 -4.87
N ILE A 24 -11.65 1.32 -3.68
CA ILE A 24 -11.63 -0.07 -3.25
C ILE A 24 -13.06 -0.60 -3.32
N ASP A 25 -13.26 -1.72 -3.99
CA ASP A 25 -14.58 -2.29 -4.26
C ASP A 25 -14.56 -3.81 -4.04
N GLU A 26 -15.28 -4.24 -3.02
CA GLU A 26 -15.27 -5.55 -2.43
C GLU A 26 -15.89 -6.61 -3.35
N THR A 27 -15.07 -7.53 -3.87
CA THR A 27 -15.54 -8.64 -4.71
C THR A 27 -15.54 -9.90 -3.87
N GLU A 28 -16.29 -10.90 -4.31
CA GLU A 28 -16.32 -12.21 -3.70
C GLU A 28 -14.95 -12.93 -3.78
N GLY A 29 -14.10 -12.45 -4.72
CA GLY A 29 -12.67 -12.74 -4.80
C GLY A 29 -11.78 -11.60 -4.30
N GLY A 30 -12.23 -10.80 -3.32
CA GLY A 30 -11.38 -9.86 -2.56
C GLY A 30 -11.71 -8.38 -2.53
N LEU A 31 -10.68 -7.55 -2.71
CA LEU A 31 -10.78 -6.10 -2.83
C LEU A 31 -10.27 -5.65 -4.20
N LYS A 32 -11.14 -5.13 -5.06
CA LYS A 32 -10.78 -4.51 -6.34
C LYS A 32 -10.29 -3.08 -6.12
N PHE A 33 -9.00 -2.84 -6.29
CA PHE A 33 -8.34 -1.55 -6.18
C PHE A 33 -8.30 -0.89 -7.56
N THR A 34 -8.90 0.31 -7.73
CA THR A 34 -8.86 1.01 -9.03
C THR A 34 -8.35 2.44 -8.80
N PRO A 35 -7.16 2.80 -9.32
CA PRO A 35 -6.54 4.09 -9.08
C PRO A 35 -7.06 5.14 -10.05
N HIS A 36 -6.95 6.41 -9.67
CA HIS A 36 -7.34 7.55 -10.52
C HIS A 36 -6.57 8.84 -10.12
N LEU A 37 -5.27 8.68 -9.82
CA LEU A 37 -4.36 9.75 -9.36
C LEU A 37 -3.45 10.25 -10.49
N LYS A 38 -3.21 11.56 -10.56
CA LYS A 38 -2.58 12.25 -11.72
C LYS A 38 -1.20 12.88 -11.46
N ALA A 39 -0.43 12.29 -10.55
CA ALA A 39 0.91 12.75 -10.18
C ALA A 39 1.79 11.59 -9.63
N LEU A 40 2.11 10.61 -10.49
CA LEU A 40 3.05 9.53 -10.15
C LEU A 40 3.74 8.92 -11.35
N PRO A 41 4.91 8.28 -11.14
CA PRO A 41 5.73 7.89 -12.24
C PRO A 41 5.22 6.58 -12.89
N PRO A 42 5.23 6.49 -14.24
CA PRO A 42 4.53 5.53 -15.11
C PRO A 42 5.20 4.15 -15.18
N GLY A 43 5.83 3.77 -14.09
CA GLY A 43 6.35 2.44 -13.89
C GLY A 43 5.30 1.57 -13.21
N GLU A 44 5.79 0.82 -12.23
CA GLU A 44 5.05 -0.18 -11.48
C GLU A 44 5.41 -0.02 -10.00
N HIS A 45 4.40 -0.03 -9.14
CA HIS A 45 4.51 0.33 -7.71
C HIS A 45 3.93 -0.79 -6.86
N GLY A 46 4.56 -1.18 -5.76
CA GLY A 46 3.94 -2.13 -4.85
C GLY A 46 2.69 -1.55 -4.18
N PHE A 47 1.79 -2.42 -3.74
CA PHE A 47 0.59 -2.04 -2.97
C PHE A 47 0.55 -2.92 -1.73
N HIS A 48 0.60 -2.33 -0.53
CA HIS A 48 0.23 -3.05 0.70
C HIS A 48 -0.98 -2.49 1.49
N ILE A 49 -1.58 -3.38 2.28
CA ILE A 49 -2.42 -3.04 3.46
C ILE A 49 -1.57 -3.17 4.72
N HIS A 50 -1.79 -2.26 5.66
CA HIS A 50 -0.97 -2.05 6.86
C HIS A 50 -1.86 -2.05 8.13
N ALA A 51 -1.37 -2.63 9.23
CA ALA A 51 -2.21 -3.12 10.34
C ALA A 51 -3.07 -2.07 11.08
N ASN A 52 -2.62 -0.82 11.16
CA ASN A 52 -3.38 0.33 11.69
C ASN A 52 -3.56 1.44 10.63
N GLY A 53 -4.60 2.27 10.72
CA GLY A 53 -4.79 3.46 9.87
C GLY A 53 -4.04 4.69 10.39
N SER A 54 -2.75 4.82 10.05
CA SER A 54 -1.91 5.96 10.49
C SER A 54 -0.57 6.07 9.73
N CYS A 55 -0.50 6.90 8.68
CA CYS A 55 0.71 7.19 7.88
C CYS A 55 1.89 7.85 8.64
N GLN A 56 1.83 7.91 9.97
CA GLN A 56 2.71 8.75 10.77
C GLN A 56 4.00 7.98 11.11
N PRO A 57 5.20 8.55 10.88
CA PRO A 57 6.44 8.02 11.43
C PRO A 57 6.57 8.39 12.92
N ALA A 58 7.33 7.61 13.71
CA ALA A 58 7.87 8.15 14.95
C ALA A 58 8.97 9.19 14.66
N ILE A 59 9.06 10.21 15.50
CA ILE A 59 10.08 11.26 15.45
C ILE A 59 11.20 10.91 16.43
N LYS A 60 12.44 10.82 15.94
CA LYS A 60 13.64 10.47 16.74
C LYS A 60 14.93 10.72 15.94
N ASP A 61 16.05 10.87 16.64
CA ASP A 61 17.41 10.87 16.06
C ASP A 61 17.63 12.04 15.05
N GLY A 62 16.90 13.14 15.26
CA GLY A 62 16.88 14.34 14.41
C GLY A 62 16.09 14.20 13.11
N GLN A 63 15.29 13.14 12.97
CA GLN A 63 14.55 12.79 11.76
C GLN A 63 13.31 11.95 12.14
N ALA A 64 12.83 11.08 11.24
CA ALA A 64 11.59 10.33 11.46
C ALA A 64 11.51 9.03 10.66
N VAL A 65 10.88 8.01 11.23
CA VAL A 65 10.88 6.60 10.74
C VAL A 65 9.89 6.37 9.57
N ALA A 66 10.00 7.15 8.49
CA ALA A 66 9.35 6.96 7.16
C ALA A 66 7.81 7.13 7.11
N ALA A 67 7.09 6.29 7.85
CA ALA A 67 5.65 6.10 8.03
C ALA A 67 5.46 4.75 8.75
N GLU A 68 5.24 4.76 10.07
CA GLU A 68 5.49 3.62 10.97
C GLU A 68 4.25 3.18 11.76
N ALA A 69 3.51 4.13 12.35
CA ALA A 69 2.35 3.87 13.22
C ALA A 69 1.25 3.03 12.53
N ALA A 70 1.28 3.00 11.19
CA ALA A 70 0.56 2.10 10.31
C ALA A 70 0.72 0.59 10.65
N GLY A 71 1.64 0.20 11.54
CA GLY A 71 1.61 -1.13 12.17
C GLY A 71 2.34 -2.23 11.40
N GLY A 72 3.20 -1.87 10.44
CA GLY A 72 3.82 -2.82 9.51
C GLY A 72 2.82 -3.37 8.48
N HIS A 73 3.24 -4.33 7.66
CA HIS A 73 2.32 -5.05 6.76
C HIS A 73 1.28 -5.83 7.57
N LEU A 74 0.03 -5.86 7.12
CA LEU A 74 -1.00 -6.69 7.75
C LEU A 74 -0.65 -8.19 7.59
N ASP A 75 -0.31 -8.84 8.70
CA ASP A 75 -0.11 -10.29 8.89
C ASP A 75 0.51 -10.61 10.27
N PRO A 76 -0.10 -11.49 11.09
CA PRO A 76 0.54 -12.00 12.29
C PRO A 76 1.62 -13.07 12.01
N GLN A 77 1.47 -13.97 11.01
CA GLN A 77 2.17 -15.27 11.05
C GLN A 77 2.23 -16.09 9.74
N ASN A 78 1.81 -15.58 8.57
CA ASN A 78 1.65 -16.40 7.34
C ASN A 78 2.95 -17.09 6.88
N THR A 79 4.12 -16.51 7.20
CA THR A 79 5.51 -16.97 6.98
C THR A 79 6.51 -15.84 7.19
N GLY A 80 6.10 -14.59 6.93
CA GLY A 80 6.83 -13.36 7.28
C GLY A 80 7.84 -12.90 6.24
N LYS A 81 8.26 -13.78 5.31
CA LYS A 81 9.36 -13.48 4.38
C LYS A 81 9.04 -12.42 3.28
N HIS A 82 7.77 -11.99 3.18
CA HIS A 82 7.19 -11.11 2.16
C HIS A 82 7.12 -11.80 0.76
N GLU A 83 6.23 -11.32 -0.12
CA GLU A 83 5.97 -11.95 -1.42
C GLU A 83 5.76 -10.90 -2.53
N GLY A 84 4.76 -11.11 -3.38
CA GLY A 84 4.40 -10.42 -4.62
C GLY A 84 3.86 -11.42 -5.66
N PRO A 85 4.51 -12.58 -5.89
CA PRO A 85 4.10 -13.55 -6.90
C PRO A 85 3.48 -14.86 -6.35
N GLU A 86 3.52 -15.15 -5.04
CA GLU A 86 3.35 -16.53 -4.54
C GLU A 86 2.50 -16.71 -3.27
N GLY A 87 2.02 -15.64 -2.64
CA GLY A 87 1.17 -15.70 -1.43
C GLY A 87 1.92 -15.97 -0.14
N GLN A 88 3.01 -16.74 -0.20
CA GLN A 88 3.89 -17.04 0.92
C GLN A 88 4.75 -15.84 1.34
N GLY A 89 4.11 -14.84 1.95
CA GLY A 89 4.74 -13.65 2.53
C GLY A 89 3.94 -13.11 3.72
N HIS A 90 3.04 -12.19 3.43
CA HIS A 90 2.06 -11.62 4.36
C HIS A 90 0.66 -11.59 3.69
N LEU A 91 -0.44 -11.68 4.46
CA LEU A 91 -1.79 -11.62 3.89
C LEU A 91 -2.13 -10.23 3.29
N GLY A 92 -1.53 -9.15 3.82
CA GLY A 92 -1.65 -7.78 3.32
C GLY A 92 -0.63 -7.37 2.26
N ASP A 93 0.06 -8.32 1.62
CA ASP A 93 0.86 -8.08 0.41
C ASP A 93 -0.01 -8.27 -0.85
N LEU A 94 -0.09 -7.22 -1.68
CA LEU A 94 -0.88 -7.17 -2.92
C LEU A 94 0.06 -7.01 -4.14
N PRO A 95 -0.39 -7.37 -5.35
CA PRO A 95 0.39 -7.21 -6.58
C PRO A 95 0.45 -5.74 -7.03
N VAL A 96 1.29 -5.49 -8.03
CA VAL A 96 1.75 -4.12 -8.37
C VAL A 96 0.66 -3.23 -9.01
N LEU A 97 0.58 -2.02 -8.45
CA LEU A 97 -0.10 -0.84 -8.98
C LEU A 97 0.68 -0.35 -10.22
N VAL A 98 0.27 -0.77 -11.41
CA VAL A 98 0.81 -0.29 -12.70
C VAL A 98 0.31 1.13 -12.98
N VAL A 99 1.17 2.00 -13.51
CA VAL A 99 0.92 3.44 -13.68
C VAL A 99 1.07 3.81 -15.16
N ASN A 100 0.11 4.54 -15.73
CA ASN A 100 0.07 4.79 -17.17
C ASN A 100 1.10 5.87 -17.59
N ASN A 101 1.74 5.63 -18.73
CA ASN A 101 2.71 6.52 -19.38
C ASN A 101 2.08 7.77 -20.03
N ASP A 102 1.44 8.56 -19.17
CA ASP A 102 0.96 9.93 -19.41
C ASP A 102 0.85 10.76 -18.11
N GLY A 103 1.31 10.19 -16.97
CA GLY A 103 1.41 10.84 -15.64
C GLY A 103 0.35 10.40 -14.63
N ILE A 104 -0.50 9.43 -14.98
CA ILE A 104 -1.73 9.09 -14.23
C ILE A 104 -1.81 7.58 -14.00
N ALA A 105 -2.09 7.14 -12.77
CA ALA A 105 -2.44 5.74 -12.49
C ALA A 105 -3.93 5.51 -12.75
N THR A 106 -4.25 4.50 -13.57
CA THR A 106 -5.62 4.15 -13.99
C THR A 106 -5.89 2.63 -14.08
N GLU A 107 -4.88 1.80 -13.81
CA GLU A 107 -4.90 0.36 -14.05
C GLU A 107 -5.50 -0.40 -12.84
N PRO A 108 -6.56 -1.21 -13.01
CA PRO A 108 -7.19 -1.98 -11.93
C PRO A 108 -6.33 -3.18 -11.51
N VAL A 109 -6.44 -3.55 -10.23
CA VAL A 109 -5.99 -4.85 -9.68
C VAL A 109 -7.03 -5.38 -8.69
N THR A 110 -7.04 -6.69 -8.44
CA THR A 110 -7.78 -7.30 -7.31
C THR A 110 -6.79 -7.86 -6.31
N ALA A 111 -7.13 -7.75 -5.03
CA ALA A 111 -6.45 -8.38 -3.91
C ALA A 111 -7.24 -9.61 -3.40
N PRO A 112 -7.09 -10.81 -4.01
CA PRO A 112 -7.75 -12.03 -3.56
C PRO A 112 -7.14 -12.64 -2.29
N ARG A 113 -6.12 -12.00 -1.71
CA ARG A 113 -5.48 -12.44 -0.46
C ARG A 113 -6.34 -12.09 0.78
N LEU A 114 -7.20 -11.07 0.69
CA LEU A 114 -8.30 -10.74 1.62
C LEU A 114 -9.64 -11.20 0.99
N LYS A 115 -10.76 -11.00 1.69
CA LYS A 115 -12.10 -11.43 1.24
C LYS A 115 -13.19 -10.34 1.38
N SER A 116 -12.98 -9.28 2.15
CA SER A 116 -14.03 -8.32 2.50
C SER A 116 -13.48 -6.93 2.86
N LEU A 117 -14.36 -5.92 2.92
CA LEU A 117 -13.99 -4.54 3.22
C LEU A 117 -14.10 -4.24 4.72
N ASP A 118 -14.99 -4.91 5.45
CA ASP A 118 -15.16 -4.76 6.90
C ASP A 118 -13.91 -5.16 7.71
N GLU A 119 -13.10 -6.09 7.20
CA GLU A 119 -11.81 -6.45 7.78
C GLU A 119 -10.74 -5.34 7.64
N VAL A 120 -10.94 -4.36 6.74
CA VAL A 120 -10.04 -3.21 6.57
C VAL A 120 -10.64 -1.89 7.09
N LYS A 121 -11.72 -1.91 7.88
CA LYS A 121 -12.40 -0.68 8.36
C LYS A 121 -11.52 0.27 9.20
N ASP A 122 -10.43 -0.25 9.79
CA ASP A 122 -9.27 0.50 10.27
C ASP A 122 -8.00 -0.21 9.80
N LYS A 123 -7.34 0.37 8.79
CA LYS A 123 -6.04 0.00 8.19
C LYS A 123 -5.45 1.22 7.46
N ALA A 124 -4.16 1.17 7.16
CA ALA A 124 -3.53 2.04 6.16
C ALA A 124 -3.31 1.26 4.84
N LEU A 125 -3.18 2.00 3.74
CA LEU A 125 -3.00 1.53 2.37
C LEU A 125 -1.83 2.30 1.78
N MET A 126 -0.73 1.63 1.42
CA MET A 126 0.49 2.29 0.95
C MET A 126 0.81 1.91 -0.48
N ILE A 127 0.89 2.93 -1.36
CA ILE A 127 1.46 2.80 -2.70
C ILE A 127 2.96 3.05 -2.59
N HIS A 128 3.74 2.03 -2.89
CA HIS A 128 5.16 1.89 -2.58
C HIS A 128 6.05 2.27 -3.78
N VAL A 129 7.28 2.76 -3.55
CA VAL A 129 8.03 3.52 -4.58
C VAL A 129 8.36 2.72 -5.85
N GLY A 130 8.55 1.41 -5.73
CA GLY A 130 8.63 0.45 -6.85
C GLY A 130 7.84 -0.81 -6.53
N GLY A 131 7.63 -1.66 -7.55
CA GLY A 131 6.97 -2.96 -7.45
C GLY A 131 7.50 -3.86 -6.34
N ASP A 132 6.57 -4.50 -5.65
CA ASP A 132 6.82 -5.39 -4.52
C ASP A 132 6.74 -6.86 -4.97
N ASN A 133 7.86 -7.59 -4.91
CA ASN A 133 7.99 -8.94 -5.45
C ASN A 133 9.30 -9.65 -4.98
N MET A 134 9.71 -9.41 -3.72
CA MET A 134 11.06 -9.73 -3.22
C MET A 134 11.05 -10.29 -1.78
N SER A 135 11.35 -11.57 -1.62
CA SER A 135 11.63 -12.21 -0.32
C SER A 135 13.13 -12.22 0.01
N ASP A 136 13.49 -12.31 1.31
CA ASP A 136 14.83 -12.64 1.85
C ASP A 136 16.02 -11.86 1.24
N GLN A 137 15.77 -10.61 0.85
CA GLN A 137 16.76 -9.69 0.28
C GLN A 137 16.97 -8.49 1.21
N PRO A 138 18.19 -7.92 1.27
CA PRO A 138 18.57 -6.85 2.20
C PRO A 138 18.00 -5.46 1.82
N LYS A 139 16.97 -5.40 0.96
CA LYS A 139 16.25 -4.18 0.62
C LYS A 139 14.95 -4.11 1.46
N PRO A 140 14.82 -3.15 2.40
CA PRO A 140 13.94 -3.27 3.55
C PRO A 140 12.46 -3.36 3.18
N LEU A 141 11.71 -3.99 4.08
CA LEU A 141 10.25 -4.18 4.03
C LEU A 141 9.79 -5.20 2.97
N GLY A 142 10.72 -5.78 2.20
CA GLY A 142 10.44 -6.71 1.10
C GLY A 142 10.65 -6.09 -0.28
N GLY A 143 11.69 -5.25 -0.42
CA GLY A 143 12.04 -4.53 -1.65
C GLY A 143 11.26 -3.23 -1.84
N GLY A 144 9.95 -3.22 -1.53
CA GLY A 144 9.08 -2.06 -1.73
C GLY A 144 9.41 -0.83 -0.87
N GLY A 145 10.16 -1.01 0.22
CA GLY A 145 10.88 0.06 0.93
C GLY A 145 10.09 1.33 1.20
N THR A 146 10.47 2.42 0.51
CA THR A 146 9.89 3.76 0.65
C THR A 146 8.46 3.80 0.10
N ARG A 147 7.65 4.71 0.64
CA ARG A 147 6.23 4.90 0.32
C ARG A 147 6.13 6.11 -0.64
N TYR A 148 5.39 6.02 -1.77
CA TYR A 148 5.06 7.20 -2.60
C TYR A 148 3.83 7.92 -2.03
N ALA A 149 2.81 7.16 -1.61
CA ALA A 149 1.58 7.69 -1.00
C ALA A 149 0.94 6.71 0.00
N CYS A 150 0.23 7.26 0.98
CA CYS A 150 -0.50 6.55 2.04
C CYS A 150 -1.97 7.03 2.10
N GLY A 151 -2.89 6.14 2.48
CA GLY A 151 -4.34 6.33 2.59
C GLY A 151 -4.94 5.54 3.75
N VAL A 152 -6.08 5.96 4.29
CA VAL A 152 -6.76 5.31 5.44
C VAL A 152 -8.27 5.15 5.19
N ILE A 153 -8.82 3.99 5.56
CA ILE A 153 -10.26 3.62 5.47
C ILE A 153 -11.02 4.18 6.68
N LYS A 154 -12.30 4.54 6.55
CA LYS A 154 -13.09 5.01 7.70
C LYS A 154 -13.37 3.86 8.69
N ALA A 1 -20.11 -3.88 -1.44
CA ALA A 1 -19.86 -2.49 -1.02
C ALA A 1 -18.61 -1.92 -1.69
N SER A 2 -18.32 -0.64 -1.49
CA SER A 2 -17.18 0.07 -2.11
C SER A 2 -16.80 1.27 -1.24
N GLU A 3 -15.52 1.64 -1.21
CA GLU A 3 -15.04 2.78 -0.43
C GLU A 3 -13.79 3.40 -1.07
N LYS A 4 -13.88 4.70 -1.29
CA LYS A 4 -12.97 5.50 -2.10
C LYS A 4 -12.01 6.34 -1.23
N VAL A 5 -10.76 5.87 -0.99
CA VAL A 5 -9.83 6.64 -0.11
C VAL A 5 -8.94 7.64 -0.83
N GLY A 6 -8.89 8.88 -0.33
CA GLY A 6 -7.90 9.89 -0.73
C GLY A 6 -6.51 9.54 -0.20
N MET A 7 -5.65 9.04 -1.08
CA MET A 7 -4.26 8.69 -0.73
C MET A 7 -3.36 9.92 -0.86
N ASN A 8 -2.54 10.19 0.16
CA ASN A 8 -1.74 11.40 0.29
C ASN A 8 -0.23 11.13 0.13
N LEU A 9 0.48 12.09 -0.46
CA LEU A 9 1.89 11.99 -0.82
C LEU A 9 2.81 12.18 0.41
N VAL A 10 2.69 11.28 1.39
CA VAL A 10 3.46 11.27 2.64
C VAL A 10 4.98 11.29 2.38
N THR A 11 5.72 12.19 3.04
CA THR A 11 7.16 12.36 2.79
C THR A 11 7.95 13.01 3.93
N ALA A 12 8.14 12.28 5.03
CA ALA A 12 8.99 12.62 6.20
C ALA A 12 8.45 13.78 7.05
N GLN A 13 7.92 14.81 6.43
CA GLN A 13 7.14 15.88 7.06
C GLN A 13 5.71 15.40 7.42
N GLY A 14 5.41 14.11 7.24
CA GLY A 14 4.08 13.50 7.40
C GLY A 14 3.24 13.56 6.13
N VAL A 15 1.93 13.44 6.29
CA VAL A 15 0.90 13.88 5.32
C VAL A 15 1.26 15.26 4.73
N GLY A 16 1.29 15.36 3.40
CA GLY A 16 1.79 16.52 2.65
C GLY A 16 0.75 17.19 1.75
N GLN A 17 0.20 16.45 0.77
CA GLN A 17 -0.66 16.94 -0.30
C GLN A 17 -1.21 15.77 -1.15
N SER A 18 -2.29 15.95 -1.91
CA SER A 18 -2.84 14.89 -2.76
C SER A 18 -3.62 15.37 -4.00
N ILE A 19 -3.56 14.58 -5.07
CA ILE A 19 -4.24 14.66 -6.33
C ILE A 19 -4.62 13.23 -6.77
N GLY A 20 -5.36 12.58 -5.89
CA GLY A 20 -6.40 11.63 -6.27
C GLY A 20 -6.87 10.71 -5.14
N THR A 21 -7.80 9.79 -5.43
CA THR A 21 -8.23 8.72 -4.51
C THR A 21 -7.86 7.34 -5.08
N VAL A 22 -8.15 6.25 -4.34
CA VAL A 22 -8.32 4.93 -4.95
C VAL A 22 -9.65 4.36 -4.50
N VAL A 23 -10.44 3.82 -5.44
CA VAL A 23 -11.69 3.13 -5.13
C VAL A 23 -11.43 1.67 -4.83
N ILE A 24 -11.77 1.24 -3.61
CA ILE A 24 -11.66 -0.15 -3.17
C ILE A 24 -13.06 -0.74 -3.21
N ASP A 25 -13.26 -1.76 -4.04
CA ASP A 25 -14.54 -2.43 -4.26
C ASP A 25 -14.38 -3.91 -3.88
N GLU A 26 -15.25 -4.39 -2.99
CA GLU A 26 -15.19 -5.77 -2.48
C GLU A 26 -15.95 -6.69 -3.44
N THR A 27 -15.35 -7.82 -3.85
CA THR A 27 -16.03 -8.75 -4.76
C THR A 27 -15.58 -10.18 -4.49
N GLU A 28 -16.09 -11.16 -5.23
CA GLU A 28 -15.73 -12.58 -5.07
C GLU A 28 -14.34 -12.94 -5.67
N GLY A 29 -13.67 -11.98 -6.33
CA GLY A 29 -12.21 -11.98 -6.53
C GLY A 29 -11.43 -11.15 -5.51
N GLY A 30 -12.12 -10.70 -4.47
CA GLY A 30 -11.65 -9.91 -3.33
C GLY A 30 -11.62 -8.39 -3.56
N LEU A 31 -10.65 -7.73 -2.95
CA LEU A 31 -10.53 -6.27 -2.99
C LEU A 31 -9.97 -5.79 -4.34
N LYS A 32 -10.85 -5.25 -5.19
CA LYS A 32 -10.55 -4.60 -6.45
C LYS A 32 -10.17 -3.13 -6.21
N PHE A 33 -8.93 -2.77 -6.51
CA PHE A 33 -8.34 -1.47 -6.25
C PHE A 33 -8.26 -0.66 -7.57
N THR A 34 -9.13 0.33 -7.79
CA THR A 34 -9.13 1.08 -9.06
C THR A 34 -8.63 2.51 -8.77
N PRO A 35 -7.42 2.87 -9.22
CA PRO A 35 -6.83 4.18 -8.96
C PRO A 35 -7.34 5.23 -9.95
N HIS A 36 -7.22 6.50 -9.59
CA HIS A 36 -7.48 7.61 -10.53
C HIS A 36 -6.56 8.83 -10.25
N LEU A 37 -5.36 8.60 -9.68
CA LEU A 37 -4.39 9.66 -9.34
C LEU A 37 -3.52 10.04 -10.54
N LYS A 38 -3.22 11.33 -10.71
CA LYS A 38 -2.56 11.88 -11.92
C LYS A 38 -1.24 12.64 -11.67
N ALA A 39 -0.54 12.30 -10.59
CA ALA A 39 0.82 12.76 -10.33
C ALA A 39 1.62 11.71 -9.52
N LEU A 40 2.14 10.69 -10.21
CA LEU A 40 3.11 9.73 -9.68
C LEU A 40 4.14 9.37 -10.74
N PRO A 41 5.29 8.78 -10.36
CA PRO A 41 6.22 8.26 -11.35
C PRO A 41 5.57 7.12 -12.15
N PRO A 42 5.63 7.17 -13.50
CA PRO A 42 4.81 6.41 -14.45
C PRO A 42 5.30 4.97 -14.65
N GLY A 43 6.00 4.45 -13.64
CA GLY A 43 6.55 3.10 -13.56
C GLY A 43 5.55 2.10 -13.04
N GLU A 44 5.98 1.42 -11.98
CA GLU A 44 5.25 0.33 -11.34
C GLU A 44 5.59 0.24 -9.84
N HIS A 45 4.58 0.00 -9.01
CA HIS A 45 4.67 0.25 -7.56
C HIS A 45 4.07 -0.87 -6.73
N GLY A 46 4.67 -1.21 -5.59
CA GLY A 46 4.08 -2.13 -4.64
C GLY A 46 2.79 -1.55 -4.01
N PHE A 47 1.87 -2.40 -3.56
CA PHE A 47 0.64 -2.00 -2.86
C PHE A 47 0.51 -2.88 -1.60
N HIS A 48 0.58 -2.30 -0.40
CA HIS A 48 0.18 -3.01 0.84
C HIS A 48 -1.02 -2.46 1.62
N ILE A 49 -1.52 -3.28 2.55
CA ILE A 49 -2.27 -2.94 3.77
C ILE A 49 -1.36 -3.19 4.98
N HIS A 50 -1.50 -2.41 6.05
CA HIS A 50 -0.78 -2.55 7.31
C HIS A 50 -1.76 -2.65 8.50
N ALA A 51 -1.31 -3.12 9.67
CA ALA A 51 -2.19 -3.60 10.74
C ALA A 51 -3.09 -2.54 11.38
N ASN A 52 -2.64 -1.28 11.47
CA ASN A 52 -3.44 -0.12 11.92
C ASN A 52 -3.38 1.07 10.93
N GLY A 53 -4.25 2.08 11.12
CA GLY A 53 -4.38 3.25 10.24
C GLY A 53 -3.59 4.47 10.74
N SER A 54 -2.35 4.65 10.25
CA SER A 54 -1.40 5.59 10.88
C SER A 54 -0.35 6.21 9.91
N CYS A 55 -0.78 6.89 8.83
CA CYS A 55 0.08 7.55 7.82
C CYS A 55 0.96 8.73 8.31
N GLN A 56 1.52 8.68 9.52
CA GLN A 56 2.32 9.74 10.11
C GLN A 56 3.58 9.18 10.81
N PRO A 57 4.73 9.88 10.75
CA PRO A 57 6.02 9.33 11.16
C PRO A 57 6.30 9.48 12.65
N ALA A 58 7.05 8.52 13.20
CA ALA A 58 7.80 8.70 14.43
C ALA A 58 9.05 9.55 14.15
N ILE A 59 9.36 10.51 15.03
CA ILE A 59 10.56 11.36 14.94
C ILE A 59 11.63 10.76 15.86
N LYS A 60 12.62 10.08 15.28
CA LYS A 60 13.48 9.13 15.98
C LYS A 60 14.91 9.13 15.40
N ASP A 61 15.93 9.17 16.26
CA ASP A 61 17.36 9.24 15.88
C ASP A 61 17.70 10.48 15.01
N GLY A 62 16.84 11.51 15.02
CA GLY A 62 17.02 12.77 14.28
C GLY A 62 16.45 12.78 12.85
N GLN A 63 15.64 11.79 12.48
CA GLN A 63 14.85 11.78 11.24
C GLN A 63 13.41 11.27 11.47
N ALA A 64 12.61 11.18 10.40
CA ALA A 64 11.18 10.86 10.47
C ALA A 64 10.84 9.52 9.79
N VAL A 65 10.38 8.54 10.57
CA VAL A 65 10.12 7.17 10.15
C VAL A 65 8.69 7.03 9.57
N ALA A 66 8.54 7.47 8.31
CA ALA A 66 7.36 7.44 7.42
C ALA A 66 5.97 7.29 8.07
N ALA A 67 5.62 6.07 8.48
CA ALA A 67 4.32 5.67 9.01
C ALA A 67 4.46 4.51 10.02
N GLU A 68 5.49 4.57 10.89
CA GLU A 68 5.91 3.45 11.75
C GLU A 68 4.78 2.88 12.63
N ALA A 69 3.89 3.74 13.13
CA ALA A 69 2.76 3.36 13.97
C ALA A 69 1.64 2.58 13.23
N ALA A 70 1.74 2.39 11.91
CA ALA A 70 0.73 1.70 11.10
C ALA A 70 0.82 0.18 11.18
N GLY A 71 1.84 -0.40 11.82
CA GLY A 71 1.96 -1.85 11.96
C GLY A 71 2.89 -2.50 10.91
N GLY A 72 3.04 -3.83 10.98
CA GLY A 72 3.55 -4.65 9.86
C GLY A 72 2.49 -4.81 8.77
N HIS A 73 2.82 -5.46 7.64
CA HIS A 73 1.92 -5.55 6.47
C HIS A 73 0.79 -6.62 6.65
N LEU A 74 0.27 -6.77 7.87
CA LEU A 74 -0.83 -7.66 8.25
C LEU A 74 -0.46 -9.15 8.10
N ASP A 75 0.29 -9.67 9.07
CA ASP A 75 0.55 -11.09 9.32
C ASP A 75 0.94 -11.33 10.79
N PRO A 76 0.24 -12.23 11.52
CA PRO A 76 0.63 -12.68 12.84
C PRO A 76 1.50 -13.95 12.83
N GLN A 77 1.45 -14.80 11.78
CA GLN A 77 1.82 -16.22 11.91
C GLN A 77 2.50 -16.84 10.67
N ASN A 78 2.20 -16.43 9.43
CA ASN A 78 2.65 -17.17 8.24
C ASN A 78 4.19 -17.25 8.16
N THR A 79 4.87 -16.13 8.47
CA THR A 79 6.34 -15.94 8.55
C THR A 79 6.73 -14.51 8.93
N GLY A 80 5.85 -13.52 8.73
CA GLY A 80 6.09 -12.10 9.06
C GLY A 80 7.01 -11.38 8.08
N LYS A 81 7.76 -12.11 7.23
CA LYS A 81 8.70 -11.61 6.22
C LYS A 81 8.04 -10.67 5.19
N HIS A 82 7.41 -11.24 4.15
CA HIS A 82 6.79 -10.60 2.96
C HIS A 82 6.78 -11.59 1.77
N GLU A 83 5.62 -11.79 1.15
CA GLU A 83 5.45 -12.68 0.00
C GLU A 83 5.68 -11.93 -1.34
N GLY A 84 4.77 -12.05 -2.31
CA GLY A 84 4.85 -11.52 -3.66
C GLY A 84 4.63 -12.61 -4.71
N PRO A 85 5.34 -13.75 -4.65
CA PRO A 85 5.22 -14.82 -5.64
C PRO A 85 4.41 -16.04 -5.18
N GLU A 86 4.27 -16.31 -3.87
CA GLU A 86 3.90 -17.64 -3.34
C GLU A 86 3.26 -17.60 -1.92
N GLY A 87 2.57 -16.53 -1.52
CA GLY A 87 1.70 -16.49 -0.34
C GLY A 87 2.40 -16.47 1.02
N GLN A 88 3.72 -16.72 1.07
CA GLN A 88 4.50 -16.93 2.29
C GLN A 88 4.80 -15.61 3.02
N GLY A 89 3.85 -15.15 3.85
CA GLY A 89 3.99 -13.97 4.71
C GLY A 89 3.25 -12.75 4.18
N HIS A 90 2.25 -12.30 4.94
CA HIS A 90 1.39 -11.12 4.71
C HIS A 90 0.14 -11.50 3.91
N LEU A 91 -1.04 -11.22 4.46
CA LEU A 91 -2.30 -11.14 3.69
C LEU A 91 -2.63 -9.69 3.30
N GLY A 92 -1.94 -8.72 3.90
CA GLY A 92 -1.90 -7.31 3.45
C GLY A 92 -0.80 -7.02 2.42
N ASP A 93 -0.31 -8.01 1.69
CA ASP A 93 0.47 -7.81 0.47
C ASP A 93 -0.42 -8.03 -0.77
N LEU A 94 -0.47 -7.01 -1.64
CA LEU A 94 -1.33 -6.95 -2.82
C LEU A 94 -0.44 -6.87 -4.10
N PRO A 95 -0.98 -7.12 -5.30
CA PRO A 95 -0.19 -7.13 -6.54
C PRO A 95 0.14 -5.70 -6.99
N VAL A 96 1.14 -5.57 -7.87
CA VAL A 96 1.79 -4.29 -8.17
C VAL A 96 0.90 -3.33 -8.98
N LEU A 97 0.85 -2.09 -8.50
CA LEU A 97 0.17 -0.93 -9.05
C LEU A 97 1.03 -0.37 -10.19
N VAL A 98 0.85 -0.89 -11.41
CA VAL A 98 1.46 -0.36 -12.63
C VAL A 98 0.83 1.01 -12.96
N VAL A 99 1.64 1.96 -13.45
CA VAL A 99 1.29 3.36 -13.73
C VAL A 99 1.59 3.62 -15.22
N ASN A 100 0.85 4.53 -15.87
CA ASN A 100 1.09 4.87 -17.28
C ASN A 100 2.01 6.09 -17.46
N ASN A 101 2.74 6.08 -18.59
CA ASN A 101 3.67 7.07 -19.15
C ASN A 101 3.28 8.58 -19.11
N ASP A 102 2.09 8.96 -18.63
CA ASP A 102 1.67 10.36 -18.45
C ASP A 102 1.86 10.85 -17.00
N GLY A 103 2.06 9.91 -16.06
CA GLY A 103 2.13 10.14 -14.61
C GLY A 103 0.84 9.77 -13.89
N ILE A 104 0.06 8.81 -14.43
CA ILE A 104 -1.30 8.47 -13.98
C ILE A 104 -1.39 6.99 -13.57
N ALA A 105 -1.87 6.73 -12.36
CA ALA A 105 -2.16 5.40 -11.86
C ALA A 105 -3.55 4.98 -12.36
N THR A 106 -3.64 3.84 -13.07
CA THR A 106 -4.85 3.46 -13.82
C THR A 106 -5.27 1.99 -13.75
N GLU A 107 -4.44 1.04 -13.31
CA GLU A 107 -4.82 -0.38 -13.38
C GLU A 107 -5.75 -0.81 -12.22
N PRO A 108 -6.91 -1.46 -12.51
CA PRO A 108 -7.76 -2.07 -11.52
C PRO A 108 -7.12 -3.36 -10.98
N VAL A 109 -6.25 -3.22 -9.97
CA VAL A 109 -5.45 -4.32 -9.40
C VAL A 109 -6.21 -4.98 -8.25
N THR A 110 -6.46 -6.28 -8.35
CA THR A 110 -7.44 -6.99 -7.51
C THR A 110 -6.76 -8.09 -6.71
N ALA A 111 -6.96 -8.07 -5.40
CA ALA A 111 -6.35 -9.01 -4.47
C ALA A 111 -7.39 -9.93 -3.78
N PRO A 112 -7.40 -11.26 -4.04
CA PRO A 112 -8.23 -12.22 -3.34
C PRO A 112 -7.69 -12.60 -1.94
N ARG A 113 -6.66 -11.90 -1.44
CA ARG A 113 -6.08 -12.14 -0.10
C ARG A 113 -7.02 -11.66 1.03
N LEU A 114 -7.93 -10.73 0.70
CA LEU A 114 -8.99 -10.11 1.49
C LEU A 114 -10.22 -10.01 0.58
N LYS A 115 -11.43 -9.86 1.12
CA LYS A 115 -12.66 -9.85 0.30
C LYS A 115 -13.82 -8.98 0.81
N SER A 116 -13.59 -8.16 1.80
CA SER A 116 -14.62 -7.23 2.33
C SER A 116 -13.97 -6.04 3.03
N LEU A 117 -14.65 -4.90 3.15
CA LEU A 117 -14.10 -3.74 3.89
C LEU A 117 -14.17 -3.92 5.42
N ASP A 118 -15.09 -4.73 5.94
CA ASP A 118 -15.33 -4.95 7.37
C ASP A 118 -14.07 -5.36 8.16
N GLU A 119 -13.23 -6.18 7.54
CA GLU A 119 -11.93 -6.65 8.04
C GLU A 119 -10.79 -5.60 7.93
N VAL A 120 -11.05 -4.44 7.31
CA VAL A 120 -10.03 -3.42 6.97
C VAL A 120 -10.40 -2.00 7.47
N LYS A 121 -11.52 -1.86 8.20
CA LYS A 121 -12.09 -0.58 8.70
C LYS A 121 -11.27 0.20 9.75
N ASP A 122 -10.03 -0.23 10.02
CA ASP A 122 -9.16 0.16 11.14
C ASP A 122 -7.70 0.39 10.66
N LYS A 123 -7.48 0.49 9.34
CA LYS A 123 -6.19 0.23 8.69
C LYS A 123 -5.79 1.23 7.59
N ALA A 124 -4.48 1.30 7.31
CA ALA A 124 -3.90 2.06 6.20
C ALA A 124 -3.55 1.16 4.99
N LEU A 125 -3.47 1.81 3.82
CA LEU A 125 -3.04 1.28 2.52
C LEU A 125 -1.83 2.11 2.07
N MET A 126 -0.78 1.49 1.54
CA MET A 126 0.43 2.20 1.08
C MET A 126 0.78 1.84 -0.36
N ILE A 127 0.97 2.87 -1.18
CA ILE A 127 1.57 2.77 -2.52
C ILE A 127 3.07 3.05 -2.39
N HIS A 128 3.86 2.08 -2.85
CA HIS A 128 5.27 1.90 -2.49
C HIS A 128 6.20 2.08 -3.71
N VAL A 129 7.38 2.70 -3.55
CA VAL A 129 8.14 3.39 -4.64
C VAL A 129 8.70 2.48 -5.74
N GLY A 130 8.73 1.17 -5.55
CA GLY A 130 8.87 0.18 -6.61
C GLY A 130 7.95 -1.00 -6.37
N GLY A 131 7.65 -1.79 -7.42
CA GLY A 131 7.08 -3.13 -7.28
C GLY A 131 7.95 -3.96 -6.34
N ASP A 132 7.34 -4.44 -5.26
CA ASP A 132 8.04 -4.86 -4.04
C ASP A 132 7.93 -6.37 -3.78
N ASN A 133 7.26 -7.10 -4.68
CA ASN A 133 6.86 -8.51 -4.64
C ASN A 133 8.01 -9.55 -4.67
N MET A 134 9.18 -9.19 -4.15
CA MET A 134 10.41 -9.99 -4.10
C MET A 134 10.76 -10.32 -2.65
N SER A 135 10.52 -11.57 -2.26
CA SER A 135 10.83 -12.17 -0.96
C SER A 135 12.32 -12.54 -0.78
N ASP A 136 13.21 -12.04 -1.64
CA ASP A 136 14.51 -12.69 -1.91
C ASP A 136 15.69 -11.73 -2.24
N GLN A 137 15.46 -10.41 -2.17
CA GLN A 137 16.49 -9.38 -2.35
C GLN A 137 17.04 -8.93 -0.98
N PRO A 138 18.35 -8.64 -0.85
CA PRO A 138 19.01 -8.33 0.41
C PRO A 138 18.58 -6.99 1.02
N LYS A 139 18.15 -6.03 0.17
CA LYS A 139 17.15 -5.05 0.58
C LYS A 139 15.76 -5.66 0.30
N PRO A 140 14.98 -6.08 1.32
CA PRO A 140 13.65 -6.68 1.12
C PRO A 140 12.66 -5.64 0.59
N LEU A 141 11.43 -6.07 0.27
CA LEU A 141 10.41 -5.27 -0.44
C LEU A 141 10.97 -4.85 -1.82
N GLY A 142 11.74 -5.74 -2.45
CA GLY A 142 12.42 -5.51 -3.74
C GLY A 142 13.43 -4.36 -3.76
N GLY A 143 13.75 -3.74 -2.61
CA GLY A 143 14.46 -2.46 -2.53
C GLY A 143 13.58 -1.23 -2.79
N GLY A 144 12.30 -1.43 -3.16
CA GLY A 144 11.30 -0.40 -3.48
C GLY A 144 10.34 -0.07 -2.32
N GLY A 145 10.69 -0.49 -1.09
CA GLY A 145 9.81 -0.45 0.09
C GLY A 145 9.51 0.94 0.68
N THR A 146 10.14 2.01 0.19
CA THR A 146 9.80 3.40 0.53
C THR A 146 8.40 3.76 0.00
N ARG A 147 7.81 4.83 0.53
CA ARG A 147 6.46 5.34 0.23
C ARG A 147 6.39 6.31 -0.98
N TYR A 148 5.37 6.21 -1.84
CA TYR A 148 4.90 7.35 -2.66
C TYR A 148 3.52 7.88 -2.21
N ALA A 149 2.65 7.04 -1.61
CA ALA A 149 1.40 7.50 -0.98
C ALA A 149 0.90 6.57 0.14
N CYS A 150 0.11 7.12 1.06
CA CYS A 150 -0.60 6.42 2.15
C CYS A 150 -2.04 6.91 2.25
N GLY A 151 -2.98 6.04 2.64
CA GLY A 151 -4.39 6.38 2.89
C GLY A 151 -5.04 5.46 3.91
N VAL A 152 -5.78 6.02 4.86
CA VAL A 152 -6.51 5.30 5.91
C VAL A 152 -7.94 5.04 5.44
N ILE A 153 -8.42 3.81 5.62
CA ILE A 153 -9.76 3.38 5.18
C ILE A 153 -10.85 4.04 6.03
N LYS A 154 -11.69 4.84 5.37
CA LYS A 154 -12.76 5.59 6.01
C LYS A 154 -13.75 4.66 6.77
N ALA A 1 -19.74 -3.43 0.38
CA ALA A 1 -19.38 -2.04 0.74
C ALA A 1 -18.38 -1.47 -0.28
N SER A 2 -17.98 -0.22 -0.15
CA SER A 2 -17.31 0.54 -1.23
C SER A 2 -16.64 1.75 -0.59
N GLU A 3 -15.37 2.02 -0.91
CA GLU A 3 -14.70 3.22 -0.42
C GLU A 3 -13.72 3.82 -1.43
N LYS A 4 -13.97 5.08 -1.80
CA LYS A 4 -13.11 5.91 -2.64
C LYS A 4 -11.95 6.51 -1.81
N VAL A 5 -10.94 5.71 -1.46
CA VAL A 5 -10.04 6.00 -0.33
C VAL A 5 -9.10 7.17 -0.64
N GLY A 6 -9.20 8.19 0.23
CA GLY A 6 -8.40 9.41 0.30
C GLY A 6 -6.98 9.14 0.75
N MET A 7 -6.11 8.90 -0.23
CA MET A 7 -4.66 8.81 -0.06
C MET A 7 -4.03 10.20 -0.08
N ASN A 8 -2.93 10.37 0.66
CA ASN A 8 -2.01 11.50 0.52
C ASN A 8 -0.62 11.01 0.06
N LEU A 9 0.15 11.93 -0.51
CA LEU A 9 1.58 11.80 -0.75
C LEU A 9 2.29 11.96 0.60
N VAL A 10 3.10 10.98 0.99
CA VAL A 10 3.77 10.92 2.31
C VAL A 10 5.18 10.34 2.19
N THR A 11 6.06 10.76 3.09
CA THR A 11 7.37 10.16 3.43
C THR A 11 8.15 11.07 4.38
N ALA A 12 8.50 10.57 5.56
CA ALA A 12 9.47 11.11 6.54
C ALA A 12 9.10 12.46 7.20
N GLN A 13 8.50 13.40 6.47
CA GLN A 13 7.93 14.64 6.99
C GLN A 13 6.44 14.47 7.37
N GLY A 14 5.83 13.34 7.01
CA GLY A 14 4.44 13.00 7.32
C GLY A 14 3.49 13.25 6.16
N VAL A 15 2.21 13.44 6.50
CA VAL A 15 1.12 13.73 5.56
C VAL A 15 1.35 15.09 4.87
N GLY A 16 1.66 15.02 3.56
CA GLY A 16 2.01 16.18 2.73
C GLY A 16 0.77 16.83 2.12
N GLN A 17 0.34 16.31 0.97
CA GLN A 17 -0.88 16.73 0.26
C GLN A 17 -1.40 15.55 -0.58
N SER A 18 -2.64 15.62 -1.03
CA SER A 18 -3.24 14.65 -1.94
C SER A 18 -3.36 15.15 -3.39
N ILE A 19 -3.72 14.23 -4.29
CA ILE A 19 -3.72 14.38 -5.77
C ILE A 19 -4.78 13.48 -6.44
N GLY A 20 -5.64 12.84 -5.65
CA GLY A 20 -6.51 11.75 -6.09
C GLY A 20 -6.87 10.74 -4.99
N THR A 21 -7.77 9.83 -5.31
CA THR A 21 -8.24 8.72 -4.46
C THR A 21 -8.18 7.41 -5.27
N VAL A 22 -8.47 6.29 -4.62
CA VAL A 22 -8.63 4.99 -5.29
C VAL A 22 -10.02 4.47 -4.94
N VAL A 23 -10.81 4.05 -5.92
CA VAL A 23 -12.06 3.34 -5.63
C VAL A 23 -11.76 1.89 -5.28
N ILE A 24 -11.96 1.55 -4.01
CA ILE A 24 -12.12 0.16 -3.59
C ILE A 24 -13.61 -0.16 -3.65
N ASP A 25 -13.98 -1.19 -4.38
CA ASP A 25 -15.31 -1.78 -4.30
C ASP A 25 -15.22 -3.27 -3.96
N GLU A 26 -15.99 -3.69 -2.96
CA GLU A 26 -16.10 -5.04 -2.49
C GLU A 26 -16.97 -5.86 -3.45
N THR A 27 -16.50 -7.04 -3.87
CA THR A 27 -17.26 -7.93 -4.75
C THR A 27 -16.91 -9.39 -4.47
N GLU A 28 -17.52 -10.31 -5.20
CA GLU A 28 -17.27 -11.75 -5.12
C GLU A 28 -15.81 -12.09 -5.46
N GLY A 29 -15.18 -11.29 -6.33
CA GLY A 29 -13.73 -11.32 -6.59
C GLY A 29 -12.87 -10.48 -5.63
N GLY A 30 -13.49 -10.00 -4.56
CA GLY A 30 -12.89 -9.26 -3.45
C GLY A 30 -12.75 -7.77 -3.68
N LEU A 31 -11.62 -7.22 -3.23
CA LEU A 31 -11.35 -5.79 -3.22
C LEU A 31 -10.85 -5.33 -4.59
N LYS A 32 -11.77 -4.86 -5.44
CA LYS A 32 -11.50 -4.27 -6.74
C LYS A 32 -10.96 -2.85 -6.54
N PHE A 33 -9.68 -2.66 -6.80
CA PHE A 33 -8.89 -1.46 -6.61
C PHE A 33 -8.78 -0.70 -7.96
N THR A 34 -9.43 0.47 -8.12
CA THR A 34 -9.30 1.26 -9.36
C THR A 34 -8.81 2.68 -9.04
N PRO A 35 -7.60 3.07 -9.48
CA PRO A 35 -7.00 4.35 -9.12
C PRO A 35 -7.57 5.48 -9.98
N HIS A 36 -7.50 6.71 -9.46
CA HIS A 36 -7.74 7.93 -10.24
C HIS A 36 -6.92 9.11 -9.68
N LEU A 37 -5.60 8.89 -9.56
CA LEU A 37 -4.62 9.88 -9.08
C LEU A 37 -3.77 10.41 -10.23
N LYS A 38 -3.57 11.72 -10.29
CA LYS A 38 -3.13 12.39 -11.53
C LYS A 38 -1.69 12.94 -11.54
N ALA A 39 -0.82 12.42 -10.67
CA ALA A 39 0.55 12.91 -10.48
C ALA A 39 1.47 11.90 -9.75
N LEU A 40 1.76 10.74 -10.36
CA LEU A 40 2.71 9.73 -9.83
C LEU A 40 3.80 9.40 -10.85
N PRO A 41 4.95 8.81 -10.42
CA PRO A 41 5.94 8.31 -11.35
C PRO A 41 5.35 7.13 -12.15
N PRO A 42 5.44 7.17 -13.50
CA PRO A 42 4.58 6.44 -14.46
C PRO A 42 5.07 5.01 -14.72
N GLY A 43 5.48 4.35 -13.64
CA GLY A 43 6.09 3.03 -13.63
C GLY A 43 5.13 1.91 -13.25
N GLU A 44 5.60 1.07 -12.35
CA GLU A 44 4.84 0.04 -11.66
C GLU A 44 5.24 -0.03 -10.18
N HIS A 45 4.24 -0.12 -9.30
CA HIS A 45 4.39 0.11 -7.86
C HIS A 45 3.64 -0.93 -7.04
N GLY A 46 4.31 -1.71 -6.21
CA GLY A 46 3.66 -2.64 -5.28
C GLY A 46 2.62 -1.89 -4.44
N PHE A 47 1.40 -2.41 -4.35
CA PHE A 47 0.34 -1.84 -3.50
C PHE A 47 0.14 -2.82 -2.33
N HIS A 48 0.24 -2.38 -1.06
CA HIS A 48 -0.02 -3.26 0.10
C HIS A 48 -1.11 -2.74 1.07
N ILE A 49 -1.49 -3.60 2.03
CA ILE A 49 -2.13 -3.23 3.30
C ILE A 49 -1.13 -3.45 4.46
N HIS A 50 -1.08 -2.49 5.38
CA HIS A 50 -0.25 -2.51 6.60
C HIS A 50 -1.07 -2.69 7.90
N ALA A 51 -0.39 -2.81 9.04
CA ALA A 51 -0.95 -3.31 10.30
C ALA A 51 -1.96 -2.38 11.00
N ASN A 52 -1.65 -1.09 11.07
CA ASN A 52 -2.50 -0.05 11.67
C ASN A 52 -2.93 0.99 10.61
N GLY A 53 -3.50 2.14 11.03
CA GLY A 53 -4.07 3.15 10.13
C GLY A 53 -3.86 4.59 10.59
N SER A 54 -2.73 5.19 10.24
CA SER A 54 -2.36 6.60 10.48
C SER A 54 -0.98 6.91 9.87
N CYS A 55 -0.96 7.49 8.66
CA CYS A 55 0.21 7.72 7.80
C CYS A 55 1.27 8.75 8.31
N GLN A 56 1.51 8.82 9.62
CA GLN A 56 2.36 9.81 10.28
C GLN A 56 3.60 9.16 10.94
N PRO A 57 4.81 9.72 10.75
CA PRO A 57 6.04 9.24 11.36
C PRO A 57 6.29 9.83 12.75
N ALA A 58 7.07 9.11 13.55
CA ALA A 58 7.82 9.66 14.67
C ALA A 58 9.24 10.04 14.20
N ILE A 59 9.77 11.17 14.67
CA ILE A 59 11.19 11.52 14.52
C ILE A 59 11.94 10.90 15.70
N LYS A 60 12.84 9.96 15.42
CA LYS A 60 13.19 8.83 16.29
C LYS A 60 14.41 8.09 15.70
N ASP A 61 15.39 7.73 16.55
CA ASP A 61 16.70 7.16 16.17
C ASP A 61 17.48 7.97 15.10
N GLY A 62 17.46 9.31 15.22
CA GLY A 62 18.21 10.21 14.33
C GLY A 62 17.61 10.36 12.92
N GLN A 63 16.38 9.86 12.70
CA GLN A 63 15.71 9.80 11.41
C GLN A 63 14.19 9.83 11.61
N ALA A 64 13.41 9.48 10.58
CA ALA A 64 11.94 9.50 10.64
C ALA A 64 11.36 8.11 10.39
N VAL A 65 10.58 7.57 11.33
CA VAL A 65 9.96 6.23 11.20
C VAL A 65 8.71 6.35 10.31
N ALA A 66 8.95 6.39 8.99
CA ALA A 66 8.03 6.43 7.83
C ALA A 66 6.55 6.73 8.11
N ALA A 67 5.85 5.80 8.77
CA ALA A 67 4.48 5.95 9.25
C ALA A 67 4.24 5.00 10.44
N GLU A 68 4.78 5.34 11.62
CA GLU A 68 4.78 4.46 12.80
C GLU A 68 3.35 4.09 13.24
N ALA A 69 2.38 5.01 13.13
CA ALA A 69 0.98 4.75 13.48
C ALA A 69 0.18 4.03 12.35
N ALA A 70 0.78 3.78 11.18
CA ALA A 70 0.25 2.87 10.15
C ALA A 70 0.89 1.48 10.21
N GLY A 71 2.05 1.33 10.86
CA GLY A 71 2.58 0.05 11.32
C GLY A 71 3.38 -0.76 10.30
N GLY A 72 3.80 -1.95 10.75
CA GLY A 72 4.55 -2.92 9.95
C GLY A 72 3.67 -3.66 8.93
N HIS A 73 4.22 -4.75 8.38
CA HIS A 73 3.44 -5.68 7.56
C HIS A 73 2.28 -6.26 8.42
N LEU A 74 1.12 -6.53 7.79
CA LEU A 74 -0.08 -7.03 8.48
C LEU A 74 0.09 -8.52 8.84
N ASP A 75 0.67 -8.77 10.02
CA ASP A 75 1.06 -10.10 10.50
C ASP A 75 1.34 -10.12 12.03
N PRO A 76 0.49 -10.75 12.85
CA PRO A 76 0.78 -10.99 14.27
C PRO A 76 1.66 -12.23 14.45
N GLN A 77 1.30 -13.37 13.85
CA GLN A 77 2.12 -14.56 13.74
C GLN A 77 2.21 -15.01 12.27
N ASN A 78 3.44 -15.19 11.77
CA ASN A 78 3.90 -15.73 10.48
C ASN A 78 5.37 -15.32 10.20
N THR A 79 5.64 -14.41 9.27
CA THR A 79 6.99 -14.11 8.72
C THR A 79 7.10 -12.70 8.16
N GLY A 80 6.08 -12.20 7.46
CA GLY A 80 5.97 -10.80 7.05
C GLY A 80 6.69 -10.46 5.73
N LYS A 81 7.95 -10.88 5.62
CA LYS A 81 8.98 -10.21 4.80
C LYS A 81 8.57 -9.89 3.35
N HIS A 82 8.05 -10.87 2.59
CA HIS A 82 7.19 -10.77 1.39
C HIS A 82 7.18 -12.06 0.54
N GLU A 83 5.99 -12.48 0.08
CA GLU A 83 5.73 -13.83 -0.43
C GLU A 83 6.37 -14.14 -1.79
N GLY A 84 6.06 -13.32 -2.81
CA GLY A 84 6.65 -13.36 -4.15
C GLY A 84 6.83 -14.76 -4.73
N PRO A 85 8.07 -15.27 -4.85
CA PRO A 85 8.35 -16.53 -5.51
C PRO A 85 7.95 -17.76 -4.68
N GLU A 86 8.04 -17.72 -3.34
CA GLU A 86 8.05 -18.94 -2.50
C GLU A 86 7.19 -18.86 -1.21
N GLY A 87 6.46 -17.76 -0.96
CA GLY A 87 5.39 -17.74 0.07
C GLY A 87 5.78 -17.14 1.43
N GLN A 88 7.02 -16.70 1.62
CA GLN A 88 7.52 -16.10 2.87
C GLN A 88 7.06 -14.64 3.04
N GLY A 89 5.75 -14.41 3.17
CA GLY A 89 5.14 -13.06 3.20
C GLY A 89 4.05 -12.83 4.24
N HIS A 90 3.05 -12.03 3.87
CA HIS A 90 1.92 -11.66 4.72
C HIS A 90 0.61 -11.50 3.90
N LEU A 91 -0.55 -11.64 4.55
CA LEU A 91 -1.86 -11.64 3.87
C LEU A 91 -2.18 -10.32 3.12
N GLY A 92 -1.55 -9.22 3.52
CA GLY A 92 -1.63 -7.88 2.92
C GLY A 92 -0.52 -7.55 1.92
N ASP A 93 0.37 -8.50 1.60
CA ASP A 93 1.08 -8.52 0.31
C ASP A 93 0.00 -8.68 -0.80
N LEU A 94 0.17 -8.03 -1.96
CA LEU A 94 -0.95 -7.68 -2.87
C LEU A 94 -0.43 -7.53 -4.32
N PRO A 95 -1.22 -7.10 -5.33
CA PRO A 95 -0.75 -6.93 -6.70
C PRO A 95 -0.01 -5.59 -6.93
N VAL A 96 0.64 -5.44 -8.09
CA VAL A 96 1.34 -4.20 -8.49
C VAL A 96 0.37 -3.19 -9.11
N LEU A 97 0.37 -1.97 -8.57
CA LEU A 97 -0.21 -0.76 -9.15
C LEU A 97 0.68 -0.29 -10.32
N VAL A 98 0.51 -0.91 -11.49
CA VAL A 98 1.08 -0.44 -12.77
C VAL A 98 0.46 0.93 -13.10
N VAL A 99 1.23 1.86 -13.66
CA VAL A 99 0.85 3.27 -13.88
C VAL A 99 1.04 3.63 -15.36
N ASN A 100 0.10 4.36 -15.95
CA ASN A 100 0.23 4.88 -17.32
C ASN A 100 1.45 5.83 -17.49
N ASN A 101 2.11 5.73 -18.65
CA ASN A 101 3.35 6.44 -19.04
C ASN A 101 3.38 8.00 -18.85
N ASP A 102 2.23 8.66 -18.70
CA ASP A 102 2.11 10.11 -18.53
C ASP A 102 2.06 10.57 -17.06
N GLY A 103 1.89 9.63 -16.11
CA GLY A 103 1.91 9.90 -14.67
C GLY A 103 0.54 10.05 -14.02
N ILE A 104 -0.50 9.51 -14.64
CA ILE A 104 -1.85 9.37 -14.07
C ILE A 104 -2.13 7.88 -13.92
N ALA A 105 -2.49 7.42 -12.73
CA ALA A 105 -2.91 6.04 -12.50
C ALA A 105 -4.40 5.90 -12.77
N THR A 106 -4.75 4.95 -13.64
CA THR A 106 -6.11 4.59 -14.09
C THR A 106 -6.33 3.08 -14.22
N GLU A 107 -5.25 2.30 -14.07
CA GLU A 107 -5.15 0.87 -14.25
C GLU A 107 -5.84 0.09 -13.10
N PRO A 108 -6.94 -0.66 -13.36
CA PRO A 108 -7.63 -1.45 -12.35
C PRO A 108 -6.85 -2.74 -12.00
N VAL A 109 -6.87 -3.11 -10.72
CA VAL A 109 -6.42 -4.42 -10.20
C VAL A 109 -7.39 -4.90 -9.11
N THR A 110 -7.31 -6.16 -8.67
CA THR A 110 -8.22 -6.74 -7.66
C THR A 110 -7.46 -7.64 -6.70
N ALA A 111 -7.81 -7.59 -5.41
CA ALA A 111 -7.30 -8.50 -4.38
C ALA A 111 -8.40 -9.49 -3.92
N PRO A 112 -8.46 -10.72 -4.49
CA PRO A 112 -9.44 -11.76 -4.13
C PRO A 112 -9.14 -12.49 -2.82
N ARG A 113 -8.12 -12.06 -2.07
CA ARG A 113 -7.73 -12.66 -0.77
C ARG A 113 -8.54 -12.07 0.41
N LEU A 114 -9.36 -11.05 0.11
CA LEU A 114 -10.38 -10.44 0.96
C LEU A 114 -11.72 -10.55 0.21
N LYS A 115 -12.86 -10.43 0.90
CA LYS A 115 -14.20 -10.40 0.29
C LYS A 115 -15.19 -9.40 0.92
N SER A 116 -14.84 -8.75 2.03
CA SER A 116 -15.70 -7.80 2.74
C SER A 116 -14.90 -6.54 3.10
N LEU A 117 -15.41 -5.34 2.80
CA LEU A 117 -14.67 -4.08 3.03
C LEU A 117 -14.48 -3.83 4.54
N ASP A 118 -15.37 -4.35 5.38
CA ASP A 118 -15.20 -4.47 6.83
C ASP A 118 -13.92 -5.22 7.27
N GLU A 119 -13.28 -6.01 6.41
CA GLU A 119 -12.01 -6.68 6.73
C GLU A 119 -10.82 -5.69 6.72
N VAL A 120 -10.98 -4.48 6.18
CA VAL A 120 -9.90 -3.48 6.05
C VAL A 120 -10.23 -2.09 6.63
N LYS A 121 -11.41 -1.92 7.25
CA LYS A 121 -11.96 -0.64 7.77
C LYS A 121 -11.19 0.07 8.91
N ASP A 122 -9.98 -0.37 9.25
CA ASP A 122 -9.26 0.00 10.47
C ASP A 122 -7.73 0.05 10.26
N LYS A 123 -7.31 0.11 8.98
CA LYS A 123 -5.93 -0.07 8.53
C LYS A 123 -5.58 0.85 7.34
N ALA A 124 -4.29 0.93 6.98
CA ALA A 124 -3.79 1.74 5.86
C ALA A 124 -3.53 0.93 4.58
N LEU A 125 -3.88 1.53 3.44
CA LEU A 125 -3.36 1.21 2.11
C LEU A 125 -2.00 1.90 1.94
N MET A 126 -1.05 1.31 1.20
CA MET A 126 0.20 1.97 0.84
C MET A 126 0.60 1.68 -0.61
N ILE A 127 0.84 2.73 -1.40
CA ILE A 127 1.51 2.62 -2.72
C ILE A 127 3.00 2.73 -2.48
N HIS A 128 3.69 1.62 -2.72
CA HIS A 128 5.11 1.39 -2.50
C HIS A 128 5.92 1.56 -3.80
N VAL A 129 7.19 1.97 -3.70
CA VAL A 129 8.03 2.23 -4.89
C VAL A 129 8.30 0.93 -5.66
N GLY A 130 8.68 -0.15 -4.98
CA GLY A 130 8.97 -1.45 -5.61
C GLY A 130 7.72 -2.32 -5.77
N GLY A 131 7.62 -3.00 -6.92
CA GLY A 131 6.61 -4.04 -7.23
C GLY A 131 6.64 -5.20 -6.25
N ASP A 132 5.44 -5.72 -5.97
CA ASP A 132 5.21 -6.77 -4.98
C ASP A 132 5.54 -8.16 -5.57
N ASN A 133 6.75 -8.61 -5.27
CA ASN A 133 7.36 -9.92 -5.62
C ASN A 133 8.78 -10.01 -5.00
N MET A 134 9.52 -8.88 -4.97
CA MET A 134 10.89 -8.81 -4.46
C MET A 134 11.00 -9.19 -2.97
N SER A 135 11.94 -10.08 -2.65
CA SER A 135 12.17 -10.66 -1.33
C SER A 135 13.63 -11.18 -1.23
N ASP A 136 13.98 -11.94 -0.18
CA ASP A 136 15.27 -12.62 0.11
C ASP A 136 16.50 -11.70 0.35
N GLN A 137 16.56 -10.59 -0.37
CA GLN A 137 17.54 -9.51 -0.25
C GLN A 137 17.53 -8.94 1.19
N PRO A 138 18.63 -8.32 1.66
CA PRO A 138 18.76 -7.80 3.03
C PRO A 138 17.91 -6.56 3.32
N LYS A 139 17.24 -5.98 2.32
CA LYS A 139 16.25 -4.90 2.49
C LYS A 139 14.89 -5.31 1.91
N PRO A 140 13.75 -5.02 2.59
CA PRO A 140 12.42 -5.48 2.18
C PRO A 140 12.01 -4.86 0.85
N LEU A 141 11.30 -5.64 0.02
CA LEU A 141 10.95 -5.31 -1.37
C LEU A 141 12.22 -5.03 -2.22
N GLY A 142 13.36 -5.66 -1.87
CA GLY A 142 14.66 -5.44 -2.51
C GLY A 142 15.33 -4.11 -2.15
N GLY A 143 14.69 -3.30 -1.30
CA GLY A 143 14.99 -1.87 -1.10
C GLY A 143 13.81 -0.97 -1.50
N GLY A 144 12.80 -1.49 -2.20
CA GLY A 144 11.55 -0.81 -2.57
C GLY A 144 10.58 -0.58 -1.40
N GLY A 145 11.10 -0.43 -0.18
CA GLY A 145 10.36 -0.13 1.04
C GLY A 145 9.83 1.31 1.09
N THR A 146 10.40 2.21 0.29
CA THR A 146 9.93 3.59 0.09
C THR A 146 8.51 3.63 -0.50
N ARG A 147 7.80 4.73 -0.25
CA ARG A 147 6.39 4.94 -0.65
C ARG A 147 6.29 6.02 -1.74
N TYR A 148 5.18 6.02 -2.48
CA TYR A 148 4.66 7.25 -3.10
C TYR A 148 3.38 7.78 -2.40
N ALA A 149 2.56 6.91 -1.80
CA ALA A 149 1.33 7.33 -1.11
C ALA A 149 0.90 6.36 0.01
N CYS A 150 0.13 6.89 0.96
CA CYS A 150 -0.52 6.16 2.06
C CYS A 150 -1.98 6.67 2.19
N GLY A 151 -2.90 5.84 2.67
CA GLY A 151 -4.31 6.19 2.85
C GLY A 151 -5.00 5.35 3.92
N VAL A 152 -5.58 6.02 4.91
CA VAL A 152 -6.35 5.40 6.02
C VAL A 152 -7.80 5.19 5.57
N ILE A 153 -8.30 3.96 5.72
CA ILE A 153 -9.64 3.56 5.28
C ILE A 153 -10.72 4.02 6.29
N LYS A 154 -11.71 4.76 5.77
CA LYS A 154 -12.91 5.22 6.46
C LYS A 154 -13.91 4.07 6.56
N ALA A 1 -19.24 -4.55 -1.02
CA ALA A 1 -19.00 -3.30 -0.28
C ALA A 1 -18.06 -2.40 -1.07
N SER A 2 -17.90 -1.15 -0.69
CA SER A 2 -17.35 -0.12 -1.56
C SER A 2 -16.71 0.96 -0.68
N GLU A 3 -15.52 1.44 -1.02
CA GLU A 3 -14.99 2.68 -0.41
C GLU A 3 -13.96 3.39 -1.29
N LYS A 4 -14.16 4.69 -1.49
CA LYS A 4 -13.26 5.56 -2.22
C LYS A 4 -12.20 6.13 -1.27
N VAL A 5 -11.03 5.49 -1.18
CA VAL A 5 -10.01 5.94 -0.20
C VAL A 5 -9.11 6.99 -0.84
N GLY A 6 -9.03 8.15 -0.19
CA GLY A 6 -8.16 9.27 -0.56
C GLY A 6 -6.70 8.95 -0.23
N MET A 7 -5.93 8.71 -1.28
CA MET A 7 -4.47 8.55 -1.23
C MET A 7 -3.77 9.91 -1.19
N ASN A 8 -3.35 10.33 0.01
CA ASN A 8 -2.48 11.49 0.15
C ASN A 8 -1.04 11.07 -0.15
N LEU A 9 -0.31 11.91 -0.90
CA LEU A 9 1.11 11.70 -1.16
C LEU A 9 1.87 11.82 0.16
N VAL A 10 2.86 10.96 0.40
CA VAL A 10 3.61 10.89 1.66
C VAL A 10 5.11 10.75 1.45
N THR A 11 5.85 11.03 2.51
CA THR A 11 7.31 10.94 2.62
C THR A 11 7.72 11.05 4.09
N ALA A 12 8.87 11.62 4.37
CA ALA A 12 9.47 12.02 5.65
C ALA A 12 8.64 13.01 6.50
N GLN A 13 7.34 13.15 6.22
CA GLN A 13 6.39 13.92 7.03
C GLN A 13 5.14 13.08 7.37
N GLY A 14 5.00 11.88 6.80
CA GLY A 14 3.70 11.22 6.67
C GLY A 14 2.89 11.93 5.59
N VAL A 15 1.58 12.05 5.83
CA VAL A 15 0.63 12.86 5.03
C VAL A 15 1.23 14.20 4.57
N GLY A 16 1.41 14.34 3.25
CA GLY A 16 1.93 15.52 2.56
C GLY A 16 0.84 16.33 1.88
N GLN A 17 0.35 15.87 0.73
CA GLN A 17 -0.72 16.54 -0.03
C GLN A 17 -1.44 15.58 -1.00
N SER A 18 -2.69 15.85 -1.32
CA SER A 18 -3.56 14.92 -2.07
C SER A 18 -3.63 15.19 -3.58
N ILE A 19 -3.50 14.12 -4.40
CA ILE A 19 -3.63 14.16 -5.87
C ILE A 19 -4.71 13.21 -6.44
N GLY A 20 -5.16 12.22 -5.69
CA GLY A 20 -6.13 11.23 -6.20
C GLY A 20 -6.69 10.32 -5.11
N THR A 21 -7.86 9.73 -5.36
CA THR A 21 -8.36 8.60 -4.57
C THR A 21 -8.01 7.30 -5.28
N VAL A 22 -8.33 6.17 -4.65
CA VAL A 22 -8.46 4.88 -5.30
C VAL A 22 -9.74 4.23 -4.76
N VAL A 23 -10.59 3.75 -5.66
CA VAL A 23 -11.91 3.23 -5.31
C VAL A 23 -11.90 1.72 -5.18
N ILE A 24 -12.24 1.25 -3.97
CA ILE A 24 -12.33 -0.16 -3.62
C ILE A 24 -13.76 -0.62 -3.84
N ASP A 25 -13.92 -1.79 -4.45
CA ASP A 25 -15.18 -2.48 -4.67
C ASP A 25 -14.98 -3.97 -4.43
N GLU A 26 -15.40 -4.41 -3.25
CA GLU A 26 -15.24 -5.71 -2.67
C GLU A 26 -16.25 -6.68 -3.30
N THR A 27 -15.79 -7.87 -3.72
CA THR A 27 -16.58 -8.77 -4.59
C THR A 27 -16.16 -10.23 -4.40
N GLU A 28 -16.62 -11.12 -5.28
CA GLU A 28 -16.38 -12.58 -5.21
C GLU A 28 -14.89 -12.94 -5.20
N GLY A 29 -14.05 -12.15 -5.86
CA GLY A 29 -12.58 -12.25 -5.86
C GLY A 29 -11.89 -11.24 -4.94
N GLY A 30 -12.60 -10.73 -3.92
CA GLY A 30 -12.07 -9.80 -2.92
C GLY A 30 -12.04 -8.34 -3.37
N LEU A 31 -11.02 -7.61 -2.93
CA LEU A 31 -10.96 -6.15 -3.03
C LEU A 31 -10.53 -5.69 -4.44
N LYS A 32 -11.47 -5.19 -5.25
CA LYS A 32 -11.18 -4.59 -6.56
C LYS A 32 -10.77 -3.11 -6.40
N PHE A 33 -9.53 -2.77 -6.66
CA PHE A 33 -8.94 -1.44 -6.52
C PHE A 33 -8.93 -0.71 -7.87
N THR A 34 -9.52 0.50 -7.95
CA THR A 34 -9.60 1.23 -9.23
C THR A 34 -9.05 2.65 -9.06
N PRO A 35 -7.88 2.98 -9.66
CA PRO A 35 -7.15 4.21 -9.39
C PRO A 35 -7.55 5.35 -10.33
N HIS A 36 -7.30 6.60 -9.92
CA HIS A 36 -7.54 7.77 -10.77
C HIS A 36 -6.54 8.92 -10.47
N LEU A 37 -5.27 8.62 -10.15
CA LEU A 37 -4.24 9.60 -9.76
C LEU A 37 -3.39 10.10 -10.96
N LYS A 38 -2.71 11.25 -10.83
CA LYS A 38 -2.10 11.97 -11.98
C LYS A 38 -0.74 12.67 -11.76
N ALA A 39 -0.02 12.29 -10.71
CA ALA A 39 1.29 12.84 -10.38
C ALA A 39 2.07 11.86 -9.48
N LEU A 40 2.51 10.74 -10.06
CA LEU A 40 3.42 9.78 -9.42
C LEU A 40 4.64 9.57 -10.31
N PRO A 41 5.71 8.92 -9.81
CA PRO A 41 6.71 8.30 -10.65
C PRO A 41 6.03 7.36 -11.68
N PRO A 42 6.44 7.34 -12.96
CA PRO A 42 5.56 6.97 -14.06
C PRO A 42 5.55 5.47 -14.40
N GLY A 43 5.86 4.64 -13.40
CA GLY A 43 5.96 3.18 -13.54
C GLY A 43 4.97 2.37 -12.69
N GLU A 44 5.43 1.18 -12.30
CA GLU A 44 4.75 0.21 -11.44
C GLU A 44 4.89 0.60 -9.96
N HIS A 45 3.83 0.42 -9.16
CA HIS A 45 3.82 0.77 -7.73
C HIS A 45 3.26 -0.38 -6.90
N GLY A 46 3.93 -0.78 -5.81
CA GLY A 46 3.42 -1.77 -4.88
C GLY A 46 2.13 -1.30 -4.18
N PHE A 47 1.27 -2.23 -3.76
CA PHE A 47 0.04 -1.94 -3.02
C PHE A 47 0.05 -2.83 -1.76
N HIS A 48 0.26 -2.25 -0.58
CA HIS A 48 0.08 -2.97 0.70
C HIS A 48 -1.09 -2.48 1.56
N ILE A 49 -1.44 -3.31 2.54
CA ILE A 49 -2.17 -2.94 3.75
C ILE A 49 -1.27 -3.18 4.97
N HIS A 50 -1.30 -2.24 5.89
CA HIS A 50 -0.43 -2.14 7.07
C HIS A 50 -1.29 -2.24 8.34
N ALA A 51 -0.70 -2.68 9.46
CA ALA A 51 -1.45 -3.26 10.57
C ALA A 51 -2.43 -2.30 11.27
N ASN A 52 -2.13 -1.01 11.34
CA ASN A 52 -3.03 0.04 11.85
C ASN A 52 -3.10 1.27 10.91
N GLY A 53 -4.12 2.11 11.09
CA GLY A 53 -4.41 3.26 10.22
C GLY A 53 -3.78 4.56 10.69
N SER A 54 -2.51 4.80 10.33
CA SER A 54 -1.80 6.03 10.72
C SER A 54 -0.58 6.33 9.83
N CYS A 55 -0.82 7.07 8.74
CA CYS A 55 0.16 7.61 7.79
C CYS A 55 1.08 8.71 8.38
N GLN A 56 1.69 8.46 9.55
CA GLN A 56 2.47 9.44 10.32
C GLN A 56 3.85 8.87 10.78
N PRO A 57 4.93 9.68 10.73
CA PRO A 57 6.29 9.23 11.04
C PRO A 57 6.64 9.42 12.52
N ALA A 58 7.75 8.77 12.92
CA ALA A 58 8.46 9.06 14.16
C ALA A 58 9.83 9.67 13.85
N ILE A 59 10.30 10.61 14.68
CA ILE A 59 11.60 11.28 14.53
C ILE A 59 12.61 10.69 15.52
N LYS A 60 12.87 9.38 15.43
CA LYS A 60 14.01 8.74 16.09
C LYS A 60 15.32 9.15 15.40
N ASP A 61 16.44 9.15 16.13
CA ASP A 61 17.79 9.50 15.65
C ASP A 61 17.89 10.88 14.97
N GLY A 62 16.92 11.78 15.21
CA GLY A 62 16.80 13.10 14.59
C GLY A 62 16.40 13.07 13.11
N GLN A 63 15.81 11.98 12.62
CA GLN A 63 15.42 11.78 11.22
C GLN A 63 14.04 11.11 11.10
N ALA A 64 13.27 11.45 10.07
CA ALA A 64 11.84 11.11 10.03
C ALA A 64 11.55 9.74 9.39
N VAL A 65 11.20 8.75 10.21
CA VAL A 65 10.81 7.39 9.77
C VAL A 65 9.42 7.45 9.12
N ALA A 66 9.39 7.61 7.79
CA ALA A 66 8.24 7.96 6.90
C ALA A 66 6.81 7.61 7.37
N ALA A 67 6.58 6.40 7.89
CA ALA A 67 5.44 6.13 8.77
C ALA A 67 5.78 5.00 9.75
N GLU A 68 5.65 5.25 11.06
CA GLU A 68 5.83 4.23 12.11
C GLU A 68 4.47 3.74 12.61
N ALA A 69 3.56 4.67 12.95
CA ALA A 69 2.29 4.36 13.62
C ALA A 69 1.32 3.48 12.80
N ALA A 70 1.54 3.33 11.50
CA ALA A 70 0.86 2.36 10.64
C ALA A 70 1.11 0.88 10.99
N GLY A 71 2.03 0.58 11.93
CA GLY A 71 2.22 -0.77 12.48
C GLY A 71 3.29 -1.61 11.79
N GLY A 72 3.53 -1.37 10.50
CA GLY A 72 4.36 -2.20 9.60
C GLY A 72 3.49 -3.07 8.68
N HIS A 73 4.10 -4.01 7.95
CA HIS A 73 3.33 -5.01 7.20
C HIS A 73 2.47 -5.85 8.17
N LEU A 74 1.32 -6.30 7.68
CA LEU A 74 0.34 -7.08 8.43
C LEU A 74 0.76 -8.56 8.55
N ASP A 75 1.78 -8.85 9.38
CA ASP A 75 2.03 -10.19 9.96
C ASP A 75 1.52 -10.25 11.40
N PRO A 76 0.37 -10.91 11.65
CA PRO A 76 0.01 -11.41 12.97
C PRO A 76 0.68 -12.76 13.26
N GLN A 77 0.65 -13.70 12.30
CA GLN A 77 1.11 -15.09 12.45
C GLN A 77 1.28 -15.87 11.13
N ASN A 78 1.07 -15.25 9.97
CA ASN A 78 1.14 -15.92 8.65
C ASN A 78 2.55 -16.37 8.24
N THR A 79 3.58 -15.66 8.77
CA THR A 79 5.00 -15.54 8.38
C THR A 79 5.22 -14.08 7.93
N GLY A 80 6.35 -13.49 8.32
CA GLY A 80 6.71 -12.09 8.04
C GLY A 80 7.55 -11.90 6.77
N LYS A 81 8.09 -12.98 6.19
CA LYS A 81 9.03 -12.96 5.06
C LYS A 81 8.48 -12.41 3.72
N HIS A 82 7.17 -12.10 3.61
CA HIS A 82 6.54 -11.30 2.53
C HIS A 82 6.18 -12.11 1.26
N GLU A 83 5.05 -11.75 0.64
CA GLU A 83 4.43 -12.44 -0.50
C GLU A 83 5.10 -12.05 -1.82
N GLY A 84 5.13 -12.94 -2.83
CA GLY A 84 5.60 -12.56 -4.17
C GLY A 84 5.61 -13.71 -5.19
N PRO A 85 6.80 -14.16 -5.65
CA PRO A 85 6.91 -15.21 -6.66
C PRO A 85 6.57 -16.61 -6.10
N GLU A 86 6.60 -16.75 -4.78
CA GLU A 86 6.06 -17.88 -4.01
C GLU A 86 5.07 -17.30 -2.99
N GLY A 87 4.11 -18.12 -2.54
CA GLY A 87 3.08 -17.72 -1.56
C GLY A 87 3.45 -18.20 -0.15
N GLN A 88 3.58 -17.26 0.79
CA GLN A 88 3.94 -17.46 2.21
C GLN A 88 4.08 -16.15 3.01
N GLY A 89 3.47 -15.05 2.57
CA GLY A 89 3.62 -13.73 3.18
C GLY A 89 2.38 -13.20 3.90
N HIS A 90 2.30 -11.88 3.93
CA HIS A 90 1.23 -11.14 4.59
C HIS A 90 -0.07 -11.20 3.77
N LEU A 91 -1.21 -11.36 4.45
CA LEU A 91 -2.51 -11.12 3.81
C LEU A 91 -2.69 -9.66 3.35
N GLY A 92 -1.92 -8.72 3.94
CA GLY A 92 -1.82 -7.32 3.53
C GLY A 92 -0.81 -7.02 2.41
N ASP A 93 -0.48 -7.98 1.54
CA ASP A 93 0.27 -7.76 0.30
C ASP A 93 -0.63 -7.96 -0.94
N LEU A 94 -0.61 -7.01 -1.89
CA LEU A 94 -1.61 -6.85 -2.96
C LEU A 94 -0.91 -6.49 -4.31
N PRO A 95 -1.57 -6.67 -5.48
CA PRO A 95 -0.92 -6.55 -6.79
C PRO A 95 -0.69 -5.10 -7.21
N VAL A 96 0.24 -4.88 -8.15
CA VAL A 96 0.82 -3.55 -8.42
C VAL A 96 -0.14 -2.54 -9.06
N LEU A 97 -0.14 -1.35 -8.47
CA LEU A 97 -0.81 -0.12 -8.87
C LEU A 97 -0.01 0.54 -10.01
N VAL A 98 -0.11 0.00 -11.22
CA VAL A 98 0.64 0.51 -12.39
C VAL A 98 0.13 1.90 -12.82
N VAL A 99 1.06 2.83 -13.12
CA VAL A 99 0.79 4.04 -13.91
C VAL A 99 1.55 3.98 -15.23
N ASN A 100 1.15 4.82 -16.19
CA ASN A 100 1.82 4.96 -17.48
C ASN A 100 2.93 6.02 -17.45
N ASN A 101 3.73 6.08 -18.52
CA ASN A 101 4.91 6.94 -18.73
C ASN A 101 4.77 8.46 -18.37
N ASP A 102 3.55 8.97 -18.21
CA ASP A 102 3.21 10.37 -17.88
C ASP A 102 2.96 10.60 -16.37
N GLY A 103 2.91 9.54 -15.55
CA GLY A 103 2.68 9.63 -14.10
C GLY A 103 1.22 9.48 -13.68
N ILE A 104 0.38 8.87 -14.51
CA ILE A 104 -1.10 8.81 -14.33
C ILE A 104 -1.61 7.37 -14.28
N ALA A 105 -2.39 7.09 -13.24
CA ALA A 105 -2.90 5.78 -12.85
C ALA A 105 -4.36 5.59 -13.32
N THR A 106 -4.63 4.50 -14.04
CA THR A 106 -5.98 4.11 -14.48
C THR A 106 -6.13 2.61 -14.78
N GLU A 107 -5.20 1.78 -14.29
CA GLU A 107 -5.24 0.31 -14.43
C GLU A 107 -6.02 -0.30 -13.24
N PRO A 108 -7.21 -0.91 -13.44
CA PRO A 108 -7.99 -1.59 -12.39
C PRO A 108 -7.38 -2.95 -12.05
N VAL A 109 -7.33 -3.31 -10.76
CA VAL A 109 -6.78 -4.59 -10.25
C VAL A 109 -7.68 -5.18 -9.16
N THR A 110 -7.46 -6.45 -8.78
CA THR A 110 -8.24 -7.16 -7.75
C THR A 110 -7.33 -7.95 -6.83
N ALA A 111 -7.55 -7.85 -5.51
CA ALA A 111 -6.78 -8.55 -4.50
C ALA A 111 -7.63 -9.56 -3.68
N PRO A 112 -7.66 -10.85 -4.09
CA PRO A 112 -8.05 -11.95 -3.23
C PRO A 112 -6.88 -12.28 -2.29
N ARG A 113 -6.90 -11.71 -1.09
CA ARG A 113 -5.88 -11.86 -0.03
C ARG A 113 -6.48 -11.43 1.31
N LEU A 114 -7.07 -10.22 1.31
CA LEU A 114 -8.31 -9.88 2.02
C LEU A 114 -9.49 -10.41 1.20
N LYS A 115 -10.67 -10.54 1.80
CA LYS A 115 -11.93 -10.68 1.03
C LYS A 115 -12.96 -9.58 1.32
N SER A 116 -12.94 -8.94 2.49
CA SER A 116 -13.96 -7.96 2.89
C SER A 116 -13.39 -6.58 3.25
N LEU A 117 -14.17 -5.51 3.04
CA LEU A 117 -13.88 -4.18 3.58
C LEU A 117 -13.92 -4.18 5.12
N ASP A 118 -14.83 -4.93 5.73
CA ASP A 118 -14.89 -5.15 7.18
C ASP A 118 -13.63 -5.78 7.80
N GLU A 119 -12.74 -6.39 7.01
CA GLU A 119 -11.46 -6.93 7.47
C GLU A 119 -10.35 -5.85 7.54
N VAL A 120 -10.62 -4.62 7.07
CA VAL A 120 -9.63 -3.52 7.00
C VAL A 120 -10.12 -2.22 7.66
N LYS A 121 -11.22 -2.28 8.42
CA LYS A 121 -11.96 -1.14 9.01
C LYS A 121 -11.24 -0.29 10.10
N ASP A 122 -9.92 -0.45 10.27
CA ASP A 122 -9.06 0.30 11.22
C ASP A 122 -7.60 0.42 10.70
N LYS A 123 -7.38 0.29 9.39
CA LYS A 123 -6.05 0.16 8.77
C LYS A 123 -5.72 1.27 7.75
N ALA A 124 -4.48 1.25 7.23
CA ALA A 124 -4.05 2.04 6.07
C ALA A 124 -3.78 1.15 4.85
N LEU A 125 -4.18 1.63 3.67
CA LEU A 125 -3.72 1.18 2.36
C LEU A 125 -2.51 2.05 1.98
N MET A 126 -1.47 1.49 1.35
CA MET A 126 -0.26 2.24 0.99
C MET A 126 0.19 1.96 -0.46
N ILE A 127 0.48 3.03 -1.20
CA ILE A 127 1.09 2.98 -2.54
C ILE A 127 2.60 3.11 -2.37
N HIS A 128 3.30 2.02 -2.64
CA HIS A 128 4.73 1.83 -2.48
C HIS A 128 5.50 2.33 -3.73
N VAL A 129 6.69 2.92 -3.53
CA VAL A 129 7.38 3.73 -4.57
C VAL A 129 7.67 2.94 -5.85
N GLY A 130 8.06 1.67 -5.72
CA GLY A 130 8.13 0.70 -6.83
C GLY A 130 7.25 -0.52 -6.56
N GLY A 131 7.07 -1.36 -7.58
CA GLY A 131 6.61 -2.75 -7.44
C GLY A 131 7.59 -3.62 -6.64
N ASP A 132 7.12 -4.80 -6.24
CA ASP A 132 7.33 -5.27 -4.86
C ASP A 132 7.61 -6.78 -4.74
N ASN A 133 7.77 -7.46 -5.89
CA ASN A 133 7.83 -8.93 -6.04
C ASN A 133 9.16 -9.58 -5.58
N MET A 134 9.78 -9.08 -4.51
CA MET A 134 11.20 -9.31 -4.17
C MET A 134 11.44 -9.56 -2.67
N SER A 135 10.89 -10.64 -2.14
CA SER A 135 11.11 -11.07 -0.74
C SER A 135 12.55 -11.47 -0.42
N ASP A 136 13.28 -12.07 -1.38
CA ASP A 136 14.51 -12.83 -1.13
C ASP A 136 15.78 -11.96 -1.06
N GLN A 137 15.88 -11.12 -0.02
CA GLN A 137 17.06 -10.30 0.32
C GLN A 137 17.05 -9.91 1.81
N PRO A 138 18.23 -9.63 2.42
CA PRO A 138 18.33 -9.14 3.80
C PRO A 138 17.77 -7.72 3.96
N LYS A 139 17.73 -6.94 2.87
CA LYS A 139 16.79 -5.83 2.71
C LYS A 139 15.64 -6.31 1.79
N PRO A 140 14.54 -6.88 2.34
CA PRO A 140 13.44 -7.42 1.54
C PRO A 140 12.66 -6.31 0.83
N LEU A 141 11.78 -6.71 -0.09
CA LEU A 141 11.10 -5.85 -1.08
C LEU A 141 12.10 -5.37 -2.16
N GLY A 142 13.27 -6.01 -2.25
CA GLY A 142 14.45 -5.52 -2.97
C GLY A 142 15.09 -4.27 -2.32
N GLY A 143 14.57 -3.81 -1.18
CA GLY A 143 14.82 -2.49 -0.59
C GLY A 143 13.70 -1.48 -0.81
N GLY A 144 12.62 -1.84 -1.52
CA GLY A 144 11.48 -0.97 -1.89
C GLY A 144 10.51 -0.64 -0.75
N GLY A 145 11.03 -0.31 0.44
CA GLY A 145 10.25 -0.05 1.65
C GLY A 145 9.47 1.28 1.65
N THR A 146 9.83 2.23 0.77
CA THR A 146 9.28 3.59 0.70
C THR A 146 7.88 3.63 0.09
N ARG A 147 7.08 4.58 0.58
CA ARG A 147 5.73 4.90 0.09
C ARG A 147 5.75 6.21 -0.70
N TYR A 148 5.02 6.26 -1.82
CA TYR A 148 4.70 7.53 -2.49
C TYR A 148 3.35 8.09 -1.99
N ALA A 149 2.41 7.24 -1.54
CA ALA A 149 1.13 7.66 -0.96
C ALA A 149 0.58 6.68 0.09
N CYS A 150 -0.32 7.17 0.94
CA CYS A 150 -1.00 6.45 2.02
C CYS A 150 -2.47 6.90 2.12
N GLY A 151 -3.34 5.96 2.50
CA GLY A 151 -4.80 6.12 2.58
C GLY A 151 -5.37 5.39 3.79
N VAL A 152 -5.65 6.14 4.86
CA VAL A 152 -6.31 5.67 6.09
C VAL A 152 -7.81 5.39 5.86
N ILE A 153 -8.29 4.25 6.39
CA ILE A 153 -9.68 3.80 6.29
C ILE A 153 -10.51 4.31 7.49
N LYS A 154 -11.81 4.53 7.29
CA LYS A 154 -12.71 5.07 8.34
C LYS A 154 -13.98 4.23 8.53
N ALA A 1 -20.54 -4.35 -2.44
CA ALA A 1 -20.41 -3.02 -1.80
C ALA A 1 -19.20 -2.25 -2.34
N SER A 2 -18.94 -1.04 -1.83
CA SER A 2 -17.96 -0.09 -2.38
C SER A 2 -17.47 0.83 -1.28
N GLU A 3 -16.24 1.33 -1.42
CA GLU A 3 -15.67 2.34 -0.55
C GLU A 3 -14.60 3.15 -1.30
N LYS A 4 -14.69 4.46 -1.19
CA LYS A 4 -13.73 5.40 -1.78
C LYS A 4 -12.58 5.70 -0.80
N VAL A 5 -11.34 5.49 -1.24
CA VAL A 5 -10.15 5.69 -0.40
C VAL A 5 -9.45 6.96 -0.87
N GLY A 6 -9.67 8.04 -0.12
CA GLY A 6 -9.04 9.34 -0.31
C GLY A 6 -7.56 9.27 0.10
N MET A 7 -6.69 9.33 -0.90
CA MET A 7 -5.23 9.22 -0.72
C MET A 7 -4.63 10.61 -0.42
N ASN A 8 -3.55 10.64 0.35
CA ASN A 8 -2.68 11.80 0.57
C ASN A 8 -1.23 11.43 0.23
N LEU A 9 -0.45 12.38 -0.30
CA LEU A 9 0.99 12.20 -0.52
C LEU A 9 1.70 12.05 0.82
N VAL A 10 2.69 11.15 0.89
CA VAL A 10 3.55 10.99 2.08
C VAL A 10 5.00 10.86 1.68
N THR A 11 5.85 11.29 2.60
CA THR A 11 7.31 11.22 2.53
C THR A 11 7.85 11.12 3.96
N ALA A 12 9.14 11.36 4.12
CA ALA A 12 9.88 11.35 5.38
C ALA A 12 9.44 12.44 6.35
N GLN A 13 8.46 13.26 5.98
CA GLN A 13 7.90 14.36 6.76
C GLN A 13 6.46 14.04 7.23
N GLY A 14 5.84 12.96 6.74
CA GLY A 14 4.45 12.59 7.02
C GLY A 14 3.45 13.03 5.95
N VAL A 15 2.17 13.05 6.34
CA VAL A 15 1.02 13.44 5.51
C VAL A 15 1.19 14.85 4.91
N GLY A 16 1.03 14.96 3.59
CA GLY A 16 1.39 16.14 2.78
C GLY A 16 0.19 16.95 2.29
N GLN A 17 -0.36 16.53 1.15
CA GLN A 17 -1.58 17.05 0.50
C GLN A 17 -2.13 15.96 -0.43
N SER A 18 -3.35 16.14 -0.98
CA SER A 18 -3.97 15.18 -1.89
C SER A 18 -3.99 15.64 -3.37
N ILE A 19 -4.15 14.65 -4.26
CA ILE A 19 -3.99 14.69 -5.73
C ILE A 19 -4.91 13.68 -6.45
N GLY A 20 -5.84 13.03 -5.73
CA GLY A 20 -6.65 11.93 -6.23
C GLY A 20 -7.06 10.93 -5.13
N THR A 21 -7.99 10.03 -5.45
CA THR A 21 -8.42 8.90 -4.61
C THR A 21 -8.06 7.58 -5.29
N VAL A 22 -8.43 6.48 -4.67
CA VAL A 22 -8.60 5.17 -5.32
C VAL A 22 -9.97 4.65 -4.91
N VAL A 23 -10.72 4.07 -5.85
CA VAL A 23 -12.00 3.41 -5.52
C VAL A 23 -11.78 1.93 -5.23
N ILE A 24 -12.35 1.45 -4.12
CA ILE A 24 -12.40 0.03 -3.76
C ILE A 24 -13.82 -0.49 -3.95
N ASP A 25 -13.97 -1.63 -4.62
CA ASP A 25 -15.24 -2.37 -4.72
C ASP A 25 -15.05 -3.84 -4.29
N GLU A 26 -16.08 -4.39 -3.66
CA GLU A 26 -16.10 -5.58 -2.84
C GLU A 26 -16.68 -6.73 -3.69
N THR A 27 -15.87 -7.71 -4.15
CA THR A 27 -16.31 -8.69 -5.18
C THR A 27 -16.01 -10.12 -4.76
N GLU A 28 -16.45 -11.09 -5.57
CA GLU A 28 -16.12 -12.52 -5.43
C GLU A 28 -14.69 -12.85 -5.91
N GLY A 29 -14.02 -11.88 -6.55
CA GLY A 29 -12.55 -11.84 -6.70
C GLY A 29 -11.87 -10.89 -5.72
N GLY A 30 -12.61 -10.47 -4.69
CA GLY A 30 -12.20 -9.66 -3.54
C GLY A 30 -12.13 -8.15 -3.80
N LEU A 31 -11.25 -7.45 -3.07
CA LEU A 31 -11.17 -5.98 -3.21
C LEU A 31 -10.60 -5.53 -4.58
N LYS A 32 -11.43 -4.91 -5.41
CA LYS A 32 -11.08 -4.29 -6.69
C LYS A 32 -10.67 -2.82 -6.50
N PHE A 33 -9.38 -2.56 -6.64
CA PHE A 33 -8.71 -1.27 -6.47
C PHE A 33 -8.63 -0.57 -7.85
N THR A 34 -9.26 0.61 -8.06
CA THR A 34 -9.18 1.34 -9.33
C THR A 34 -8.71 2.77 -9.07
N PRO A 35 -7.52 3.17 -9.56
CA PRO A 35 -6.92 4.46 -9.25
C PRO A 35 -7.35 5.56 -10.24
N HIS A 36 -7.13 6.82 -9.85
CA HIS A 36 -7.43 7.99 -10.70
C HIS A 36 -6.53 9.22 -10.41
N LEU A 37 -5.37 9.00 -9.78
CA LEU A 37 -4.45 10.04 -9.34
C LEU A 37 -3.52 10.50 -10.48
N LYS A 38 -3.17 11.79 -10.51
CA LYS A 38 -2.57 12.42 -11.69
C LYS A 38 -1.15 13.02 -11.48
N ALA A 39 -0.46 12.56 -10.44
CA ALA A 39 0.75 13.22 -9.93
C ALA A 39 1.67 12.23 -9.20
N LEU A 40 2.07 11.14 -9.85
CA LEU A 40 2.94 10.10 -9.27
C LEU A 40 4.08 9.70 -10.22
N PRO A 41 5.17 9.09 -9.68
CA PRO A 41 6.24 8.58 -10.51
C PRO A 41 5.72 7.47 -11.45
N PRO A 42 6.05 7.51 -12.75
CA PRO A 42 5.13 7.10 -13.81
C PRO A 42 5.20 5.60 -14.16
N GLY A 43 5.63 4.77 -13.21
CA GLY A 43 5.94 3.35 -13.42
C GLY A 43 5.01 2.33 -12.75
N GLU A 44 5.58 1.16 -12.47
CA GLU A 44 4.97 0.02 -11.77
C GLU A 44 5.24 0.13 -10.25
N HIS A 45 4.30 -0.33 -9.40
CA HIS A 45 4.28 -0.01 -7.96
C HIS A 45 3.68 -1.14 -7.12
N GLY A 46 4.15 -1.30 -5.89
CA GLY A 46 3.47 -2.05 -4.85
C GLY A 46 2.19 -1.31 -4.38
N PHE A 47 1.24 -2.05 -3.82
CA PHE A 47 0.08 -1.54 -3.09
C PHE A 47 -0.18 -2.52 -1.95
N HIS A 48 -0.16 -2.08 -0.69
CA HIS A 48 -0.51 -2.96 0.46
C HIS A 48 -1.60 -2.42 1.41
N ILE A 49 -2.04 -3.29 2.32
CA ILE A 49 -2.75 -2.97 3.58
C ILE A 49 -1.76 -3.06 4.75
N HIS A 50 -1.92 -2.16 5.72
CA HIS A 50 -1.04 -1.94 6.85
C HIS A 50 -1.86 -1.92 8.16
N ALA A 51 -1.33 -2.51 9.24
CA ALA A 51 -2.07 -2.98 10.40
C ALA A 51 -2.90 -1.94 11.17
N ASN A 52 -2.50 -0.66 11.17
CA ASN A 52 -3.32 0.43 11.74
C ASN A 52 -3.53 1.60 10.75
N GLY A 53 -4.63 2.33 10.89
CA GLY A 53 -4.89 3.58 10.16
C GLY A 53 -4.17 4.77 10.80
N SER A 54 -2.87 4.91 10.54
CA SER A 54 -2.04 6.01 11.09
C SER A 54 -0.69 6.18 10.36
N CYS A 55 -0.72 6.71 9.13
CA CYS A 55 0.43 6.86 8.23
C CYS A 55 1.53 7.87 8.65
N GLN A 56 1.48 8.42 9.86
CA GLN A 56 2.47 9.41 10.29
C GLN A 56 3.78 8.73 10.73
N PRO A 57 4.96 9.28 10.37
CA PRO A 57 6.26 8.81 10.85
C PRO A 57 6.65 9.53 12.16
N ALA A 58 7.66 8.99 12.84
CA ALA A 58 8.55 9.77 13.68
C ALA A 58 10.02 9.48 13.29
N ILE A 59 10.97 10.00 14.09
CA ILE A 59 12.41 9.79 13.91
C ILE A 59 12.87 8.64 14.83
N LYS A 60 13.86 7.88 14.37
CA LYS A 60 14.51 6.75 15.05
C LYS A 60 15.80 6.39 14.30
N ASP A 61 16.88 6.07 15.02
CA ASP A 61 18.23 5.84 14.48
C ASP A 61 18.73 7.01 13.60
N GLY A 62 18.32 8.24 13.95
CA GLY A 62 18.65 9.48 13.23
C GLY A 62 17.84 9.75 11.96
N GLN A 63 16.87 8.91 11.62
CA GLN A 63 16.15 8.93 10.35
C GLN A 63 14.64 8.68 10.51
N ALA A 64 13.82 9.12 9.54
CA ALA A 64 12.36 9.04 9.64
C ALA A 64 11.81 7.67 9.21
N VAL A 65 10.93 7.07 10.01
CA VAL A 65 10.45 5.67 9.78
C VAL A 65 9.29 5.58 8.77
N ALA A 66 9.26 6.45 7.75
CA ALA A 66 8.53 6.35 6.47
C ALA A 66 6.98 6.28 6.49
N ALA A 67 6.37 6.18 7.68
CA ALA A 67 4.96 5.98 8.07
C ALA A 67 4.95 4.86 9.13
N GLU A 68 4.84 5.23 10.41
CA GLU A 68 5.34 4.44 11.54
C GLU A 68 4.20 3.78 12.32
N ALA A 69 3.26 4.56 12.86
CA ALA A 69 2.15 4.05 13.66
C ALA A 69 1.21 3.11 12.85
N ALA A 70 1.28 3.15 11.53
CA ALA A 70 0.60 2.28 10.58
C ALA A 70 0.86 0.77 10.74
N GLY A 71 1.81 0.35 11.59
CA GLY A 71 1.80 -1.02 12.13
C GLY A 71 2.73 -2.02 11.44
N GLY A 72 3.80 -1.55 10.79
CA GLY A 72 4.77 -2.39 10.06
C GLY A 72 4.28 -2.67 8.64
N HIS A 73 4.07 -3.94 8.29
CA HIS A 73 3.05 -4.33 7.30
C HIS A 73 1.79 -4.78 8.07
N LEU A 74 1.54 -6.11 8.18
CA LEU A 74 0.35 -6.75 8.77
C LEU A 74 0.59 -8.27 8.81
N ASP A 75 1.10 -8.79 9.93
CA ASP A 75 1.52 -10.20 10.12
C ASP A 75 1.58 -10.59 11.61
N PRO A 76 0.87 -11.65 12.05
CA PRO A 76 0.91 -12.14 13.42
C PRO A 76 2.00 -13.20 13.70
N GLN A 77 2.37 -14.05 12.73
CA GLN A 77 3.16 -15.29 12.99
C GLN A 77 3.87 -15.86 11.74
N ASN A 78 3.63 -15.31 10.54
CA ASN A 78 3.89 -15.98 9.27
C ASN A 78 5.38 -15.98 8.90
N THR A 79 6.04 -14.81 8.98
CA THR A 79 7.45 -14.65 8.55
C THR A 79 8.13 -13.40 9.08
N GLY A 80 7.44 -12.26 9.10
CA GLY A 80 8.05 -10.94 9.33
C GLY A 80 8.82 -10.38 8.13
N LYS A 81 9.24 -11.20 7.15
CA LYS A 81 10.02 -10.76 5.97
C LYS A 81 9.19 -9.96 4.95
N HIS A 82 8.40 -10.62 4.09
CA HIS A 82 7.51 -10.12 3.02
C HIS A 82 7.19 -11.24 1.99
N GLU A 83 6.05 -11.11 1.29
CA GLU A 83 5.64 -11.98 0.18
C GLU A 83 6.48 -11.73 -1.10
N GLY A 84 5.94 -12.03 -2.28
CA GLY A 84 6.53 -11.74 -3.59
C GLY A 84 6.89 -13.01 -4.35
N PRO A 85 8.04 -13.65 -4.05
CA PRO A 85 8.52 -14.83 -4.75
C PRO A 85 8.00 -16.16 -4.17
N GLU A 86 7.31 -16.15 -3.02
CA GLU A 86 6.83 -17.33 -2.29
C GLU A 86 5.60 -16.98 -1.46
N GLY A 87 4.65 -17.94 -1.33
CA GLY A 87 3.34 -17.74 -0.70
C GLY A 87 3.38 -18.05 0.80
N GLN A 88 3.78 -17.05 1.58
CA GLN A 88 4.24 -17.19 2.97
C GLN A 88 4.44 -15.83 3.68
N GLY A 89 3.94 -14.72 3.12
CA GLY A 89 4.24 -13.35 3.53
C GLY A 89 3.30 -12.77 4.58
N HIS A 90 3.32 -11.44 4.67
CA HIS A 90 2.40 -10.69 5.53
C HIS A 90 0.99 -10.67 4.88
N LEU A 91 -0.08 -10.92 5.64
CA LEU A 91 -1.45 -11.06 5.09
C LEU A 91 -2.12 -9.76 4.58
N GLY A 92 -1.39 -8.64 4.60
CA GLY A 92 -1.74 -7.37 3.94
C GLY A 92 -0.98 -7.09 2.63
N ASP A 93 -0.10 -8.00 2.18
CA ASP A 93 0.63 -7.90 0.91
C ASP A 93 -0.26 -8.32 -0.28
N LEU A 94 -0.06 -7.70 -1.45
CA LEU A 94 -1.13 -7.39 -2.41
C LEU A 94 -0.54 -7.14 -3.83
N PRO A 95 -1.34 -7.26 -4.90
CA PRO A 95 -0.86 -7.22 -6.28
C PRO A 95 -0.38 -5.83 -6.69
N VAL A 96 0.61 -5.79 -7.59
CA VAL A 96 1.26 -4.55 -8.03
C VAL A 96 0.35 -3.67 -8.90
N LEU A 97 0.26 -2.41 -8.49
CA LEU A 97 -0.47 -1.30 -9.11
C LEU A 97 0.37 -0.68 -10.23
N VAL A 98 -0.21 -0.46 -11.42
CA VAL A 98 0.47 0.25 -12.52
C VAL A 98 -0.04 1.68 -12.62
N VAL A 99 0.86 2.64 -12.84
CA VAL A 99 0.52 3.98 -13.33
C VAL A 99 1.20 4.14 -14.70
N ASN A 100 0.62 4.95 -15.60
CA ASN A 100 1.15 5.08 -16.96
C ASN A 100 2.37 6.02 -17.04
N ASN A 101 3.20 5.85 -18.09
CA ASN A 101 4.47 6.56 -18.28
C ASN A 101 4.38 8.11 -18.34
N ASP A 102 3.18 8.69 -18.41
CA ASP A 102 2.94 10.14 -18.39
C ASP A 102 2.76 10.72 -16.97
N GLY A 103 2.59 9.87 -15.94
CA GLY A 103 2.48 10.26 -14.53
C GLY A 103 1.08 10.16 -13.90
N ILE A 104 0.15 9.42 -14.53
CA ILE A 104 -1.24 9.27 -14.09
C ILE A 104 -1.61 7.80 -13.91
N ALA A 105 -2.27 7.48 -12.81
CA ALA A 105 -2.75 6.15 -12.45
C ALA A 105 -4.17 5.89 -12.98
N THR A 106 -4.40 4.71 -13.56
CA THR A 106 -5.72 4.26 -14.07
C THR A 106 -5.89 2.75 -14.22
N GLU A 107 -4.81 1.97 -14.29
CA GLU A 107 -4.88 0.50 -14.35
C GLU A 107 -5.42 -0.07 -13.03
N PRO A 108 -6.54 -0.84 -13.03
CA PRO A 108 -7.09 -1.47 -11.85
C PRO A 108 -6.37 -2.78 -11.51
N VAL A 109 -6.56 -3.24 -10.27
CA VAL A 109 -6.19 -4.60 -9.80
C VAL A 109 -7.26 -5.14 -8.85
N THR A 110 -7.30 -6.47 -8.64
CA THR A 110 -8.21 -7.11 -7.68
C THR A 110 -7.42 -8.03 -6.75
N ALA A 111 -7.74 -8.03 -5.46
CA ALA A 111 -7.05 -8.80 -4.44
C ALA A 111 -7.93 -9.96 -3.89
N PRO A 112 -7.91 -11.16 -4.51
CA PRO A 112 -8.79 -12.28 -4.15
C PRO A 112 -8.51 -12.95 -2.79
N ARG A 113 -7.59 -12.43 -1.97
CA ARG A 113 -7.40 -12.91 -0.59
C ARG A 113 -8.40 -12.29 0.39
N LEU A 114 -9.09 -11.19 0.02
CA LEU A 114 -9.92 -10.40 0.94
C LEU A 114 -11.10 -9.76 0.22
N LYS A 115 -12.29 -9.81 0.82
CA LYS A 115 -13.55 -9.74 0.05
C LYS A 115 -14.70 -8.98 0.70
N SER A 116 -14.45 -8.28 1.80
CA SER A 116 -15.47 -7.49 2.50
C SER A 116 -14.82 -6.25 3.13
N LEU A 117 -15.34 -5.04 2.90
CA LEU A 117 -14.76 -3.83 3.50
C LEU A 117 -14.72 -3.89 5.03
N ASP A 118 -15.69 -4.59 5.64
CA ASP A 118 -15.75 -4.92 7.07
C ASP A 118 -14.44 -5.52 7.64
N GLU A 119 -13.57 -6.14 6.82
CA GLU A 119 -12.27 -6.68 7.28
C GLU A 119 -11.11 -5.65 7.25
N VAL A 120 -11.33 -4.44 6.73
CA VAL A 120 -10.31 -3.35 6.66
C VAL A 120 -10.74 -2.04 7.35
N LYS A 121 -11.80 -2.06 8.15
CA LYS A 121 -12.44 -0.87 8.78
C LYS A 121 -11.64 -0.16 9.91
N ASP A 122 -10.33 -0.41 10.02
CA ASP A 122 -9.40 0.25 10.97
C ASP A 122 -7.95 0.32 10.41
N LYS A 123 -7.77 0.02 9.11
CA LYS A 123 -6.46 -0.13 8.47
C LYS A 123 -6.02 1.11 7.66
N ALA A 124 -4.77 1.09 7.19
CA ALA A 124 -4.30 1.96 6.11
C ALA A 124 -4.09 1.14 4.82
N LEU A 125 -4.37 1.73 3.67
CA LEU A 125 -3.94 1.27 2.33
C LEU A 125 -2.80 2.19 1.89
N MET A 126 -1.77 1.67 1.24
CA MET A 126 -0.61 2.49 0.83
C MET A 126 -0.14 2.16 -0.58
N ILE A 127 0.04 3.20 -1.41
CA ILE A 127 0.75 3.09 -2.69
C ILE A 127 2.25 3.22 -2.41
N HIS A 128 3.01 2.30 -2.98
CA HIS A 128 4.43 2.07 -2.69
C HIS A 128 5.31 2.27 -3.93
N VAL A 129 6.56 2.72 -3.72
CA VAL A 129 7.43 3.18 -4.81
C VAL A 129 7.87 2.00 -5.67
N GLY A 130 8.44 0.96 -5.04
CA GLY A 130 8.71 -0.34 -5.66
C GLY A 130 7.56 -1.33 -5.46
N GLY A 131 7.63 -2.45 -6.18
CA GLY A 131 6.64 -3.53 -6.26
C GLY A 131 6.51 -4.41 -5.02
N ASP A 132 5.86 -5.54 -5.25
CA ASP A 132 5.57 -6.60 -4.29
C ASP A 132 5.84 -7.93 -5.01
N ASN A 133 7.12 -8.32 -5.01
CA ASN A 133 7.66 -9.37 -5.87
C ASN A 133 9.00 -10.01 -5.41
N MET A 134 9.67 -9.47 -4.37
CA MET A 134 11.00 -9.92 -3.95
C MET A 134 11.25 -9.81 -2.44
N SER A 135 11.95 -10.79 -1.87
CA SER A 135 12.23 -10.89 -0.42
C SER A 135 13.48 -11.73 -0.07
N ASP A 136 14.32 -12.05 -1.07
CA ASP A 136 15.54 -12.87 -0.95
C ASP A 136 16.80 -12.07 -0.58
N GLN A 137 16.97 -10.87 -1.15
CA GLN A 137 18.13 -10.01 -0.90
C GLN A 137 18.06 -9.33 0.49
N PRO A 138 19.20 -9.14 1.19
CA PRO A 138 19.23 -8.79 2.61
C PRO A 138 18.73 -7.39 2.93
N LYS A 139 18.90 -6.38 2.07
CA LYS A 139 18.15 -5.13 2.21
C LYS A 139 16.67 -5.38 1.79
N PRO A 140 15.69 -5.27 2.72
CA PRO A 140 14.38 -5.90 2.56
C PRO A 140 13.56 -5.26 1.44
N LEU A 141 12.77 -6.10 0.74
CA LEU A 141 11.90 -5.74 -0.40
C LEU A 141 12.70 -5.13 -1.57
N GLY A 142 14.02 -5.33 -1.63
CA GLY A 142 14.91 -4.72 -2.63
C GLY A 142 15.01 -3.20 -2.51
N GLY A 143 14.53 -2.61 -1.41
CA GLY A 143 14.34 -1.17 -1.20
C GLY A 143 12.94 -0.66 -1.54
N GLY A 144 12.07 -1.48 -2.14
CA GLY A 144 10.78 -1.06 -2.71
C GLY A 144 9.67 -0.72 -1.71
N GLY A 145 9.87 -1.00 -0.42
CA GLY A 145 8.88 -0.80 0.66
C GLY A 145 8.60 0.66 1.03
N THR A 146 9.25 1.62 0.36
CA THR A 146 9.01 3.07 0.48
C THR A 146 7.64 3.45 -0.09
N ARG A 147 7.07 4.52 0.45
CA ARG A 147 5.69 4.97 0.18
C ARG A 147 5.70 6.13 -0.82
N TYR A 148 4.64 6.27 -1.63
CA TYR A 148 4.31 7.55 -2.27
C TYR A 148 3.02 8.19 -1.70
N ALA A 149 2.03 7.37 -1.31
CA ALA A 149 0.76 7.86 -0.78
C ALA A 149 0.07 6.89 0.19
N CYS A 150 -0.59 7.47 1.21
CA CYS A 150 -1.42 6.82 2.22
C CYS A 150 -2.91 7.05 1.94
N GLY A 151 -3.74 6.03 2.13
CA GLY A 151 -5.19 6.02 2.07
C GLY A 151 -5.79 5.28 3.27
N VAL A 152 -6.02 5.96 4.38
CA VAL A 152 -6.85 5.44 5.49
C VAL A 152 -8.30 5.31 5.01
N ILE A 153 -8.96 4.19 5.33
CA ILE A 153 -10.34 3.87 4.91
C ILE A 153 -11.35 4.94 5.42
N LYS A 154 -12.30 5.36 4.58
CA LYS A 154 -13.27 6.44 4.87
C LYS A 154 -14.74 5.97 4.87
N ALA A 1 -20.11 -3.96 -1.80
CA ALA A 1 -19.80 -2.57 -1.41
C ALA A 1 -18.40 -2.16 -1.88
N SER A 2 -17.98 -0.94 -1.57
CA SER A 2 -16.99 -0.16 -2.31
C SER A 2 -16.61 1.04 -1.47
N GLU A 3 -15.39 1.56 -1.62
CA GLU A 3 -14.91 2.74 -0.89
C GLU A 3 -13.78 3.43 -1.63
N LYS A 4 -13.99 4.71 -1.88
CA LYS A 4 -13.11 5.63 -2.56
C LYS A 4 -12.06 6.21 -1.59
N VAL A 5 -10.91 5.56 -1.43
CA VAL A 5 -9.96 5.96 -0.39
C VAL A 5 -9.03 7.04 -0.92
N GLY A 6 -9.12 8.23 -0.30
CA GLY A 6 -8.27 9.38 -0.55
C GLY A 6 -6.87 9.13 -0.01
N MET A 7 -5.92 8.94 -0.93
CA MET A 7 -4.50 8.72 -0.59
C MET A 7 -3.68 10.03 -0.60
N ASN A 8 -2.75 10.19 0.35
CA ASN A 8 -1.84 11.33 0.48
C ASN A 8 -0.36 10.94 0.43
N LEU A 9 0.47 11.86 -0.05
CA LEU A 9 1.91 11.80 -0.17
C LEU A 9 2.58 11.93 1.21
N VAL A 10 2.52 10.88 2.03
CA VAL A 10 3.18 10.86 3.35
C VAL A 10 4.71 10.83 3.16
N THR A 11 5.44 11.80 3.76
CA THR A 11 6.85 12.04 3.41
C THR A 11 7.63 12.81 4.47
N ALA A 12 7.96 12.14 5.58
CA ALA A 12 8.98 12.51 6.58
C ALA A 12 8.57 13.67 7.51
N GLN A 13 7.96 14.71 6.97
CA GLN A 13 7.30 15.79 7.73
C GLN A 13 5.95 15.34 8.32
N GLY A 14 5.49 14.14 7.97
CA GLY A 14 4.18 13.56 8.29
C GLY A 14 3.38 13.22 7.03
N VAL A 15 2.08 13.00 7.20
CA VAL A 15 1.08 13.03 6.11
C VAL A 15 1.15 14.37 5.36
N GLY A 16 1.24 14.32 4.03
CA GLY A 16 1.34 15.48 3.15
C GLY A 16 0.03 15.86 2.47
N GLN A 17 0.16 16.25 1.21
CA GLN A 17 -0.95 16.56 0.32
C GLN A 17 -1.45 15.31 -0.41
N SER A 18 -2.61 15.37 -1.04
CA SER A 18 -3.19 14.35 -1.91
C SER A 18 -3.05 14.69 -3.41
N ILE A 19 -3.42 13.72 -4.26
CA ILE A 19 -3.14 13.61 -5.70
C ILE A 19 -4.26 12.89 -6.49
N GLY A 20 -5.33 12.48 -5.79
CA GLY A 20 -6.34 11.55 -6.28
C GLY A 20 -6.78 10.54 -5.22
N THR A 21 -7.67 9.62 -5.59
CA THR A 21 -8.09 8.49 -4.76
C THR A 21 -7.87 7.19 -5.52
N VAL A 22 -7.91 6.08 -4.80
CA VAL A 22 -8.20 4.77 -5.40
C VAL A 22 -9.58 4.33 -4.92
N VAL A 23 -10.46 3.94 -5.85
CA VAL A 23 -11.68 3.23 -5.46
C VAL A 23 -11.40 1.76 -5.25
N ILE A 24 -11.86 1.26 -4.11
CA ILE A 24 -11.91 -0.17 -3.83
C ILE A 24 -13.35 -0.64 -4.08
N ASP A 25 -13.54 -1.81 -4.69
CA ASP A 25 -14.83 -2.49 -4.81
C ASP A 25 -14.67 -3.98 -4.50
N GLU A 26 -15.47 -4.51 -3.58
CA GLU A 26 -15.30 -5.88 -3.06
C GLU A 26 -16.07 -6.90 -3.92
N THR A 27 -15.50 -8.07 -4.19
CA THR A 27 -16.10 -9.11 -5.07
C THR A 27 -15.58 -10.49 -4.69
N GLU A 28 -16.02 -11.51 -5.42
CA GLU A 28 -15.66 -12.93 -5.22
C GLU A 28 -14.16 -13.22 -5.47
N GLY A 29 -13.49 -12.37 -6.27
CA GLY A 29 -12.02 -12.31 -6.39
C GLY A 29 -11.36 -11.30 -5.45
N GLY A 30 -12.10 -10.89 -4.42
CA GLY A 30 -11.76 -9.94 -3.35
C GLY A 30 -11.74 -8.48 -3.76
N LEU A 31 -10.82 -7.71 -3.19
CA LEU A 31 -10.75 -6.26 -3.39
C LEU A 31 -10.27 -5.91 -4.81
N LYS A 32 -11.18 -5.39 -5.64
CA LYS A 32 -10.88 -4.76 -6.92
C LYS A 32 -10.43 -3.31 -6.69
N PHE A 33 -9.14 -3.06 -6.87
CA PHE A 33 -8.48 -1.79 -6.68
C PHE A 33 -8.46 -1.01 -7.99
N THR A 34 -9.13 0.16 -8.05
CA THR A 34 -9.28 0.93 -9.31
C THR A 34 -8.87 2.40 -9.09
N PRO A 35 -7.70 2.83 -9.62
CA PRO A 35 -7.12 4.14 -9.32
C PRO A 35 -7.71 5.25 -10.19
N HIS A 36 -7.66 6.50 -9.71
CA HIS A 36 -7.97 7.69 -10.51
C HIS A 36 -7.12 8.92 -10.11
N LEU A 37 -5.79 8.74 -9.99
CA LEU A 37 -4.83 9.75 -9.51
C LEU A 37 -4.00 10.33 -10.66
N LYS A 38 -3.55 11.59 -10.53
CA LYS A 38 -2.93 12.36 -11.64
C LYS A 38 -1.59 13.02 -11.32
N ALA A 39 -0.89 12.51 -10.30
CA ALA A 39 0.43 12.99 -9.89
C ALA A 39 1.19 11.90 -9.11
N LEU A 40 1.83 10.97 -9.82
CA LEU A 40 2.75 9.96 -9.26
C LEU A 40 3.92 9.72 -10.21
N PRO A 41 5.01 9.09 -9.74
CA PRO A 41 6.06 8.64 -10.63
C PRO A 41 5.48 7.67 -11.67
N PRO A 42 5.85 7.74 -12.96
CA PRO A 42 4.99 7.31 -14.06
C PRO A 42 5.14 5.84 -14.46
N GLY A 43 5.61 5.00 -13.53
CA GLY A 43 5.92 3.59 -13.74
C GLY A 43 4.92 2.59 -13.12
N GLU A 44 5.38 1.39 -12.83
CA GLU A 44 4.64 0.42 -11.99
C GLU A 44 5.14 0.47 -10.54
N HIS A 45 4.25 0.13 -9.59
CA HIS A 45 4.37 0.44 -8.16
C HIS A 45 3.71 -0.63 -7.31
N GLY A 46 4.41 -1.27 -6.37
CA GLY A 46 3.80 -2.14 -5.37
C GLY A 46 2.61 -1.48 -4.67
N PHE A 47 1.63 -2.28 -4.23
CA PHE A 47 0.49 -1.81 -3.43
C PHE A 47 0.30 -2.83 -2.30
N HIS A 48 0.30 -2.38 -1.03
CA HIS A 48 -0.14 -3.22 0.11
C HIS A 48 -1.28 -2.63 0.96
N ILE A 49 -1.79 -3.44 1.90
CA ILE A 49 -2.54 -3.01 3.08
C ILE A 49 -1.64 -3.12 4.33
N HIS A 50 -1.77 -2.16 5.25
CA HIS A 50 -0.96 -1.99 6.46
C HIS A 50 -1.87 -1.82 7.69
N ALA A 51 -1.36 -2.18 8.88
CA ALA A 51 -2.22 -2.65 9.98
C ALA A 51 -3.06 -1.61 10.72
N ASN A 52 -2.65 -0.35 10.82
CA ASN A 52 -3.42 0.72 11.46
C ASN A 52 -3.39 2.05 10.69
N GLY A 53 -4.48 2.83 10.76
CA GLY A 53 -4.63 4.12 10.07
C GLY A 53 -3.89 5.29 10.77
N SER A 54 -2.57 5.34 10.66
CA SER A 54 -1.74 6.46 11.16
C SER A 54 -0.31 6.46 10.60
N CYS A 55 -0.14 6.89 9.34
CA CYS A 55 1.11 6.91 8.57
C CYS A 55 2.16 7.96 9.03
N GLN A 56 2.17 8.31 10.32
CA GLN A 56 3.02 9.39 10.86
C GLN A 56 4.37 8.83 11.38
N PRO A 57 5.50 9.48 11.07
CA PRO A 57 6.85 9.00 11.43
C PRO A 57 7.28 9.40 12.84
N ALA A 58 8.22 8.63 13.40
CA ALA A 58 9.03 9.03 14.54
C ALA A 58 10.40 9.59 14.05
N ILE A 59 10.93 10.60 14.74
CA ILE A 59 12.18 11.30 14.37
C ILE A 59 13.38 10.73 15.16
N LYS A 60 13.53 9.40 15.20
CA LYS A 60 14.62 8.74 15.90
C LYS A 60 15.99 9.12 15.31
N ASP A 61 17.00 9.38 16.15
CA ASP A 61 18.36 9.76 15.73
C ASP A 61 18.39 11.00 14.81
N GLY A 62 17.39 11.89 14.92
CA GLY A 62 17.30 13.13 14.15
C GLY A 62 16.83 12.94 12.69
N GLN A 63 16.28 11.77 12.33
CA GLN A 63 15.78 11.48 10.98
C GLN A 63 14.39 10.81 11.03
N ALA A 64 13.52 11.12 10.08
CA ALA A 64 12.13 10.67 10.10
C ALA A 64 11.98 9.23 9.61
N VAL A 65 11.75 8.28 10.52
CA VAL A 65 11.70 6.83 10.26
C VAL A 65 10.37 6.41 9.62
N ALA A 66 10.10 6.93 8.41
CA ALA A 66 9.03 6.60 7.44
C ALA A 66 7.58 6.82 7.91
N ALA A 67 7.17 6.08 8.95
CA ALA A 67 5.85 5.96 9.58
C ALA A 67 5.94 4.90 10.72
N GLU A 68 5.67 5.25 11.98
CA GLU A 68 5.69 4.30 13.12
C GLU A 68 4.27 3.85 13.51
N ALA A 69 3.30 4.76 13.65
CA ALA A 69 1.96 4.44 14.16
C ALA A 69 1.06 3.63 13.19
N ALA A 70 1.59 3.25 12.02
CA ALA A 70 0.90 2.55 10.93
C ALA A 70 0.77 1.03 11.14
N GLY A 71 1.31 0.47 12.23
CA GLY A 71 1.00 -0.89 12.71
C GLY A 71 1.79 -2.04 12.09
N GLY A 72 2.50 -1.81 10.98
CA GLY A 72 3.30 -2.83 10.27
C GLY A 72 2.69 -3.30 8.94
N HIS A 73 3.26 -4.38 8.38
CA HIS A 73 2.92 -4.98 7.07
C HIS A 73 1.63 -5.84 7.07
N LEU A 74 0.84 -5.73 8.14
CA LEU A 74 -0.29 -6.60 8.46
C LEU A 74 0.20 -8.05 8.64
N ASP A 75 1.16 -8.17 9.57
CA ASP A 75 1.93 -9.37 9.89
C ASP A 75 1.79 -9.77 11.38
N PRO A 76 0.58 -10.12 11.87
CA PRO A 76 0.35 -10.45 13.28
C PRO A 76 1.07 -11.73 13.70
N GLN A 77 1.12 -12.73 12.83
CA GLN A 77 1.69 -14.06 13.05
C GLN A 77 1.77 -14.76 11.69
N ASN A 78 2.87 -15.49 11.43
CA ASN A 78 3.29 -16.20 10.20
C ASN A 78 4.83 -16.39 10.19
N THR A 79 5.41 -16.69 9.02
CA THR A 79 6.84 -16.90 8.73
C THR A 79 7.71 -15.64 8.69
N GLY A 80 7.13 -14.43 8.68
CA GLY A 80 7.83 -13.15 8.83
C GLY A 80 8.57 -12.65 7.59
N LYS A 81 9.12 -13.52 6.74
CA LYS A 81 10.06 -13.16 5.66
C LYS A 81 9.52 -12.26 4.52
N HIS A 82 8.21 -12.01 4.46
CA HIS A 82 7.48 -11.32 3.36
C HIS A 82 7.31 -12.24 2.13
N GLU A 83 6.26 -11.97 1.34
CA GLU A 83 5.77 -12.80 0.25
C GLU A 83 5.07 -11.93 -0.79
N GLY A 84 5.14 -12.34 -2.05
CA GLY A 84 4.29 -11.88 -3.14
C GLY A 84 3.39 -13.02 -3.65
N PRO A 85 3.91 -13.91 -4.52
CA PRO A 85 3.10 -14.86 -5.29
C PRO A 85 2.70 -16.14 -4.55
N GLU A 86 3.46 -16.62 -3.55
CA GLU A 86 3.19 -17.88 -2.83
C GLU A 86 2.53 -17.61 -1.45
N GLY A 87 2.63 -18.54 -0.49
CA GLY A 87 1.99 -18.48 0.83
C GLY A 87 2.93 -18.22 2.01
N GLN A 88 4.17 -17.80 1.75
CA GLN A 88 5.24 -17.74 2.76
C GLN A 88 5.46 -16.32 3.30
N GLY A 89 4.38 -15.64 3.75
CA GLY A 89 4.49 -14.30 4.35
C GLY A 89 3.19 -13.70 4.89
N HIS A 90 3.04 -12.39 4.73
CA HIS A 90 1.98 -11.59 5.37
C HIS A 90 0.74 -11.44 4.48
N LEU A 91 -0.46 -11.36 5.08
CA LEU A 91 -1.72 -11.33 4.33
C LEU A 91 -2.04 -10.00 3.63
N GLY A 92 -1.44 -8.89 4.08
CA GLY A 92 -1.60 -7.55 3.46
C GLY A 92 -0.76 -7.33 2.20
N ASP A 93 0.06 -8.31 1.79
CA ASP A 93 0.89 -8.24 0.59
C ASP A 93 0.10 -8.64 -0.68
N LEU A 94 0.30 -7.88 -1.76
CA LEU A 94 -0.71 -7.51 -2.76
C LEU A 94 -0.01 -7.12 -4.10
N PRO A 95 -0.75 -6.99 -5.23
CA PRO A 95 -0.19 -6.85 -6.58
C PRO A 95 0.29 -5.43 -6.92
N VAL A 96 0.93 -5.26 -8.08
CA VAL A 96 1.52 -3.98 -8.54
C VAL A 96 0.47 -3.06 -9.18
N LEU A 97 0.39 -1.83 -8.68
CA LEU A 97 -0.28 -0.65 -9.24
C LEU A 97 0.53 -0.09 -10.41
N VAL A 98 0.26 -0.56 -11.64
CA VAL A 98 0.81 0.05 -12.87
C VAL A 98 0.17 1.46 -13.06
N VAL A 99 0.97 2.51 -13.22
CA VAL A 99 0.54 3.85 -13.68
C VAL A 99 1.18 4.14 -15.04
N ASN A 100 0.66 5.12 -15.80
CA ASN A 100 1.16 5.39 -17.15
C ASN A 100 2.31 6.43 -17.19
N ASN A 101 3.07 6.44 -18.30
CA ASN A 101 4.26 7.25 -18.59
C ASN A 101 4.14 8.80 -18.37
N ASP A 102 2.91 9.33 -18.25
CA ASP A 102 2.62 10.76 -18.09
C ASP A 102 2.33 11.15 -16.62
N GLY A 103 2.36 10.19 -15.68
CA GLY A 103 2.19 10.41 -14.24
C GLY A 103 0.75 10.28 -13.75
N ILE A 104 -0.10 9.52 -14.46
CA ILE A 104 -1.54 9.37 -14.17
C ILE A 104 -1.91 7.87 -14.13
N ALA A 105 -2.78 7.51 -13.19
CA ALA A 105 -3.19 6.13 -12.89
C ALA A 105 -4.68 5.91 -13.18
N THR A 106 -5.02 4.85 -13.94
CA THR A 106 -6.41 4.47 -14.30
C THR A 106 -6.64 2.99 -14.60
N GLU A 107 -5.61 2.14 -14.51
CA GLU A 107 -5.69 0.70 -14.73
C GLU A 107 -6.11 -0.03 -13.45
N PRO A 108 -7.16 -0.88 -13.46
CA PRO A 108 -7.58 -1.66 -12.31
C PRO A 108 -6.70 -2.91 -12.11
N VAL A 109 -6.65 -3.39 -10.87
CA VAL A 109 -6.12 -4.70 -10.45
C VAL A 109 -7.00 -5.31 -9.34
N THR A 110 -6.83 -6.61 -9.02
CA THR A 110 -7.69 -7.31 -8.04
C THR A 110 -6.87 -8.24 -7.15
N ALA A 111 -7.20 -8.30 -5.86
CA ALA A 111 -6.52 -9.13 -4.86
C ALA A 111 -7.50 -9.96 -3.99
N PRO A 112 -7.51 -11.31 -4.08
CA PRO A 112 -8.44 -12.18 -3.36
C PRO A 112 -8.08 -12.46 -1.89
N ARG A 113 -7.03 -11.83 -1.34
CA ARG A 113 -6.56 -12.06 0.03
C ARG A 113 -7.42 -11.39 1.11
N LEU A 114 -8.21 -10.39 0.72
CA LEU A 114 -9.27 -9.76 1.52
C LEU A 114 -10.49 -9.60 0.61
N LYS A 115 -11.69 -9.73 1.15
CA LYS A 115 -12.92 -10.03 0.41
C LYS A 115 -14.11 -9.12 0.76
N SER A 116 -14.00 -8.29 1.79
CA SER A 116 -15.04 -7.32 2.21
C SER A 116 -14.45 -6.18 3.06
N LEU A 117 -14.93 -4.94 2.88
CA LEU A 117 -14.32 -3.77 3.56
C LEU A 117 -14.37 -3.86 5.08
N ASP A 118 -15.32 -4.60 5.68
CA ASP A 118 -15.41 -4.77 7.13
C ASP A 118 -14.17 -5.46 7.74
N GLU A 119 -13.33 -6.10 6.92
CA GLU A 119 -12.00 -6.57 7.33
C GLU A 119 -11.02 -5.42 7.60
N VAL A 120 -11.25 -4.23 7.04
CA VAL A 120 -10.29 -3.11 6.98
C VAL A 120 -10.88 -1.79 7.52
N LYS A 121 -11.95 -1.88 8.34
CA LYS A 121 -12.66 -0.76 8.99
C LYS A 121 -11.89 0.00 10.09
N ASP A 122 -10.55 0.02 10.01
CA ASP A 122 -9.58 0.76 10.84
C ASP A 122 -8.15 0.79 10.22
N LYS A 123 -7.97 0.23 9.02
CA LYS A 123 -6.66 -0.08 8.43
C LYS A 123 -6.29 0.85 7.24
N ALA A 124 -5.05 0.75 6.76
CA ALA A 124 -4.49 1.65 5.73
C ALA A 124 -4.14 0.92 4.42
N LEU A 125 -4.23 1.64 3.30
CA LEU A 125 -3.59 1.32 2.01
C LEU A 125 -2.20 1.96 1.96
N MET A 126 -1.26 1.39 1.21
CA MET A 126 -0.02 2.07 0.81
C MET A 126 0.39 1.74 -0.63
N ILE A 127 0.63 2.79 -1.42
CA ILE A 127 1.31 2.71 -2.73
C ILE A 127 2.80 2.87 -2.49
N HIS A 128 3.55 1.95 -3.07
CA HIS A 128 4.97 1.69 -2.84
C HIS A 128 5.80 1.90 -4.12
N VAL A 129 6.97 2.54 -4.01
CA VAL A 129 7.69 3.17 -5.13
C VAL A 129 8.16 2.15 -6.18
N GLY A 130 8.71 1.01 -5.74
CA GLY A 130 9.23 -0.06 -6.60
C GLY A 130 8.14 -1.06 -6.99
N GLY A 131 8.16 -2.25 -6.40
CA GLY A 131 7.27 -3.36 -6.76
C GLY A 131 7.34 -4.50 -5.76
N ASP A 132 6.78 -5.64 -6.14
CA ASP A 132 6.68 -6.83 -5.31
C ASP A 132 6.38 -8.07 -6.17
N ASN A 133 6.92 -9.23 -5.77
CA ASN A 133 7.29 -10.44 -6.55
C ASN A 133 8.82 -10.60 -6.49
N MET A 134 9.40 -10.65 -5.28
CA MET A 134 10.86 -10.53 -5.03
C MET A 134 11.26 -10.89 -3.59
N SER A 135 10.62 -11.87 -2.97
CA SER A 135 10.71 -12.20 -1.54
C SER A 135 11.99 -12.95 -1.11
N ASP A 136 13.18 -12.33 -1.30
CA ASP A 136 14.50 -12.94 -1.04
C ASP A 136 15.58 -12.03 -0.40
N GLN A 137 15.75 -10.79 -0.89
CA GLN A 137 17.02 -10.06 -0.72
C GLN A 137 17.12 -9.25 0.60
N PRO A 138 18.34 -9.09 1.19
CA PRO A 138 18.54 -8.46 2.51
C PRO A 138 18.33 -6.93 2.56
N LYS A 139 18.15 -6.26 1.42
CA LYS A 139 17.42 -4.98 1.33
C LYS A 139 16.00 -5.25 0.78
N PRO A 140 15.07 -5.75 1.62
CA PRO A 140 13.82 -6.36 1.17
C PRO A 140 12.91 -5.36 0.45
N LEU A 141 12.07 -5.88 -0.46
CA LEU A 141 11.21 -5.12 -1.37
C LEU A 141 12.06 -4.37 -2.42
N GLY A 142 13.24 -4.92 -2.74
CA GLY A 142 14.16 -4.41 -3.76
C GLY A 142 14.78 -3.04 -3.45
N GLY A 143 14.65 -2.56 -2.20
CA GLY A 143 14.95 -1.17 -1.81
C GLY A 143 13.85 -0.15 -2.17
N GLY A 144 12.82 -0.59 -2.92
CA GLY A 144 11.71 0.23 -3.43
C GLY A 144 10.42 0.10 -2.62
N GLY A 145 10.43 -0.62 -1.50
CA GLY A 145 9.30 -0.78 -0.58
C GLY A 145 8.90 0.49 0.19
N THR A 146 9.58 1.61 -0.07
CA THR A 146 9.21 2.95 0.40
C THR A 146 7.87 3.37 -0.20
N ARG A 147 7.06 4.09 0.56
CA ARG A 147 5.76 4.60 0.14
C ARG A 147 5.88 5.87 -0.72
N TYR A 148 5.08 5.96 -1.80
CA TYR A 148 4.74 7.23 -2.45
C TYR A 148 3.44 7.82 -1.88
N ALA A 149 2.52 6.99 -1.38
CA ALA A 149 1.29 7.44 -0.71
C ALA A 149 0.71 6.40 0.26
N CYS A 150 -0.02 6.87 1.28
CA CYS A 150 -0.91 6.06 2.13
C CYS A 150 -2.35 6.61 2.10
N GLY A 151 -3.34 5.84 2.56
CA GLY A 151 -4.72 6.30 2.78
C GLY A 151 -5.50 5.40 3.73
N VAL A 152 -6.26 5.98 4.66
CA VAL A 152 -7.03 5.26 5.70
C VAL A 152 -8.40 4.82 5.15
N ILE A 153 -8.78 3.57 5.38
CA ILE A 153 -9.97 2.93 4.79
C ILE A 153 -11.21 3.12 5.69
N LYS A 154 -12.38 3.37 5.09
CA LYS A 154 -13.63 3.68 5.80
C LYS A 154 -14.85 2.92 5.24
N ALA A 1 -19.17 -4.09 -2.56
CA ALA A 1 -19.52 -2.87 -1.81
C ALA A 1 -18.27 -2.06 -1.48
N SER A 2 -18.38 -0.76 -1.19
CA SER A 2 -17.37 0.19 -1.67
C SER A 2 -16.89 1.21 -0.64
N GLU A 3 -15.65 1.65 -0.78
CA GLU A 3 -15.01 2.69 0.04
C GLU A 3 -13.87 3.32 -0.78
N LYS A 4 -13.89 4.64 -0.96
CA LYS A 4 -13.02 5.38 -1.84
C LYS A 4 -12.03 6.23 -1.01
N VAL A 5 -10.76 5.83 -1.00
CA VAL A 5 -9.77 6.32 -0.04
C VAL A 5 -8.87 7.38 -0.69
N GLY A 6 -8.79 8.53 -0.03
CA GLY A 6 -7.92 9.65 -0.40
C GLY A 6 -6.47 9.31 -0.12
N MET A 7 -5.68 9.20 -1.19
CA MET A 7 -4.25 8.88 -1.16
C MET A 7 -3.42 10.17 -1.27
N ASN A 8 -2.69 10.50 -0.20
CA ASN A 8 -1.88 11.72 -0.10
C ASN A 8 -0.38 11.44 -0.31
N LEU A 9 0.37 12.40 -0.85
CA LEU A 9 1.81 12.26 -1.13
C LEU A 9 2.67 12.35 0.15
N VAL A 10 2.48 11.42 1.07
CA VAL A 10 3.16 11.39 2.38
C VAL A 10 4.64 10.99 2.26
N THR A 11 5.50 11.54 3.14
CA THR A 11 6.86 11.05 3.44
C THR A 11 7.53 11.89 4.53
N ALA A 12 8.17 11.21 5.49
CA ALA A 12 9.15 11.71 6.49
C ALA A 12 8.63 12.75 7.51
N GLN A 13 7.87 13.76 7.10
CA GLN A 13 7.18 14.72 7.96
C GLN A 13 5.67 14.43 8.02
N GLY A 14 5.24 13.26 7.51
CA GLY A 14 3.84 12.83 7.45
C GLY A 14 3.20 13.30 6.15
N VAL A 15 2.00 13.86 6.27
CA VAL A 15 1.13 14.29 5.16
C VAL A 15 1.81 15.41 4.34
N GLY A 16 1.75 15.27 3.00
CA GLY A 16 2.39 16.18 2.05
C GLY A 16 1.37 17.05 1.31
N GLN A 17 0.76 16.50 0.26
CA GLN A 17 -0.28 17.13 -0.54
C GLN A 17 -1.02 16.10 -1.42
N SER A 18 -2.24 16.43 -1.84
CA SER A 18 -3.18 15.50 -2.49
C SER A 18 -3.17 15.60 -4.03
N ILE A 19 -3.36 14.48 -4.74
CA ILE A 19 -3.36 14.39 -6.22
C ILE A 19 -4.40 13.40 -6.80
N GLY A 20 -5.23 12.77 -5.97
CA GLY A 20 -6.09 11.66 -6.41
C GLY A 20 -6.63 10.80 -5.26
N THR A 21 -7.45 9.80 -5.60
CA THR A 21 -7.92 8.76 -4.67
C THR A 21 -7.71 7.39 -5.32
N VAL A 22 -8.06 6.34 -4.58
CA VAL A 22 -8.30 5.01 -5.14
C VAL A 22 -9.62 4.49 -4.60
N VAL A 23 -10.47 3.94 -5.47
CA VAL A 23 -11.73 3.30 -5.06
C VAL A 23 -11.52 1.81 -4.78
N ILE A 24 -11.95 1.35 -3.61
CA ILE A 24 -12.04 -0.07 -3.27
C ILE A 24 -13.51 -0.51 -3.35
N ASP A 25 -13.76 -1.68 -3.95
CA ASP A 25 -15.07 -2.33 -4.02
C ASP A 25 -14.93 -3.84 -3.85
N GLU A 26 -15.45 -4.39 -2.75
CA GLU A 26 -15.43 -5.84 -2.47
C GLU A 26 -16.43 -6.60 -3.34
N THR A 27 -16.14 -7.89 -3.58
CA THR A 27 -16.89 -8.81 -4.44
C THR A 27 -16.40 -10.24 -4.20
N GLU A 28 -16.93 -11.22 -4.92
CA GLU A 28 -16.55 -12.65 -4.84
C GLU A 28 -15.02 -12.86 -5.00
N GLY A 29 -14.42 -12.11 -5.93
CA GLY A 29 -12.97 -12.06 -6.17
C GLY A 29 -12.23 -11.03 -5.32
N GLY A 30 -12.88 -10.52 -4.28
CA GLY A 30 -12.35 -9.63 -3.24
C GLY A 30 -12.16 -8.18 -3.66
N LEU A 31 -11.22 -7.48 -3.03
CA LEU A 31 -11.08 -6.02 -3.16
C LEU A 31 -10.68 -5.57 -4.57
N LYS A 32 -11.64 -5.03 -5.32
CA LYS A 32 -11.47 -4.38 -6.61
C LYS A 32 -10.97 -2.93 -6.41
N PHE A 33 -9.72 -2.70 -6.78
CA PHE A 33 -8.94 -1.48 -6.61
C PHE A 33 -8.92 -0.71 -7.94
N THR A 34 -9.52 0.50 -8.02
CA THR A 34 -9.47 1.33 -9.24
C THR A 34 -8.85 2.68 -8.90
N PRO A 35 -7.64 2.99 -9.38
CA PRO A 35 -6.93 4.23 -9.06
C PRO A 35 -7.37 5.38 -9.95
N HIS A 36 -7.14 6.62 -9.49
CA HIS A 36 -7.36 7.81 -10.32
C HIS A 36 -6.45 8.99 -9.89
N LEU A 37 -5.12 8.82 -10.04
CA LEU A 37 -4.07 9.78 -9.65
C LEU A 37 -3.15 10.14 -10.85
N LYS A 38 -2.56 11.34 -10.90
CA LYS A 38 -2.03 11.94 -12.15
C LYS A 38 -0.72 12.78 -12.06
N ALA A 39 0.22 12.36 -11.22
CA ALA A 39 1.53 13.04 -11.09
C ALA A 39 2.71 12.12 -10.76
N LEU A 40 2.51 10.81 -10.88
CA LEU A 40 3.49 9.82 -10.39
C LEU A 40 4.56 9.55 -11.43
N PRO A 41 5.70 8.97 -11.00
CA PRO A 41 6.58 8.36 -11.95
C PRO A 41 5.85 7.21 -12.68
N PRO A 42 5.90 7.16 -14.03
CA PRO A 42 4.85 6.59 -14.87
C PRO A 42 5.02 5.08 -15.09
N GLY A 43 5.73 4.44 -14.17
CA GLY A 43 5.98 3.01 -14.13
C GLY A 43 5.33 2.39 -12.90
N GLU A 44 5.01 1.11 -13.03
CA GLU A 44 4.29 0.26 -12.08
C GLU A 44 4.79 0.39 -10.63
N HIS A 45 3.84 0.45 -9.68
CA HIS A 45 4.07 0.73 -8.26
C HIS A 45 3.46 -0.33 -7.37
N GLY A 46 4.19 -0.89 -6.43
CA GLY A 46 3.66 -1.76 -5.37
C GLY A 46 2.45 -1.18 -4.63
N PHE A 47 1.66 -2.03 -4.00
CA PHE A 47 0.42 -1.69 -3.28
C PHE A 47 0.33 -2.65 -2.08
N HIS A 48 0.36 -2.18 -0.83
CA HIS A 48 -0.05 -3.03 0.33
C HIS A 48 -1.12 -2.45 1.26
N ILE A 49 -1.64 -3.31 2.15
CA ILE A 49 -2.23 -2.98 3.45
C ILE A 49 -1.22 -3.21 4.58
N HIS A 50 -1.11 -2.27 5.52
CA HIS A 50 -0.26 -2.33 6.72
C HIS A 50 -1.08 -2.59 8.00
N ALA A 51 -0.41 -2.75 9.15
CA ALA A 51 -1.01 -3.28 10.38
C ALA A 51 -1.97 -2.34 11.14
N ASN A 52 -1.75 -1.02 11.10
CA ASN A 52 -2.55 0.01 11.78
C ASN A 52 -3.05 1.09 10.78
N GLY A 53 -3.44 2.29 11.24
CA GLY A 53 -4.26 3.24 10.46
C GLY A 53 -4.03 4.73 10.74
N SER A 54 -2.86 5.27 10.41
CA SER A 54 -2.52 6.71 10.41
C SER A 54 -1.10 6.97 9.84
N CYS A 55 -1.01 7.69 8.72
CA CYS A 55 0.21 8.04 7.98
C CYS A 55 1.17 9.03 8.71
N GLN A 56 1.25 8.96 10.04
CA GLN A 56 1.99 9.90 10.90
C GLN A 56 3.30 9.27 11.41
N PRO A 57 4.48 9.93 11.23
CA PRO A 57 5.77 9.43 11.68
C PRO A 57 6.05 9.75 13.15
N ALA A 58 6.85 8.88 13.78
CA ALA A 58 7.68 9.21 14.93
C ALA A 58 9.15 9.39 14.50
N ILE A 59 10.01 9.92 15.39
CA ILE A 59 11.47 9.80 15.29
C ILE A 59 11.92 8.65 16.19
N LYS A 60 12.64 7.66 15.62
CA LYS A 60 13.14 6.46 16.32
C LYS A 60 14.57 6.15 15.84
N ASP A 61 15.56 6.37 16.70
CA ASP A 61 17.00 6.40 16.38
C ASP A 61 17.36 7.50 15.36
N GLY A 62 17.14 8.78 15.74
CA GLY A 62 17.67 9.94 15.02
C GLY A 62 17.13 10.15 13.59
N GLN A 63 16.06 9.44 13.22
CA GLN A 63 15.50 9.39 11.87
C GLN A 63 13.97 9.22 11.94
N ALA A 64 13.25 9.74 10.94
CA ALA A 64 11.79 9.70 10.93
C ALA A 64 11.26 8.40 10.32
N VAL A 65 10.34 7.73 11.03
CA VAL A 65 9.78 6.39 10.71
C VAL A 65 8.89 6.40 9.43
N ALA A 66 8.65 7.57 8.82
CA ALA A 66 7.75 7.84 7.68
C ALA A 66 6.26 7.75 8.07
N ALA A 67 5.85 6.67 8.71
CA ALA A 67 4.55 6.50 9.38
C ALA A 67 4.65 5.37 10.41
N GLU A 68 4.56 5.70 11.71
CA GLU A 68 4.60 4.71 12.80
C GLU A 68 3.18 4.24 13.16
N ALA A 69 2.21 5.14 13.18
CA ALA A 69 0.80 4.83 13.48
C ALA A 69 0.06 4.06 12.35
N ALA A 70 0.72 3.85 11.20
CA ALA A 70 0.27 2.96 10.12
C ALA A 70 0.74 1.52 10.32
N GLY A 71 1.77 1.28 11.15
CA GLY A 71 2.37 -0.04 11.36
C GLY A 71 3.19 -0.54 10.17
N GLY A 72 3.79 -1.72 10.34
CA GLY A 72 4.58 -2.41 9.31
C GLY A 72 3.72 -3.30 8.40
N HIS A 73 4.39 -4.19 7.68
CA HIS A 73 3.75 -5.28 6.95
C HIS A 73 2.88 -6.12 7.91
N LEU A 74 1.61 -6.34 7.55
CA LEU A 74 0.62 -7.14 8.28
C LEU A 74 0.95 -8.67 8.24
N ASP A 75 2.04 -9.07 8.88
CA ASP A 75 2.37 -10.45 9.24
C ASP A 75 2.30 -10.62 10.77
N PRO A 76 1.34 -11.40 11.31
CA PRO A 76 1.16 -11.53 12.76
C PRO A 76 2.08 -12.59 13.38
N GLN A 77 2.43 -13.65 12.65
CA GLN A 77 3.04 -14.91 13.14
C GLN A 77 3.22 -15.93 11.99
N ASN A 78 3.42 -15.44 10.77
CA ASN A 78 3.29 -16.20 9.53
C ASN A 78 4.60 -16.28 8.72
N THR A 79 5.55 -15.35 8.94
CA THR A 79 7.01 -15.37 8.67
C THR A 79 7.57 -13.95 8.51
N GLY A 80 6.92 -13.12 7.69
CA GLY A 80 7.29 -11.71 7.47
C GLY A 80 8.11 -11.43 6.20
N LYS A 81 8.62 -12.46 5.51
CA LYS A 81 9.54 -12.28 4.36
C LYS A 81 8.89 -11.77 3.05
N HIS A 82 7.58 -11.51 3.04
CA HIS A 82 6.75 -10.93 1.96
C HIS A 82 6.20 -11.97 0.95
N GLU A 83 4.90 -11.82 0.62
CA GLU A 83 4.00 -12.90 0.20
C GLU A 83 3.46 -12.74 -1.25
N GLY A 84 4.15 -11.94 -2.08
CA GLY A 84 3.84 -11.75 -3.50
C GLY A 84 4.34 -12.89 -4.42
N PRO A 85 5.51 -13.51 -4.16
CA PRO A 85 6.03 -14.65 -4.93
C PRO A 85 6.06 -15.98 -4.15
N GLU A 86 5.67 -15.99 -2.86
CA GLU A 86 5.79 -17.13 -1.94
C GLU A 86 4.56 -17.13 -1.02
N GLY A 87 4.06 -18.30 -0.62
CA GLY A 87 2.79 -18.47 0.10
C GLY A 87 2.77 -18.08 1.57
N GLN A 88 3.84 -17.51 2.10
CA GLN A 88 3.93 -16.99 3.48
C GLN A 88 4.86 -15.78 3.52
N GLY A 89 4.40 -14.68 4.13
CA GLY A 89 5.21 -13.47 4.28
C GLY A 89 4.53 -12.20 4.78
N HIS A 90 3.18 -12.10 4.74
CA HIS A 90 2.33 -10.93 5.08
C HIS A 90 0.99 -10.99 4.31
N LEU A 91 -0.12 -11.08 5.06
CA LEU A 91 -1.46 -11.28 4.51
C LEU A 91 -1.98 -10.09 3.68
N GLY A 92 -1.53 -8.86 3.99
CA GLY A 92 -1.86 -7.63 3.26
C GLY A 92 -0.95 -7.30 2.08
N ASP A 93 -0.14 -8.26 1.58
CA ASP A 93 0.55 -8.15 0.30
C ASP A 93 -0.42 -8.38 -0.88
N LEU A 94 -0.18 -7.71 -2.01
CA LEU A 94 -1.23 -7.22 -2.91
C LEU A 94 -0.65 -6.99 -4.34
N PRO A 95 -1.50 -6.82 -5.39
CA PRO A 95 -1.06 -6.76 -6.79
C PRO A 95 -0.49 -5.39 -7.17
N VAL A 96 0.47 -5.36 -8.10
CA VAL A 96 1.19 -4.12 -8.48
C VAL A 96 0.26 -3.13 -9.21
N LEU A 97 0.34 -1.87 -8.82
CA LEU A 97 -0.49 -0.75 -9.20
C LEU A 97 0.02 -0.10 -10.50
N VAL A 98 -0.69 -0.28 -11.61
CA VAL A 98 -0.26 0.21 -12.93
C VAL A 98 -0.52 1.72 -13.10
N VAL A 99 0.52 2.43 -13.57
CA VAL A 99 0.51 3.80 -14.10
C VAL A 99 0.85 3.70 -15.59
N ASN A 100 0.21 4.50 -16.44
CA ASN A 100 0.63 4.62 -17.83
C ASN A 100 1.81 5.60 -18.00
N ASN A 101 2.49 5.55 -19.15
CA ASN A 101 3.69 6.33 -19.52
C ASN A 101 3.62 7.87 -19.29
N ASP A 102 2.43 8.45 -19.11
CA ASP A 102 2.18 9.88 -18.90
C ASP A 102 2.02 10.27 -17.42
N GLY A 103 2.08 9.31 -16.49
CA GLY A 103 2.03 9.54 -15.04
C GLY A 103 0.64 9.48 -14.42
N ILE A 104 -0.35 8.92 -15.13
CA ILE A 104 -1.71 8.68 -14.63
C ILE A 104 -1.94 7.20 -14.34
N ALA A 105 -2.30 6.86 -13.09
CA ALA A 105 -2.78 5.55 -12.70
C ALA A 105 -4.30 5.51 -12.82
N THR A 106 -4.80 4.57 -13.63
CA THR A 106 -6.20 4.53 -14.10
C THR A 106 -6.70 3.13 -14.48
N GLU A 107 -5.91 2.09 -14.19
CA GLU A 107 -6.21 0.68 -14.53
C GLU A 107 -6.81 -0.05 -13.31
N PRO A 108 -8.00 -0.66 -13.40
CA PRO A 108 -8.59 -1.49 -12.35
C PRO A 108 -7.85 -2.83 -12.19
N VAL A 109 -7.58 -3.20 -10.94
CA VAL A 109 -6.95 -4.48 -10.52
C VAL A 109 -7.66 -5.00 -9.26
N THR A 110 -7.50 -6.28 -8.88
CA THR A 110 -8.35 -6.92 -7.84
C THR A 110 -7.57 -7.90 -6.98
N ALA A 111 -7.84 -7.93 -5.67
CA ALA A 111 -7.19 -8.84 -4.71
C ALA A 111 -8.21 -9.76 -3.96
N PRO A 112 -8.28 -11.08 -4.28
CA PRO A 112 -9.14 -12.05 -3.58
C PRO A 112 -8.65 -12.45 -2.16
N ARG A 113 -7.61 -11.75 -1.67
CA ARG A 113 -7.01 -11.95 -0.35
C ARG A 113 -7.87 -11.37 0.79
N LEU A 114 -8.70 -10.36 0.51
CA LEU A 114 -9.75 -9.87 1.41
C LEU A 114 -11.07 -9.96 0.63
N LYS A 115 -12.13 -10.45 1.25
CA LYS A 115 -13.46 -10.65 0.67
C LYS A 115 -14.54 -9.73 1.25
N SER A 116 -14.23 -8.91 2.25
CA SER A 116 -15.01 -7.71 2.58
C SER A 116 -14.10 -6.52 2.97
N LEU A 117 -14.70 -5.34 3.17
CA LEU A 117 -14.08 -4.28 3.98
C LEU A 117 -14.02 -4.68 5.47
N ASP A 118 -14.90 -5.58 5.92
CA ASP A 118 -15.14 -5.90 7.34
C ASP A 118 -13.89 -6.43 8.10
N GLU A 119 -12.97 -7.10 7.41
CA GLU A 119 -11.66 -7.49 7.97
C GLU A 119 -10.62 -6.36 8.02
N VAL A 120 -10.81 -5.24 7.32
CA VAL A 120 -9.81 -4.15 7.15
C VAL A 120 -10.35 -2.77 7.58
N LYS A 121 -11.45 -2.75 8.33
CA LYS A 121 -12.28 -1.60 8.73
C LYS A 121 -11.62 -0.55 9.67
N ASP A 122 -10.31 -0.61 9.94
CA ASP A 122 -9.56 0.39 10.74
C ASP A 122 -8.03 0.32 10.47
N LYS A 123 -7.64 0.15 9.19
CA LYS A 123 -6.23 0.01 8.75
C LYS A 123 -5.89 0.88 7.51
N ALA A 124 -4.60 1.01 7.18
CA ALA A 124 -4.07 1.83 6.09
C ALA A 124 -3.73 1.05 4.80
N LEU A 125 -3.93 1.72 3.67
CA LEU A 125 -3.48 1.35 2.32
C LEU A 125 -2.29 2.26 1.96
N MET A 126 -1.30 1.75 1.22
CA MET A 126 -0.15 2.55 0.76
C MET A 126 0.27 2.21 -0.68
N ILE A 127 0.69 3.23 -1.44
CA ILE A 127 1.26 3.12 -2.78
C ILE A 127 2.79 3.22 -2.67
N HIS A 128 3.49 2.20 -3.17
CA HIS A 128 4.89 1.92 -2.93
C HIS A 128 5.74 2.19 -4.19
N VAL A 129 6.98 2.70 -4.04
CA VAL A 129 7.76 3.21 -5.18
C VAL A 129 8.24 2.08 -6.10
N GLY A 130 8.62 0.92 -5.55
CA GLY A 130 8.90 -0.30 -6.31
C GLY A 130 7.71 -1.26 -6.33
N GLY A 131 7.62 -2.09 -7.38
CA GLY A 131 6.79 -3.29 -7.46
C GLY A 131 7.29 -4.42 -6.56
N ASP A 132 6.58 -5.54 -6.61
CA ASP A 132 6.07 -6.12 -5.36
C ASP A 132 6.21 -7.65 -5.22
N ASN A 133 7.03 -8.27 -6.09
CA ASN A 133 7.25 -9.73 -6.14
C ASN A 133 8.61 -10.20 -5.56
N MET A 134 9.26 -9.41 -4.68
CA MET A 134 10.51 -9.79 -3.99
C MET A 134 10.24 -10.35 -2.58
N SER A 135 10.81 -11.52 -2.24
CA SER A 135 10.69 -12.13 -0.91
C SER A 135 12.04 -12.51 -0.25
N ASP A 136 13.18 -12.16 -0.86
CA ASP A 136 14.50 -12.64 -0.46
C ASP A 136 15.58 -11.66 -0.97
N GLN A 137 16.43 -11.14 -0.07
CA GLN A 137 17.32 -10.00 -0.33
C GLN A 137 18.25 -9.78 0.88
N PRO A 138 19.54 -9.41 0.70
CA PRO A 138 20.44 -9.10 1.82
C PRO A 138 20.13 -7.76 2.53
N LYS A 139 19.32 -6.90 1.90
CA LYS A 139 18.84 -5.62 2.46
C LYS A 139 17.30 -5.56 2.30
N PRO A 140 16.53 -5.17 3.33
CA PRO A 140 15.07 -5.35 3.36
C PRO A 140 14.39 -4.60 2.22
N LEU A 141 13.60 -5.33 1.42
CA LEU A 141 12.87 -4.88 0.23
C LEU A 141 13.78 -4.27 -0.87
N GLY A 142 15.11 -4.32 -0.73
CA GLY A 142 16.06 -3.67 -1.63
C GLY A 142 16.00 -2.13 -1.64
N GLY A 143 15.24 -1.51 -0.71
CA GLY A 143 14.86 -0.09 -0.72
C GLY A 143 13.39 0.17 -1.07
N GLY A 144 12.60 -0.89 -1.31
CA GLY A 144 11.16 -0.81 -1.64
C GLY A 144 10.25 -0.40 -0.47
N GLY A 145 10.79 -0.01 0.69
CA GLY A 145 10.06 0.64 1.77
C GLY A 145 9.72 2.11 1.47
N THR A 146 10.24 2.65 0.35
CA THR A 146 9.93 3.97 -0.21
C THR A 146 8.50 3.99 -0.77
N ARG A 147 7.75 5.05 -0.44
CA ARG A 147 6.32 5.21 -0.74
C ARG A 147 6.04 6.45 -1.59
N TYR A 148 5.03 6.39 -2.46
CA TYR A 148 4.50 7.55 -3.18
C TYR A 148 3.14 8.02 -2.64
N ALA A 149 2.40 7.20 -1.88
CA ALA A 149 1.21 7.67 -1.14
C ALA A 149 0.77 6.76 0.03
N CYS A 150 -0.05 7.33 0.93
CA CYS A 150 -0.76 6.65 2.02
C CYS A 150 -2.22 7.15 2.09
N GLY A 151 -3.12 6.27 2.52
CA GLY A 151 -4.55 6.53 2.73
C GLY A 151 -5.20 5.54 3.70
N VAL A 152 -5.86 6.03 4.74
CA VAL A 152 -6.58 5.21 5.76
C VAL A 152 -7.98 4.79 5.30
N ILE A 153 -8.39 3.55 5.61
CA ILE A 153 -9.73 3.00 5.31
C ILE A 153 -10.78 3.55 6.30
N LYS A 154 -11.98 3.85 5.80
CA LYS A 154 -13.15 4.21 6.61
C LYS A 154 -14.38 3.37 6.22
N ALA A 1 -19.30 -3.53 -3.41
CA ALA A 1 -19.65 -2.66 -2.28
C ALA A 1 -18.43 -1.78 -1.93
N SER A 2 -18.60 -0.54 -1.47
CA SER A 2 -17.72 0.53 -1.99
C SER A 2 -17.05 1.35 -0.87
N GLU A 3 -15.74 1.59 -0.99
CA GLU A 3 -15.03 2.56 -0.15
C GLU A 3 -13.90 3.27 -0.88
N LYS A 4 -13.92 4.58 -0.82
CA LYS A 4 -13.20 5.46 -1.71
C LYS A 4 -12.06 6.16 -0.94
N VAL A 5 -10.86 5.55 -0.94
CA VAL A 5 -9.80 5.90 0.02
C VAL A 5 -8.91 7.01 -0.56
N GLY A 6 -8.86 8.14 0.15
CA GLY A 6 -8.02 9.29 -0.17
C GLY A 6 -6.56 9.01 0.13
N MET A 7 -5.78 8.78 -0.94
CA MET A 7 -4.34 8.51 -0.89
C MET A 7 -3.55 9.81 -0.84
N ASN A 8 -2.93 10.10 0.31
CA ASN A 8 -2.17 11.32 0.53
C ASN A 8 -0.67 11.09 0.34
N LEU A 9 0.04 12.08 -0.20
CA LEU A 9 1.46 12.01 -0.55
C LEU A 9 2.34 12.18 0.70
N VAL A 10 2.24 11.23 1.65
CA VAL A 10 2.99 11.26 2.92
C VAL A 10 4.49 11.19 2.66
N THR A 11 5.29 12.00 3.38
CA THR A 11 6.74 11.87 3.40
C THR A 11 7.34 12.52 4.64
N ALA A 12 8.34 11.82 5.19
CA ALA A 12 9.21 12.01 6.37
C ALA A 12 8.73 12.82 7.59
N GLN A 13 8.08 13.97 7.39
CA GLN A 13 7.34 14.69 8.43
C GLN A 13 5.93 14.09 8.64
N GLY A 14 5.38 13.38 7.65
CA GLY A 14 4.05 12.76 7.71
C GLY A 14 3.18 13.21 6.55
N VAL A 15 1.89 13.44 6.82
CA VAL A 15 0.86 13.78 5.83
C VAL A 15 1.26 15.01 4.99
N GLY A 16 1.18 14.87 3.66
CA GLY A 16 1.59 15.86 2.67
C GLY A 16 0.38 16.57 2.03
N GLN A 17 0.12 16.30 0.75
CA GLN A 17 -1.07 16.76 0.03
C GLN A 17 -1.76 15.59 -0.69
N SER A 18 -2.96 15.81 -1.21
CA SER A 18 -3.71 14.81 -2.00
C SER A 18 -3.79 15.21 -3.49
N ILE A 19 -3.99 14.21 -4.37
CA ILE A 19 -3.96 14.31 -5.85
C ILE A 19 -4.95 13.34 -6.53
N GLY A 20 -5.84 12.70 -5.75
CA GLY A 20 -6.66 11.57 -6.19
C GLY A 20 -7.01 10.62 -5.03
N THR A 21 -8.02 9.77 -5.22
CA THR A 21 -8.33 8.63 -4.34
C THR A 21 -7.88 7.33 -5.02
N VAL A 22 -8.12 6.21 -4.36
CA VAL A 22 -8.36 4.93 -5.03
C VAL A 22 -9.71 4.42 -4.53
N VAL A 23 -10.58 4.00 -5.45
CA VAL A 23 -11.85 3.37 -5.07
C VAL A 23 -11.65 1.87 -4.90
N ILE A 24 -11.99 1.37 -3.71
CA ILE A 24 -12.07 -0.05 -3.45
C ILE A 24 -13.54 -0.49 -3.59
N ASP A 25 -13.79 -1.41 -4.51
CA ASP A 25 -15.10 -2.04 -4.68
C ASP A 25 -15.01 -3.55 -4.43
N GLU A 26 -15.62 -3.99 -3.35
CA GLU A 26 -15.81 -5.39 -2.94
C GLU A 26 -16.57 -6.16 -4.01
N THR A 27 -16.07 -7.34 -4.41
CA THR A 27 -16.74 -8.09 -5.48
C THR A 27 -16.34 -9.57 -5.52
N GLU A 28 -16.77 -10.29 -6.56
CA GLU A 28 -16.45 -11.69 -6.81
C GLU A 28 -14.93 -11.96 -6.82
N GLY A 29 -14.12 -10.97 -7.24
CA GLY A 29 -12.65 -11.00 -7.16
C GLY A 29 -12.05 -10.37 -5.91
N GLY A 30 -12.86 -10.20 -4.86
CA GLY A 30 -12.49 -9.50 -3.63
C GLY A 30 -12.42 -7.98 -3.84
N LEU A 31 -11.43 -7.35 -3.23
CA LEU A 31 -11.26 -5.89 -3.26
C LEU A 31 -10.74 -5.42 -4.62
N LYS A 32 -11.58 -4.77 -5.44
CA LYS A 32 -11.21 -4.19 -6.72
C LYS A 32 -10.69 -2.74 -6.55
N PHE A 33 -9.39 -2.56 -6.71
CA PHE A 33 -8.67 -1.30 -6.55
C PHE A 33 -8.69 -0.50 -7.86
N THR A 34 -9.51 0.57 -7.96
CA THR A 34 -9.57 1.38 -9.20
C THR A 34 -9.02 2.75 -8.85
N PRO A 35 -7.79 3.09 -9.30
CA PRO A 35 -7.12 4.35 -9.00
C PRO A 35 -7.62 5.45 -9.95
N HIS A 36 -7.39 6.70 -9.57
CA HIS A 36 -7.73 7.85 -10.42
C HIS A 36 -6.84 9.08 -10.15
N LEU A 37 -5.56 8.83 -9.82
CA LEU A 37 -4.59 9.85 -9.41
C LEU A 37 -3.71 10.29 -10.59
N LYS A 38 -3.37 11.57 -10.65
CA LYS A 38 -2.79 12.20 -11.86
C LYS A 38 -1.42 12.88 -11.68
N ALA A 39 -0.65 12.47 -10.66
CA ALA A 39 0.66 13.05 -10.35
C ALA A 39 1.58 12.07 -9.58
N LEU A 40 1.84 10.89 -10.14
CA LEU A 40 2.82 9.92 -9.61
C LEU A 40 3.98 9.70 -10.58
N PRO A 41 5.11 9.10 -10.15
CA PRO A 41 6.13 8.61 -11.05
C PRO A 41 5.56 7.49 -11.96
N PRO A 42 5.85 7.54 -13.29
CA PRO A 42 5.03 6.99 -14.38
C PRO A 42 5.25 5.49 -14.66
N GLY A 43 5.67 4.75 -13.64
CA GLY A 43 6.09 3.35 -13.72
C GLY A 43 5.08 2.33 -13.18
N GLU A 44 5.60 1.40 -12.40
CA GLU A 44 4.86 0.34 -11.72
C GLU A 44 5.08 0.48 -10.20
N HIS A 45 4.01 0.34 -9.41
CA HIS A 45 4.05 0.51 -7.95
C HIS A 45 3.52 -0.70 -7.20
N GLY A 46 4.11 -1.02 -6.05
CA GLY A 46 3.54 -2.01 -5.13
C GLY A 46 2.26 -1.49 -4.47
N PHE A 47 1.38 -2.40 -4.07
CA PHE A 47 0.17 -2.10 -3.29
C PHE A 47 0.22 -2.95 -2.01
N HIS A 48 0.26 -2.35 -0.81
CA HIS A 48 0.07 -3.09 0.48
C HIS A 48 -1.19 -2.68 1.29
N ILE A 49 -1.60 -3.56 2.21
CA ILE A 49 -2.44 -3.28 3.40
C ILE A 49 -1.53 -3.26 4.64
N HIS A 50 -1.86 -2.45 5.64
CA HIS A 50 -1.07 -2.20 6.85
C HIS A 50 -1.96 -2.24 8.11
N ALA A 51 -1.41 -2.74 9.22
CA ALA A 51 -2.19 -3.25 10.35
C ALA A 51 -3.06 -2.21 11.09
N ASN A 52 -2.58 -0.98 11.25
CA ASN A 52 -3.32 0.14 11.87
C ASN A 52 -3.58 1.31 10.88
N GLY A 53 -4.70 2.02 11.05
CA GLY A 53 -5.09 3.18 10.25
C GLY A 53 -4.43 4.49 10.69
N SER A 54 -3.13 4.65 10.45
CA SER A 54 -2.39 5.90 10.79
C SER A 54 -1.02 6.01 10.07
N CYS A 55 -0.96 6.72 8.94
CA CYS A 55 0.22 6.90 8.08
C CYS A 55 1.42 7.68 8.69
N GLN A 56 1.54 7.74 10.02
CA GLN A 56 2.44 8.65 10.72
C GLN A 56 3.88 8.09 10.86
N PRO A 57 4.92 8.86 10.48
CA PRO A 57 6.33 8.53 10.71
C PRO A 57 6.88 9.19 11.98
N ALA A 58 8.11 8.83 12.34
CA ALA A 58 8.95 9.53 13.30
C ALA A 58 10.33 9.85 12.71
N ILE A 59 10.98 10.91 13.21
CA ILE A 59 12.44 11.06 13.12
C ILE A 59 13.05 10.29 14.29
N LYS A 60 13.79 9.22 14.00
CA LYS A 60 14.35 8.30 14.99
C LYS A 60 15.78 7.94 14.57
N ASP A 61 16.79 8.22 15.41
CA ASP A 61 18.21 8.04 15.11
C ASP A 61 18.67 8.84 13.86
N GLY A 62 18.15 10.07 13.73
CA GLY A 62 18.56 11.04 12.68
C GLY A 62 17.98 10.77 11.29
N GLN A 63 17.03 9.85 11.15
CA GLN A 63 16.41 9.48 9.86
C GLN A 63 14.89 9.29 10.03
N ALA A 64 14.12 9.48 8.96
CA ALA A 64 12.66 9.47 9.02
C ALA A 64 12.07 8.11 8.64
N VAL A 65 11.44 7.39 9.58
CA VAL A 65 11.13 5.94 9.46
C VAL A 65 9.94 5.57 8.55
N ALA A 66 9.71 6.34 7.47
CA ALA A 66 8.74 6.13 6.39
C ALA A 66 7.28 6.41 6.79
N ALA A 67 6.77 5.62 7.74
CA ALA A 67 5.43 5.53 8.33
C ALA A 67 5.40 4.29 9.25
N GLU A 68 5.37 4.50 10.57
CA GLU A 68 5.53 3.45 11.58
C GLU A 68 4.23 3.18 12.34
N ALA A 69 3.45 4.22 12.67
CA ALA A 69 2.20 4.07 13.41
C ALA A 69 1.14 3.22 12.67
N ALA A 70 1.28 3.05 11.36
CA ALA A 70 0.45 2.23 10.48
C ALA A 70 0.62 0.72 10.72
N GLY A 71 1.60 0.29 11.52
CA GLY A 71 1.89 -1.13 11.70
C GLY A 71 2.69 -1.72 10.54
N GLY A 72 2.93 -3.04 10.61
CA GLY A 72 3.51 -3.83 9.51
C GLY A 72 2.51 -4.17 8.42
N HIS A 73 2.94 -4.87 7.36
CA HIS A 73 2.10 -5.24 6.19
C HIS A 73 1.04 -6.34 6.49
N LEU A 74 0.52 -6.40 7.72
CA LEU A 74 -0.46 -7.38 8.23
C LEU A 74 0.09 -8.83 8.24
N ASP A 75 0.72 -9.19 9.36
CA ASP A 75 1.04 -10.57 9.79
C ASP A 75 1.46 -10.57 11.28
N PRO A 76 0.77 -11.33 12.17
CA PRO A 76 1.15 -11.48 13.57
C PRO A 76 2.09 -12.67 13.84
N GLN A 77 2.25 -13.62 12.90
CA GLN A 77 2.77 -14.97 13.22
C GLN A 77 3.47 -15.72 12.07
N ASN A 78 3.02 -15.60 10.81
CA ASN A 78 3.41 -16.53 9.73
C ASN A 78 4.92 -16.56 9.45
N THR A 79 5.60 -15.40 9.63
CA THR A 79 7.06 -15.20 9.77
C THR A 79 7.42 -13.72 9.76
N GLY A 80 6.63 -12.86 9.11
CA GLY A 80 6.81 -11.40 9.11
C GLY A 80 7.94 -10.88 8.21
N LYS A 81 8.59 -11.75 7.41
CA LYS A 81 9.75 -11.38 6.58
C LYS A 81 9.43 -10.56 5.33
N HIS A 82 8.20 -10.67 4.78
CA HIS A 82 7.71 -10.18 3.46
C HIS A 82 7.69 -11.30 2.40
N GLU A 83 6.71 -11.27 1.49
CA GLU A 83 6.50 -12.30 0.46
C GLU A 83 6.60 -11.75 -0.97
N GLY A 84 5.93 -12.39 -1.92
CA GLY A 84 6.25 -12.37 -3.34
C GLY A 84 5.82 -13.69 -3.98
N PRO A 85 6.61 -14.31 -4.89
CA PRO A 85 6.19 -15.50 -5.64
C PRO A 85 5.94 -16.74 -4.74
N GLU A 86 6.60 -16.84 -3.58
CA GLU A 86 6.43 -17.97 -2.65
C GLU A 86 5.23 -17.80 -1.68
N GLY A 87 4.58 -16.64 -1.62
CA GLY A 87 3.28 -16.46 -0.94
C GLY A 87 3.26 -16.62 0.59
N GLN A 88 4.41 -16.51 1.26
CA GLN A 88 4.55 -16.71 2.70
C GLN A 88 5.50 -15.67 3.31
N GLY A 89 4.95 -14.62 3.95
CA GLY A 89 5.74 -13.57 4.59
C GLY A 89 4.96 -12.36 5.11
N HIS A 90 3.88 -11.95 4.43
CA HIS A 90 2.76 -11.14 4.97
C HIS A 90 1.52 -11.25 4.05
N LEU A 91 0.34 -11.58 4.61
CA LEU A 91 -0.89 -11.68 3.82
C LEU A 91 -1.39 -10.33 3.25
N GLY A 92 -0.97 -9.20 3.83
CA GLY A 92 -1.30 -7.84 3.37
C GLY A 92 -0.36 -7.29 2.28
N ASP A 93 0.33 -8.15 1.53
CA ASP A 93 1.03 -7.80 0.28
C ASP A 93 0.14 -8.17 -0.95
N LEU A 94 0.03 -7.25 -1.93
CA LEU A 94 -0.94 -7.28 -3.05
C LEU A 94 -0.20 -7.05 -4.41
N PRO A 95 -0.78 -7.41 -5.57
CA PRO A 95 -0.12 -7.30 -6.88
C PRO A 95 0.01 -5.85 -7.35
N VAL A 96 0.82 -5.62 -8.40
CA VAL A 96 1.30 -4.27 -8.73
C VAL A 96 0.25 -3.37 -9.38
N LEU A 97 0.40 -2.09 -9.06
CA LEU A 97 -0.43 -0.94 -9.39
C LEU A 97 0.29 -0.13 -10.50
N VAL A 98 -0.10 -0.33 -11.76
CA VAL A 98 0.57 0.24 -12.94
C VAL A 98 0.10 1.68 -13.24
N VAL A 99 1.02 2.50 -13.76
CA VAL A 99 0.86 3.93 -14.06
C VAL A 99 1.22 4.15 -15.52
N ASN A 100 0.51 5.04 -16.23
CA ASN A 100 0.87 5.37 -17.61
C ASN A 100 2.16 6.21 -17.68
N ASN A 101 2.81 6.24 -18.85
CA ASN A 101 4.10 6.87 -19.13
C ASN A 101 4.22 8.40 -18.84
N ASP A 102 3.15 9.07 -18.43
CA ASP A 102 3.13 10.51 -18.06
C ASP A 102 2.88 10.77 -16.56
N GLY A 103 2.47 9.76 -15.77
CA GLY A 103 2.29 9.88 -14.32
C GLY A 103 0.85 9.87 -13.80
N ILE A 104 -0.06 9.15 -14.46
CA ILE A 104 -1.47 8.95 -14.06
C ILE A 104 -1.72 7.45 -13.89
N ALA A 105 -2.40 7.04 -12.81
CA ALA A 105 -2.78 5.65 -12.55
C ALA A 105 -4.29 5.48 -12.70
N THR A 106 -4.74 4.46 -13.48
CA THR A 106 -6.17 4.29 -13.83
C THR A 106 -6.67 2.84 -14.03
N GLU A 107 -5.88 1.80 -13.70
CA GLU A 107 -6.26 0.39 -13.93
C GLU A 107 -7.02 -0.25 -12.74
N PRO A 108 -8.17 -0.92 -12.96
CA PRO A 108 -8.88 -1.69 -11.93
C PRO A 108 -8.12 -2.99 -11.56
N VAL A 109 -7.19 -2.89 -10.60
CA VAL A 109 -6.47 -4.03 -9.99
C VAL A 109 -7.44 -4.80 -9.08
N THR A 110 -7.16 -6.06 -8.74
CA THR A 110 -8.11 -6.94 -8.01
C THR A 110 -7.39 -7.83 -7.00
N ALA A 111 -7.91 -7.89 -5.77
CA ALA A 111 -7.30 -8.64 -4.66
C ALA A 111 -8.28 -9.65 -4.00
N PRO A 112 -8.32 -10.92 -4.47
CA PRO A 112 -9.26 -11.95 -3.98
C PRO A 112 -8.89 -12.57 -2.62
N ARG A 113 -7.81 -12.11 -1.96
CA ARG A 113 -7.39 -12.59 -0.63
C ARG A 113 -8.35 -12.11 0.48
N LEU A 114 -9.01 -10.97 0.24
CA LEU A 114 -9.98 -10.30 1.10
C LEU A 114 -11.37 -10.42 0.46
N LYS A 115 -12.42 -10.43 1.29
CA LYS A 115 -13.83 -10.60 0.87
C LYS A 115 -14.80 -9.65 1.60
N SER A 116 -14.31 -8.63 2.30
CA SER A 116 -15.12 -7.47 2.69
C SER A 116 -14.25 -6.27 3.07
N LEU A 117 -14.80 -5.06 2.89
CA LEU A 117 -14.26 -3.86 3.55
C LEU A 117 -14.25 -4.02 5.08
N ASP A 118 -15.16 -4.81 5.66
CA ASP A 118 -15.18 -5.12 7.11
C ASP A 118 -13.84 -5.69 7.62
N GLU A 119 -13.06 -6.38 6.76
CA GLU A 119 -11.75 -6.92 7.12
C GLU A 119 -10.66 -5.83 7.21
N VAL A 120 -10.93 -4.61 6.74
CA VAL A 120 -9.98 -3.48 6.68
C VAL A 120 -10.54 -2.17 7.26
N LYS A 121 -11.68 -2.22 7.97
CA LYS A 121 -12.47 -1.04 8.40
C LYS A 121 -11.80 -0.06 9.39
N ASP A 122 -10.56 -0.34 9.82
CA ASP A 122 -9.76 0.47 10.75
C ASP A 122 -8.24 0.39 10.43
N LYS A 123 -7.91 0.00 9.20
CA LYS A 123 -6.54 -0.25 8.71
C LYS A 123 -6.03 0.88 7.78
N ALA A 124 -4.82 0.70 7.22
CA ALA A 124 -4.26 1.53 6.15
C ALA A 124 -3.95 0.73 4.88
N LEU A 125 -3.84 1.45 3.76
CA LEU A 125 -3.48 0.99 2.41
C LEU A 125 -2.30 1.88 1.96
N MET A 126 -1.31 1.33 1.26
CA MET A 126 -0.14 2.13 0.79
C MET A 126 0.17 1.87 -0.68
N ILE A 127 0.50 2.94 -1.40
CA ILE A 127 1.03 2.93 -2.77
C ILE A 127 2.54 3.10 -2.70
N HIS A 128 3.26 2.07 -3.13
CA HIS A 128 4.66 1.84 -2.82
C HIS A 128 5.60 2.01 -4.04
N VAL A 129 6.81 2.51 -3.84
CA VAL A 129 7.60 3.24 -4.85
C VAL A 129 8.02 2.36 -6.04
N GLY A 130 8.31 1.08 -5.80
CA GLY A 130 8.46 0.08 -6.86
C GLY A 130 7.38 -0.99 -6.77
N GLY A 131 7.01 -1.59 -7.91
CA GLY A 131 6.27 -2.86 -7.97
C GLY A 131 7.01 -3.96 -7.21
N ASP A 132 6.24 -4.90 -6.63
CA ASP A 132 6.72 -5.73 -5.53
C ASP A 132 6.54 -7.24 -5.80
N ASN A 133 7.61 -7.97 -5.51
CA ASN A 133 7.73 -9.43 -5.51
C ASN A 133 8.88 -9.92 -4.58
N MET A 134 9.46 -9.03 -3.77
CA MET A 134 10.81 -9.18 -3.20
C MET A 134 10.86 -10.04 -1.93
N SER A 135 10.58 -11.33 -2.05
CA SER A 135 10.73 -12.32 -0.96
C SER A 135 12.19 -12.73 -0.68
N ASP A 136 13.17 -11.83 -0.89
CA ASP A 136 14.61 -12.04 -0.73
C ASP A 136 15.37 -10.69 -0.72
N GLN A 137 16.47 -10.64 0.05
CA GLN A 137 17.49 -9.57 0.19
C GLN A 137 18.21 -9.64 1.56
N PRO A 138 19.47 -9.14 1.65
CA PRO A 138 20.13 -8.81 2.92
C PRO A 138 19.82 -7.39 3.41
N LYS A 139 19.31 -6.51 2.55
CA LYS A 139 18.90 -5.14 2.89
C LYS A 139 17.40 -5.10 3.28
N PRO A 140 16.99 -4.26 4.25
CA PRO A 140 15.67 -4.35 4.89
C PRO A 140 14.54 -3.86 3.98
N LEU A 141 13.31 -4.29 4.30
CA LEU A 141 12.03 -3.82 3.73
C LEU A 141 11.81 -4.20 2.25
N GLY A 142 12.74 -4.93 1.62
CA GLY A 142 12.68 -5.38 0.23
C GLY A 142 13.00 -4.28 -0.79
N GLY A 143 13.39 -3.08 -0.34
CA GLY A 143 13.71 -1.92 -1.18
C GLY A 143 12.47 -1.15 -1.65
N GLY A 144 11.62 -1.77 -2.47
CA GLY A 144 10.47 -1.12 -3.12
C GLY A 144 9.32 -0.71 -2.19
N GLY A 145 9.35 -1.18 -0.94
CA GLY A 145 8.32 -0.95 0.08
C GLY A 145 8.33 0.44 0.74
N THR A 146 9.10 1.40 0.22
CA THR A 146 8.93 2.84 0.52
C THR A 146 7.66 3.36 -0.16
N ARG A 147 7.05 4.43 0.35
CA ARG A 147 5.74 4.95 -0.11
C ARG A 147 5.85 6.15 -1.09
N TYR A 148 4.96 6.21 -2.09
CA TYR A 148 4.55 7.48 -2.73
C TYR A 148 3.20 7.98 -2.17
N ALA A 149 2.35 7.11 -1.63
CA ALA A 149 1.15 7.52 -0.89
C ALA A 149 0.71 6.50 0.19
N CYS A 150 -0.06 6.99 1.17
CA CYS A 150 -0.76 6.20 2.18
C CYS A 150 -2.22 6.70 2.32
N GLY A 151 -3.12 5.78 2.68
CA GLY A 151 -4.55 6.00 2.83
C GLY A 151 -5.16 5.11 3.90
N VAL A 152 -5.53 5.70 5.03
CA VAL A 152 -6.40 5.09 6.05
C VAL A 152 -7.80 4.81 5.48
N ILE A 153 -8.40 3.66 5.82
CA ILE A 153 -9.78 3.33 5.39
C ILE A 153 -10.78 4.27 6.06
N LYS A 154 -11.51 5.05 5.26
CA LYS A 154 -12.54 6.00 5.70
C LYS A 154 -13.61 6.18 4.60
N ALA A 1 -20.11 -4.52 -2.44
CA ALA A 1 -20.16 -3.22 -1.73
C ALA A 1 -19.09 -2.25 -2.27
N SER A 2 -18.95 -1.03 -1.75
CA SER A 2 -18.04 -0.02 -2.35
C SER A 2 -17.58 1.01 -1.32
N GLU A 3 -16.30 1.41 -1.39
CA GLU A 3 -15.80 2.58 -0.67
C GLU A 3 -14.54 3.16 -1.34
N LYS A 4 -14.39 4.48 -1.27
CA LYS A 4 -13.31 5.25 -1.91
C LYS A 4 -12.29 5.84 -0.89
N VAL A 5 -11.01 5.43 -0.94
CA VAL A 5 -9.99 5.93 0.01
C VAL A 5 -9.08 6.96 -0.66
N GLY A 6 -9.06 8.19 -0.11
CA GLY A 6 -8.26 9.33 -0.56
C GLY A 6 -6.83 9.27 -0.02
N MET A 7 -5.88 9.00 -0.90
CA MET A 7 -4.46 8.84 -0.57
C MET A 7 -3.59 10.12 -0.63
N ASN A 8 -2.70 10.26 0.35
CA ASN A 8 -1.85 11.44 0.60
C ASN A 8 -0.34 11.15 0.44
N LEU A 9 0.42 12.13 -0.03
CA LEU A 9 1.84 12.00 -0.40
C LEU A 9 2.78 12.06 0.81
N VAL A 10 2.68 11.09 1.73
CA VAL A 10 3.53 11.05 2.95
C VAL A 10 5.04 10.92 2.62
N THR A 11 5.81 12.01 2.79
CA THR A 11 7.23 12.08 2.40
C THR A 11 8.10 12.68 3.51
N ALA A 12 8.33 11.89 4.57
CA ALA A 12 9.25 12.14 5.70
C ALA A 12 8.76 13.25 6.66
N GLN A 13 8.34 14.39 6.13
CA GLN A 13 7.75 15.50 6.88
C GLN A 13 6.32 15.17 7.37
N GLY A 14 5.69 14.10 6.86
CA GLY A 14 4.37 13.60 7.26
C GLY A 14 3.29 13.83 6.21
N VAL A 15 2.03 13.68 6.63
CA VAL A 15 0.82 13.92 5.82
C VAL A 15 0.73 15.40 5.41
N GLY A 16 0.42 15.65 4.13
CA GLY A 16 0.29 16.99 3.54
C GLY A 16 -0.69 17.04 2.37
N GLN A 17 -0.21 16.68 1.18
CA GLN A 17 -0.87 16.87 -0.11
C GLN A 17 -1.55 15.58 -0.60
N SER A 18 -2.82 15.64 -1.02
CA SER A 18 -3.54 14.51 -1.59
C SER A 18 -3.74 14.72 -3.10
N ILE A 19 -3.56 13.67 -3.89
CA ILE A 19 -3.51 13.72 -5.37
C ILE A 19 -4.50 12.79 -6.07
N GLY A 20 -5.04 11.81 -5.37
CA GLY A 20 -6.03 10.91 -5.93
C GLY A 20 -6.63 9.97 -4.88
N THR A 21 -7.82 9.43 -5.14
CA THR A 21 -8.30 8.27 -4.38
C THR A 21 -7.81 6.99 -5.06
N VAL A 22 -8.08 5.88 -4.40
CA VAL A 22 -8.34 4.60 -5.09
C VAL A 22 -9.74 4.15 -4.66
N VAL A 23 -10.55 3.75 -5.64
CA VAL A 23 -11.90 3.24 -5.38
C VAL A 23 -11.86 1.72 -5.19
N ILE A 24 -12.45 1.27 -4.08
CA ILE A 24 -12.42 -0.11 -3.63
C ILE A 24 -13.85 -0.67 -3.70
N ASP A 25 -14.15 -1.46 -4.73
CA ASP A 25 -15.42 -2.17 -4.84
C ASP A 25 -15.25 -3.63 -4.43
N GLU A 26 -15.96 -3.98 -3.37
CA GLU A 26 -15.92 -5.17 -2.57
C GLU A 26 -16.75 -6.28 -3.25
N THR A 27 -16.14 -7.44 -3.56
CA THR A 27 -16.81 -8.49 -4.33
C THR A 27 -16.39 -9.87 -3.84
N GLU A 28 -16.97 -10.89 -4.45
CA GLU A 28 -16.81 -12.30 -4.14
C GLU A 28 -15.37 -12.76 -4.47
N GLY A 29 -14.74 -12.11 -5.46
CA GLY A 29 -13.29 -12.13 -5.72
C GLY A 29 -12.48 -11.06 -4.96
N GLY A 30 -13.10 -10.42 -3.97
CA GLY A 30 -12.49 -9.53 -2.97
C GLY A 30 -12.46 -8.05 -3.33
N LEU A 31 -11.46 -7.32 -2.80
CA LEU A 31 -11.34 -5.87 -2.97
C LEU A 31 -10.85 -5.50 -4.37
N LYS A 32 -11.75 -5.08 -5.26
CA LYS A 32 -11.43 -4.55 -6.59
C LYS A 32 -10.98 -3.08 -6.51
N PHE A 33 -9.68 -2.87 -6.66
CA PHE A 33 -8.96 -1.62 -6.49
C PHE A 33 -8.83 -0.90 -7.84
N THR A 34 -9.41 0.32 -8.02
CA THR A 34 -9.32 1.07 -9.28
C THR A 34 -8.73 2.46 -8.98
N PRO A 35 -7.51 2.76 -9.46
CA PRO A 35 -6.78 3.98 -9.12
C PRO A 35 -7.18 5.14 -10.04
N HIS A 36 -6.92 6.38 -9.59
CA HIS A 36 -7.08 7.57 -10.43
C HIS A 36 -6.10 8.71 -10.04
N LEU A 37 -4.84 8.38 -9.70
CA LEU A 37 -3.86 9.34 -9.14
C LEU A 37 -2.93 9.93 -10.21
N LYS A 38 -2.58 11.21 -10.10
CA LYS A 38 -1.86 11.99 -11.12
C LYS A 38 -0.66 12.77 -10.55
N ALA A 39 0.49 12.12 -10.59
CA ALA A 39 1.80 12.46 -10.01
C ALA A 39 2.32 11.21 -9.31
N LEU A 40 3.27 10.54 -9.96
CA LEU A 40 4.18 9.47 -9.53
C LEU A 40 5.34 9.45 -10.52
N PRO A 41 6.49 8.86 -10.15
CA PRO A 41 7.41 8.38 -11.15
C PRO A 41 6.76 7.26 -11.98
N PRO A 42 6.97 7.20 -13.30
CA PRO A 42 6.02 6.62 -14.25
C PRO A 42 6.18 5.10 -14.43
N GLY A 43 6.62 4.43 -13.36
CA GLY A 43 6.94 3.01 -13.33
C GLY A 43 6.18 2.24 -12.27
N GLU A 44 6.47 0.96 -12.18
CA GLU A 44 5.73 -0.03 -11.40
C GLU A 44 5.76 0.24 -9.89
N HIS A 45 4.58 0.24 -9.27
CA HIS A 45 4.39 0.56 -7.85
C HIS A 45 3.65 -0.58 -7.15
N GLY A 46 4.13 -1.05 -6.01
CA GLY A 46 3.45 -2.08 -5.23
C GLY A 46 2.18 -1.58 -4.54
N PHE A 47 1.37 -2.48 -3.98
CA PHE A 47 0.19 -2.16 -3.19
C PHE A 47 0.15 -3.10 -1.97
N HIS A 48 0.29 -2.57 -0.75
CA HIS A 48 -0.10 -3.32 0.47
C HIS A 48 -1.21 -2.66 1.31
N ILE A 49 -1.79 -3.47 2.20
CA ILE A 49 -2.48 -3.05 3.44
C ILE A 49 -1.49 -3.18 4.60
N HIS A 50 -1.57 -2.26 5.57
CA HIS A 50 -0.79 -2.31 6.81
C HIS A 50 -1.71 -2.39 8.06
N ALA A 51 -1.17 -2.90 9.17
CA ALA A 51 -1.93 -3.39 10.32
C ALA A 51 -2.75 -2.35 11.13
N ASN A 52 -2.44 -1.05 11.04
CA ASN A 52 -3.14 0.05 11.73
C ASN A 52 -3.45 1.22 10.76
N GLY A 53 -4.00 2.33 11.27
CA GLY A 53 -4.73 3.34 10.48
C GLY A 53 -4.29 4.79 10.66
N SER A 54 -2.99 5.10 10.56
CA SER A 54 -2.49 6.49 10.48
C SER A 54 -1.10 6.58 9.83
N CYS A 55 -1.02 7.13 8.63
CA CYS A 55 0.17 7.21 7.75
C CYS A 55 1.39 8.00 8.30
N GLN A 56 1.35 8.47 9.54
CA GLN A 56 2.30 9.44 10.08
C GLN A 56 3.60 8.77 10.60
N PRO A 57 4.79 9.41 10.37
CA PRO A 57 6.07 8.97 10.91
C PRO A 57 6.30 9.48 12.33
N ALA A 58 7.03 8.69 13.12
CA ALA A 58 7.78 9.16 14.27
C ALA A 58 9.17 9.69 13.86
N ILE A 59 9.75 10.56 14.71
CA ILE A 59 11.08 11.16 14.52
C ILE A 59 12.02 10.66 15.63
N LYS A 60 12.90 9.72 15.30
CA LYS A 60 14.03 9.28 16.14
C LYS A 60 15.34 9.91 15.64
N ASP A 61 16.31 10.17 16.52
CA ASP A 61 17.73 10.40 16.16
C ASP A 61 17.94 11.38 14.97
N GLY A 62 17.13 12.44 14.90
CA GLY A 62 17.17 13.46 13.86
C GLY A 62 16.67 13.02 12.48
N GLN A 63 15.79 12.02 12.36
CA GLN A 63 15.29 11.50 11.08
C GLN A 63 13.91 10.80 11.21
N ALA A 64 13.18 10.70 10.10
CA ALA A 64 11.80 10.18 10.09
C ALA A 64 11.71 8.70 9.74
N VAL A 65 10.84 7.94 10.41
CA VAL A 65 10.68 6.48 10.17
C VAL A 65 9.70 6.11 9.02
N ALA A 66 9.31 7.07 8.16
CA ALA A 66 8.34 6.94 7.05
C ALA A 66 6.88 6.81 7.51
N ALA A 67 6.57 5.88 8.42
CA ALA A 67 5.26 5.71 9.06
C ALA A 67 5.41 4.76 10.26
N GLU A 68 4.71 5.03 11.36
CA GLU A 68 4.65 4.12 12.52
C GLU A 68 3.21 3.71 12.84
N ALA A 69 2.29 4.67 12.98
CA ALA A 69 0.89 4.42 13.34
C ALA A 69 0.04 3.75 12.24
N ALA A 70 0.65 3.45 11.09
CA ALA A 70 0.11 2.57 10.04
C ALA A 70 0.38 1.08 10.32
N GLY A 71 1.34 0.75 11.18
CA GLY A 71 1.65 -0.64 11.57
C GLY A 71 2.45 -1.43 10.55
N GLY A 72 2.68 -2.70 10.87
CA GLY A 72 3.41 -3.68 10.05
C GLY A 72 2.64 -4.15 8.82
N HIS A 73 3.25 -5.03 8.03
CA HIS A 73 2.73 -5.49 6.73
C HIS A 73 1.48 -6.41 6.78
N LEU A 74 0.90 -6.62 7.97
CA LEU A 74 -0.25 -7.49 8.25
C LEU A 74 0.12 -8.95 7.95
N ASP A 75 0.65 -9.62 8.97
CA ASP A 75 1.51 -10.80 8.85
C ASP A 75 1.65 -11.72 10.10
N PRO A 76 0.70 -11.74 11.06
CA PRO A 76 0.99 -12.09 12.46
C PRO A 76 1.52 -13.51 12.71
N GLN A 77 1.23 -14.48 11.85
CA GLN A 77 1.69 -15.88 11.99
C GLN A 77 2.31 -16.40 10.66
N ASN A 78 2.76 -15.51 9.78
CA ASN A 78 3.24 -15.88 8.44
C ASN A 78 4.75 -16.21 8.40
N THR A 79 5.60 -15.23 8.78
CA THR A 79 7.08 -15.22 8.75
C THR A 79 7.63 -13.79 8.80
N GLY A 80 7.05 -12.88 8.00
CA GLY A 80 7.42 -11.46 8.00
C GLY A 80 8.44 -11.05 6.93
N LYS A 81 8.92 -11.95 6.07
CA LYS A 81 9.97 -11.63 5.08
C LYS A 81 9.49 -10.74 3.90
N HIS A 82 8.21 -10.84 3.52
CA HIS A 82 7.56 -10.33 2.29
C HIS A 82 7.68 -11.33 1.12
N GLU A 83 6.75 -11.26 0.16
CA GLU A 83 6.63 -12.21 -0.96
C GLU A 83 6.20 -11.52 -2.26
N GLY A 84 5.18 -12.04 -2.95
CA GLY A 84 4.66 -11.63 -4.26
C GLY A 84 4.16 -12.81 -5.11
N PRO A 85 4.90 -13.95 -5.19
CA PRO A 85 4.54 -15.09 -6.04
C PRO A 85 4.11 -16.39 -5.29
N GLU A 86 4.29 -16.51 -3.97
CA GLU A 86 4.46 -17.83 -3.31
C GLU A 86 3.85 -17.95 -1.90
N GLY A 87 3.22 -16.89 -1.36
CA GLY A 87 2.58 -16.86 -0.03
C GLY A 87 3.56 -16.70 1.14
N GLN A 88 4.86 -16.85 0.88
CA GLN A 88 5.96 -17.02 1.84
C GLN A 88 6.39 -15.70 2.55
N GLY A 89 5.44 -14.82 2.90
CA GLY A 89 5.73 -13.46 3.39
C GLY A 89 4.69 -12.88 4.35
N HIS A 90 3.66 -12.25 3.77
CA HIS A 90 2.58 -11.52 4.48
C HIS A 90 1.24 -11.73 3.75
N LEU A 91 0.10 -11.84 4.46
CA LEU A 91 -1.23 -11.81 3.80
C LEU A 91 -1.70 -10.40 3.39
N GLY A 92 -1.06 -9.34 3.89
CA GLY A 92 -1.38 -7.94 3.54
C GLY A 92 -0.79 -7.43 2.22
N ASP A 93 -0.09 -8.26 1.46
CA ASP A 93 0.58 -7.88 0.20
C ASP A 93 -0.32 -8.15 -1.03
N LEU A 94 -0.50 -7.16 -1.92
CA LEU A 94 -1.35 -7.18 -3.12
C LEU A 94 -0.47 -6.99 -4.40
N PRO A 95 -0.99 -7.20 -5.63
CA PRO A 95 -0.22 -7.05 -6.86
C PRO A 95 -0.12 -5.59 -7.31
N VAL A 96 0.77 -5.31 -8.26
CA VAL A 96 1.25 -3.95 -8.58
C VAL A 96 0.21 -2.99 -9.17
N LEU A 97 0.27 -1.77 -8.65
CA LEU A 97 -0.37 -0.53 -9.05
C LEU A 97 0.32 0.06 -10.29
N VAL A 98 -0.18 -0.22 -11.49
CA VAL A 98 0.39 0.30 -12.75
C VAL A 98 0.06 1.79 -12.96
N VAL A 99 1.10 2.57 -13.28
CA VAL A 99 1.06 3.95 -13.78
C VAL A 99 1.68 3.99 -15.18
N ASN A 100 1.21 4.90 -16.03
CA ASN A 100 1.69 5.09 -17.39
C ASN A 100 2.98 5.95 -17.49
N ASN A 101 3.63 5.92 -18.66
CA ASN A 101 4.88 6.61 -19.02
C ASN A 101 5.06 8.11 -18.66
N ASP A 102 4.01 8.85 -18.27
CA ASP A 102 4.06 10.27 -17.88
C ASP A 102 3.58 10.56 -16.43
N GLY A 103 3.10 9.54 -15.68
CA GLY A 103 2.81 9.68 -14.24
C GLY A 103 1.34 9.77 -13.84
N ILE A 104 0.44 9.01 -14.47
CA ILE A 104 -0.95 8.79 -13.97
C ILE A 104 -1.29 7.30 -13.86
N ALA A 105 -1.82 6.87 -12.71
CA ALA A 105 -2.31 5.52 -12.45
C ALA A 105 -3.81 5.40 -12.75
N THR A 106 -4.22 4.36 -13.49
CA THR A 106 -5.58 4.21 -14.03
C THR A 106 -6.08 2.77 -14.24
N GLU A 107 -5.21 1.75 -14.21
CA GLU A 107 -5.64 0.37 -14.47
C GLU A 107 -6.18 -0.33 -13.20
N PRO A 108 -7.33 -1.02 -13.25
CA PRO A 108 -7.91 -1.74 -12.11
C PRO A 108 -7.21 -3.08 -11.86
N VAL A 109 -7.13 -3.48 -10.58
CA VAL A 109 -6.65 -4.78 -10.09
C VAL A 109 -7.58 -5.29 -8.97
N THR A 110 -7.44 -6.54 -8.52
CA THR A 110 -8.32 -7.16 -7.51
C THR A 110 -7.51 -7.91 -6.46
N ALA A 111 -7.94 -7.82 -5.19
CA ALA A 111 -7.29 -8.45 -4.05
C ALA A 111 -8.25 -9.41 -3.30
N PRO A 112 -8.35 -10.71 -3.70
CA PRO A 112 -9.16 -11.74 -3.03
C PRO A 112 -8.72 -12.07 -1.59
N ARG A 113 -7.57 -11.53 -1.13
CA ARG A 113 -7.08 -11.73 0.24
C ARG A 113 -8.03 -11.06 1.26
N LEU A 114 -8.74 -10.01 0.85
CA LEU A 114 -9.74 -9.27 1.62
C LEU A 114 -11.07 -9.28 0.87
N LYS A 115 -12.19 -9.37 1.60
CA LYS A 115 -13.53 -9.68 1.06
C LYS A 115 -14.67 -9.08 1.90
N SER A 116 -14.40 -7.92 2.49
CA SER A 116 -15.35 -6.94 3.05
C SER A 116 -14.58 -5.75 3.63
N LEU A 117 -15.04 -4.51 3.39
CA LEU A 117 -14.44 -3.33 4.03
C LEU A 117 -14.46 -3.45 5.57
N ASP A 118 -15.48 -4.11 6.12
CA ASP A 118 -15.61 -4.43 7.54
C ASP A 118 -14.39 -5.18 8.14
N GLU A 119 -13.63 -5.94 7.33
CA GLU A 119 -12.39 -6.57 7.77
C GLU A 119 -11.27 -5.54 8.09
N VAL A 120 -11.30 -4.38 7.41
CA VAL A 120 -10.16 -3.45 7.26
C VAL A 120 -10.49 -2.02 7.74
N LYS A 121 -11.62 -1.84 8.44
CA LYS A 121 -12.07 -0.58 9.05
C LYS A 121 -11.04 0.12 9.97
N ASP A 122 -10.12 -0.64 10.57
CA ASP A 122 -9.03 -0.19 11.45
C ASP A 122 -7.74 0.24 10.68
N LYS A 123 -7.64 -0.03 9.38
CA LYS A 123 -6.36 -0.20 8.68
C LYS A 123 -6.09 0.85 7.57
N ALA A 124 -4.84 0.87 7.07
CA ALA A 124 -4.39 1.75 5.98
C ALA A 124 -4.02 0.94 4.72
N LEU A 125 -4.16 1.59 3.56
CA LEU A 125 -3.73 1.12 2.24
C LEU A 125 -2.55 2.01 1.79
N MET A 126 -1.55 1.45 1.11
CA MET A 126 -0.36 2.20 0.66
C MET A 126 0.05 1.84 -0.77
N ILE A 127 0.45 2.84 -1.55
CA ILE A 127 1.05 2.69 -2.89
C ILE A 127 2.56 2.86 -2.75
N HIS A 128 3.31 1.88 -3.25
CA HIS A 128 4.72 1.65 -2.92
C HIS A 128 5.69 2.06 -4.06
N VAL A 129 6.91 2.49 -3.72
CA VAL A 129 7.84 3.17 -4.65
C VAL A 129 8.40 2.20 -5.70
N GLY A 130 8.79 0.99 -5.28
CA GLY A 130 8.91 -0.16 -6.18
C GLY A 130 7.66 -1.04 -6.13
N GLY A 131 7.58 -2.01 -7.04
CA GLY A 131 6.60 -3.09 -7.13
C GLY A 131 6.59 -4.05 -5.94
N ASP A 132 6.27 -5.32 -6.21
CA ASP A 132 5.62 -6.17 -5.21
C ASP A 132 5.84 -7.66 -5.50
N ASN A 133 7.12 -8.00 -5.63
CA ASN A 133 7.62 -9.22 -6.25
C ASN A 133 9.08 -9.53 -5.84
N MET A 134 9.48 -9.07 -4.66
CA MET A 134 10.89 -8.95 -4.25
C MET A 134 11.13 -9.53 -2.85
N SER A 135 11.94 -10.57 -2.75
CA SER A 135 12.35 -11.21 -1.49
C SER A 135 13.66 -12.00 -1.69
N ASP A 136 14.19 -12.58 -0.60
CA ASP A 136 15.42 -13.40 -0.55
C ASP A 136 16.72 -12.62 -0.83
N GLN A 137 16.73 -11.31 -0.56
CA GLN A 137 17.88 -10.43 -0.73
C GLN A 137 18.18 -9.62 0.56
N PRO A 138 19.45 -9.20 0.80
CA PRO A 138 19.87 -8.59 2.07
C PRO A 138 19.33 -7.19 2.33
N LYS A 139 18.78 -6.53 1.30
CA LYS A 139 17.82 -5.43 1.47
C LYS A 139 16.39 -5.98 1.25
N PRO A 140 15.71 -6.52 2.28
CA PRO A 140 14.41 -7.17 2.12
C PRO A 140 13.37 -6.22 1.52
N LEU A 141 12.39 -6.80 0.81
CA LEU A 141 11.42 -6.09 -0.05
C LEU A 141 12.13 -5.46 -1.27
N GLY A 142 13.31 -5.99 -1.64
CA GLY A 142 14.19 -5.46 -2.69
C GLY A 142 14.88 -4.14 -2.33
N GLY A 143 14.52 -3.52 -1.21
CA GLY A 143 14.81 -2.12 -0.88
C GLY A 143 13.80 -1.11 -1.44
N GLY A 144 12.74 -1.58 -2.13
CA GLY A 144 11.72 -0.74 -2.79
C GLY A 144 10.47 -0.47 -1.96
N GLY A 145 10.43 -0.94 -0.70
CA GLY A 145 9.24 -0.97 0.17
C GLY A 145 8.81 0.37 0.78
N THR A 146 9.34 1.51 0.32
CA THR A 146 8.86 2.86 0.67
C THR A 146 7.56 3.17 -0.07
N ARG A 147 6.86 4.26 0.29
CA ARG A 147 5.53 4.62 -0.24
C ARG A 147 5.57 5.90 -1.08
N TYR A 148 4.86 5.94 -2.21
CA TYR A 148 4.49 7.20 -2.90
C TYR A 148 3.21 7.82 -2.33
N ALA A 149 2.31 7.00 -1.77
CA ALA A 149 1.11 7.48 -1.07
C ALA A 149 0.56 6.48 -0.03
N CYS A 150 -0.21 6.99 0.94
CA CYS A 150 -0.91 6.24 1.98
C CYS A 150 -2.34 6.78 2.17
N GLY A 151 -3.28 5.92 2.55
CA GLY A 151 -4.69 6.27 2.81
C GLY A 151 -5.33 5.39 3.87
N VAL A 152 -5.82 6.03 4.93
CA VAL A 152 -6.57 5.41 6.05
C VAL A 152 -8.02 5.09 5.62
N ILE A 153 -8.50 3.90 5.97
CA ILE A 153 -9.86 3.41 5.65
C ILE A 153 -10.90 4.00 6.62
N LYS A 154 -12.16 4.10 6.22
CA LYS A 154 -13.25 4.45 7.15
C LYS A 154 -13.40 3.36 8.24
N ALA A 1 -18.85 -3.65 -2.96
CA ALA A 1 -19.25 -2.96 -1.71
C ALA A 1 -18.08 -2.15 -1.20
N SER A 2 -18.26 -0.86 -0.93
CA SER A 2 -17.27 0.10 -1.42
C SER A 2 -16.98 1.26 -0.48
N GLU A 3 -15.75 1.75 -0.56
CA GLU A 3 -15.33 3.00 0.05
C GLU A 3 -14.11 3.56 -0.70
N LYS A 4 -14.09 4.87 -0.86
CA LYS A 4 -12.98 5.59 -1.50
C LYS A 4 -11.93 6.03 -0.45
N VAL A 5 -10.64 5.84 -0.74
CA VAL A 5 -9.54 6.27 0.15
C VAL A 5 -8.60 7.23 -0.56
N GLY A 6 -8.40 8.40 0.04
CA GLY A 6 -7.42 9.40 -0.38
C GLY A 6 -6.02 8.99 0.08
N MET A 7 -5.14 8.72 -0.88
CA MET A 7 -3.76 8.26 -0.66
C MET A 7 -2.80 9.45 -0.71
N ASN A 8 -2.27 9.88 0.43
CA ASN A 8 -1.51 11.14 0.54
C ASN A 8 0.00 10.95 0.38
N LEU A 9 0.68 11.94 -0.21
CA LEU A 9 2.11 11.87 -0.53
C LEU A 9 3.03 12.05 0.70
N VAL A 10 2.94 11.13 1.68
CA VAL A 10 3.88 11.08 2.80
C VAL A 10 5.33 10.92 2.33
N THR A 11 6.23 11.74 2.85
CA THR A 11 7.63 11.76 2.41
C THR A 11 8.57 12.18 3.54
N ALA A 12 8.38 11.55 4.71
CA ALA A 12 9.09 11.75 5.99
C ALA A 12 8.65 13.05 6.70
N GLN A 13 8.37 14.12 5.95
CA GLN A 13 7.83 15.39 6.45
C GLN A 13 6.30 15.35 6.72
N GLY A 14 5.83 14.26 7.32
CA GLY A 14 4.43 14.07 7.74
C GLY A 14 3.52 13.70 6.58
N VAL A 15 2.23 13.98 6.72
CA VAL A 15 1.26 14.02 5.61
C VAL A 15 1.64 15.18 4.69
N GLY A 16 1.83 14.89 3.40
CA GLY A 16 2.47 15.81 2.43
C GLY A 16 1.45 16.64 1.67
N GLN A 17 0.86 16.07 0.62
CA GLN A 17 -0.31 16.62 -0.05
C GLN A 17 -1.10 15.57 -0.84
N SER A 18 -2.32 15.92 -1.19
CA SER A 18 -3.29 15.08 -1.90
C SER A 18 -3.40 15.42 -3.39
N ILE A 19 -3.65 14.41 -4.23
CA ILE A 19 -3.49 14.45 -5.70
C ILE A 19 -4.49 13.53 -6.45
N GLY A 20 -5.49 13.01 -5.74
CA GLY A 20 -6.36 11.92 -6.18
C GLY A 20 -6.75 10.99 -5.03
N THR A 21 -7.57 9.99 -5.33
CA THR A 21 -7.90 8.88 -4.41
C THR A 21 -7.71 7.54 -5.12
N VAL A 22 -8.03 6.45 -4.43
CA VAL A 22 -8.33 5.15 -5.02
C VAL A 22 -9.69 4.69 -4.49
N VAL A 23 -10.54 4.15 -5.38
CA VAL A 23 -11.79 3.49 -4.96
C VAL A 23 -11.53 2.02 -4.66
N ILE A 24 -12.06 1.54 -3.53
CA ILE A 24 -12.12 0.11 -3.22
C ILE A 24 -13.59 -0.36 -3.31
N ASP A 25 -13.81 -1.49 -3.97
CA ASP A 25 -15.11 -2.13 -4.17
C ASP A 25 -14.98 -3.65 -4.02
N GLU A 26 -15.29 -4.10 -2.81
CA GLU A 26 -15.27 -5.49 -2.37
C GLU A 26 -16.23 -6.37 -3.18
N THR A 27 -15.85 -7.61 -3.49
CA THR A 27 -16.72 -8.56 -4.18
C THR A 27 -16.32 -10.01 -3.91
N GLU A 28 -17.06 -10.97 -4.45
CA GLU A 28 -16.73 -12.39 -4.34
C GLU A 28 -15.38 -12.73 -5.03
N GLY A 29 -14.88 -11.86 -5.92
CA GLY A 29 -13.51 -11.89 -6.45
C GLY A 29 -12.49 -11.05 -5.66
N GLY A 30 -12.91 -10.52 -4.53
CA GLY A 30 -12.19 -9.70 -3.55
C GLY A 30 -12.15 -8.21 -3.82
N LEU A 31 -11.31 -7.51 -3.05
CA LEU A 31 -11.17 -6.04 -3.07
C LEU A 31 -10.76 -5.51 -4.45
N LYS A 32 -11.69 -4.90 -5.18
CA LYS A 32 -11.46 -4.31 -6.48
C LYS A 32 -10.93 -2.88 -6.30
N PHE A 33 -9.68 -2.67 -6.69
CA PHE A 33 -8.93 -1.42 -6.57
C PHE A 33 -9.06 -0.64 -7.90
N THR A 34 -9.46 0.65 -7.91
CA THR A 34 -9.41 1.46 -9.12
C THR A 34 -8.88 2.87 -8.79
N PRO A 35 -7.65 3.22 -9.21
CA PRO A 35 -7.02 4.49 -8.88
C PRO A 35 -7.50 5.61 -9.79
N HIS A 36 -7.27 6.85 -9.36
CA HIS A 36 -7.57 8.02 -10.20
C HIS A 36 -6.63 9.23 -9.94
N LEU A 37 -5.37 8.96 -9.55
CA LEU A 37 -4.41 10.00 -9.11
C LEU A 37 -3.49 10.46 -10.25
N LYS A 38 -3.20 11.75 -10.31
CA LYS A 38 -2.54 12.40 -11.47
C LYS A 38 -1.13 12.99 -11.22
N ALA A 39 -0.41 12.45 -10.24
CA ALA A 39 0.93 12.91 -9.90
C ALA A 39 1.78 11.80 -9.22
N LEU A 40 2.10 10.74 -9.98
CA LEU A 40 3.05 9.72 -9.56
C LEU A 40 3.99 9.31 -10.68
N PRO A 41 5.16 8.71 -10.36
CA PRO A 41 6.09 8.31 -11.38
C PRO A 41 5.49 7.21 -12.28
N PRO A 42 5.56 7.39 -13.62
CA PRO A 42 4.64 6.83 -14.61
C PRO A 42 5.03 5.42 -15.07
N GLY A 43 5.53 4.64 -14.11
CA GLY A 43 6.02 3.28 -14.31
C GLY A 43 5.10 2.23 -13.70
N GLU A 44 5.71 1.29 -13.01
CA GLU A 44 5.04 0.22 -12.28
C GLU A 44 5.36 0.36 -10.79
N HIS A 45 4.35 0.14 -9.94
CA HIS A 45 4.39 0.46 -8.52
C HIS A 45 3.65 -0.58 -7.72
N GLY A 46 4.15 -0.90 -6.52
CA GLY A 46 3.49 -1.78 -5.58
C GLY A 46 2.21 -1.14 -5.03
N PHE A 47 1.32 -1.95 -4.48
CA PHE A 47 0.19 -1.54 -3.67
C PHE A 47 0.08 -2.54 -2.52
N HIS A 48 0.01 -2.10 -1.25
CA HIS A 48 -0.23 -3.00 -0.10
C HIS A 48 -1.37 -2.59 0.86
N ILE A 49 -1.74 -3.54 1.74
CA ILE A 49 -2.31 -3.30 3.08
C ILE A 49 -1.21 -3.41 4.14
N HIS A 50 -1.35 -2.60 5.20
CA HIS A 50 -0.49 -2.48 6.38
C HIS A 50 -1.37 -2.54 7.65
N ALA A 51 -0.77 -2.82 8.82
CA ALA A 51 -1.50 -3.37 9.96
C ALA A 51 -2.55 -2.46 10.64
N ASN A 52 -2.43 -1.13 10.55
CA ASN A 52 -3.30 -0.14 11.22
C ASN A 52 -3.64 1.09 10.35
N GLY A 53 -4.63 1.89 10.72
CA GLY A 53 -5.16 3.00 9.90
C GLY A 53 -4.67 4.39 10.29
N SER A 54 -3.75 4.94 9.50
CA SER A 54 -3.18 6.31 9.52
C SER A 54 -2.09 6.43 8.44
N CYS A 55 -1.36 7.56 8.38
CA CYS A 55 -0.25 7.80 7.44
C CYS A 55 1.10 8.10 8.14
N GLN A 56 1.06 8.57 9.38
CA GLN A 56 2.15 9.32 10.02
C GLN A 56 3.34 8.43 10.47
N PRO A 57 4.59 8.91 10.35
CA PRO A 57 5.80 8.21 10.81
C PRO A 57 6.04 8.38 12.30
N ALA A 58 6.84 7.48 12.88
CA ALA A 58 7.55 7.72 14.14
C ALA A 58 8.94 8.31 13.86
N ILE A 59 9.51 9.06 14.81
CA ILE A 59 10.82 9.72 14.67
C ILE A 59 11.75 9.21 15.78
N LYS A 60 12.90 8.66 15.43
CA LYS A 60 13.90 8.04 16.32
C LYS A 60 15.21 7.78 15.54
N ASP A 61 16.35 7.62 16.22
CA ASP A 61 17.64 7.23 15.58
C ASP A 61 18.11 8.23 14.49
N GLY A 62 17.70 9.51 14.62
CA GLY A 62 18.02 10.59 13.68
C GLY A 62 17.19 10.59 12.39
N GLN A 63 16.07 9.86 12.32
CA GLN A 63 15.34 9.61 11.08
C GLN A 63 13.84 9.34 11.28
N ALA A 64 13.08 9.45 10.18
CA ALA A 64 11.63 9.27 10.18
C ALA A 64 11.25 7.86 9.69
N VAL A 65 10.67 7.05 10.59
CA VAL A 65 10.35 5.63 10.41
C VAL A 65 9.02 5.47 9.63
N ALA A 66 8.97 6.05 8.43
CA ALA A 66 8.03 5.76 7.33
C ALA A 66 6.56 6.10 7.57
N ALA A 67 5.90 5.37 8.49
CA ALA A 67 4.44 5.31 8.71
C ALA A 67 4.05 4.41 9.93
N GLU A 68 4.70 4.55 11.09
CA GLU A 68 4.42 3.74 12.31
C GLU A 68 2.96 3.89 12.83
N ALA A 69 2.25 4.96 12.48
CA ALA A 69 0.81 5.06 12.78
C ALA A 69 -0.05 4.11 11.90
N ALA A 70 0.49 3.65 10.77
CA ALA A 70 -0.15 2.75 9.81
C ALA A 70 0.26 1.27 9.99
N GLY A 71 1.26 0.99 10.83
CA GLY A 71 1.84 -0.34 10.96
C GLY A 71 2.85 -0.68 9.86
N GLY A 72 3.63 -1.73 10.08
CA GLY A 72 4.48 -2.34 9.05
C GLY A 72 3.68 -3.14 8.01
N HIS A 73 4.39 -3.85 7.13
CA HIS A 73 3.83 -4.92 6.30
C HIS A 73 2.93 -5.82 7.17
N LEU A 74 1.78 -6.22 6.63
CA LEU A 74 0.64 -6.82 7.33
C LEU A 74 0.90 -8.28 7.76
N ASP A 75 1.86 -8.44 8.68
CA ASP A 75 2.28 -9.65 9.37
C ASP A 75 1.84 -9.54 10.85
N PRO A 76 0.59 -9.88 11.22
CA PRO A 76 0.07 -9.74 12.59
C PRO A 76 0.89 -10.47 13.67
N GLN A 77 1.69 -11.48 13.30
CA GLN A 77 2.88 -11.88 14.06
C GLN A 77 3.95 -12.60 13.21
N ASN A 78 3.75 -12.69 11.89
CA ASN A 78 4.16 -13.86 11.11
C ASN A 78 5.68 -13.99 10.91
N THR A 79 6.38 -12.87 10.68
CA THR A 79 7.81 -12.76 10.26
C THR A 79 8.18 -11.34 9.83
N GLY A 80 7.28 -10.59 9.20
CA GLY A 80 7.48 -9.20 8.81
C GLY A 80 8.09 -9.04 7.43
N LYS A 81 7.61 -9.79 6.43
CA LYS A 81 8.18 -9.78 5.06
C LYS A 81 7.15 -9.92 3.92
N HIS A 82 6.94 -11.09 3.30
CA HIS A 82 6.37 -11.15 1.95
C HIS A 82 5.83 -12.52 1.47
N GLU A 83 4.74 -12.49 0.70
CA GLU A 83 4.25 -13.53 -0.21
C GLU A 83 4.55 -13.08 -1.66
N GLY A 84 3.59 -13.13 -2.58
CA GLY A 84 3.72 -12.73 -3.98
C GLY A 84 3.68 -13.94 -4.94
N PRO A 85 4.84 -14.56 -5.25
CA PRO A 85 4.93 -15.62 -6.26
C PRO A 85 4.92 -17.06 -5.72
N GLU A 86 5.25 -17.25 -4.43
CA GLU A 86 5.69 -18.49 -3.74
C GLU A 86 6.49 -18.14 -2.46
N GLY A 87 5.99 -17.17 -1.67
CA GLY A 87 6.69 -16.58 -0.50
C GLY A 87 6.28 -17.19 0.85
N GLN A 88 6.36 -16.41 1.93
CA GLN A 88 6.40 -16.95 3.31
C GLN A 88 5.95 -15.99 4.45
N GLY A 89 5.30 -14.86 4.15
CA GLY A 89 4.80 -13.91 5.16
C GLY A 89 3.80 -12.90 4.58
N HIS A 90 3.30 -11.97 5.40
CA HIS A 90 2.48 -10.80 5.01
C HIS A 90 1.19 -11.13 4.23
N LEU A 91 0.05 -11.19 4.92
CA LEU A 91 -1.27 -11.27 4.28
C LEU A 91 -1.76 -9.89 3.83
N GLY A 92 -1.04 -9.30 2.86
CA GLY A 92 -1.32 -7.95 2.36
C GLY A 92 -0.38 -7.42 1.28
N ASP A 93 0.53 -8.25 0.74
CA ASP A 93 1.12 -8.00 -0.59
C ASP A 93 0.06 -8.34 -1.67
N LEU A 94 0.08 -7.62 -2.80
CA LEU A 94 -1.15 -7.22 -3.50
C LEU A 94 -0.84 -6.93 -5.00
N PRO A 95 -1.85 -6.70 -5.88
CA PRO A 95 -1.62 -6.55 -7.30
C PRO A 95 -0.98 -5.18 -7.59
N VAL A 96 0.08 -5.17 -8.42
CA VAL A 96 0.84 -3.95 -8.70
C VAL A 96 0.01 -2.86 -9.38
N LEU A 97 0.14 -1.66 -8.84
CA LEU A 97 -0.33 -0.40 -9.36
C LEU A 97 0.48 -0.02 -10.62
N VAL A 98 0.00 -0.39 -11.79
CA VAL A 98 0.51 0.14 -13.07
C VAL A 98 0.09 1.61 -13.20
N VAL A 99 1.05 2.47 -13.54
CA VAL A 99 0.90 3.92 -13.69
C VAL A 99 1.20 4.24 -15.17
N ASN A 100 0.38 5.05 -15.82
CA ASN A 100 0.55 5.31 -17.26
C ASN A 100 1.58 6.43 -17.54
N ASN A 101 2.20 6.39 -18.72
CA ASN A 101 3.38 7.16 -19.16
C ASN A 101 3.41 8.69 -18.85
N ASP A 102 2.26 9.34 -18.68
CA ASP A 102 2.11 10.79 -18.45
C ASP A 102 2.06 11.18 -16.97
N GLY A 103 2.02 10.21 -16.04
CA GLY A 103 2.07 10.43 -14.58
C GLY A 103 0.75 10.20 -13.84
N ILE A 104 -0.18 9.45 -14.44
CA ILE A 104 -1.53 9.22 -13.88
C ILE A 104 -1.77 7.71 -13.71
N ALA A 105 -2.18 7.30 -12.51
CA ALA A 105 -2.66 5.94 -12.24
C ALA A 105 -4.18 5.89 -12.42
N THR A 106 -4.65 5.07 -13.36
CA THR A 106 -6.08 4.90 -13.72
C THR A 106 -6.50 3.44 -13.88
N GLU A 107 -5.60 2.49 -13.61
CA GLU A 107 -5.70 1.08 -14.00
C GLU A 107 -6.42 0.21 -12.94
N PRO A 108 -7.55 -0.45 -13.28
CA PRO A 108 -8.28 -1.32 -12.35
C PRO A 108 -7.60 -2.68 -12.17
N VAL A 109 -7.53 -3.14 -10.91
CA VAL A 109 -7.00 -4.45 -10.48
C VAL A 109 -7.80 -4.96 -9.26
N THR A 110 -7.56 -6.20 -8.79
CA THR A 110 -8.35 -6.83 -7.71
C THR A 110 -7.47 -7.72 -6.84
N ALA A 111 -7.69 -7.69 -5.52
CA ALA A 111 -6.96 -8.52 -4.55
C ALA A 111 -7.86 -9.66 -3.99
N PRO A 112 -7.87 -10.87 -4.61
CA PRO A 112 -8.73 -11.98 -4.21
C PRO A 112 -8.36 -12.66 -2.87
N ARG A 113 -7.26 -12.23 -2.22
CA ARG A 113 -6.80 -12.71 -0.90
C ARG A 113 -7.70 -12.21 0.25
N LEU A 114 -8.53 -11.19 0.00
CA LEU A 114 -9.52 -10.62 0.92
C LEU A 114 -10.88 -10.65 0.21
N LYS A 115 -11.95 -10.87 0.96
CA LYS A 115 -13.35 -11.04 0.51
C LYS A 115 -14.35 -10.49 1.55
N SER A 116 -13.97 -9.42 2.26
CA SER A 116 -14.87 -8.47 2.90
C SER A 116 -14.13 -7.17 3.29
N LEU A 117 -14.80 -6.02 3.13
CA LEU A 117 -14.26 -4.73 3.55
C LEU A 117 -14.11 -4.66 5.08
N ASP A 118 -14.89 -5.47 5.82
CA ASP A 118 -14.74 -5.69 7.26
C ASP A 118 -13.35 -6.22 7.65
N GLU A 119 -12.62 -6.90 6.74
CA GLU A 119 -11.24 -7.35 6.99
C GLU A 119 -10.24 -6.16 7.08
N VAL A 120 -10.62 -4.96 6.63
CA VAL A 120 -9.71 -3.80 6.54
C VAL A 120 -10.28 -2.50 7.15
N LYS A 121 -11.42 -2.54 7.85
CA LYS A 121 -12.12 -1.34 8.33
C LYS A 121 -11.44 -0.54 9.46
N ASP A 122 -10.21 -0.93 9.85
CA ASP A 122 -9.36 -0.29 10.86
C ASP A 122 -7.90 -0.12 10.37
N LYS A 123 -7.63 -0.37 9.08
CA LYS A 123 -6.29 -0.49 8.50
C LYS A 123 -5.90 0.66 7.54
N ALA A 124 -4.71 0.59 6.96
CA ALA A 124 -4.23 1.49 5.90
C ALA A 124 -3.90 0.73 4.61
N LEU A 125 -4.09 1.44 3.51
CA LEU A 125 -3.59 1.12 2.17
C LEU A 125 -2.30 1.92 1.94
N MET A 126 -1.39 1.45 1.08
CA MET A 126 -0.23 2.25 0.64
C MET A 126 0.12 2.04 -0.84
N ILE A 127 0.50 3.12 -1.53
CA ILE A 127 1.16 3.07 -2.85
C ILE A 127 2.67 2.95 -2.63
N HIS A 128 3.36 2.15 -3.44
CA HIS A 128 4.73 1.72 -3.16
C HIS A 128 5.73 1.95 -4.32
N VAL A 129 7.02 2.11 -3.98
CA VAL A 129 8.07 2.75 -4.81
C VAL A 129 8.57 1.83 -5.93
N GLY A 130 9.02 0.61 -5.61
CA GLY A 130 9.08 -0.48 -6.59
C GLY A 130 7.71 -1.16 -6.68
N GLY A 131 7.56 -2.17 -7.55
CA GLY A 131 6.44 -3.10 -7.64
C GLY A 131 6.30 -3.97 -6.39
N ASP A 132 5.89 -5.22 -6.58
CA ASP A 132 5.49 -6.08 -5.48
C ASP A 132 5.72 -7.58 -5.73
N ASN A 133 6.99 -7.94 -5.97
CA ASN A 133 7.43 -9.33 -6.21
C ASN A 133 8.87 -9.62 -5.73
N MET A 134 9.38 -8.80 -4.81
CA MET A 134 10.76 -8.87 -4.30
C MET A 134 11.00 -10.10 -3.42
N SER A 135 12.19 -10.70 -3.52
CA SER A 135 12.67 -11.78 -2.66
C SER A 135 13.31 -11.26 -1.35
N ASP A 136 13.52 -12.17 -0.39
CA ASP A 136 14.16 -11.87 0.89
C ASP A 136 15.67 -11.60 0.74
N GLN A 137 16.18 -10.64 1.52
CA GLN A 137 17.43 -9.94 1.26
C GLN A 137 18.04 -9.47 2.60
N PRO A 138 19.37 -9.23 2.69
CA PRO A 138 20.03 -8.66 3.87
C PRO A 138 19.67 -7.19 4.15
N LYS A 139 18.82 -6.57 3.33
CA LYS A 139 18.06 -5.37 3.68
C LYS A 139 16.55 -5.72 3.64
N PRO A 140 15.75 -5.34 4.67
CA PRO A 140 14.35 -5.73 4.78
C PRO A 140 13.47 -5.07 3.70
N LEU A 141 12.27 -5.62 3.53
CA LEU A 141 11.20 -5.14 2.64
C LEU A 141 11.51 -5.32 1.14
N GLY A 142 12.64 -5.96 0.80
CA GLY A 142 13.11 -6.13 -0.57
C GLY A 142 13.66 -4.83 -1.19
N GLY A 143 13.94 -3.81 -0.38
CA GLY A 143 14.44 -2.49 -0.80
C GLY A 143 13.35 -1.58 -1.39
N GLY A 144 12.59 -2.09 -2.37
CA GLY A 144 11.55 -1.35 -3.10
C GLY A 144 10.16 -1.35 -2.44
N GLY A 145 9.95 -2.17 -1.39
CA GLY A 145 8.68 -2.32 -0.66
C GLY A 145 8.39 -1.18 0.32
N THR A 146 8.66 0.06 -0.09
CA THR A 146 8.51 1.33 0.64
C THR A 146 7.51 2.24 -0.08
N ARG A 147 7.01 3.28 0.60
CA ARG A 147 5.84 4.07 0.15
C ARG A 147 6.14 5.29 -0.76
N TYR A 148 5.28 5.50 -1.77
CA TYR A 148 5.05 6.82 -2.42
C TYR A 148 3.78 7.52 -1.88
N ALA A 149 2.83 6.78 -1.28
CA ALA A 149 1.66 7.36 -0.61
C ALA A 149 1.07 6.44 0.47
N CYS A 150 0.40 7.03 1.46
CA CYS A 150 -0.39 6.34 2.50
C CYS A 150 -1.82 6.04 2.02
N GLY A 151 -2.81 6.00 2.93
CA GLY A 151 -4.22 5.73 2.62
C GLY A 151 -5.02 5.23 3.80
N VAL A 152 -5.47 6.16 4.66
CA VAL A 152 -6.34 5.87 5.82
C VAL A 152 -7.72 5.34 5.39
N ILE A 153 -8.09 4.12 5.80
CA ILE A 153 -9.43 3.57 5.56
C ILE A 153 -10.41 4.15 6.59
N LYS A 154 -11.63 4.51 6.19
CA LYS A 154 -12.61 5.14 7.08
C LYS A 154 -12.99 4.22 8.26
N ALA A 1 -20.03 -3.53 -2.86
CA ALA A 1 -20.19 -2.38 -1.93
C ALA A 1 -18.84 -1.74 -1.66
N SER A 2 -18.81 -0.45 -1.34
CA SER A 2 -17.68 0.39 -1.79
C SER A 2 -17.16 1.36 -0.72
N GLU A 3 -15.92 1.81 -0.88
CA GLU A 3 -15.19 2.65 0.05
C GLU A 3 -14.03 3.32 -0.70
N LYS A 4 -14.06 4.65 -0.81
CA LYS A 4 -13.04 5.41 -1.52
C LYS A 4 -11.89 5.80 -0.57
N VAL A 5 -10.63 5.80 -1.03
CA VAL A 5 -9.50 6.23 -0.22
C VAL A 5 -8.56 7.15 -0.99
N GLY A 6 -8.92 8.44 -0.95
CA GLY A 6 -8.04 9.60 -0.97
C GLY A 6 -6.71 9.36 -0.29
N MET A 7 -5.67 9.39 -1.11
CA MET A 7 -4.27 9.38 -0.67
C MET A 7 -3.61 10.76 -0.70
N ASN A 8 -2.68 10.92 0.23
CA ASN A 8 -1.74 12.04 0.28
C ASN A 8 -0.31 11.56 0.03
N LEU A 9 0.50 12.41 -0.58
CA LEU A 9 1.96 12.25 -0.64
C LEU A 9 2.51 12.27 0.79
N VAL A 10 3.43 11.36 1.10
CA VAL A 10 4.17 11.32 2.37
C VAL A 10 5.66 11.26 2.08
N THR A 11 6.49 11.93 2.90
CA THR A 11 7.94 12.02 2.64
C THR A 11 8.61 12.65 3.85
N ALA A 12 9.05 11.79 4.77
CA ALA A 12 9.69 12.13 6.06
C ALA A 12 8.72 12.73 7.08
N GLN A 13 8.16 13.88 6.76
CA GLN A 13 7.32 14.69 7.64
C GLN A 13 5.84 14.23 7.74
N GLY A 14 5.53 13.02 7.25
CA GLY A 14 4.19 12.45 7.28
C GLY A 14 3.32 12.99 6.16
N VAL A 15 2.01 13.03 6.39
CA VAL A 15 0.96 13.53 5.49
C VAL A 15 1.27 14.95 4.98
N GLY A 16 1.60 15.05 3.69
CA GLY A 16 2.02 16.29 3.03
C GLY A 16 0.90 17.01 2.30
N GLN A 17 0.45 16.45 1.17
CA GLN A 17 -0.57 17.05 0.29
C GLN A 17 -1.16 15.99 -0.68
N SER A 18 -2.40 16.21 -1.11
CA SER A 18 -3.27 15.22 -1.78
C SER A 18 -3.18 15.23 -3.32
N ILE A 19 -3.31 14.06 -3.97
CA ILE A 19 -3.18 13.91 -5.45
C ILE A 19 -4.21 12.96 -6.11
N GLY A 20 -5.17 12.44 -5.36
CA GLY A 20 -6.20 11.53 -5.88
C GLY A 20 -6.68 10.50 -4.86
N THR A 21 -7.68 9.71 -5.25
CA THR A 21 -8.19 8.56 -4.50
C THR A 21 -7.92 7.28 -5.30
N VAL A 22 -7.86 6.14 -4.60
CA VAL A 22 -8.20 4.84 -5.18
C VAL A 22 -9.55 4.41 -4.61
N VAL A 23 -10.45 3.93 -5.47
CA VAL A 23 -11.74 3.40 -5.01
C VAL A 23 -11.65 1.89 -4.76
N ILE A 24 -12.10 1.44 -3.59
CA ILE A 24 -12.27 0.02 -3.29
C ILE A 24 -13.75 -0.34 -3.43
N ASP A 25 -14.05 -1.40 -4.18
CA ASP A 25 -15.38 -2.02 -4.21
C ASP A 25 -15.22 -3.54 -4.08
N GLU A 26 -15.89 -4.13 -3.08
CA GLU A 26 -15.78 -5.57 -2.82
C GLU A 26 -16.65 -6.40 -3.78
N THR A 27 -16.30 -7.68 -3.93
CA THR A 27 -17.14 -8.69 -4.60
C THR A 27 -16.75 -10.09 -4.11
N GLU A 28 -17.46 -11.08 -4.62
CA GLU A 28 -17.24 -12.51 -4.41
C GLU A 28 -15.90 -13.01 -4.99
N GLY A 29 -15.24 -12.19 -5.81
CA GLY A 29 -13.83 -12.32 -6.23
C GLY A 29 -12.84 -11.37 -5.53
N GLY A 30 -13.33 -10.67 -4.51
CA GLY A 30 -12.66 -9.80 -3.53
C GLY A 30 -12.54 -8.32 -3.86
N LEU A 31 -11.65 -7.63 -3.15
CA LEU A 31 -11.49 -6.17 -3.20
C LEU A 31 -10.99 -5.70 -4.58
N LYS A 32 -11.86 -5.06 -5.36
CA LYS A 32 -11.53 -4.44 -6.63
C LYS A 32 -11.03 -2.99 -6.40
N PHE A 33 -9.73 -2.78 -6.61
CA PHE A 33 -8.99 -1.53 -6.41
C PHE A 33 -8.94 -0.76 -7.76
N THR A 34 -9.61 0.42 -7.88
CA THR A 34 -9.66 1.16 -9.16
C THR A 34 -9.05 2.55 -8.94
N PRO A 35 -7.88 2.86 -9.53
CA PRO A 35 -7.14 4.08 -9.24
C PRO A 35 -7.57 5.27 -10.10
N HIS A 36 -7.44 6.49 -9.56
CA HIS A 36 -7.63 7.72 -10.33
C HIS A 36 -6.72 8.88 -9.84
N LEU A 37 -5.45 8.56 -9.55
CA LEU A 37 -4.41 9.51 -9.10
C LEU A 37 -3.47 9.94 -10.21
N LYS A 38 -2.88 11.09 -9.96
CA LYS A 38 -1.87 11.74 -10.79
C LYS A 38 -0.69 12.14 -9.92
N ALA A 39 0.39 12.48 -10.60
CA ALA A 39 1.64 13.06 -10.10
C ALA A 39 2.63 12.01 -9.54
N LEU A 40 2.46 10.73 -9.91
CA LEU A 40 3.40 9.66 -9.54
C LEU A 40 4.47 9.50 -10.61
N PRO A 41 5.58 8.81 -10.32
CA PRO A 41 6.46 8.36 -11.36
C PRO A 41 5.76 7.39 -12.32
N PRO A 42 6.07 7.40 -13.63
CA PRO A 42 5.18 6.99 -14.73
C PRO A 42 5.19 5.48 -15.03
N GLY A 43 5.55 4.68 -14.01
CA GLY A 43 5.75 3.24 -14.10
C GLY A 43 4.80 2.36 -13.26
N GLU A 44 5.38 1.30 -12.69
CA GLU A 44 4.74 0.28 -11.84
C GLU A 44 4.94 0.60 -10.35
N HIS A 45 3.93 0.37 -9.51
CA HIS A 45 3.90 0.77 -8.10
C HIS A 45 3.38 -0.35 -7.21
N GLY A 46 3.99 -0.60 -6.05
CA GLY A 46 3.52 -1.65 -5.13
C GLY A 46 2.22 -1.26 -4.43
N PHE A 47 1.45 -2.23 -3.96
CA PHE A 47 0.25 -2.03 -3.14
C PHE A 47 0.36 -2.94 -1.91
N HIS A 48 0.51 -2.37 -0.71
CA HIS A 48 0.31 -3.15 0.54
C HIS A 48 -0.84 -2.60 1.42
N ILE A 49 -1.31 -3.44 2.35
CA ILE A 49 -2.07 -3.05 3.55
C ILE A 49 -1.13 -3.18 4.75
N HIS A 50 -1.13 -2.18 5.62
CA HIS A 50 -0.45 -2.24 6.93
C HIS A 50 -1.50 -2.16 8.06
N ALA A 51 -1.14 -2.62 9.28
CA ALA A 51 -2.12 -2.99 10.31
C ALA A 51 -3.00 -1.85 10.83
N ASN A 52 -2.47 -0.63 10.94
CA ASN A 52 -3.15 0.51 11.55
C ASN A 52 -3.31 1.70 10.58
N GLY A 53 -4.44 2.41 10.68
CA GLY A 53 -4.84 3.53 9.81
C GLY A 53 -4.11 4.84 10.08
N SER A 54 -2.78 4.90 9.92
CA SER A 54 -1.98 6.11 10.20
C SER A 54 -0.57 6.15 9.58
N CYS A 55 -0.41 6.67 8.36
CA CYS A 55 0.92 7.01 7.82
C CYS A 55 1.48 8.29 8.45
N GLN A 56 1.94 8.18 9.71
CA GLN A 56 2.60 9.25 10.44
C GLN A 56 4.00 8.79 10.90
N PRO A 57 5.00 9.71 10.92
CA PRO A 57 6.40 9.34 11.06
C PRO A 57 6.84 9.19 12.52
N ALA A 58 7.99 8.52 12.70
CA ALA A 58 8.80 8.58 13.92
C ALA A 58 10.08 9.35 13.63
N ILE A 59 10.42 10.35 14.44
CA ILE A 59 11.65 11.18 14.28
C ILE A 59 12.80 10.56 15.07
N LYS A 60 12.86 9.23 15.06
CA LYS A 60 13.70 8.41 15.92
C LYS A 60 15.19 8.64 15.60
N ASP A 61 15.99 8.90 16.64
CA ASP A 61 17.42 9.21 16.53
C ASP A 61 17.73 10.43 15.65
N GLY A 62 16.76 11.33 15.45
CA GLY A 62 16.92 12.56 14.67
C GLY A 62 16.71 12.41 13.16
N GLN A 63 16.20 11.26 12.70
CA GLN A 63 15.82 11.07 11.29
C GLN A 63 14.37 10.60 11.18
N ALA A 64 13.61 11.20 10.26
CA ALA A 64 12.16 11.04 10.19
C ALA A 64 11.77 9.81 9.34
N VAL A 65 11.53 8.69 10.03
CA VAL A 65 11.03 7.42 9.47
C VAL A 65 9.57 7.64 9.04
N ALA A 66 9.37 7.94 7.76
CA ALA A 66 8.22 8.63 7.15
C ALA A 66 6.78 8.23 7.55
N ALA A 67 6.53 7.00 8.00
CA ALA A 67 5.17 6.46 8.18
C ALA A 67 5.09 5.18 9.05
N GLU A 68 5.91 5.10 10.11
CA GLU A 68 6.00 3.94 11.00
C GLU A 68 4.67 3.61 11.71
N ALA A 69 3.85 4.61 12.04
CA ALA A 69 2.59 4.43 12.79
C ALA A 69 1.49 3.60 12.05
N ALA A 70 1.80 3.14 10.82
CA ALA A 70 0.93 2.28 10.02
C ALA A 70 0.95 0.80 10.45
N GLY A 71 1.87 0.36 11.32
CA GLY A 71 1.73 -0.93 12.02
C GLY A 71 2.29 -2.18 11.31
N GLY A 72 3.37 -2.05 10.52
CA GLY A 72 4.03 -3.20 9.87
C GLY A 72 3.23 -3.85 8.75
N HIS A 73 3.76 -4.92 8.14
CA HIS A 73 3.12 -5.65 7.01
C HIS A 73 1.94 -6.57 7.39
N LEU A 74 1.29 -6.32 8.55
CA LEU A 74 0.06 -7.00 8.98
C LEU A 74 0.29 -8.51 9.23
N ASP A 75 1.48 -8.85 9.75
CA ASP A 75 2.08 -10.20 9.72
C ASP A 75 2.46 -10.82 11.09
N PRO A 76 1.57 -10.83 12.11
CA PRO A 76 1.87 -11.43 13.42
C PRO A 76 2.05 -12.96 13.35
N GLN A 77 1.39 -13.64 12.40
CA GLN A 77 1.28 -15.10 12.37
C GLN A 77 1.72 -15.68 11.00
N ASN A 78 2.72 -15.08 10.35
CA ASN A 78 3.34 -15.57 9.10
C ASN A 78 4.84 -15.86 9.30
N THR A 79 5.68 -15.80 8.25
CA THR A 79 7.16 -15.94 8.31
C THR A 79 7.89 -14.62 8.55
N GLY A 80 7.28 -13.49 8.17
CA GLY A 80 7.83 -12.14 8.38
C GLY A 80 8.84 -11.70 7.31
N LYS A 81 9.16 -12.54 6.32
CA LYS A 81 10.27 -12.32 5.36
C LYS A 81 9.86 -11.72 3.99
N HIS A 82 8.61 -11.29 3.81
CA HIS A 82 8.05 -10.70 2.58
C HIS A 82 7.93 -11.73 1.42
N GLU A 83 7.23 -11.40 0.32
CA GLU A 83 6.52 -12.43 -0.48
C GLU A 83 6.40 -12.09 -1.98
N GLY A 84 6.25 -13.14 -2.80
CA GLY A 84 6.09 -13.08 -4.26
C GLY A 84 5.30 -14.28 -4.83
N PRO A 85 5.50 -14.66 -6.11
CA PRO A 85 4.90 -15.87 -6.70
C PRO A 85 5.56 -17.17 -6.21
N GLU A 86 6.67 -17.06 -5.47
CA GLU A 86 7.29 -18.11 -4.68
C GLU A 86 7.72 -17.52 -3.32
N GLY A 87 7.97 -18.39 -2.34
CA GLY A 87 8.24 -18.01 -0.95
C GLY A 87 6.99 -18.04 -0.07
N GLN A 88 7.05 -17.32 1.05
CA GLN A 88 5.95 -16.98 1.96
C GLN A 88 6.49 -15.88 2.87
N GLY A 89 5.70 -14.82 3.14
CA GLY A 89 6.14 -13.63 3.86
C GLY A 89 5.08 -13.01 4.75
N HIS A 90 4.10 -12.36 4.12
CA HIS A 90 3.03 -11.55 4.73
C HIS A 90 1.76 -11.58 3.86
N LEU A 91 0.61 -11.96 4.43
CA LEU A 91 -0.67 -11.91 3.71
C LEU A 91 -1.11 -10.49 3.28
N GLY A 92 -0.56 -9.44 3.90
CA GLY A 92 -0.83 -8.03 3.64
C GLY A 92 -0.08 -7.40 2.44
N ASP A 93 0.62 -8.20 1.64
CA ASP A 93 1.16 -7.80 0.34
C ASP A 93 0.14 -8.07 -0.81
N LEU A 94 0.02 -7.15 -1.78
CA LEU A 94 -0.97 -7.14 -2.87
C LEU A 94 -0.27 -6.83 -4.24
N PRO A 95 -0.89 -7.09 -5.41
CA PRO A 95 -0.24 -6.98 -6.71
C PRO A 95 -0.15 -5.52 -7.19
N VAL A 96 0.74 -5.26 -8.16
CA VAL A 96 1.20 -3.90 -8.49
C VAL A 96 0.17 -3.03 -9.22
N LEU A 97 0.19 -1.75 -8.85
CA LEU A 97 -0.61 -0.63 -9.31
C LEU A 97 0.15 0.08 -10.44
N VAL A 98 -0.29 -0.06 -11.69
CA VAL A 98 0.39 0.54 -12.85
C VAL A 98 -0.18 1.93 -13.16
N VAL A 99 0.70 2.89 -13.47
CA VAL A 99 0.32 4.17 -14.12
C VAL A 99 0.81 4.19 -15.57
N ASN A 100 0.24 5.06 -16.39
CA ASN A 100 0.66 5.27 -17.77
C ASN A 100 1.81 6.31 -17.85
N ASN A 101 2.52 6.38 -18.99
CA ASN A 101 3.86 7.01 -19.12
C ASN A 101 3.96 8.53 -18.82
N ASP A 102 2.87 9.16 -18.37
CA ASP A 102 2.74 10.56 -17.97
C ASP A 102 2.68 10.75 -16.43
N GLY A 103 2.52 9.66 -15.66
CA GLY A 103 2.42 9.72 -14.18
C GLY A 103 1.00 9.70 -13.64
N ILE A 104 0.05 9.15 -14.40
CA ILE A 104 -1.39 9.11 -14.05
C ILE A 104 -1.92 7.67 -14.11
N ALA A 105 -2.60 7.28 -13.03
CA ALA A 105 -3.09 5.93 -12.75
C ALA A 105 -4.51 5.70 -13.31
N THR A 106 -4.78 4.45 -13.72
CA THR A 106 -6.07 4.01 -14.29
C THR A 106 -6.20 2.49 -14.42
N GLU A 107 -5.09 1.75 -14.45
CA GLU A 107 -5.07 0.28 -14.50
C GLU A 107 -5.56 -0.31 -13.15
N PRO A 108 -6.69 -1.06 -13.12
CA PRO A 108 -7.23 -1.64 -11.88
C PRO A 108 -6.58 -2.98 -11.53
N VAL A 109 -6.75 -3.41 -10.28
CA VAL A 109 -6.38 -4.75 -9.79
C VAL A 109 -7.43 -5.26 -8.78
N THR A 110 -7.47 -6.58 -8.54
CA THR A 110 -8.35 -7.21 -7.54
C THR A 110 -7.54 -8.03 -6.55
N ALA A 111 -7.90 -7.98 -5.28
CA ALA A 111 -7.30 -8.78 -4.22
C ALA A 111 -8.29 -9.86 -3.72
N PRO A 112 -8.21 -11.12 -4.20
CA PRO A 112 -9.14 -12.19 -3.84
C PRO A 112 -8.94 -12.77 -2.43
N ARG A 113 -7.96 -12.27 -1.68
CA ARG A 113 -7.62 -12.70 -0.32
C ARG A 113 -8.43 -11.94 0.76
N LEU A 114 -9.27 -10.99 0.33
CA LEU A 114 -10.15 -10.14 1.14
C LEU A 114 -11.45 -9.98 0.35
N LYS A 115 -12.60 -10.35 0.92
CA LYS A 115 -13.92 -10.30 0.27
C LYS A 115 -14.91 -9.32 0.92
N SER A 116 -14.48 -8.53 1.91
CA SER A 116 -15.31 -7.51 2.55
C SER A 116 -14.50 -6.30 3.06
N LEU A 117 -15.11 -5.12 3.08
CA LEU A 117 -14.54 -3.95 3.74
C LEU A 117 -14.38 -4.14 5.25
N ASP A 118 -15.20 -4.96 5.92
CA ASP A 118 -15.11 -5.14 7.37
C ASP A 118 -13.81 -5.81 7.84
N GLU A 119 -13.10 -6.48 6.92
CA GLU A 119 -11.76 -7.03 7.15
C GLU A 119 -10.68 -5.94 7.24
N VAL A 120 -10.97 -4.73 6.72
CA VAL A 120 -10.00 -3.64 6.54
C VAL A 120 -10.45 -2.29 7.11
N LYS A 121 -11.59 -2.24 7.83
CA LYS A 121 -12.25 -1.02 8.36
C LYS A 121 -11.46 -0.19 9.41
N ASP A 122 -10.21 -0.55 9.69
CA ASP A 122 -9.30 0.08 10.68
C ASP A 122 -7.85 0.26 10.13
N LYS A 123 -7.60 -0.15 8.88
CA LYS A 123 -6.26 -0.29 8.27
C LYS A 123 -5.84 0.95 7.44
N ALA A 124 -4.57 0.97 7.02
CA ALA A 124 -4.05 1.88 5.98
C ALA A 124 -3.75 1.15 4.65
N LEU A 125 -3.88 1.86 3.53
CA LEU A 125 -3.60 1.42 2.16
C LEU A 125 -2.56 2.38 1.57
N MET A 126 -1.58 1.90 0.81
CA MET A 126 -0.59 2.81 0.18
C MET A 126 -0.16 2.38 -1.22
N ILE A 127 0.13 3.37 -2.06
CA ILE A 127 0.82 3.21 -3.35
C ILE A 127 2.31 3.43 -3.13
N HIS A 128 3.08 2.40 -3.43
CA HIS A 128 4.49 2.26 -3.10
C HIS A 128 5.40 2.63 -4.29
N VAL A 129 6.60 3.17 -4.01
CA VAL A 129 7.36 3.97 -5.01
C VAL A 129 7.70 3.17 -6.27
N GLY A 130 8.18 1.93 -6.11
CA GLY A 130 8.26 0.92 -7.16
C GLY A 130 7.31 -0.25 -6.87
N GLY A 131 7.13 -1.13 -7.86
CA GLY A 131 6.44 -2.42 -7.76
C GLY A 131 7.15 -3.42 -6.84
N ASP A 132 6.62 -4.64 -6.80
CA ASP A 132 6.96 -5.65 -5.79
C ASP A 132 6.60 -7.08 -6.24
N ASN A 133 7.14 -8.06 -5.51
CA ASN A 133 7.06 -9.53 -5.59
C ASN A 133 8.25 -10.21 -4.85
N MET A 134 8.87 -9.53 -3.89
CA MET A 134 10.18 -9.91 -3.34
C MET A 134 10.05 -10.80 -2.10
N SER A 135 10.33 -12.09 -2.22
CA SER A 135 10.47 -13.02 -1.10
C SER A 135 11.90 -13.17 -0.58
N ASP A 136 12.05 -13.63 0.68
CA ASP A 136 13.24 -14.33 1.22
C ASP A 136 14.55 -13.51 1.29
N GLN A 137 14.46 -12.16 1.25
CA GLN A 137 15.64 -11.29 1.15
C GLN A 137 16.22 -10.88 2.53
N PRO A 138 17.52 -10.49 2.62
CA PRO A 138 18.16 -10.06 3.87
C PRO A 138 17.92 -8.58 4.22
N LYS A 139 17.59 -7.72 3.25
CA LYS A 139 17.10 -6.36 3.49
C LYS A 139 15.58 -6.34 3.28
N PRO A 140 14.75 -6.48 4.34
CA PRO A 140 13.34 -6.81 4.20
C PRO A 140 12.57 -5.68 3.51
N LEU A 141 11.59 -6.09 2.69
CA LEU A 141 10.75 -5.29 1.80
C LEU A 141 11.48 -4.86 0.51
N GLY A 142 12.80 -5.05 0.40
CA GLY A 142 13.58 -4.86 -0.83
C GLY A 142 13.59 -3.45 -1.42
N GLY A 143 13.18 -2.44 -0.62
CA GLY A 143 12.94 -1.06 -1.07
C GLY A 143 11.49 -0.80 -1.51
N GLY A 144 10.74 -1.84 -1.87
CA GLY A 144 9.31 -1.78 -2.24
C GLY A 144 8.37 -1.42 -1.08
N GLY A 145 8.89 -1.37 0.16
CA GLY A 145 8.19 -0.84 1.34
C GLY A 145 8.13 0.70 1.41
N THR A 146 8.79 1.42 0.48
CA THR A 146 8.71 2.89 0.39
C THR A 146 7.38 3.31 -0.22
N ARG A 147 6.70 4.29 0.40
CA ARG A 147 5.41 4.81 -0.06
C ARG A 147 5.61 6.08 -0.87
N TYR A 148 4.92 6.22 -2.01
CA TYR A 148 4.77 7.51 -2.69
C TYR A 148 3.49 8.22 -2.21
N ALA A 149 2.40 7.48 -2.00
CA ALA A 149 1.14 8.00 -1.50
C ALA A 149 0.47 7.04 -0.50
N CYS A 150 0.01 7.56 0.63
CA CYS A 150 -0.66 6.85 1.73
C CYS A 150 -2.11 7.30 1.88
N GLY A 151 -3.00 6.37 2.26
CA GLY A 151 -4.41 6.62 2.58
C GLY A 151 -4.93 5.73 3.71
N VAL A 152 -6.11 6.06 4.23
CA VAL A 152 -6.69 5.46 5.45
C VAL A 152 -8.18 5.15 5.22
N ILE A 153 -8.65 4.02 5.75
CA ILE A 153 -10.02 3.51 5.57
C ILE A 153 -10.95 4.07 6.67
N LYS A 154 -12.21 4.37 6.32
CA LYS A 154 -13.21 4.96 7.22
C LYS A 154 -14.62 4.48 6.87
N ALA A 1 -20.32 -3.63 -1.47
CA ALA A 1 -19.80 -2.61 -0.54
C ALA A 1 -18.55 -1.95 -1.10
N SER A 2 -18.36 -0.66 -0.85
CA SER A 2 -17.29 0.15 -1.44
C SER A 2 -16.85 1.25 -0.47
N GLU A 3 -15.58 1.64 -0.54
CA GLU A 3 -15.03 2.78 0.17
C GLU A 3 -13.89 3.41 -0.63
N LYS A 4 -13.94 4.73 -0.77
CA LYS A 4 -12.96 5.52 -1.52
C LYS A 4 -11.78 5.95 -0.62
N VAL A 5 -10.58 5.39 -0.83
CA VAL A 5 -9.44 5.56 0.09
C VAL A 5 -8.70 6.82 -0.29
N GLY A 6 -8.88 7.85 0.54
CA GLY A 6 -8.13 9.09 0.55
C GLY A 6 -6.65 8.80 0.79
N MET A 7 -5.87 8.98 -0.27
CA MET A 7 -4.41 8.84 -0.28
C MET A 7 -3.69 10.18 -0.42
N ASN A 8 -2.46 10.25 0.08
CA ASN A 8 -1.68 11.46 0.26
C ASN A 8 -0.18 11.21 0.05
N LEU A 9 0.56 12.22 -0.42
CA LEU A 9 1.99 12.15 -0.73
C LEU A 9 2.85 12.23 0.54
N VAL A 10 2.74 11.22 1.40
CA VAL A 10 3.51 11.12 2.66
C VAL A 10 5.00 10.92 2.40
N THR A 11 5.86 11.51 3.25
CA THR A 11 7.33 11.46 3.13
C THR A 11 8.00 12.08 4.35
N ALA A 12 7.95 11.38 5.49
CA ALA A 12 8.64 11.69 6.76
C ALA A 12 8.12 12.96 7.47
N GLN A 13 7.43 13.84 6.75
CA GLN A 13 6.59 14.92 7.27
C GLN A 13 5.34 14.33 7.96
N GLY A 14 4.89 13.16 7.50
CA GLY A 14 3.52 12.68 7.59
C GLY A 14 2.73 13.05 6.34
N VAL A 15 1.40 13.06 6.46
CA VAL A 15 0.44 13.66 5.51
C VAL A 15 0.89 15.07 5.07
N GLY A 16 0.97 15.31 3.74
CA GLY A 16 1.49 16.54 3.12
C GLY A 16 0.53 17.20 2.14
N GLN A 17 0.26 16.56 0.99
CA GLN A 17 -0.77 16.96 0.02
C GLN A 17 -1.24 15.75 -0.79
N SER A 18 -2.41 15.81 -1.42
CA SER A 18 -2.92 14.72 -2.27
C SER A 18 -2.90 15.06 -3.77
N ILE A 19 -3.20 14.06 -4.59
CA ILE A 19 -3.18 14.04 -6.07
C ILE A 19 -4.20 13.04 -6.67
N GLY A 20 -5.04 12.43 -5.83
CA GLY A 20 -5.78 11.22 -6.15
C GLY A 20 -6.14 10.36 -4.93
N THR A 21 -7.15 9.51 -5.12
CA THR A 21 -7.61 8.49 -4.16
C THR A 21 -7.62 7.16 -4.92
N VAL A 22 -8.03 6.10 -4.25
CA VAL A 22 -8.31 4.81 -4.89
C VAL A 22 -9.64 4.29 -4.38
N VAL A 23 -10.56 3.96 -5.27
CA VAL A 23 -11.79 3.25 -4.86
C VAL A 23 -11.49 1.79 -4.57
N ILE A 24 -11.85 1.34 -3.37
CA ILE A 24 -11.96 -0.08 -3.04
C ILE A 24 -13.43 -0.49 -3.15
N ASP A 25 -13.68 -1.58 -3.84
CA ASP A 25 -15.01 -2.16 -4.03
C ASP A 25 -14.89 -3.68 -3.94
N GLU A 26 -15.62 -4.30 -3.02
CA GLU A 26 -15.40 -5.73 -2.69
C GLU A 26 -16.29 -6.66 -3.54
N THR A 27 -15.81 -7.88 -3.80
CA THR A 27 -16.53 -8.87 -4.61
C THR A 27 -16.10 -10.28 -4.23
N GLU A 28 -16.69 -11.29 -4.88
CA GLU A 28 -16.33 -12.70 -4.74
C GLU A 28 -14.86 -12.95 -5.15
N GLY A 29 -14.37 -12.15 -6.11
CA GLY A 29 -12.95 -12.05 -6.49
C GLY A 29 -12.13 -11.06 -5.64
N GLY A 30 -12.68 -10.62 -4.51
CA GLY A 30 -12.02 -9.85 -3.45
C GLY A 30 -12.04 -8.34 -3.62
N LEU A 31 -11.00 -7.66 -3.13
CA LEU A 31 -10.92 -6.19 -3.14
C LEU A 31 -10.53 -5.67 -4.52
N LYS A 32 -11.50 -5.19 -5.29
CA LYS A 32 -11.29 -4.48 -6.55
C LYS A 32 -10.80 -3.05 -6.27
N PHE A 33 -9.56 -2.79 -6.64
CA PHE A 33 -8.81 -1.56 -6.47
C PHE A 33 -8.86 -0.78 -7.81
N THR A 34 -9.60 0.34 -7.91
CA THR A 34 -9.60 1.12 -9.17
C THR A 34 -8.88 2.44 -8.89
N PRO A 35 -7.63 2.61 -9.36
CA PRO A 35 -6.79 3.75 -9.00
C PRO A 35 -7.18 4.99 -9.79
N HIS A 36 -6.93 6.16 -9.23
CA HIS A 36 -7.22 7.43 -9.88
C HIS A 36 -6.31 8.56 -9.34
N LEU A 37 -4.99 8.40 -9.57
CA LEU A 37 -3.91 9.33 -9.19
C LEU A 37 -3.05 9.72 -10.40
N LYS A 38 -2.62 10.98 -10.49
CA LYS A 38 -2.19 11.64 -11.73
C LYS A 38 -0.82 12.37 -11.74
N ALA A 39 0.08 12.02 -10.83
CA ALA A 39 1.36 12.75 -10.67
C ALA A 39 2.58 11.87 -10.33
N LEU A 40 2.51 10.56 -10.60
CA LEU A 40 3.53 9.59 -10.16
C LEU A 40 4.58 9.38 -11.23
N PRO A 41 5.73 8.77 -10.90
CA PRO A 41 6.59 8.25 -11.91
C PRO A 41 5.89 7.08 -12.64
N PRO A 42 5.88 7.08 -13.99
CA PRO A 42 4.79 6.53 -14.81
C PRO A 42 4.99 5.04 -15.11
N GLY A 43 5.58 4.33 -14.15
CA GLY A 43 5.91 2.90 -14.22
C GLY A 43 4.89 2.01 -13.51
N GLU A 44 5.44 1.25 -12.58
CA GLU A 44 4.73 0.31 -11.70
C GLU A 44 5.21 0.48 -10.26
N HIS A 45 4.27 0.35 -9.31
CA HIS A 45 4.50 0.61 -7.88
C HIS A 45 3.89 -0.49 -7.01
N GLY A 46 4.52 -0.84 -5.88
CA GLY A 46 3.93 -1.72 -4.88
C GLY A 46 2.61 -1.17 -4.31
N PHE A 47 1.75 -2.05 -3.77
CA PHE A 47 0.57 -1.68 -2.99
C PHE A 47 0.38 -2.74 -1.90
N HIS A 48 0.40 -2.36 -0.62
CA HIS A 48 -0.12 -3.23 0.46
C HIS A 48 -1.08 -2.56 1.47
N ILE A 49 -1.78 -3.40 2.25
CA ILE A 49 -2.43 -3.04 3.52
C ILE A 49 -1.44 -3.27 4.68
N HIS A 50 -1.48 -2.42 5.70
CA HIS A 50 -0.63 -2.42 6.89
C HIS A 50 -1.47 -2.39 8.19
N ALA A 51 -0.82 -2.59 9.34
CA ALA A 51 -1.48 -3.01 10.59
C ALA A 51 -2.25 -1.93 11.37
N ASN A 52 -1.81 -0.67 11.31
CA ASN A 52 -2.37 0.45 12.08
C ASN A 52 -3.10 1.45 11.15
N GLY A 53 -3.27 2.71 11.58
CA GLY A 53 -4.34 3.60 11.12
C GLY A 53 -3.99 4.61 10.01
N SER A 54 -2.75 5.08 9.88
CA SER A 54 -2.39 6.16 8.93
C SER A 54 -0.92 6.60 9.01
N CYS A 55 -0.28 6.87 7.87
CA CYS A 55 1.13 7.24 7.73
C CYS A 55 1.57 8.59 8.33
N GLN A 56 1.54 8.71 9.66
CA GLN A 56 2.29 9.72 10.39
C GLN A 56 3.65 9.17 10.87
N PRO A 57 4.69 10.03 11.04
CA PRO A 57 6.07 9.61 11.24
C PRO A 57 6.43 9.44 12.72
N ALA A 58 7.68 9.02 12.99
CA ALA A 58 8.26 8.92 14.32
C ALA A 58 9.75 9.34 14.29
N ILE A 59 10.26 9.94 15.37
CA ILE A 59 11.62 10.50 15.44
C ILE A 59 12.56 9.57 16.23
N LYS A 60 13.70 9.19 15.64
CA LYS A 60 14.80 8.41 16.21
C LYS A 60 16.10 8.58 15.38
N ASP A 61 17.28 8.37 15.97
CA ASP A 61 18.57 8.22 15.27
C ASP A 61 18.91 9.35 14.26
N GLY A 62 18.56 10.59 14.59
CA GLY A 62 18.81 11.75 13.72
C GLY A 62 17.89 11.84 12.50
N GLN A 63 16.76 11.13 12.49
CA GLN A 63 15.83 11.08 11.36
C GLN A 63 14.36 10.93 11.78
N ALA A 64 13.47 11.36 10.89
CA ALA A 64 12.06 11.02 10.95
C ALA A 64 11.80 9.76 10.09
N VAL A 65 11.27 8.72 10.71
CA VAL A 65 10.79 7.51 10.04
C VAL A 65 9.71 7.91 9.03
N ALA A 66 9.82 7.40 7.79
CA ALA A 66 8.97 7.78 6.65
C ALA A 66 7.46 7.78 6.97
N ALA A 67 7.01 6.82 7.78
CA ALA A 67 5.65 6.63 8.31
C ALA A 67 5.60 5.38 9.20
N GLU A 68 5.19 5.50 10.47
CA GLU A 68 5.10 4.40 11.45
C GLU A 68 3.68 4.22 12.00
N ALA A 69 2.85 5.27 12.08
CA ALA A 69 1.46 5.15 12.57
C ALA A 69 0.51 4.39 11.61
N ALA A 70 1.01 3.94 10.45
CA ALA A 70 0.39 2.95 9.58
C ALA A 70 0.74 1.51 9.96
N GLY A 71 1.79 1.27 10.75
CA GLY A 71 2.19 -0.03 11.29
C GLY A 71 3.02 -0.88 10.33
N GLY A 72 3.40 -2.07 10.81
CA GLY A 72 4.12 -3.07 10.03
C GLY A 72 3.24 -3.78 9.00
N HIS A 73 3.80 -4.80 8.35
CA HIS A 73 3.19 -5.57 7.25
C HIS A 73 1.95 -6.42 7.62
N LEU A 74 1.21 -6.09 8.69
CA LEU A 74 -0.03 -6.77 9.10
C LEU A 74 0.21 -8.29 9.21
N ASP A 75 1.27 -8.66 9.92
CA ASP A 75 1.75 -10.03 9.99
C ASP A 75 2.49 -10.34 11.31
N PRO A 76 1.91 -11.17 12.19
CA PRO A 76 2.57 -11.60 13.42
C PRO A 76 3.35 -12.92 13.27
N GLN A 77 3.10 -13.75 12.24
CA GLN A 77 3.54 -15.17 12.21
C GLN A 77 3.60 -15.82 10.82
N ASN A 78 2.89 -15.34 9.80
CA ASN A 78 2.76 -16.00 8.49
C ASN A 78 4.12 -16.08 7.74
N THR A 79 4.93 -15.02 7.89
CA THR A 79 6.27 -14.83 7.30
C THR A 79 7.01 -13.67 7.99
N GLY A 80 6.28 -12.66 8.47
CA GLY A 80 6.82 -11.45 9.11
C GLY A 80 7.17 -10.35 8.11
N LYS A 81 6.74 -10.51 6.85
CA LYS A 81 7.19 -9.74 5.68
C LYS A 81 6.29 -9.95 4.44
N HIS A 82 6.72 -10.71 3.42
CA HIS A 82 6.11 -10.64 2.09
C HIS A 82 6.39 -11.84 1.17
N GLU A 83 5.37 -12.23 0.39
CA GLU A 83 5.48 -13.27 -0.64
C GLU A 83 6.19 -12.79 -1.91
N GLY A 84 6.87 -13.73 -2.59
CA GLY A 84 7.20 -13.66 -4.01
C GLY A 84 6.13 -14.38 -4.85
N PRO A 85 6.46 -15.05 -5.97
CA PRO A 85 5.50 -15.80 -6.80
C PRO A 85 4.98 -17.11 -6.16
N GLU A 86 5.13 -17.26 -4.84
CA GLU A 86 5.16 -18.54 -4.12
C GLU A 86 4.09 -18.66 -3.01
N GLY A 87 3.41 -17.57 -2.63
CA GLY A 87 2.24 -17.59 -1.73
C GLY A 87 2.50 -17.49 -0.22
N GLN A 88 3.76 -17.54 0.23
CA GLN A 88 4.14 -17.39 1.64
C GLN A 88 4.10 -15.90 2.02
N GLY A 89 2.91 -15.37 2.35
CA GLY A 89 2.66 -13.94 2.50
C GLY A 89 1.81 -13.56 3.70
N HIS A 90 1.52 -12.26 3.81
CA HIS A 90 0.54 -11.73 4.75
C HIS A 90 -0.86 -11.61 4.10
N LEU A 91 -1.93 -11.58 4.90
CA LEU A 91 -3.32 -11.49 4.39
C LEU A 91 -3.65 -10.20 3.62
N GLY A 92 -2.75 -9.21 3.65
CA GLY A 92 -2.80 -7.96 2.89
C GLY A 92 -1.66 -7.81 1.87
N ASP A 93 -1.01 -8.92 1.48
CA ASP A 93 -0.14 -8.98 0.31
C ASP A 93 -1.00 -8.97 -0.97
N LEU A 94 -0.58 -8.17 -1.95
CA LEU A 94 -1.46 -7.46 -2.90
C LEU A 94 -0.71 -7.21 -4.23
N PRO A 95 -1.42 -6.94 -5.35
CA PRO A 95 -0.84 -6.74 -6.67
C PRO A 95 -0.27 -5.32 -6.83
N VAL A 96 0.49 -5.08 -7.90
CA VAL A 96 1.15 -3.77 -8.14
C VAL A 96 0.21 -2.73 -8.78
N LEU A 97 0.39 -1.50 -8.34
CA LEU A 97 -0.20 -0.25 -8.81
C LEU A 97 0.47 0.17 -10.13
N VAL A 98 -0.11 -0.25 -11.26
CA VAL A 98 0.37 0.14 -12.60
C VAL A 98 -0.04 1.59 -12.92
N VAL A 99 0.89 2.34 -13.51
CA VAL A 99 0.77 3.75 -13.91
C VAL A 99 1.12 3.81 -15.41
N ASN A 100 0.46 4.67 -16.18
CA ASN A 100 0.81 4.86 -17.60
C ASN A 100 1.70 6.10 -17.80
N ASN A 101 2.34 6.21 -18.97
CA ASN A 101 3.38 7.16 -19.41
C ASN A 101 3.22 8.65 -18.97
N ASP A 102 2.02 9.11 -18.66
CA ASP A 102 1.69 10.49 -18.26
C ASP A 102 2.08 10.79 -16.79
N GLY A 103 2.17 9.72 -15.99
CA GLY A 103 2.14 9.75 -14.52
C GLY A 103 0.75 9.46 -13.95
N ILE A 104 -0.16 8.90 -14.75
CA ILE A 104 -1.56 8.63 -14.39
C ILE A 104 -1.82 7.13 -14.27
N ALA A 105 -2.23 6.69 -13.09
CA ALA A 105 -2.78 5.35 -12.83
C ALA A 105 -4.30 5.38 -12.93
N THR A 106 -4.87 4.48 -13.75
CA THR A 106 -6.31 4.41 -14.05
C THR A 106 -6.83 3.05 -14.52
N GLU A 107 -6.01 1.99 -14.52
CA GLU A 107 -6.46 0.61 -14.79
C GLU A 107 -6.82 -0.11 -13.48
N PRO A 108 -7.95 -0.85 -13.41
CA PRO A 108 -8.35 -1.61 -12.25
C PRO A 108 -7.44 -2.80 -11.98
N VAL A 109 -7.18 -3.06 -10.70
CA VAL A 109 -6.45 -4.22 -10.15
C VAL A 109 -7.33 -4.87 -9.08
N THR A 110 -7.06 -6.12 -8.65
CA THR A 110 -7.90 -6.80 -7.65
C THR A 110 -7.07 -7.71 -6.77
N ALA A 111 -7.36 -7.73 -5.47
CA ALA A 111 -6.82 -8.70 -4.51
C ALA A 111 -7.85 -9.80 -4.14
N PRO A 112 -7.85 -10.97 -4.81
CA PRO A 112 -8.66 -12.14 -4.45
C PRO A 112 -8.19 -12.85 -3.18
N ARG A 113 -7.05 -12.42 -2.62
CA ARG A 113 -6.48 -12.90 -1.34
C ARG A 113 -7.28 -12.39 -0.12
N LEU A 114 -8.24 -11.49 -0.36
CA LEU A 114 -9.25 -10.99 0.59
C LEU A 114 -10.66 -11.21 0.00
N LYS A 115 -11.72 -10.87 0.74
CA LYS A 115 -13.11 -11.16 0.35
C LYS A 115 -14.15 -10.10 0.73
N SER A 116 -13.89 -9.22 1.70
CA SER A 116 -14.87 -8.22 2.16
C SER A 116 -14.20 -6.89 2.54
N LEU A 117 -14.98 -5.80 2.65
CA LEU A 117 -14.50 -4.50 3.10
C LEU A 117 -14.27 -4.51 4.62
N ASP A 118 -15.18 -5.14 5.37
CA ASP A 118 -15.29 -5.03 6.83
C ASP A 118 -14.03 -5.52 7.58
N GLU A 119 -13.31 -6.46 6.97
CA GLU A 119 -12.03 -7.01 7.44
C GLU A 119 -10.85 -6.02 7.34
N VAL A 120 -10.96 -4.99 6.49
CA VAL A 120 -9.93 -3.95 6.26
C VAL A 120 -10.44 -2.53 6.63
N LYS A 121 -11.62 -2.40 7.25
CA LYS A 121 -12.27 -1.11 7.56
C LYS A 121 -11.51 -0.18 8.53
N ASP A 122 -10.38 -0.66 9.06
CA ASP A 122 -9.69 -0.17 10.26
C ASP A 122 -8.16 -0.12 10.03
N LYS A 123 -7.73 0.00 8.76
CA LYS A 123 -6.33 -0.18 8.31
C LYS A 123 -5.80 0.96 7.40
N ALA A 124 -4.48 1.10 7.35
CA ALA A 124 -3.74 1.94 6.40
C ALA A 124 -3.30 1.17 5.13
N LEU A 125 -3.20 1.90 4.01
CA LEU A 125 -2.83 1.40 2.67
C LEU A 125 -1.67 2.23 2.11
N MET A 126 -0.53 1.60 1.79
CA MET A 126 0.65 2.27 1.23
C MET A 126 0.76 2.01 -0.29
N ILE A 127 0.98 3.06 -1.08
CA ILE A 127 1.51 2.96 -2.45
C ILE A 127 3.02 3.14 -2.37
N HIS A 128 3.73 2.15 -2.88
CA HIS A 128 5.12 1.85 -2.56
C HIS A 128 6.06 2.08 -3.76
N VAL A 129 7.26 2.63 -3.53
CA VAL A 129 8.15 3.12 -4.60
C VAL A 129 8.61 1.99 -5.52
N GLY A 130 8.96 0.83 -4.95
CA GLY A 130 9.22 -0.40 -5.71
C GLY A 130 8.07 -1.39 -5.62
N GLY A 131 8.06 -2.37 -6.52
CA GLY A 131 7.13 -3.49 -6.52
C GLY A 131 7.63 -4.58 -5.58
N ASP A 132 7.27 -4.48 -4.31
CA ASP A 132 7.64 -5.46 -3.27
C ASP A 132 7.07 -6.86 -3.58
N ASN A 133 7.98 -7.82 -3.66
CA ASN A 133 7.87 -9.13 -4.37
C ASN A 133 9.24 -9.83 -4.36
N MET A 134 10.32 -9.08 -4.64
CA MET A 134 11.73 -9.52 -4.53
C MET A 134 12.20 -9.61 -3.06
N SER A 135 11.51 -10.45 -2.28
CA SER A 135 11.55 -10.49 -0.81
C SER A 135 12.83 -11.10 -0.20
N ASP A 136 13.60 -11.88 -0.96
CA ASP A 136 14.76 -12.63 -0.49
C ASP A 136 16.04 -11.75 -0.41
N GLN A 137 16.12 -10.89 0.60
CA GLN A 137 17.24 -9.98 0.84
C GLN A 137 17.16 -9.31 2.23
N PRO A 138 18.28 -8.83 2.80
CA PRO A 138 18.31 -8.11 4.09
C PRO A 138 17.82 -6.66 3.99
N LYS A 139 17.61 -6.11 2.78
CA LYS A 139 17.03 -4.78 2.57
C LYS A 139 15.50 -4.93 2.38
N PRO A 140 14.66 -4.56 3.38
CA PRO A 140 13.29 -5.05 3.49
C PRO A 140 12.34 -4.45 2.44
N LEU A 141 11.20 -5.13 2.22
CA LEU A 141 10.17 -4.79 1.23
C LEU A 141 10.76 -4.73 -0.21
N GLY A 142 11.76 -5.59 -0.47
CA GLY A 142 12.48 -5.65 -1.75
C GLY A 142 13.39 -4.44 -2.02
N GLY A 143 13.62 -3.59 -1.01
CA GLY A 143 14.18 -2.23 -1.16
C GLY A 143 13.12 -1.18 -1.56
N GLY A 144 11.96 -1.61 -2.06
CA GLY A 144 10.87 -0.76 -2.56
C GLY A 144 9.95 -0.19 -1.48
N GLY A 145 10.30 -0.38 -0.20
CA GLY A 145 9.45 -0.10 0.96
C GLY A 145 9.16 1.38 1.24
N THR A 146 9.91 2.31 0.62
CA THR A 146 9.59 3.74 0.62
C THR A 146 8.20 3.97 0.00
N ARG A 147 7.55 5.08 0.39
CA ARG A 147 6.19 5.43 -0.02
C ARG A 147 6.26 6.39 -1.22
N TYR A 148 5.40 6.23 -2.23
CA TYR A 148 4.99 7.34 -3.12
C TYR A 148 3.61 7.90 -2.75
N ALA A 149 2.79 7.15 -2.00
CA ALA A 149 1.61 7.66 -1.29
C ALA A 149 1.19 6.73 -0.14
N CYS A 150 0.28 7.18 0.71
CA CYS A 150 -0.36 6.38 1.76
C CYS A 150 -1.75 6.94 2.10
N GLY A 151 -2.66 6.09 2.58
CA GLY A 151 -4.05 6.43 2.88
C GLY A 151 -4.68 5.57 3.97
N VAL A 152 -5.95 5.87 4.27
CA VAL A 152 -6.70 5.31 5.39
C VAL A 152 -8.13 4.93 4.98
N ILE A 153 -8.61 3.79 5.46
CA ILE A 153 -10.02 3.34 5.32
C ILE A 153 -10.83 3.79 6.55
N LYS A 154 -12.09 4.18 6.36
CA LYS A 154 -12.99 4.57 7.46
C LYS A 154 -13.15 3.46 8.52
N ALA A 1 -19.27 -4.00 -2.31
CA ALA A 1 -19.52 -2.88 -1.37
C ALA A 1 -18.23 -2.09 -1.18
N SER A 2 -18.27 -0.79 -0.95
CA SER A 2 -17.18 0.08 -1.43
C SER A 2 -16.75 1.16 -0.44
N GLU A 3 -15.51 1.63 -0.60
CA GLU A 3 -14.94 2.78 0.08
C GLU A 3 -13.83 3.38 -0.79
N LYS A 4 -13.91 4.67 -1.06
CA LYS A 4 -13.05 5.43 -1.94
C LYS A 4 -12.05 6.26 -1.11
N VAL A 5 -10.80 5.78 -0.93
CA VAL A 5 -9.80 6.53 -0.13
C VAL A 5 -9.02 7.55 -0.92
N GLY A 6 -8.96 8.79 -0.40
CA GLY A 6 -8.05 9.85 -0.86
C GLY A 6 -6.59 9.45 -0.61
N MET A 7 -5.90 9.05 -1.68
CA MET A 7 -4.47 8.72 -1.68
C MET A 7 -3.63 10.00 -1.70
N ASN A 8 -2.96 10.26 -0.58
CA ASN A 8 -2.27 11.50 -0.27
C ASN A 8 -0.74 11.31 -0.32
N LEU A 9 0.02 12.33 -0.71
CA LEU A 9 1.46 12.24 -0.99
C LEU A 9 2.32 12.24 0.31
N VAL A 10 2.12 11.24 1.16
CA VAL A 10 2.78 11.09 2.47
C VAL A 10 4.27 10.72 2.35
N THR A 11 5.04 11.07 3.39
CA THR A 11 6.48 10.84 3.48
C THR A 11 6.95 11.16 4.92
N ALA A 12 8.21 11.54 5.10
CA ALA A 12 8.93 11.80 6.36
C ALA A 12 8.31 12.89 7.29
N GLN A 13 7.33 13.65 6.81
CA GLN A 13 6.57 14.63 7.62
C GLN A 13 5.17 14.10 7.99
N GLY A 14 4.81 12.88 7.57
CA GLY A 14 3.44 12.38 7.57
C GLY A 14 2.73 12.76 6.27
N VAL A 15 1.43 12.99 6.37
CA VAL A 15 0.51 13.37 5.29
C VAL A 15 0.98 14.62 4.53
N GLY A 16 0.91 14.57 3.18
CA GLY A 16 1.40 15.62 2.26
C GLY A 16 0.26 16.46 1.67
N GLN A 17 0.01 16.33 0.36
CA GLN A 17 -1.20 16.88 -0.29
C GLN A 17 -1.86 15.83 -1.19
N SER A 18 -3.10 16.10 -1.63
CA SER A 18 -3.92 15.16 -2.39
C SER A 18 -3.80 15.34 -3.92
N ILE A 19 -3.95 14.25 -4.66
CA ILE A 19 -3.89 14.22 -6.15
C ILE A 19 -4.90 13.24 -6.79
N GLY A 20 -5.74 12.59 -5.98
CA GLY A 20 -6.67 11.54 -6.43
C GLY A 20 -7.11 10.62 -5.29
N THR A 21 -8.09 9.76 -5.55
CA THR A 21 -8.52 8.68 -4.64
C THR A 21 -8.08 7.32 -5.19
N VAL A 22 -8.36 6.23 -4.47
CA VAL A 22 -8.54 4.92 -5.10
C VAL A 22 -9.85 4.35 -4.59
N VAL A 23 -10.68 3.84 -5.52
CA VAL A 23 -11.93 3.17 -5.13
C VAL A 23 -11.65 1.71 -4.82
N ILE A 24 -11.96 1.31 -3.59
CA ILE A 24 -11.88 -0.07 -3.12
C ILE A 24 -13.30 -0.63 -3.09
N ASP A 25 -13.52 -1.80 -3.68
CA ASP A 25 -14.82 -2.48 -3.66
C ASP A 25 -14.65 -3.98 -3.39
N GLU A 26 -15.26 -4.46 -2.31
CA GLU A 26 -15.21 -5.88 -1.93
C GLU A 26 -16.08 -6.74 -2.88
N THR A 27 -15.57 -7.93 -3.20
CA THR A 27 -16.33 -9.01 -3.82
C THR A 27 -15.83 -10.34 -3.25
N GLU A 28 -16.43 -11.43 -3.71
CA GLU A 28 -16.17 -12.82 -3.33
C GLU A 28 -14.79 -13.30 -3.81
N GLY A 29 -14.31 -12.69 -4.90
CA GLY A 29 -12.90 -12.69 -5.36
C GLY A 29 -12.07 -11.52 -4.83
N GLY A 30 -12.55 -10.85 -3.78
CA GLY A 30 -11.83 -9.90 -2.92
C GLY A 30 -11.84 -8.43 -3.29
N LEU A 31 -10.85 -7.68 -2.77
CA LEU A 31 -10.83 -6.22 -2.82
C LEU A 31 -10.40 -5.70 -4.20
N LYS A 32 -11.36 -5.23 -4.98
CA LYS A 32 -11.16 -4.60 -6.29
C LYS A 32 -10.72 -3.13 -6.11
N PHE A 33 -9.47 -2.83 -6.45
CA PHE A 33 -8.82 -1.53 -6.35
C PHE A 33 -8.83 -0.85 -7.74
N THR A 34 -9.47 0.33 -7.89
CA THR A 34 -9.46 1.08 -9.16
C THR A 34 -8.95 2.50 -8.90
N PRO A 35 -7.75 2.87 -9.40
CA PRO A 35 -7.18 4.20 -9.23
C PRO A 35 -7.77 5.19 -10.24
N HIS A 36 -7.56 6.48 -9.99
CA HIS A 36 -7.92 7.57 -10.93
C HIS A 36 -7.00 8.80 -10.78
N LEU A 37 -5.76 8.59 -10.31
CA LEU A 37 -4.82 9.65 -9.94
C LEU A 37 -3.99 10.17 -11.10
N LYS A 38 -3.64 11.45 -11.04
CA LYS A 38 -2.66 12.09 -11.90
C LYS A 38 -1.59 12.73 -11.02
N ALA A 39 -0.34 12.70 -11.50
CA ALA A 39 0.86 13.35 -10.93
C ALA A 39 1.73 12.36 -10.12
N LEU A 40 1.97 11.16 -10.66
CA LEU A 40 2.94 10.18 -10.12
C LEU A 40 4.02 9.87 -11.17
N PRO A 41 5.18 9.33 -10.78
CA PRO A 41 6.13 8.82 -11.75
C PRO A 41 5.55 7.60 -12.47
N PRO A 42 5.51 7.61 -13.82
CA PRO A 42 5.01 6.54 -14.65
C PRO A 42 6.07 5.46 -14.80
N GLY A 43 6.24 4.71 -13.72
CA GLY A 43 6.28 3.28 -13.93
C GLY A 43 5.43 2.53 -12.91
N GLU A 44 5.51 1.20 -12.94
CA GLU A 44 4.86 0.30 -12.01
C GLU A 44 5.26 0.59 -10.55
N HIS A 45 4.29 0.49 -9.64
CA HIS A 45 4.45 0.77 -8.21
C HIS A 45 3.76 -0.26 -7.34
N GLY A 46 4.48 -0.89 -6.41
CA GLY A 46 3.91 -1.76 -5.37
C GLY A 46 2.71 -1.13 -4.64
N PHE A 47 1.77 -1.97 -4.18
CA PHE A 47 0.60 -1.58 -3.40
C PHE A 47 0.54 -2.53 -2.20
N HIS A 48 0.35 -2.05 -0.96
CA HIS A 48 0.07 -2.92 0.21
C HIS A 48 -1.05 -2.40 1.15
N ILE A 49 -1.49 -3.26 2.08
CA ILE A 49 -2.19 -2.90 3.33
C ILE A 49 -1.22 -3.04 4.52
N HIS A 50 -1.28 -2.10 5.46
CA HIS A 50 -0.50 -2.04 6.70
C HIS A 50 -1.42 -2.10 7.95
N ALA A 51 -0.86 -2.37 9.14
CA ALA A 51 -1.62 -2.87 10.29
C ALA A 51 -2.52 -1.84 10.98
N ASN A 52 -2.12 -0.57 11.02
CA ASN A 52 -2.91 0.52 11.62
C ASN A 52 -3.19 1.68 10.65
N GLY A 53 -4.29 2.40 10.85
CA GLY A 53 -4.67 3.61 10.11
C GLY A 53 -3.96 4.84 10.68
N SER A 54 -2.71 5.02 10.27
CA SER A 54 -1.77 5.95 10.93
C SER A 54 -0.50 6.21 10.09
N CYS A 55 -0.67 6.72 8.86
CA CYS A 55 0.38 7.17 7.95
C CYS A 55 1.13 8.42 8.46
N GLN A 56 1.84 8.21 9.56
CA GLN A 56 2.65 9.18 10.27
C GLN A 56 4.04 8.55 10.51
N PRO A 57 5.09 9.37 10.71
CA PRO A 57 6.40 8.87 11.04
C PRO A 57 6.46 8.43 12.50
N ALA A 58 7.03 7.25 12.71
CA ALA A 58 7.53 6.81 14.00
C ALA A 58 9.03 7.17 14.15
N ILE A 59 9.60 6.90 15.31
CA ILE A 59 11.06 6.88 15.50
C ILE A 59 11.53 5.42 15.56
N LYS A 60 12.54 5.08 14.75
CA LYS A 60 13.35 3.87 14.96
C LYS A 60 14.61 4.24 15.78
N ASP A 61 15.56 4.95 15.16
CA ASP A 61 16.71 5.59 15.83
C ASP A 61 16.76 7.06 15.42
N GLY A 62 16.41 7.95 16.37
CA GLY A 62 16.48 9.42 16.26
C GLY A 62 15.48 10.09 15.31
N GLN A 63 15.30 9.55 14.10
CA GLN A 63 14.72 10.26 12.94
C GLN A 63 13.34 9.73 12.53
N ALA A 64 12.57 10.58 11.80
CA ALA A 64 11.17 10.38 11.45
C ALA A 64 11.02 9.37 10.29
N VAL A 65 10.76 8.11 10.62
CA VAL A 65 10.63 7.03 9.61
C VAL A 65 9.25 7.04 8.91
N ALA A 66 9.13 7.95 7.94
CA ALA A 66 8.11 8.01 6.88
C ALA A 66 6.66 7.79 7.36
N ALA A 67 6.10 6.59 7.11
CA ALA A 67 4.74 6.19 7.49
C ALA A 67 4.75 4.94 8.40
N GLU A 68 5.85 4.69 9.11
CA GLU A 68 6.06 3.49 9.93
C GLU A 68 5.39 3.57 11.33
N ALA A 69 4.51 4.55 11.57
CA ALA A 69 3.50 4.47 12.62
C ALA A 69 2.27 3.64 12.21
N ALA A 70 2.16 3.20 10.94
CA ALA A 70 1.10 2.34 10.41
C ALA A 70 1.18 0.86 10.91
N GLY A 71 1.81 0.61 12.07
CA GLY A 71 1.76 -0.65 12.82
C GLY A 71 2.76 -1.72 12.37
N GLY A 72 2.83 -1.96 11.06
CA GLY A 72 3.58 -3.06 10.46
C GLY A 72 2.98 -3.51 9.13
N HIS A 73 3.57 -4.55 8.55
CA HIS A 73 3.10 -5.21 7.32
C HIS A 73 1.97 -6.19 7.63
N LEU A 74 0.84 -5.68 8.16
CA LEU A 74 -0.35 -6.43 8.64
C LEU A 74 -0.01 -7.87 9.09
N ASP A 75 0.79 -7.91 10.15
CA ASP A 75 1.64 -9.03 10.57
C ASP A 75 1.38 -9.42 12.04
N PRO A 76 0.14 -9.85 12.41
CA PRO A 76 -0.13 -10.45 13.71
C PRO A 76 0.57 -11.82 13.81
N GLN A 77 0.55 -12.62 12.74
CA GLN A 77 1.35 -13.83 12.54
C GLN A 77 1.57 -14.08 11.05
N ASN A 78 2.53 -14.97 10.73
CA ASN A 78 2.83 -15.72 9.49
C ASN A 78 4.35 -15.84 9.20
N THR A 79 5.15 -14.87 9.68
CA THR A 79 6.62 -14.70 9.59
C THR A 79 7.01 -13.22 9.60
N GLY A 80 6.46 -12.43 8.67
CA GLY A 80 6.71 -10.99 8.50
C GLY A 80 7.81 -10.64 7.49
N LYS A 81 8.60 -11.60 7.00
CA LYS A 81 9.73 -11.35 6.08
C LYS A 81 9.37 -10.64 4.75
N HIS A 82 8.10 -10.79 4.31
CA HIS A 82 7.48 -10.17 3.11
C HIS A 82 7.92 -10.83 1.79
N GLU A 83 6.95 -11.26 0.95
CA GLU A 83 7.18 -11.62 -0.45
C GLU A 83 6.70 -10.54 -1.43
N GLY A 84 5.41 -10.17 -1.35
CA GLY A 84 4.68 -9.57 -2.47
C GLY A 84 3.57 -10.53 -2.95
N PRO A 85 3.88 -11.49 -3.84
CA PRO A 85 2.95 -12.52 -4.32
C PRO A 85 2.67 -13.59 -3.25
N GLU A 86 2.80 -14.89 -3.55
CA GLU A 86 2.16 -15.98 -2.80
C GLU A 86 3.15 -17.02 -2.22
N GLY A 87 4.17 -16.55 -1.49
CA GLY A 87 5.04 -17.37 -0.65
C GLY A 87 4.42 -17.61 0.72
N GLN A 88 4.95 -16.97 1.77
CA GLN A 88 4.37 -16.97 3.11
C GLN A 88 4.48 -15.60 3.83
N GLY A 89 5.34 -14.69 3.35
CA GLY A 89 5.53 -13.36 3.93
C GLY A 89 4.42 -12.41 3.53
N HIS A 90 3.38 -12.33 4.37
CA HIS A 90 2.37 -11.26 4.44
C HIS A 90 1.39 -11.26 3.24
N LEU A 91 0.20 -11.85 3.45
CA LEU A 91 -0.87 -11.96 2.44
C LEU A 91 -1.53 -10.62 2.03
N GLY A 92 -1.34 -9.56 2.83
CA GLY A 92 -1.81 -8.19 2.55
C GLY A 92 -0.80 -7.34 1.76
N ASP A 93 0.26 -7.96 1.25
CA ASP A 93 0.98 -7.51 0.06
C ASP A 93 0.23 -7.97 -1.21
N LEU A 94 0.40 -7.27 -2.34
CA LEU A 94 -0.76 -6.88 -3.16
C LEU A 94 -0.34 -6.55 -4.61
N PRO A 95 -1.26 -6.68 -5.60
CA PRO A 95 -0.94 -6.58 -7.02
C PRO A 95 -0.52 -5.14 -7.41
N VAL A 96 0.44 -5.04 -8.33
CA VAL A 96 1.23 -3.82 -8.57
C VAL A 96 0.39 -2.75 -9.29
N LEU A 97 0.45 -1.52 -8.79
CA LEU A 97 -0.23 -0.33 -9.30
C LEU A 97 0.46 0.11 -10.60
N VAL A 98 -0.12 -0.23 -11.75
CA VAL A 98 0.39 0.17 -13.06
C VAL A 98 -0.01 1.63 -13.36
N VAL A 99 1.00 2.46 -13.58
CA VAL A 99 0.90 3.88 -13.98
C VAL A 99 1.22 3.99 -15.48
N ASN A 100 0.39 4.68 -16.26
CA ASN A 100 0.64 4.93 -17.69
C ASN A 100 1.63 6.10 -17.91
N ASN A 101 2.42 6.01 -19.00
CA ASN A 101 3.56 6.89 -19.41
C ASN A 101 3.39 8.41 -19.19
N ASP A 102 2.16 8.91 -19.15
CA ASP A 102 1.80 10.32 -18.98
C ASP A 102 2.04 10.84 -17.54
N GLY A 103 2.16 9.94 -16.56
CA GLY A 103 2.25 10.26 -15.13
C GLY A 103 0.91 10.11 -14.40
N ILE A 104 0.08 9.18 -14.85
CA ILE A 104 -1.34 9.03 -14.45
C ILE A 104 -1.63 7.54 -14.24
N ALA A 105 -2.49 7.20 -13.27
CA ALA A 105 -2.83 5.84 -12.89
C ALA A 105 -4.35 5.61 -12.95
N THR A 106 -4.78 4.73 -13.86
CA THR A 106 -6.17 4.26 -13.97
C THR A 106 -6.33 2.74 -13.95
N GLU A 107 -5.24 1.98 -14.04
CA GLU A 107 -5.29 0.54 -14.29
C GLU A 107 -5.77 -0.22 -13.03
N PRO A 108 -6.89 -0.98 -13.10
CA PRO A 108 -7.49 -1.64 -11.94
C PRO A 108 -6.86 -3.02 -11.67
N VAL A 109 -6.93 -3.45 -10.40
CA VAL A 109 -6.41 -4.74 -9.90
C VAL A 109 -7.29 -5.25 -8.75
N THR A 110 -7.21 -6.54 -8.35
CA THR A 110 -8.04 -7.13 -7.28
C THR A 110 -7.20 -8.01 -6.38
N ALA A 111 -7.38 -7.91 -5.06
CA ALA A 111 -6.70 -8.76 -4.08
C ALA A 111 -7.63 -9.87 -3.53
N PRO A 112 -7.53 -11.13 -4.03
CA PRO A 112 -8.38 -12.25 -3.61
C PRO A 112 -8.00 -12.90 -2.27
N ARG A 113 -6.95 -12.42 -1.60
CA ARG A 113 -6.57 -12.89 -0.25
C ARG A 113 -7.42 -12.24 0.87
N LEU A 114 -8.43 -11.46 0.48
CA LEU A 114 -9.38 -10.68 1.30
C LEU A 114 -10.76 -10.79 0.62
N LYS A 115 -11.83 -10.32 1.26
CA LYS A 115 -13.23 -10.44 0.81
C LYS A 115 -14.24 -9.47 1.46
N SER A 116 -13.80 -8.57 2.33
CA SER A 116 -14.64 -7.54 2.96
C SER A 116 -13.87 -6.23 3.22
N LEU A 117 -14.56 -5.08 3.32
CA LEU A 117 -13.99 -3.89 3.96
C LEU A 117 -13.87 -4.08 5.49
N ASP A 118 -14.69 -4.93 6.11
CA ASP A 118 -14.78 -5.09 7.57
C ASP A 118 -13.43 -5.45 8.21
N GLU A 119 -12.70 -6.37 7.59
CA GLU A 119 -11.37 -6.83 8.00
C GLU A 119 -10.28 -5.75 7.85
N VAL A 120 -10.58 -4.61 7.22
CA VAL A 120 -9.64 -3.51 6.96
C VAL A 120 -10.15 -2.13 7.43
N LYS A 121 -11.14 -2.08 8.35
CA LYS A 121 -11.82 -0.84 8.78
C LYS A 121 -10.99 0.20 9.56
N ASP A 122 -9.75 -0.13 9.93
CA ASP A 122 -8.80 0.74 10.65
C ASP A 122 -7.36 0.54 10.12
N LYS A 123 -7.23 0.39 8.79
CA LYS A 123 -5.95 0.09 8.12
C LYS A 123 -5.53 1.20 7.15
N ALA A 124 -4.22 1.37 6.99
CA ALA A 124 -3.60 2.15 5.92
C ALA A 124 -3.39 1.30 4.66
N LEU A 125 -3.77 1.82 3.48
CA LEU A 125 -3.37 1.28 2.18
C LEU A 125 -2.32 2.21 1.57
N MET A 126 -1.25 1.67 1.02
CA MET A 126 -0.05 2.43 0.64
C MET A 126 0.42 2.13 -0.77
N ILE A 127 0.71 3.17 -1.55
CA ILE A 127 1.40 3.09 -2.85
C ILE A 127 2.90 3.27 -2.61
N HIS A 128 3.68 2.40 -3.22
CA HIS A 128 5.07 2.08 -2.87
C HIS A 128 5.96 2.12 -4.13
N VAL A 129 7.20 2.60 -4.01
CA VAL A 129 8.01 2.91 -5.21
C VAL A 129 8.42 1.65 -5.98
N GLY A 130 8.91 0.61 -5.27
CA GLY A 130 9.22 -0.68 -5.89
C GLY A 130 7.97 -1.53 -6.11
N GLY A 131 7.88 -2.21 -7.26
CA GLY A 131 6.91 -3.26 -7.57
C GLY A 131 7.06 -4.46 -6.63
N ASP A 132 5.93 -5.09 -6.34
CA ASP A 132 5.78 -5.91 -5.14
C ASP A 132 6.05 -7.40 -5.36
N ASN A 133 7.33 -7.76 -5.47
CA ASN A 133 7.79 -9.09 -5.87
C ASN A 133 9.28 -9.33 -5.53
N MET A 134 9.67 -9.15 -4.24
CA MET A 134 11.08 -9.15 -3.81
C MET A 134 11.27 -9.58 -2.35
N SER A 135 12.01 -10.67 -2.14
CA SER A 135 12.32 -11.29 -0.85
C SER A 135 13.74 -11.91 -0.85
N ASP A 136 14.08 -12.68 0.18
CA ASP A 136 15.26 -13.56 0.34
C ASP A 136 16.61 -12.81 0.52
N GLN A 137 16.83 -11.73 -0.23
CA GLN A 137 17.97 -10.82 -0.09
C GLN A 137 18.02 -10.17 1.30
N PRO A 138 19.21 -9.82 1.82
CA PRO A 138 19.35 -9.13 3.11
C PRO A 138 18.70 -7.74 3.12
N LYS A 139 18.49 -7.13 1.94
CA LYS A 139 17.51 -6.07 1.74
C LYS A 139 16.23 -6.65 1.07
N PRO A 140 15.23 -7.13 1.85
CA PRO A 140 13.93 -7.55 1.30
C PRO A 140 13.17 -6.32 0.76
N LEU A 141 12.17 -6.56 -0.11
CA LEU A 141 11.55 -5.55 -0.98
C LEU A 141 12.57 -4.91 -1.96
N GLY A 142 13.79 -5.46 -2.05
CA GLY A 142 14.94 -4.83 -2.73
C GLY A 142 15.47 -3.58 -2.02
N GLY A 143 14.91 -3.23 -0.85
CA GLY A 143 15.05 -1.92 -0.19
C GLY A 143 13.88 -0.95 -0.46
N GLY A 144 12.84 -1.39 -1.17
CA GLY A 144 11.69 -0.58 -1.64
C GLY A 144 10.66 -0.20 -0.57
N GLY A 145 11.10 0.20 0.62
CA GLY A 145 10.26 0.73 1.69
C GLY A 145 9.68 2.12 1.39
N THR A 146 10.24 2.81 0.39
CA THR A 146 9.82 4.14 -0.09
C THR A 146 8.39 4.13 -0.63
N ARG A 147 7.63 5.16 -0.26
CA ARG A 147 6.23 5.39 -0.64
C ARG A 147 6.12 6.38 -1.81
N TYR A 148 4.98 6.40 -2.49
CA TYR A 148 4.50 7.61 -3.18
C TYR A 148 3.15 8.12 -2.64
N ALA A 149 2.35 7.29 -1.94
CA ALA A 149 1.11 7.74 -1.28
C ALA A 149 0.60 6.78 -0.19
N CYS A 150 -0.29 7.28 0.68
CA CYS A 150 -1.15 6.50 1.58
C CYS A 150 -2.61 6.99 1.50
N GLY A 151 -3.55 6.04 1.62
CA GLY A 151 -4.97 6.25 1.82
C GLY A 151 -5.46 5.35 2.94
N VAL A 152 -5.65 5.91 4.14
CA VAL A 152 -6.26 5.24 5.30
C VAL A 152 -7.75 5.02 5.00
N ILE A 153 -8.24 3.80 5.21
CA ILE A 153 -9.65 3.44 4.95
C ILE A 153 -10.61 4.27 5.80
N LYS A 154 -11.60 4.89 5.14
CA LYS A 154 -12.62 5.71 5.81
C LYS A 154 -13.94 4.94 6.06
N ALA A 1 -20.87 -1.71 -0.13
CA ALA A 1 -20.08 -0.51 0.18
C ALA A 1 -19.02 -0.28 -0.89
N SER A 2 -18.58 0.97 -1.07
CA SER A 2 -17.49 1.35 -1.98
C SER A 2 -16.83 2.62 -1.40
N GLU A 3 -15.50 2.65 -1.29
CA GLU A 3 -14.75 3.71 -0.61
C GLU A 3 -13.68 4.29 -1.54
N LYS A 4 -13.86 5.55 -1.96
CA LYS A 4 -12.85 6.26 -2.75
C LYS A 4 -11.74 6.81 -1.85
N VAL A 5 -10.81 5.94 -1.42
CA VAL A 5 -9.83 6.29 -0.38
C VAL A 5 -8.84 7.33 -0.92
N GLY A 6 -8.79 8.49 -0.26
CA GLY A 6 -7.93 9.62 -0.60
C GLY A 6 -6.47 9.33 -0.27
N MET A 7 -5.72 8.95 -1.29
CA MET A 7 -4.29 8.63 -1.20
C MET A 7 -3.46 9.92 -1.07
N ASN A 8 -3.09 10.29 0.15
CA ASN A 8 -2.21 11.43 0.41
C ASN A 8 -0.76 11.08 0.09
N LEU A 9 0.00 12.02 -0.47
CA LEU A 9 1.44 11.86 -0.73
C LEU A 9 2.19 11.84 0.60
N VAL A 10 3.09 10.87 0.81
CA VAL A 10 3.81 10.70 2.10
C VAL A 10 5.25 10.25 1.93
N THR A 11 6.01 10.48 3.01
CA THR A 11 7.41 10.14 3.21
C THR A 11 7.77 10.45 4.66
N ALA A 12 9.04 10.63 4.96
CA ALA A 12 9.61 11.01 6.26
C ALA A 12 9.11 12.38 6.78
N GLN A 13 8.63 13.26 5.89
CA GLN A 13 7.97 14.51 6.24
C GLN A 13 6.55 14.29 6.81
N GLY A 14 6.00 13.06 6.76
CA GLY A 14 4.63 12.76 7.17
C GLY A 14 3.64 12.97 6.02
N VAL A 15 2.52 13.61 6.33
CA VAL A 15 1.37 13.83 5.41
C VAL A 15 1.61 15.08 4.54
N GLY A 16 1.38 14.95 3.23
CA GLY A 16 1.63 15.98 2.21
C GLY A 16 0.35 16.62 1.67
N GLN A 17 -0.04 16.24 0.45
CA GLN A 17 -1.34 16.58 -0.15
C GLN A 17 -1.87 15.39 -0.98
N SER A 18 -3.13 15.43 -1.41
CA SER A 18 -3.74 14.40 -2.24
C SER A 18 -3.74 14.78 -3.73
N ILE A 19 -3.41 13.83 -4.60
CA ILE A 19 -3.40 13.99 -6.08
C ILE A 19 -4.35 13.03 -6.83
N GLY A 20 -5.12 12.28 -6.04
CA GLY A 20 -6.29 11.48 -6.42
C GLY A 20 -6.67 10.47 -5.34
N THR A 21 -7.82 9.80 -5.52
CA THR A 21 -8.22 8.66 -4.69
C THR A 21 -7.85 7.35 -5.38
N VAL A 22 -8.08 6.23 -4.70
CA VAL A 22 -8.37 4.95 -5.37
C VAL A 22 -9.70 4.44 -4.84
N VAL A 23 -10.61 4.05 -5.74
CA VAL A 23 -11.91 3.50 -5.35
C VAL A 23 -11.82 2.01 -5.09
N ILE A 24 -12.03 1.67 -3.81
CA ILE A 24 -12.20 0.30 -3.35
C ILE A 24 -13.68 -0.05 -3.46
N ASP A 25 -14.00 -1.15 -4.12
CA ASP A 25 -15.35 -1.68 -4.28
C ASP A 25 -15.36 -3.17 -3.95
N GLU A 26 -16.21 -3.59 -3.01
CA GLU A 26 -16.24 -4.98 -2.51
C GLU A 26 -17.07 -5.89 -3.43
N THR A 27 -16.61 -7.14 -3.62
CA THR A 27 -17.30 -8.13 -4.46
C THR A 27 -16.89 -9.56 -4.05
N GLU A 28 -17.42 -10.57 -4.73
CA GLU A 28 -17.06 -11.97 -4.49
C GLU A 28 -15.60 -12.30 -4.90
N GLY A 29 -14.96 -11.43 -5.70
CA GLY A 29 -13.51 -11.39 -5.91
C GLY A 29 -12.73 -10.48 -4.96
N GLY A 30 -13.43 -9.91 -3.99
CA GLY A 30 -12.91 -9.08 -2.90
C GLY A 30 -12.78 -7.59 -3.23
N LEU A 31 -11.69 -6.97 -2.75
CA LEU A 31 -11.43 -5.54 -2.87
C LEU A 31 -10.98 -5.16 -4.30
N LYS A 32 -11.91 -4.72 -5.14
CA LYS A 32 -11.63 -4.18 -6.48
C LYS A 32 -11.08 -2.74 -6.34
N PHE A 33 -9.81 -2.55 -6.66
CA PHE A 33 -9.03 -1.32 -6.55
C PHE A 33 -9.04 -0.55 -7.88
N THR A 34 -9.60 0.67 -7.96
CA THR A 34 -9.70 1.38 -9.26
C THR A 34 -9.19 2.82 -9.13
N PRO A 35 -8.08 3.20 -9.79
CA PRO A 35 -7.42 4.48 -9.58
C PRO A 35 -7.98 5.60 -10.48
N HIS A 36 -7.70 6.86 -10.10
CA HIS A 36 -7.99 8.05 -10.93
C HIS A 36 -7.00 9.23 -10.66
N LEU A 37 -5.76 8.91 -10.28
CA LEU A 37 -4.74 9.88 -9.82
C LEU A 37 -3.84 10.37 -10.96
N LYS A 38 -3.33 11.61 -10.87
CA LYS A 38 -2.67 12.28 -12.00
C LYS A 38 -1.30 12.92 -11.70
N ALA A 39 -0.59 12.38 -10.71
CA ALA A 39 0.78 12.80 -10.37
C ALA A 39 1.52 11.73 -9.55
N LEU A 40 2.05 10.70 -10.23
CA LEU A 40 2.90 9.67 -9.63
C LEU A 40 4.02 9.21 -10.57
N PRO A 41 5.09 8.57 -10.05
CA PRO A 41 6.12 8.03 -10.90
C PRO A 41 5.59 6.93 -11.83
N PRO A 42 5.94 6.92 -13.13
CA PRO A 42 5.03 6.49 -14.20
C PRO A 42 5.07 4.98 -14.51
N GLY A 43 5.51 4.16 -13.56
CA GLY A 43 5.76 2.73 -13.72
C GLY A 43 4.83 1.79 -12.95
N GLU A 44 5.35 0.61 -12.64
CA GLU A 44 4.79 -0.42 -11.77
C GLU A 44 4.98 -0.07 -10.28
N HIS A 45 4.08 -0.52 -9.39
CA HIS A 45 4.08 -0.14 -7.97
C HIS A 45 3.53 -1.25 -7.08
N GLY A 46 4.12 -1.45 -5.91
CA GLY A 46 3.50 -2.24 -4.85
C GLY A 46 2.24 -1.52 -4.35
N PHE A 47 1.27 -2.25 -3.80
CA PHE A 47 0.13 -1.67 -3.10
C PHE A 47 -0.28 -2.66 -2.01
N HIS A 48 0.08 -2.42 -0.74
CA HIS A 48 -0.31 -3.34 0.37
C HIS A 48 -1.42 -2.79 1.30
N ILE A 49 -1.89 -3.69 2.17
CA ILE A 49 -2.63 -3.35 3.40
C ILE A 49 -1.68 -3.48 4.60
N HIS A 50 -1.67 -2.46 5.45
CA HIS A 50 -0.86 -2.39 6.66
C HIS A 50 -1.72 -2.55 7.92
N ALA A 51 -1.13 -3.01 9.02
CA ALA A 51 -1.83 -3.60 10.17
C ALA A 51 -2.63 -2.60 11.01
N ASN A 52 -2.27 -1.31 11.02
CA ASN A 52 -3.02 -0.24 11.66
C ASN A 52 -3.30 0.94 10.70
N GLY A 53 -4.39 1.66 10.91
CA GLY A 53 -4.86 2.77 10.06
C GLY A 53 -4.22 4.10 10.43
N SER A 54 -3.00 4.37 9.96
CA SER A 54 -2.32 5.67 10.10
C SER A 54 -1.03 5.76 9.26
N CYS A 55 -0.82 6.93 8.63
CA CYS A 55 0.39 7.31 7.90
C CYS A 55 1.55 7.77 8.81
N GLN A 56 1.34 7.90 10.14
CA GLN A 56 2.23 8.72 10.97
C GLN A 56 3.56 8.02 11.32
N PRO A 57 4.71 8.72 11.16
CA PRO A 57 6.02 8.24 11.61
C PRO A 57 6.21 8.43 13.11
N ALA A 58 7.28 7.84 13.63
CA ALA A 58 7.83 8.08 14.96
C ALA A 58 9.28 8.60 14.85
N ILE A 59 9.81 9.16 15.94
CA ILE A 59 11.07 9.94 15.94
C ILE A 59 12.16 9.22 16.74
N LYS A 60 13.37 9.16 16.20
CA LYS A 60 14.58 8.64 16.86
C LYS A 60 15.81 9.25 16.17
N ASP A 61 16.80 9.72 16.94
CA ASP A 61 18.03 10.35 16.40
C ASP A 61 17.72 11.53 15.45
N GLY A 62 16.81 12.43 15.85
CA GLY A 62 16.50 13.67 15.13
C GLY A 62 15.78 13.52 13.80
N GLN A 63 15.34 12.30 13.43
CA GLN A 63 14.70 11.99 12.15
C GLN A 63 13.48 11.07 12.34
N ALA A 64 12.60 11.01 11.33
CA ALA A 64 11.27 10.41 11.43
C ALA A 64 11.12 9.16 10.52
N VAL A 65 10.72 8.02 11.08
CA VAL A 65 10.84 6.67 10.44
C VAL A 65 9.84 6.36 9.30
N ALA A 66 9.29 7.38 8.62
CA ALA A 66 8.48 7.27 7.38
C ALA A 66 7.14 6.47 7.49
N ALA A 67 6.74 6.08 8.71
CA ALA A 67 5.44 5.56 9.21
C ALA A 67 5.68 4.38 10.17
N GLU A 68 5.32 4.55 11.45
CA GLU A 68 5.32 3.47 12.45
C GLU A 68 3.88 3.13 12.88
N ALA A 69 3.00 4.14 13.00
CA ALA A 69 1.59 3.97 13.34
C ALA A 69 0.77 3.18 12.29
N ALA A 70 1.37 2.85 11.15
CA ALA A 70 0.83 1.92 10.16
C ALA A 70 0.87 0.45 10.61
N GLY A 71 1.62 0.11 11.67
CA GLY A 71 1.71 -1.24 12.21
C GLY A 71 2.62 -2.20 11.42
N GLY A 72 3.14 -1.77 10.26
CA GLY A 72 3.83 -2.63 9.29
C GLY A 72 2.87 -3.44 8.43
N HIS A 73 3.37 -4.36 7.61
CA HIS A 73 2.54 -5.27 6.82
C HIS A 73 1.73 -6.23 7.73
N LEU A 74 0.46 -6.48 7.41
CA LEU A 74 -0.42 -7.35 8.19
C LEU A 74 0.02 -8.84 8.12
N ASP A 75 0.35 -9.43 9.27
CA ASP A 75 0.81 -10.82 9.45
C ASP A 75 0.39 -11.37 10.84
N PRO A 76 -0.31 -12.53 10.91
CA PRO A 76 -0.73 -13.13 12.17
C PRO A 76 0.32 -14.05 12.85
N GLN A 77 1.33 -14.56 12.13
CA GLN A 77 2.32 -15.61 12.53
C GLN A 77 2.96 -16.39 11.35
N ASN A 78 2.83 -15.92 10.10
CA ASN A 78 3.38 -16.56 8.90
C ASN A 78 4.91 -16.79 9.01
N THR A 79 5.62 -15.80 9.60
CA THR A 79 7.07 -15.69 9.91
C THR A 79 7.48 -14.22 10.05
N GLY A 80 6.86 -13.32 9.28
CA GLY A 80 7.13 -11.88 9.31
C GLY A 80 8.16 -11.41 8.28
N LYS A 81 8.71 -12.31 7.44
CA LYS A 81 9.78 -11.99 6.50
C LYS A 81 9.35 -11.15 5.28
N HIS A 82 8.09 -11.30 4.84
CA HIS A 82 7.42 -10.79 3.62
C HIS A 82 6.94 -11.92 2.68
N GLU A 83 5.84 -11.67 1.96
CA GLU A 83 5.28 -12.52 0.91
C GLU A 83 6.06 -12.31 -0.42
N GLY A 84 5.40 -12.33 -1.58
CA GLY A 84 5.97 -11.89 -2.87
C GLY A 84 6.06 -13.01 -3.91
N PRO A 85 7.20 -13.19 -4.60
CA PRO A 85 7.31 -14.04 -5.79
C PRO A 85 7.30 -15.56 -5.51
N GLU A 86 7.54 -15.98 -4.26
CA GLU A 86 7.41 -17.36 -3.77
C GLU A 86 7.58 -17.37 -2.24
N GLY A 87 6.91 -18.31 -1.56
CA GLY A 87 6.89 -18.41 -0.09
C GLY A 87 5.61 -17.84 0.53
N GLN A 88 5.77 -17.24 1.72
CA GLN A 88 4.75 -16.61 2.56
C GLN A 88 5.50 -15.83 3.64
N GLY A 89 4.97 -14.68 4.08
CA GLY A 89 5.54 -13.92 5.19
C GLY A 89 4.73 -12.76 5.71
N HIS A 90 3.79 -12.20 4.93
CA HIS A 90 2.70 -11.37 5.45
C HIS A 90 1.47 -11.47 4.51
N LEU A 91 0.33 -11.96 5.00
CA LEU A 91 -0.90 -12.04 4.21
C LEU A 91 -1.50 -10.68 3.76
N GLY A 92 -1.05 -9.55 4.30
CA GLY A 92 -1.43 -8.19 3.88
C GLY A 92 -0.71 -7.67 2.63
N ASP A 93 0.26 -8.42 2.11
CA ASP A 93 0.88 -8.18 0.81
C ASP A 93 -0.09 -8.60 -0.33
N LEU A 94 0.07 -7.98 -1.51
CA LEU A 94 -1.01 -7.73 -2.47
C LEU A 94 -0.42 -7.55 -3.89
N PRO A 95 -1.22 -7.68 -4.96
CA PRO A 95 -0.76 -7.54 -6.34
C PRO A 95 -0.43 -6.07 -6.67
N VAL A 96 0.41 -5.88 -7.70
CA VAL A 96 0.96 -4.56 -8.07
C VAL A 96 -0.05 -3.66 -8.79
N LEU A 97 0.03 -2.37 -8.48
CA LEU A 97 -0.68 -1.28 -9.11
C LEU A 97 0.11 -0.74 -10.31
N VAL A 98 -0.48 -0.73 -11.50
CA VAL A 98 0.10 -0.09 -12.70
C VAL A 98 -0.33 1.37 -12.78
N VAL A 99 0.60 2.26 -13.11
CA VAL A 99 0.33 3.61 -13.64
C VAL A 99 1.05 3.74 -14.98
N ASN A 100 0.62 4.64 -15.86
CA ASN A 100 1.17 4.75 -17.21
C ASN A 100 2.40 5.68 -17.30
N ASN A 101 3.20 5.51 -18.37
CA ASN A 101 4.41 6.26 -18.79
C ASN A 101 4.36 7.82 -18.67
N ASP A 102 3.19 8.43 -18.55
CA ASP A 102 2.98 9.89 -18.48
C ASP A 102 2.82 10.43 -17.04
N GLY A 103 2.60 9.53 -16.06
CA GLY A 103 2.48 9.85 -14.64
C GLY A 103 1.05 9.84 -14.08
N ILE A 104 0.12 9.13 -14.73
CA ILE A 104 -1.30 9.03 -14.37
C ILE A 104 -1.69 7.55 -14.15
N ALA A 105 -2.44 7.29 -13.07
CA ALA A 105 -2.90 5.96 -12.67
C ALA A 105 -4.31 5.70 -13.22
N THR A 106 -4.45 4.64 -14.04
CA THR A 106 -5.67 4.37 -14.83
C THR A 106 -5.92 2.87 -15.10
N GLU A 107 -5.26 1.98 -14.36
CA GLU A 107 -5.43 0.54 -14.47
C GLU A 107 -6.07 -0.03 -13.19
N PRO A 108 -7.14 -0.85 -13.28
CA PRO A 108 -7.74 -1.52 -12.14
C PRO A 108 -6.85 -2.66 -11.63
N VAL A 109 -7.06 -3.04 -10.38
CA VAL A 109 -6.50 -4.24 -9.72
C VAL A 109 -7.60 -4.84 -8.83
N THR A 110 -7.44 -6.07 -8.34
CA THR A 110 -8.34 -6.66 -7.34
C THR A 110 -7.51 -7.45 -6.33
N ALA A 111 -7.83 -7.32 -5.05
CA ALA A 111 -7.15 -8.00 -3.95
C ALA A 111 -8.08 -9.05 -3.28
N PRO A 112 -8.12 -10.32 -3.78
CA PRO A 112 -8.97 -11.40 -3.26
C PRO A 112 -8.49 -11.98 -1.91
N ARG A 113 -7.72 -11.21 -1.12
CA ARG A 113 -7.29 -11.57 0.24
C ARG A 113 -8.23 -11.01 1.31
N LEU A 114 -9.01 -9.98 0.96
CA LEU A 114 -10.04 -9.34 1.79
C LEU A 114 -11.35 -9.40 0.99
N LYS A 115 -12.46 -9.74 1.64
CA LYS A 115 -13.76 -9.90 0.99
C LYS A 115 -14.58 -8.60 1.05
N SER A 116 -14.54 -7.85 2.16
CA SER A 116 -15.40 -6.68 2.39
C SER A 116 -14.69 -5.44 2.96
N LEU A 117 -15.24 -4.24 2.69
CA LEU A 117 -14.82 -2.97 3.32
C LEU A 117 -14.84 -3.08 4.85
N ASP A 118 -15.89 -3.69 5.39
CA ASP A 118 -16.10 -3.96 6.82
C ASP A 118 -14.91 -4.68 7.49
N GLU A 119 -14.06 -5.37 6.71
CA GLU A 119 -12.88 -6.07 7.21
C GLU A 119 -11.61 -5.19 7.24
N VAL A 120 -11.63 -4.01 6.59
CA VAL A 120 -10.50 -3.06 6.49
C VAL A 120 -10.83 -1.66 7.05
N LYS A 121 -11.99 -1.52 7.70
CA LYS A 121 -12.51 -0.38 8.49
C LYS A 121 -11.52 0.31 9.48
N ASP A 122 -10.40 -0.33 9.78
CA ASP A 122 -9.45 -0.03 10.86
C ASP A 122 -7.99 0.08 10.36
N LYS A 123 -7.75 -0.04 9.05
CA LYS A 123 -6.42 -0.22 8.45
C LYS A 123 -6.10 0.80 7.34
N ALA A 124 -4.87 0.77 6.82
CA ALA A 124 -4.41 1.65 5.75
C ALA A 124 -3.97 0.88 4.50
N LEU A 125 -4.26 1.45 3.34
CA LEU A 125 -3.57 1.22 2.07
C LEU A 125 -2.21 1.91 2.13
N MET A 126 -1.24 1.43 1.34
CA MET A 126 -0.09 2.25 0.99
C MET A 126 0.41 1.91 -0.41
N ILE A 127 0.44 2.91 -1.29
CA ILE A 127 1.05 2.79 -2.63
C ILE A 127 2.56 2.95 -2.46
N HIS A 128 3.27 1.92 -2.90
CA HIS A 128 4.71 1.72 -2.78
C HIS A 128 5.46 2.08 -4.09
N VAL A 129 6.69 2.59 -3.99
CA VAL A 129 7.41 3.13 -5.17
C VAL A 129 7.81 1.99 -6.11
N GLY A 130 8.53 0.98 -5.59
CA GLY A 130 8.72 -0.30 -6.27
C GLY A 130 7.55 -1.26 -6.02
N GLY A 131 7.48 -2.31 -6.83
CA GLY A 131 6.56 -3.45 -6.78
C GLY A 131 6.72 -4.35 -5.57
N ASP A 132 6.52 -5.63 -5.82
CA ASP A 132 6.40 -6.71 -4.85
C ASP A 132 6.62 -8.04 -5.60
N ASN A 133 7.86 -8.23 -6.03
CA ASN A 133 8.21 -9.17 -7.12
C ASN A 133 9.68 -9.64 -7.09
N MET A 134 10.40 -9.43 -5.99
CA MET A 134 11.77 -9.93 -5.77
C MET A 134 12.15 -9.95 -4.28
N SER A 135 13.02 -10.89 -3.92
CA SER A 135 13.33 -11.25 -2.53
C SER A 135 14.86 -11.26 -2.26
N ASP A 136 15.28 -11.76 -1.09
CA ASP A 136 16.63 -12.27 -0.74
C ASP A 136 17.75 -11.21 -0.60
N GLN A 137 17.60 -10.08 -1.27
CA GLN A 137 18.52 -8.94 -1.27
C GLN A 137 18.50 -8.21 0.09
N PRO A 138 19.65 -7.66 0.54
CA PRO A 138 19.79 -7.10 1.89
C PRO A 138 18.92 -5.88 2.14
N LYS A 139 18.64 -5.04 1.13
CA LYS A 139 17.49 -4.12 1.18
C LYS A 139 16.21 -4.91 0.81
N PRO A 140 15.23 -5.07 1.73
CA PRO A 140 14.07 -5.93 1.52
C PRO A 140 13.16 -5.42 0.39
N LEU A 141 12.44 -6.36 -0.26
CA LEU A 141 11.67 -6.15 -1.50
C LEU A 141 12.58 -5.66 -2.66
N GLY A 142 13.89 -5.92 -2.57
CA GLY A 142 14.89 -5.39 -3.51
C GLY A 142 15.10 -3.88 -3.40
N GLY A 143 14.61 -3.25 -2.31
CA GLY A 143 14.49 -1.80 -2.12
C GLY A 143 13.05 -1.28 -2.17
N GLY A 144 12.06 -2.11 -2.53
CA GLY A 144 10.64 -1.73 -2.69
C GLY A 144 9.90 -1.35 -1.39
N GLY A 145 10.60 -1.16 -0.27
CA GLY A 145 10.03 -0.69 1.01
C GLY A 145 9.60 0.78 1.02
N THR A 146 10.00 1.57 0.01
CA THR A 146 9.69 3.01 -0.14
C THR A 146 8.26 3.25 -0.60
N ARG A 147 7.68 4.38 -0.16
CA ARG A 147 6.27 4.74 -0.33
C ARG A 147 6.11 5.91 -1.31
N TYR A 148 5.00 5.98 -2.03
CA TYR A 148 4.54 7.22 -2.68
C TYR A 148 3.32 7.83 -1.96
N ALA A 149 2.36 7.03 -1.48
CA ALA A 149 1.13 7.55 -0.87
C ALA A 149 0.47 6.63 0.17
N CYS A 150 -0.13 7.23 1.21
CA CYS A 150 -0.93 6.62 2.28
C CYS A 150 -2.44 6.81 2.02
N GLY A 151 -3.23 5.76 2.25
CA GLY A 151 -4.70 5.77 2.16
C GLY A 151 -5.36 5.10 3.37
N VAL A 152 -5.62 5.82 4.46
CA VAL A 152 -6.39 5.29 5.61
C VAL A 152 -7.84 4.97 5.20
N ILE A 153 -8.33 3.76 5.52
CA ILE A 153 -9.65 3.21 5.10
C ILE A 153 -10.67 3.35 6.24
N LYS A 154 -11.96 3.38 5.92
CA LYS A 154 -13.09 3.40 6.85
C LYS A 154 -14.20 2.44 6.38
N ALA A 1 -20.60 -2.69 0.16
CA ALA A 1 -20.23 -1.31 0.53
C ALA A 1 -19.00 -0.89 -0.28
N SER A 2 -18.57 0.37 -0.16
CA SER A 2 -17.46 0.92 -0.95
C SER A 2 -16.83 2.09 -0.18
N GLU A 3 -15.54 2.35 -0.40
CA GLU A 3 -14.85 3.49 0.23
C GLU A 3 -13.79 4.13 -0.70
N LYS A 4 -14.05 5.38 -1.05
CA LYS A 4 -13.20 6.26 -1.84
C LYS A 4 -12.07 6.85 -0.97
N VAL A 5 -10.97 6.11 -0.77
CA VAL A 5 -9.91 6.63 0.11
C VAL A 5 -9.09 7.72 -0.56
N GLY A 6 -9.26 8.94 -0.04
CA GLY A 6 -8.56 10.17 -0.45
C GLY A 6 -7.08 10.08 -0.15
N MET A 7 -6.32 9.77 -1.19
CA MET A 7 -4.86 9.65 -1.17
C MET A 7 -4.15 11.00 -1.05
N ASN A 8 -3.28 11.12 -0.05
CA ASN A 8 -2.19 12.11 -0.05
C ASN A 8 -0.85 11.45 -0.41
N LEU A 9 0.05 12.26 -0.97
CA LEU A 9 1.47 11.98 -1.09
C LEU A 9 2.07 11.75 0.31
N VAL A 10 3.01 10.83 0.44
CA VAL A 10 3.78 10.61 1.69
C VAL A 10 5.24 10.30 1.40
N THR A 11 6.03 10.38 2.47
CA THR A 11 7.47 10.19 2.52
C THR A 11 7.90 10.19 4.00
N ALA A 12 9.18 10.41 4.24
CA ALA A 12 9.84 10.61 5.54
C ALA A 12 9.39 11.87 6.31
N GLN A 13 8.28 12.49 5.92
CA GLN A 13 7.63 13.60 6.62
C GLN A 13 6.22 13.20 7.09
N GLY A 14 5.66 12.08 6.62
CA GLY A 14 4.23 11.74 6.79
C GLY A 14 3.40 12.34 5.66
N VAL A 15 2.16 12.73 5.97
CA VAL A 15 1.16 13.26 5.05
C VAL A 15 1.61 14.58 4.38
N GLY A 16 1.56 14.61 3.05
CA GLY A 16 1.89 15.76 2.20
C GLY A 16 0.66 16.35 1.50
N GLN A 17 0.78 16.61 0.20
CA GLN A 17 -0.30 17.11 -0.65
C GLN A 17 -1.33 16.02 -0.91
N SER A 18 -2.60 16.39 -1.01
CA SER A 18 -3.63 15.51 -1.59
C SER A 18 -3.49 15.48 -3.12
N ILE A 19 -3.53 14.29 -3.72
CA ILE A 19 -3.31 13.99 -5.11
C ILE A 19 -4.56 13.42 -5.77
N GLY A 20 -5.31 12.62 -5.01
CA GLY A 20 -6.00 11.49 -5.60
C GLY A 20 -7.08 10.91 -4.70
N THR A 21 -7.75 9.86 -5.18
CA THR A 21 -8.28 8.80 -4.32
C THR A 21 -7.82 7.46 -4.88
N VAL A 22 -8.05 6.39 -4.13
CA VAL A 22 -8.38 5.13 -4.80
C VAL A 22 -9.75 4.72 -4.29
N VAL A 23 -10.66 4.36 -5.18
CA VAL A 23 -11.93 3.80 -4.74
C VAL A 23 -11.77 2.31 -4.49
N ILE A 24 -12.22 1.86 -3.33
CA ILE A 24 -12.22 0.45 -2.95
C ILE A 24 -13.68 -0.04 -2.94
N ASP A 25 -13.97 -1.11 -3.67
CA ASP A 25 -15.29 -1.74 -3.76
C ASP A 25 -15.16 -3.27 -3.64
N GLU A 26 -15.91 -3.86 -2.72
CA GLU A 26 -15.78 -5.29 -2.35
C GLU A 26 -16.60 -6.21 -3.26
N THR A 27 -16.06 -7.40 -3.61
CA THR A 27 -16.77 -8.43 -4.38
C THR A 27 -16.26 -9.82 -3.97
N GLU A 28 -16.74 -10.87 -4.61
CA GLU A 28 -16.25 -12.24 -4.40
C GLU A 28 -14.88 -12.49 -5.07
N GLY A 29 -14.42 -11.58 -5.93
CA GLY A 29 -12.99 -11.43 -6.27
C GLY A 29 -12.21 -10.57 -5.29
N GLY A 30 -12.87 -10.20 -4.20
CA GLY A 30 -12.36 -9.41 -3.07
C GLY A 30 -12.34 -7.92 -3.30
N LEU A 31 -11.34 -7.25 -2.73
CA LEU A 31 -11.23 -5.78 -2.75
C LEU A 31 -10.80 -5.28 -4.14
N LYS A 32 -11.74 -4.64 -4.85
CA LYS A 32 -11.47 -4.00 -6.14
C LYS A 32 -10.89 -2.59 -5.92
N PHE A 33 -9.59 -2.43 -6.18
CA PHE A 33 -8.87 -1.16 -6.13
C PHE A 33 -9.03 -0.45 -7.48
N THR A 34 -9.79 0.66 -7.56
CA THR A 34 -9.96 1.41 -8.82
C THR A 34 -9.32 2.80 -8.65
N PRO A 35 -8.08 3.00 -9.14
CA PRO A 35 -7.28 4.21 -8.91
C PRO A 35 -7.62 5.29 -9.93
N HIS A 36 -7.40 6.56 -9.55
CA HIS A 36 -7.64 7.70 -10.44
C HIS A 36 -6.72 8.91 -10.11
N LEU A 37 -5.44 8.62 -9.81
CA LEU A 37 -4.40 9.59 -9.40
C LEU A 37 -3.58 10.11 -10.60
N LYS A 38 -3.10 11.36 -10.53
CA LYS A 38 -2.50 12.08 -11.67
C LYS A 38 -1.23 12.90 -11.33
N ALA A 39 -0.36 12.34 -10.49
CA ALA A 39 0.86 12.99 -9.96
C ALA A 39 1.78 11.99 -9.22
N LEU A 40 2.07 10.83 -9.83
CA LEU A 40 3.00 9.82 -9.26
C LEU A 40 4.15 9.49 -10.20
N PRO A 41 5.25 8.92 -9.68
CA PRO A 41 6.30 8.40 -10.51
C PRO A 41 5.75 7.30 -11.44
N PRO A 42 6.04 7.38 -12.74
CA PRO A 42 5.24 6.85 -13.85
C PRO A 42 5.62 5.40 -14.21
N GLY A 43 6.06 4.66 -13.20
CA GLY A 43 6.35 3.25 -13.26
C GLY A 43 5.46 2.50 -12.28
N GLU A 44 5.42 1.19 -12.42
CA GLU A 44 4.60 0.31 -11.58
C GLU A 44 5.08 0.26 -10.12
N HIS A 45 4.12 0.16 -9.18
CA HIS A 45 4.33 0.26 -7.74
C HIS A 45 3.68 -0.89 -7.00
N GLY A 46 4.23 -1.29 -5.85
CA GLY A 46 3.56 -2.22 -4.95
C GLY A 46 2.23 -1.69 -4.40
N PHE A 47 1.39 -2.58 -3.86
CA PHE A 47 0.11 -2.25 -3.22
C PHE A 47 -0.05 -3.15 -1.97
N HIS A 48 -0.18 -2.57 -0.77
CA HIS A 48 -0.31 -3.32 0.49
C HIS A 48 -1.41 -2.77 1.40
N ILE A 49 -2.03 -3.68 2.17
CA ILE A 49 -2.89 -3.41 3.33
C ILE A 49 -2.02 -3.47 4.59
N HIS A 50 -2.20 -2.52 5.50
CA HIS A 50 -1.26 -2.21 6.57
C HIS A 50 -1.98 -2.09 7.91
N ALA A 51 -1.43 -2.73 8.96
CA ALA A 51 -2.15 -3.17 10.15
C ALA A 51 -2.85 -2.09 10.99
N ASN A 52 -2.39 -0.83 10.93
CA ASN A 52 -3.12 0.34 11.46
C ASN A 52 -3.46 1.37 10.36
N GLY A 53 -4.55 2.13 10.54
CA GLY A 53 -4.90 3.29 9.70
C GLY A 53 -4.10 4.55 10.08
N SER A 54 -2.78 4.49 9.99
CA SER A 54 -1.88 5.39 10.73
C SER A 54 -0.55 5.70 9.99
N CYS A 55 -0.60 6.36 8.83
CA CYS A 55 0.56 6.73 7.99
C CYS A 55 1.56 7.75 8.61
N GLN A 56 1.66 7.82 9.93
CA GLN A 56 2.61 8.64 10.67
C GLN A 56 4.02 8.00 10.68
N PRO A 57 5.10 8.78 10.51
CA PRO A 57 6.46 8.26 10.63
C PRO A 57 6.98 8.38 12.07
N ALA A 58 7.76 7.39 12.51
CA ALA A 58 8.46 7.45 13.80
C ALA A 58 9.70 8.37 13.70
N ILE A 59 9.85 9.32 14.61
CA ILE A 59 10.98 10.29 14.63
C ILE A 59 12.23 9.63 15.22
N LYS A 60 13.37 9.66 14.51
CA LYS A 60 14.60 8.99 14.91
C LYS A 60 15.83 9.45 14.10
N ASP A 61 16.92 9.86 14.79
CA ASP A 61 18.24 10.13 14.20
C ASP A 61 18.24 11.20 13.08
N GLY A 62 17.68 12.38 13.37
CA GLY A 62 17.68 13.53 12.45
C GLY A 62 16.76 13.38 11.24
N GLN A 63 15.87 12.39 11.26
CA GLN A 63 14.94 12.05 10.18
C GLN A 63 13.76 11.24 10.77
N ALA A 64 12.96 10.54 9.94
CA ALA A 64 11.80 9.80 10.43
C ALA A 64 11.44 8.62 9.51
N VAL A 65 10.97 7.52 10.10
CA VAL A 65 10.73 6.24 9.41
C VAL A 65 9.38 6.31 8.66
N ALA A 66 9.44 6.57 7.35
CA ALA A 66 8.32 6.88 6.45
C ALA A 66 7.07 5.99 6.63
N ALA A 67 6.09 6.51 7.39
CA ALA A 67 4.77 5.92 7.61
C ALA A 67 4.79 4.55 8.33
N GLU A 68 5.79 4.28 9.19
CA GLU A 68 5.94 3.00 9.91
C GLU A 68 4.77 2.70 10.87
N ALA A 69 4.15 3.71 11.50
CA ALA A 69 3.09 3.50 12.49
C ALA A 69 1.84 2.79 11.94
N ALA A 70 1.69 2.72 10.61
CA ALA A 70 0.67 1.96 9.91
C ALA A 70 0.85 0.44 10.02
N GLY A 71 1.93 -0.06 10.65
CA GLY A 71 2.13 -1.49 10.88
C GLY A 71 2.95 -2.19 9.79
N GLY A 72 3.01 -3.52 9.86
CA GLY A 72 3.48 -4.38 8.77
C GLY A 72 2.38 -4.67 7.74
N HIS A 73 2.61 -5.65 6.86
CA HIS A 73 1.71 -6.07 5.77
C HIS A 73 0.48 -6.86 6.28
N LEU A 74 -0.10 -6.43 7.40
CA LEU A 74 -1.11 -7.17 8.18
C LEU A 74 -0.62 -8.60 8.45
N ASP A 75 0.51 -8.69 9.15
CA ASP A 75 1.37 -9.87 9.26
C ASP A 75 1.59 -10.38 10.72
N PRO A 76 0.51 -10.59 11.51
CA PRO A 76 0.58 -10.79 12.96
C PRO A 76 1.24 -12.09 13.43
N GLN A 77 1.33 -13.13 12.57
CA GLN A 77 1.76 -14.49 12.96
C GLN A 77 2.14 -15.35 11.74
N ASN A 78 2.67 -14.72 10.69
CA ASN A 78 2.76 -15.31 9.34
C ASN A 78 4.20 -15.72 8.94
N THR A 79 5.11 -14.75 8.90
CA THR A 79 6.44 -14.76 8.22
C THR A 79 6.99 -13.33 8.21
N GLY A 80 8.31 -13.19 8.18
CA GLY A 80 8.98 -11.88 8.04
C GLY A 80 9.30 -11.51 6.59
N LYS A 81 9.56 -12.51 5.74
CA LYS A 81 9.75 -12.31 4.29
C LYS A 81 8.42 -12.38 3.52
N HIS A 82 8.45 -12.26 2.19
CA HIS A 82 7.30 -11.80 1.39
C HIS A 82 6.88 -12.78 0.27
N GLU A 83 5.67 -12.58 -0.28
CA GLU A 83 5.10 -13.42 -1.35
C GLU A 83 5.43 -12.86 -2.74
N GLY A 84 4.48 -12.85 -3.69
CA GLY A 84 4.78 -12.79 -5.11
C GLY A 84 5.15 -14.18 -5.62
N PRO A 85 6.16 -14.34 -6.49
CA PRO A 85 6.46 -15.62 -7.13
C PRO A 85 6.87 -16.73 -6.14
N GLU A 86 7.54 -16.38 -5.04
CA GLU A 86 8.04 -17.35 -4.06
C GLU A 86 7.05 -17.64 -2.89
N GLY A 87 5.87 -16.99 -2.88
CA GLY A 87 4.72 -17.33 -2.01
C GLY A 87 4.84 -17.12 -0.50
N GLN A 88 6.04 -16.88 0.02
CA GLN A 88 6.39 -16.98 1.46
C GLN A 88 6.06 -15.73 2.29
N GLY A 89 4.87 -15.15 2.10
CA GLY A 89 4.48 -13.82 2.61
C GLY A 89 3.14 -13.73 3.36
N HIS A 90 2.51 -12.56 3.22
CA HIS A 90 1.51 -12.01 4.14
C HIS A 90 0.14 -11.83 3.46
N LEU A 91 -0.96 -11.85 4.24
CA LEU A 91 -2.31 -11.65 3.70
C LEU A 91 -2.58 -10.22 3.19
N GLY A 92 -1.89 -9.21 3.73
CA GLY A 92 -1.98 -7.81 3.30
C GLY A 92 -1.03 -7.44 2.16
N ASP A 93 -0.56 -8.42 1.36
CA ASP A 93 0.17 -8.20 0.11
C ASP A 93 -0.78 -8.33 -1.11
N LEU A 94 -0.66 -7.40 -2.08
CA LEU A 94 -1.56 -7.25 -3.23
C LEU A 94 -0.73 -7.01 -4.52
N PRO A 95 -1.29 -7.12 -5.74
CA PRO A 95 -0.53 -7.04 -6.99
C PRO A 95 -0.31 -5.58 -7.42
N VAL A 96 0.68 -5.35 -8.28
CA VAL A 96 1.24 -4.01 -8.55
C VAL A 96 0.26 -3.02 -9.19
N LEU A 97 0.26 -1.82 -8.62
CA LEU A 97 -0.38 -0.60 -9.08
C LEU A 97 0.44 -0.01 -10.25
N VAL A 98 0.16 -0.45 -11.47
CA VAL A 98 0.80 0.09 -12.69
C VAL A 98 0.42 1.57 -12.87
N VAL A 99 1.43 2.39 -13.16
CA VAL A 99 1.35 3.81 -13.52
C VAL A 99 2.00 3.94 -14.90
N ASN A 100 1.39 4.71 -15.80
CA ASN A 100 1.93 4.91 -17.15
C ASN A 100 2.95 6.07 -17.19
N ASN A 101 3.77 6.13 -18.26
CA ASN A 101 4.84 7.13 -18.50
C ASN A 101 4.53 8.63 -18.23
N ASP A 102 3.26 9.04 -18.23
CA ASP A 102 2.78 10.42 -18.05
C ASP A 102 2.50 10.79 -16.57
N GLY A 103 2.56 9.80 -15.65
CA GLY A 103 2.39 10.02 -14.21
C GLY A 103 0.94 9.87 -13.72
N ILE A 104 0.15 9.02 -14.38
CA ILE A 104 -1.26 8.75 -14.05
C ILE A 104 -1.48 7.24 -13.82
N ALA A 105 -2.18 6.90 -12.74
CA ALA A 105 -2.50 5.54 -12.32
C ALA A 105 -3.96 5.18 -12.63
N THR A 106 -4.23 3.95 -13.10
CA THR A 106 -5.54 3.61 -13.70
C THR A 106 -6.00 2.14 -13.59
N GLU A 107 -5.16 1.17 -13.19
CA GLU A 107 -5.54 -0.25 -13.24
C GLU A 107 -6.65 -0.63 -12.25
N PRO A 108 -7.83 -1.11 -12.70
CA PRO A 108 -8.87 -1.66 -11.84
C PRO A 108 -8.46 -3.06 -11.35
N VAL A 109 -7.58 -3.08 -10.34
CA VAL A 109 -7.11 -4.29 -9.63
C VAL A 109 -8.27 -4.92 -8.84
N THR A 110 -8.27 -6.24 -8.67
CA THR A 110 -9.06 -6.92 -7.62
C THR A 110 -8.13 -7.85 -6.84
N ALA A 111 -8.30 -7.90 -5.52
CA ALA A 111 -7.46 -8.71 -4.64
C ALA A 111 -8.31 -9.67 -3.76
N PRO A 112 -8.42 -10.96 -4.13
CA PRO A 112 -9.16 -11.98 -3.37
C PRO A 112 -8.42 -12.48 -2.10
N ARG A 113 -7.35 -11.79 -1.69
CA ARG A 113 -6.69 -12.03 -0.39
C ARG A 113 -7.62 -11.68 0.79
N LEU A 114 -8.49 -10.69 0.57
CA LEU A 114 -9.58 -10.23 1.44
C LEU A 114 -10.89 -10.41 0.66
N LYS A 115 -12.03 -10.62 1.32
CA LYS A 115 -13.33 -10.87 0.67
C LYS A 115 -14.51 -10.09 1.30
N SER A 116 -14.26 -9.09 2.15
CA SER A 116 -15.19 -8.02 2.52
C SER A 116 -14.44 -6.74 2.89
N LEU A 117 -15.14 -5.61 3.02
CA LEU A 117 -14.57 -4.31 3.33
C LEU A 117 -14.46 -4.08 4.85
N ASP A 118 -15.48 -4.42 5.63
CA ASP A 118 -15.49 -4.16 7.08
C ASP A 118 -14.40 -4.93 7.86
N GLU A 119 -13.86 -6.01 7.29
CA GLU A 119 -12.71 -6.72 7.86
C GLU A 119 -11.41 -5.89 7.82
N VAL A 120 -11.33 -4.83 7.01
CA VAL A 120 -10.17 -3.90 6.90
C VAL A 120 -10.53 -2.44 7.23
N LYS A 121 -11.59 -2.24 8.03
CA LYS A 121 -12.13 -0.95 8.52
C LYS A 121 -11.14 0.00 9.26
N ASP A 122 -9.93 -0.46 9.58
CA ASP A 122 -8.96 0.20 10.46
C ASP A 122 -7.53 -0.03 9.94
N LYS A 123 -7.32 0.24 8.64
CA LYS A 123 -6.13 -0.11 7.87
C LYS A 123 -5.76 0.98 6.85
N ALA A 124 -4.47 1.12 6.55
CA ALA A 124 -3.99 1.92 5.42
C ALA A 124 -3.92 1.08 4.13
N LEU A 125 -4.37 1.65 3.00
CA LEU A 125 -3.90 1.26 1.66
C LEU A 125 -2.82 2.23 1.21
N MET A 126 -1.65 1.68 0.92
CA MET A 126 -0.46 2.46 0.60
C MET A 126 0.09 2.10 -0.78
N ILE A 127 0.24 3.09 -1.65
CA ILE A 127 0.92 2.94 -2.95
C ILE A 127 2.43 2.94 -2.68
N HIS A 128 3.07 1.81 -2.95
CA HIS A 128 4.39 1.43 -2.44
C HIS A 128 5.50 1.61 -3.50
N VAL A 129 6.65 2.15 -3.10
CA VAL A 129 7.67 2.66 -4.04
C VAL A 129 8.21 1.53 -4.93
N GLY A 130 8.54 0.37 -4.35
CA GLY A 130 8.92 -0.82 -5.12
C GLY A 130 7.71 -1.67 -5.51
N GLY A 131 7.64 -2.09 -6.77
CA GLY A 131 6.90 -3.25 -7.24
C GLY A 131 7.33 -4.54 -6.54
N ASP A 132 6.41 -5.50 -6.51
CA ASP A 132 6.07 -6.13 -5.23
C ASP A 132 6.50 -7.61 -5.16
N ASN A 133 7.65 -7.94 -5.74
CA ASN A 133 8.23 -9.29 -5.77
C ASN A 133 9.39 -9.49 -4.77
N MET A 134 9.68 -8.50 -3.91
CA MET A 134 11.00 -8.34 -3.27
C MET A 134 11.09 -8.90 -1.84
N SER A 135 12.15 -9.66 -1.57
CA SER A 135 12.71 -9.98 -0.22
C SER A 135 13.99 -10.84 -0.36
N ASP A 136 14.71 -11.04 0.77
CA ASP A 136 15.98 -11.78 0.94
C ASP A 136 17.21 -10.83 0.82
N GLN A 137 17.33 -9.90 1.78
CA GLN A 137 18.32 -8.82 1.80
C GLN A 137 18.61 -8.44 3.28
N PRO A 138 19.75 -7.77 3.58
CA PRO A 138 20.09 -7.26 4.91
C PRO A 138 19.17 -6.13 5.40
N LYS A 139 18.30 -5.60 4.55
CA LYS A 139 17.18 -4.73 4.92
C LYS A 139 15.86 -5.32 4.36
N PRO A 140 14.73 -5.24 5.09
CA PRO A 140 13.48 -5.86 4.66
C PRO A 140 13.01 -5.27 3.33
N LEU A 141 12.59 -6.17 2.41
CA LEU A 141 12.05 -5.84 1.08
C LEU A 141 13.11 -5.14 0.18
N GLY A 142 14.40 -5.24 0.51
CA GLY A 142 15.50 -4.55 -0.17
C GLY A 142 15.52 -3.04 0.06
N GLY A 143 14.67 -2.52 0.95
CA GLY A 143 14.39 -1.10 1.13
C GLY A 143 13.18 -0.59 0.32
N GLY A 144 12.61 -1.41 -0.57
CA GLY A 144 11.49 -1.03 -1.46
C GLY A 144 10.13 -0.87 -0.76
N GLY A 145 10.08 -1.08 0.56
CA GLY A 145 8.88 -0.98 1.40
C GLY A 145 8.45 0.45 1.75
N THR A 146 9.09 1.48 1.18
CA THR A 146 8.70 2.88 1.31
C THR A 146 7.41 3.16 0.54
N ARG A 147 6.73 4.25 0.90
CA ARG A 147 5.40 4.62 0.42
C ARG A 147 5.50 5.90 -0.44
N TYR A 148 4.82 5.98 -1.59
CA TYR A 148 4.61 7.24 -2.32
C TYR A 148 3.31 7.94 -1.90
N ALA A 149 2.24 7.20 -1.61
CA ALA A 149 0.94 7.75 -1.21
C ALA A 149 0.18 6.82 -0.25
N CYS A 150 -0.64 7.42 0.61
CA CYS A 150 -1.44 6.75 1.65
C CYS A 150 -2.92 7.17 1.55
N GLY A 151 -3.80 6.16 1.58
CA GLY A 151 -5.24 6.27 1.77
C GLY A 151 -5.69 5.36 2.92
N VAL A 152 -5.84 5.91 4.12
CA VAL A 152 -6.43 5.24 5.29
C VAL A 152 -7.91 4.96 5.03
N ILE A 153 -8.33 3.69 5.15
CA ILE A 153 -9.73 3.30 5.01
C ILE A 153 -10.60 4.05 6.02
N LYS A 154 -11.53 4.86 5.51
CA LYS A 154 -12.45 5.60 6.39
C LYS A 154 -13.41 4.64 7.12
N ALA A 1 -19.41 -3.27 -2.59
CA ALA A 1 -19.68 -2.35 -1.45
C ALA A 1 -18.44 -1.48 -1.21
N SER A 2 -18.57 -0.15 -1.16
CA SER A 2 -17.49 0.72 -1.66
C SER A 2 -16.97 1.74 -0.65
N GLU A 3 -15.70 2.15 -0.79
CA GLU A 3 -15.20 3.39 -0.21
C GLU A 3 -14.07 4.01 -1.04
N LYS A 4 -14.17 5.31 -1.30
CA LYS A 4 -13.38 6.03 -2.28
C LYS A 4 -12.16 6.68 -1.63
N VAL A 5 -11.15 5.89 -1.23
CA VAL A 5 -10.23 6.33 -0.17
C VAL A 5 -9.24 7.36 -0.72
N GLY A 6 -9.29 8.56 -0.13
CA GLY A 6 -8.55 9.75 -0.54
C GLY A 6 -7.12 9.67 -0.07
N MET A 7 -6.25 9.23 -0.97
CA MET A 7 -4.82 9.08 -0.73
C MET A 7 -4.08 10.42 -0.82
N ASN A 8 -3.25 10.71 0.17
CA ASN A 8 -2.35 11.86 0.17
C ASN A 8 -0.94 11.41 -0.21
N LEU A 9 -0.17 12.31 -0.84
CA LEU A 9 1.27 12.14 -1.04
C LEU A 9 1.95 12.15 0.33
N VAL A 10 2.97 11.31 0.54
CA VAL A 10 3.67 11.19 1.84
C VAL A 10 5.18 11.14 1.68
N THR A 11 5.86 11.49 2.77
CA THR A 11 7.32 11.40 2.97
C THR A 11 7.62 11.71 4.44
N ALA A 12 8.78 12.27 4.73
CA ALA A 12 9.33 12.62 6.06
C ALA A 12 8.50 13.66 6.84
N GLN A 13 7.47 14.27 6.23
CA GLN A 13 6.47 15.09 6.93
C GLN A 13 5.27 14.27 7.40
N GLY A 14 5.09 13.04 6.90
CA GLY A 14 3.84 12.29 6.95
C GLY A 14 2.91 12.72 5.82
N VAL A 15 1.62 12.76 6.13
CA VAL A 15 0.54 13.20 5.24
C VAL A 15 0.81 14.61 4.67
N GLY A 16 0.88 14.70 3.34
CA GLY A 16 0.90 15.95 2.57
C GLY A 16 -0.49 16.34 2.09
N GLN A 17 -0.62 16.70 0.81
CA GLN A 17 -1.91 16.91 0.15
C GLN A 17 -2.25 15.73 -0.78
N SER A 18 -3.47 15.68 -1.31
CA SER A 18 -3.98 14.60 -2.17
C SER A 18 -4.15 15.01 -3.64
N ILE A 19 -3.74 14.11 -4.53
CA ILE A 19 -3.85 14.22 -6.00
C ILE A 19 -4.89 13.25 -6.60
N GLY A 20 -5.61 12.51 -5.76
CA GLY A 20 -6.43 11.39 -6.19
C GLY A 20 -6.91 10.50 -5.04
N THR A 21 -8.05 9.84 -5.24
CA THR A 21 -8.45 8.67 -4.45
C THR A 21 -7.92 7.40 -5.14
N VAL A 22 -8.13 6.27 -4.48
CA VAL A 22 -8.34 5.00 -5.18
C VAL A 22 -9.70 4.48 -4.73
N VAL A 23 -10.56 4.12 -5.67
CA VAL A 23 -11.87 3.57 -5.33
C VAL A 23 -11.76 2.09 -5.00
N ILE A 24 -12.11 1.75 -3.77
CA ILE A 24 -12.15 0.36 -3.27
C ILE A 24 -13.60 -0.09 -3.34
N ASP A 25 -13.85 -1.21 -3.98
CA ASP A 25 -15.15 -1.88 -3.94
C ASP A 25 -15.01 -3.35 -3.57
N GLU A 26 -15.67 -3.72 -2.48
CA GLU A 26 -15.85 -5.09 -2.00
C GLU A 26 -16.71 -5.87 -2.99
N THR A 27 -16.22 -7.01 -3.50
CA THR A 27 -16.97 -7.83 -4.45
C THR A 27 -16.84 -9.30 -4.14
N GLU A 28 -17.56 -10.15 -4.87
CA GLU A 28 -17.40 -11.60 -4.77
C GLU A 28 -15.96 -12.06 -5.12
N GLY A 29 -15.23 -11.27 -5.91
CA GLY A 29 -13.79 -11.45 -6.18
C GLY A 29 -12.87 -10.64 -5.27
N GLY A 30 -13.41 -10.10 -4.19
CA GLY A 30 -12.72 -9.31 -3.16
C GLY A 30 -12.61 -7.81 -3.49
N LEU A 31 -11.64 -7.14 -2.86
CA LEU A 31 -11.47 -5.68 -2.93
C LEU A 31 -10.93 -5.23 -4.30
N LYS A 32 -11.81 -4.83 -5.20
CA LYS A 32 -11.52 -4.22 -6.47
C LYS A 32 -11.02 -2.77 -6.28
N PHE A 33 -9.78 -2.51 -6.66
CA PHE A 33 -9.04 -1.27 -6.47
C PHE A 33 -8.87 -0.55 -7.82
N THR A 34 -9.54 0.61 -8.02
CA THR A 34 -9.46 1.36 -9.30
C THR A 34 -8.90 2.75 -9.02
N PRO A 35 -7.70 3.09 -9.55
CA PRO A 35 -7.03 4.35 -9.24
C PRO A 35 -7.46 5.48 -10.16
N HIS A 36 -7.22 6.73 -9.74
CA HIS A 36 -7.44 7.92 -10.58
C HIS A 36 -6.49 9.10 -10.25
N LEU A 37 -5.29 8.82 -9.68
CA LEU A 37 -4.32 9.84 -9.24
C LEU A 37 -3.46 10.37 -10.39
N LYS A 38 -3.11 11.67 -10.37
CA LYS A 38 -2.20 12.29 -11.35
C LYS A 38 -1.04 13.00 -10.63
N ALA A 39 0.21 12.71 -11.02
CA ALA A 39 1.51 13.33 -10.64
C ALA A 39 2.63 12.37 -10.20
N LEU A 40 2.47 11.06 -10.40
CA LEU A 40 3.38 10.02 -9.89
C LEU A 40 4.41 9.59 -10.94
N PRO A 41 5.56 8.98 -10.54
CA PRO A 41 6.50 8.38 -11.47
C PRO A 41 5.82 7.26 -12.30
N PRO A 42 6.00 7.22 -13.64
CA PRO A 42 5.00 6.68 -14.56
C PRO A 42 5.24 5.19 -14.87
N GLY A 43 5.55 4.43 -13.82
CA GLY A 43 5.91 3.01 -13.90
C GLY A 43 5.04 2.06 -13.06
N GLU A 44 5.61 0.89 -12.77
CA GLU A 44 5.10 -0.17 -11.89
C GLU A 44 5.39 0.14 -10.41
N HIS A 45 4.46 -0.24 -9.51
CA HIS A 45 4.48 0.06 -8.06
C HIS A 45 3.75 -1.03 -7.30
N GLY A 46 4.24 -1.51 -6.15
CA GLY A 46 3.50 -2.38 -5.25
C GLY A 46 2.38 -1.68 -4.46
N PHE A 47 1.49 -2.46 -3.87
CA PHE A 47 0.38 -2.00 -3.03
C PHE A 47 0.41 -2.82 -1.73
N HIS A 48 0.52 -2.21 -0.53
CA HIS A 48 0.42 -2.94 0.75
C HIS A 48 -0.71 -2.41 1.65
N ILE A 49 -1.20 -3.27 2.55
CA ILE A 49 -1.92 -2.92 3.78
C ILE A 49 -1.03 -3.21 4.99
N HIS A 50 -1.09 -2.32 5.98
CA HIS A 50 -0.33 -2.37 7.23
C HIS A 50 -1.30 -2.44 8.45
N ALA A 51 -0.79 -2.49 9.68
CA ALA A 51 -1.58 -2.84 10.88
C ALA A 51 -2.53 -1.75 11.43
N ASN A 52 -2.26 -0.46 11.24
CA ASN A 52 -3.11 0.65 11.70
C ASN A 52 -3.35 1.74 10.62
N GLY A 53 -4.40 2.55 10.80
CA GLY A 53 -4.82 3.63 9.91
C GLY A 53 -4.08 4.95 10.19
N SER A 54 -2.77 4.97 9.97
CA SER A 54 -1.90 6.07 10.42
C SER A 54 -0.73 6.38 9.45
N CYS A 55 -1.02 7.05 8.33
CA CYS A 55 -0.11 7.46 7.23
C CYS A 55 1.08 8.40 7.57
N GLN A 56 1.72 8.21 8.72
CA GLN A 56 2.66 9.16 9.33
C GLN A 56 4.06 8.54 9.52
N PRO A 57 5.10 9.35 9.85
CA PRO A 57 6.38 8.84 10.28
C PRO A 57 6.35 8.42 11.74
N ALA A 58 7.11 7.38 12.06
CA ALA A 58 7.56 7.10 13.42
C ALA A 58 8.99 7.66 13.61
N ILE A 59 9.36 8.00 14.84
CA ILE A 59 10.78 8.18 15.20
C ILE A 59 11.34 6.80 15.53
N LYS A 60 12.30 6.32 14.75
CA LYS A 60 12.95 5.02 14.98
C LYS A 60 14.01 5.13 16.09
N ASP A 61 14.83 6.17 15.98
CA ASP A 61 15.83 6.67 16.93
C ASP A 61 16.41 7.95 16.31
N GLY A 62 16.27 9.11 16.96
CA GLY A 62 16.86 10.38 16.52
C GLY A 62 16.40 10.96 15.17
N GLN A 63 15.56 10.25 14.40
CA GLN A 63 15.18 10.60 13.03
C GLN A 63 13.87 9.91 12.61
N ALA A 64 13.17 10.47 11.61
CA ALA A 64 11.85 10.04 11.18
C ALA A 64 11.91 8.97 10.09
N VAL A 65 11.12 7.91 10.24
CA VAL A 65 10.88 6.87 9.23
C VAL A 65 9.41 6.91 8.80
N ALA A 66 9.19 7.48 7.60
CA ALA A 66 7.87 7.68 7.00
C ALA A 66 7.21 6.34 6.60
N ALA A 67 6.14 5.99 7.33
CA ALA A 67 5.17 4.90 7.15
C ALA A 67 5.07 3.94 8.35
N GLU A 68 6.12 3.79 9.19
CA GLU A 68 6.08 2.83 10.30
C GLU A 68 5.09 3.18 11.43
N ALA A 69 4.50 4.39 11.44
CA ALA A 69 3.37 4.71 12.30
C ALA A 69 2.07 3.97 11.90
N ALA A 70 1.97 3.50 10.65
CA ALA A 70 0.87 2.66 10.17
C ALA A 70 1.00 1.19 10.58
N GLY A 71 2.02 0.82 11.37
CA GLY A 71 2.23 -0.56 11.81
C GLY A 71 3.19 -1.34 10.93
N GLY A 72 3.43 -2.60 11.30
CA GLY A 72 4.16 -3.58 10.50
C GLY A 72 3.37 -4.08 9.29
N HIS A 73 3.86 -5.14 8.66
CA HIS A 73 3.23 -5.88 7.55
C HIS A 73 2.01 -6.70 8.03
N LEU A 74 1.07 -6.08 8.75
CA LEU A 74 -0.17 -6.67 9.28
C LEU A 74 0.06 -8.12 9.77
N ASP A 75 0.99 -8.23 10.72
CA ASP A 75 1.84 -9.39 10.96
C ASP A 75 1.72 -9.93 12.40
N PRO A 76 0.73 -10.80 12.69
CA PRO A 76 0.56 -11.46 13.99
C PRO A 76 1.59 -12.58 14.19
N GLN A 77 1.54 -13.62 13.36
CA GLN A 77 2.50 -14.72 13.30
C GLN A 77 2.64 -15.11 11.81
N ASN A 78 3.86 -15.19 11.30
CA ASN A 78 4.21 -15.56 9.91
C ASN A 78 5.72 -15.43 9.62
N THR A 79 6.16 -14.31 9.02
CA THR A 79 7.49 -14.06 8.40
C THR A 79 7.50 -12.70 7.73
N GLY A 80 6.45 -12.37 6.97
CA GLY A 80 5.91 -11.01 6.74
C GLY A 80 6.54 -10.23 5.59
N LYS A 81 7.87 -10.34 5.44
CA LYS A 81 8.70 -9.53 4.54
C LYS A 81 8.07 -9.32 3.15
N HIS A 82 7.65 -10.40 2.48
CA HIS A 82 6.82 -10.49 1.27
C HIS A 82 6.91 -11.88 0.59
N GLU A 83 5.84 -12.30 -0.07
CA GLU A 83 5.84 -13.50 -0.91
C GLU A 83 6.40 -13.21 -2.33
N GLY A 84 6.69 -14.29 -3.07
CA GLY A 84 7.45 -14.25 -4.32
C GLY A 84 8.49 -15.38 -4.36
N PRO A 85 9.81 -15.10 -4.27
CA PRO A 85 10.87 -16.09 -4.48
C PRO A 85 10.94 -17.19 -3.41
N GLU A 86 10.50 -16.94 -2.17
CA GLU A 86 10.52 -17.89 -1.05
C GLU A 86 9.21 -17.89 -0.24
N GLY A 87 8.17 -17.24 -0.76
CA GLY A 87 6.80 -17.29 -0.22
C GLY A 87 6.62 -16.57 1.12
N GLN A 88 7.56 -15.72 1.54
CA GLN A 88 7.63 -15.21 2.91
C GLN A 88 6.70 -13.99 3.17
N GLY A 89 5.42 -14.12 2.81
CA GLY A 89 4.47 -13.01 2.73
C GLY A 89 3.64 -12.71 3.97
N HIS A 90 2.68 -11.81 3.76
CA HIS A 90 1.63 -11.44 4.71
C HIS A 90 0.28 -11.25 3.98
N LEU A 91 -0.83 -11.37 4.71
CA LEU A 91 -2.21 -11.23 4.19
C LEU A 91 -2.62 -9.79 3.79
N GLY A 92 -1.64 -8.95 3.45
CA GLY A 92 -1.72 -7.57 3.02
C GLY A 92 -0.55 -7.14 2.14
N ASP A 93 0.15 -8.07 1.48
CA ASP A 93 0.91 -7.83 0.26
C ASP A 93 -0.12 -7.82 -0.92
N LEU A 94 -0.06 -6.94 -1.92
CA LEU A 94 -1.12 -6.79 -2.95
C LEU A 94 -0.55 -6.46 -4.35
N PRO A 95 -1.21 -6.92 -5.44
CA PRO A 95 -0.69 -6.84 -6.81
C PRO A 95 -0.55 -5.40 -7.31
N VAL A 96 0.31 -5.25 -8.32
CA VAL A 96 0.97 -3.97 -8.64
C VAL A 96 0.06 -2.89 -9.23
N LEU A 97 0.09 -1.73 -8.57
CA LEU A 97 -0.49 -0.44 -8.93
C LEU A 97 0.30 0.19 -10.09
N VAL A 98 0.23 -0.42 -11.27
CA VAL A 98 0.86 0.15 -12.49
C VAL A 98 0.18 1.48 -12.83
N VAL A 99 0.99 2.50 -13.14
CA VAL A 99 0.53 3.82 -13.60
C VAL A 99 0.99 4.03 -15.05
N ASN A 100 0.25 4.83 -15.83
CA ASN A 100 0.55 5.05 -17.24
C ASN A 100 1.83 5.89 -17.45
N ASN A 101 2.47 5.79 -18.62
CA ASN A 101 3.69 6.51 -19.05
C ASN A 101 3.65 8.05 -18.86
N ASP A 102 2.44 8.63 -18.80
CA ASP A 102 2.13 10.06 -18.66
C ASP A 102 2.02 10.54 -17.19
N GLY A 103 2.29 9.67 -16.20
CA GLY A 103 2.37 10.03 -14.78
C GLY A 103 1.04 10.00 -14.02
N ILE A 104 0.11 9.13 -14.44
CA ILE A 104 -1.27 9.04 -13.93
C ILE A 104 -1.64 7.59 -13.67
N ALA A 105 -2.20 7.31 -12.50
CA ALA A 105 -2.68 5.99 -12.10
C ALA A 105 -4.08 5.75 -12.69
N THR A 106 -4.25 4.61 -13.38
CA THR A 106 -5.45 4.26 -14.14
C THR A 106 -5.72 2.75 -14.19
N GLU A 107 -4.66 1.93 -14.22
CA GLU A 107 -4.77 0.47 -14.31
C GLU A 107 -5.42 -0.13 -13.02
N PRO A 108 -6.55 -0.86 -13.12
CA PRO A 108 -7.23 -1.47 -11.97
C PRO A 108 -6.55 -2.78 -11.54
N VAL A 109 -6.70 -3.11 -10.25
CA VAL A 109 -6.32 -4.42 -9.65
C VAL A 109 -7.38 -4.86 -8.63
N THR A 110 -7.25 -6.06 -8.04
CA THR A 110 -8.21 -6.62 -7.07
C THR A 110 -7.47 -7.47 -6.03
N ALA A 111 -7.92 -7.44 -4.77
CA ALA A 111 -7.38 -8.26 -3.68
C ALA A 111 -8.35 -9.42 -3.32
N PRO A 112 -8.09 -10.67 -3.76
CA PRO A 112 -9.07 -11.75 -3.71
C PRO A 112 -9.18 -12.53 -2.40
N ARG A 113 -8.32 -12.28 -1.39
CA ARG A 113 -8.38 -13.01 -0.11
C ARG A 113 -9.51 -12.53 0.81
N LEU A 114 -10.04 -11.33 0.54
CA LEU A 114 -11.09 -10.66 1.31
C LEU A 114 -12.43 -10.86 0.62
N LYS A 115 -13.51 -10.81 1.38
CA LYS A 115 -14.90 -10.78 0.90
C LYS A 115 -15.79 -9.92 1.83
N SER A 116 -15.21 -8.91 2.49
CA SER A 116 -15.89 -7.88 3.27
C SER A 116 -14.95 -6.68 3.52
N LEU A 117 -15.44 -5.46 3.32
CA LEU A 117 -14.72 -4.21 3.54
C LEU A 117 -14.47 -4.01 5.06
N ASP A 118 -15.35 -4.57 5.88
CA ASP A 118 -15.21 -4.72 7.34
C ASP A 118 -13.87 -5.34 7.77
N GLU A 119 -13.23 -6.16 6.91
CA GLU A 119 -11.91 -6.76 7.15
C GLU A 119 -10.76 -5.73 7.21
N VAL A 120 -10.99 -4.46 6.82
CA VAL A 120 -9.94 -3.42 6.70
C VAL A 120 -10.35 -2.03 7.22
N LYS A 121 -11.43 -1.93 8.02
CA LYS A 121 -12.09 -0.68 8.44
C LYS A 121 -11.33 0.25 9.43
N ASP A 122 -10.04 -0.01 9.70
CA ASP A 122 -9.16 0.82 10.55
C ASP A 122 -7.68 0.68 10.13
N LYS A 123 -7.43 0.41 8.84
CA LYS A 123 -6.09 0.19 8.28
C LYS A 123 -5.70 1.27 7.25
N ALA A 124 -4.40 1.49 7.07
CA ALA A 124 -3.86 2.25 5.94
C ALA A 124 -3.56 1.31 4.75
N LEU A 125 -3.84 1.78 3.54
CA LEU A 125 -3.26 1.23 2.30
C LEU A 125 -2.29 2.25 1.72
N MET A 126 -1.17 1.76 1.18
CA MET A 126 -0.07 2.60 0.70
C MET A 126 0.45 2.17 -0.67
N ILE A 127 0.68 3.14 -1.56
CA ILE A 127 1.32 2.95 -2.87
C ILE A 127 2.83 2.95 -2.67
N HIS A 128 3.41 1.75 -2.75
CA HIS A 128 4.83 1.47 -2.54
C HIS A 128 5.60 1.50 -3.87
N VAL A 129 6.82 2.06 -3.88
CA VAL A 129 7.49 2.50 -5.11
C VAL A 129 7.91 1.32 -6.00
N GLY A 130 8.39 0.21 -5.41
CA GLY A 130 8.75 -1.02 -6.13
C GLY A 130 7.60 -2.03 -6.14
N GLY A 131 7.46 -2.77 -7.24
CA GLY A 131 6.51 -3.87 -7.47
C GLY A 131 6.64 -5.04 -6.49
N ASP A 132 5.53 -5.76 -6.36
CA ASP A 132 5.15 -6.42 -5.11
C ASP A 132 5.34 -7.94 -5.15
N ASN A 133 6.55 -8.35 -5.51
CA ASN A 133 6.99 -9.74 -5.63
C ASN A 133 8.44 -9.99 -5.14
N MET A 134 9.10 -8.95 -4.63
CA MET A 134 10.53 -8.98 -4.29
C MET A 134 10.76 -9.38 -2.82
N SER A 135 11.58 -10.40 -2.59
CA SER A 135 11.91 -10.91 -1.25
C SER A 135 13.29 -11.62 -1.26
N ASP A 136 13.56 -12.52 -0.30
CA ASP A 136 14.81 -13.28 -0.04
C ASP A 136 15.97 -12.41 0.49
N GLN A 137 16.10 -11.20 -0.05
CA GLN A 137 17.25 -10.31 0.05
C GLN A 137 17.48 -9.77 1.48
N PRO A 138 18.76 -9.56 1.88
CA PRO A 138 19.15 -9.21 3.25
C PRO A 138 18.55 -7.87 3.69
N LYS A 139 18.53 -6.90 2.78
CA LYS A 139 17.72 -5.69 2.85
C LYS A 139 16.48 -5.97 1.96
N PRO A 140 15.30 -6.30 2.54
CA PRO A 140 14.20 -6.94 1.82
C PRO A 140 13.41 -5.98 0.92
N LEU A 141 12.40 -6.51 0.23
CA LEU A 141 11.49 -5.80 -0.71
C LEU A 141 12.19 -5.29 -1.98
N GLY A 142 13.49 -5.53 -2.16
CA GLY A 142 14.25 -4.98 -3.30
C GLY A 142 14.27 -3.45 -3.32
N GLY A 143 14.15 -2.81 -2.14
CA GLY A 143 13.96 -1.37 -1.99
C GLY A 143 12.49 -0.92 -1.95
N GLY A 144 11.53 -1.80 -2.25
CA GLY A 144 10.08 -1.53 -2.31
C GLY A 144 9.39 -1.26 -0.98
N GLY A 145 10.14 -0.85 0.05
CA GLY A 145 9.61 -0.31 1.32
C GLY A 145 9.35 1.21 1.26
N THR A 146 9.89 1.91 0.26
CA THR A 146 9.58 3.32 -0.01
C THR A 146 8.18 3.45 -0.63
N ARG A 147 7.52 4.58 -0.41
CA ARG A 147 6.11 4.82 -0.77
C ARG A 147 5.85 6.26 -1.23
N TYR A 148 4.99 6.44 -2.23
CA TYR A 148 4.65 7.76 -2.78
C TYR A 148 3.37 8.35 -2.15
N ALA A 149 2.40 7.51 -1.79
CA ALA A 149 1.11 7.92 -1.23
C ALA A 149 0.52 6.89 -0.25
N CYS A 150 -0.35 7.37 0.65
CA CYS A 150 -1.06 6.60 1.68
C CYS A 150 -2.51 7.08 1.83
N GLY A 151 -3.41 6.18 2.25
CA GLY A 151 -4.80 6.49 2.59
C GLY A 151 -5.31 5.67 3.78
N VAL A 152 -5.84 6.35 4.78
CA VAL A 152 -6.56 5.76 5.92
C VAL A 152 -7.96 5.33 5.50
N ILE A 153 -8.30 4.04 5.68
CA ILE A 153 -9.67 3.54 5.51
C ILE A 153 -10.51 3.97 6.73
N LYS A 154 -11.49 4.85 6.50
CA LYS A 154 -12.30 5.43 7.57
C LYS A 154 -13.24 4.38 8.20
N ALA A 1 -19.56 -3.80 -2.28
CA ALA A 1 -19.79 -2.86 -1.16
C ALA A 1 -18.59 -1.93 -1.02
N SER A 2 -18.76 -0.71 -0.53
CA SER A 2 -18.05 0.41 -1.17
C SER A 2 -17.32 1.32 -0.19
N GLU A 3 -16.09 1.67 -0.55
CA GLU A 3 -15.25 2.64 0.15
C GLU A 3 -14.41 3.39 -0.89
N LYS A 4 -14.09 4.65 -0.60
CA LYS A 4 -13.27 5.52 -1.46
C LYS A 4 -12.11 6.12 -0.65
N VAL A 5 -10.90 5.55 -0.78
CA VAL A 5 -9.77 5.97 0.07
C VAL A 5 -9.00 7.11 -0.61
N GLY A 6 -8.90 8.24 0.08
CA GLY A 6 -8.12 9.41 -0.30
C GLY A 6 -6.64 9.20 -0.02
N MET A 7 -5.88 8.95 -1.09
CA MET A 7 -4.45 8.63 -1.06
C MET A 7 -3.60 9.91 -1.07
N ASN A 8 -3.28 10.45 0.10
CA ASN A 8 -2.43 11.65 0.17
C ASN A 8 -0.96 11.29 -0.09
N LEU A 9 -0.18 12.21 -0.68
CA LEU A 9 1.26 12.01 -0.87
C LEU A 9 1.95 11.98 0.49
N VAL A 10 2.94 11.10 0.65
CA VAL A 10 3.75 10.97 1.88
C VAL A 10 5.23 10.85 1.52
N THR A 11 6.09 11.55 2.29
CA THR A 11 7.53 11.73 1.96
C THR A 11 8.29 12.38 3.12
N ALA A 12 8.46 11.63 4.21
CA ALA A 12 9.28 11.93 5.40
C ALA A 12 8.70 13.01 6.32
N GLN A 13 8.15 14.11 5.79
CA GLN A 13 7.45 15.12 6.61
C GLN A 13 6.08 14.62 7.11
N GLY A 14 5.61 13.46 6.62
CA GLY A 14 4.29 12.89 6.88
C GLY A 14 3.34 13.14 5.71
N VAL A 15 2.05 13.31 6.02
CA VAL A 15 0.98 13.67 5.09
C VAL A 15 1.28 15.02 4.42
N GLY A 16 1.25 15.05 3.09
CA GLY A 16 1.75 16.16 2.27
C GLY A 16 0.66 16.96 1.58
N GLN A 17 0.41 16.65 0.31
CA GLN A 17 -0.47 17.41 -0.59
C GLN A 17 -1.12 16.47 -1.61
N SER A 18 -2.44 16.52 -1.73
CA SER A 18 -3.23 15.44 -2.32
C SER A 18 -3.45 15.60 -3.84
N ILE A 19 -3.59 14.45 -4.54
CA ILE A 19 -3.68 14.35 -6.00
C ILE A 19 -4.64 13.27 -6.53
N GLY A 20 -5.22 12.42 -5.67
CA GLY A 20 -6.07 11.30 -6.10
C GLY A 20 -6.68 10.48 -4.95
N THR A 21 -7.82 9.84 -5.20
CA THR A 21 -8.35 8.75 -4.38
C THR A 21 -8.18 7.43 -5.14
N VAL A 22 -8.53 6.33 -4.50
CA VAL A 22 -8.87 5.08 -5.19
C VAL A 22 -10.23 4.60 -4.69
N VAL A 23 -11.10 4.21 -5.62
CA VAL A 23 -12.40 3.60 -5.28
C VAL A 23 -12.26 2.09 -5.12
N ILE A 24 -12.79 1.59 -4.03
CA ILE A 24 -12.70 0.20 -3.56
C ILE A 24 -14.12 -0.38 -3.47
N ASP A 25 -14.43 -1.37 -4.29
CA ASP A 25 -15.71 -2.09 -4.27
C ASP A 25 -15.49 -3.58 -4.00
N GLU A 26 -15.83 -3.98 -2.78
CA GLU A 26 -15.90 -5.34 -2.25
C GLU A 26 -16.85 -6.21 -3.09
N THR A 27 -16.42 -7.42 -3.45
CA THR A 27 -17.25 -8.35 -4.22
C THR A 27 -16.68 -9.77 -4.15
N GLU A 28 -17.23 -10.69 -4.93
CA GLU A 28 -16.79 -12.09 -5.02
C GLU A 28 -15.28 -12.19 -5.35
N GLY A 29 -14.79 -11.30 -6.21
CA GLY A 29 -13.37 -11.14 -6.54
C GLY A 29 -12.56 -10.30 -5.55
N GLY A 30 -13.13 -10.01 -4.39
CA GLY A 30 -12.60 -9.19 -3.30
C GLY A 30 -12.67 -7.70 -3.62
N LEU A 31 -11.68 -6.93 -3.16
CA LEU A 31 -11.66 -5.47 -3.25
C LEU A 31 -11.29 -5.00 -4.67
N LYS A 32 -12.27 -4.57 -5.48
CA LYS A 32 -12.04 -4.01 -6.82
C LYS A 32 -11.55 -2.56 -6.73
N PHE A 33 -10.29 -2.34 -7.07
CA PHE A 33 -9.51 -1.11 -6.89
C PHE A 33 -9.46 -0.30 -8.21
N THR A 34 -10.20 0.82 -8.32
CA THR A 34 -10.18 1.63 -9.55
C THR A 34 -9.48 2.96 -9.21
N PRO A 35 -8.26 3.20 -9.71
CA PRO A 35 -7.49 4.40 -9.39
C PRO A 35 -7.96 5.58 -10.25
N HIS A 36 -7.72 6.80 -9.77
CA HIS A 36 -7.87 8.02 -10.56
C HIS A 36 -6.77 9.06 -10.24
N LEU A 37 -5.54 8.59 -9.99
CA LEU A 37 -4.39 9.41 -9.56
C LEU A 37 -3.55 9.93 -10.71
N LYS A 38 -2.82 11.00 -10.38
CA LYS A 38 -1.84 11.67 -11.20
C LYS A 38 -0.71 12.15 -10.30
N ALA A 39 0.43 12.38 -10.93
CA ALA A 39 1.66 13.00 -10.41
C ALA A 39 2.60 12.01 -9.70
N LEU A 40 2.51 10.70 -10.02
CA LEU A 40 3.44 9.69 -9.50
C LEU A 40 4.60 9.48 -10.45
N PRO A 41 5.71 8.89 -9.98
CA PRO A 41 6.69 8.37 -10.88
C PRO A 41 6.08 7.26 -11.74
N PRO A 42 6.32 7.24 -13.07
CA PRO A 42 5.39 6.70 -14.06
C PRO A 42 5.65 5.22 -14.39
N GLY A 43 6.28 4.51 -13.45
CA GLY A 43 6.37 3.06 -13.48
C GLY A 43 5.47 2.47 -12.41
N GLU A 44 5.15 1.22 -12.62
CA GLU A 44 4.24 0.38 -11.86
C GLU A 44 4.52 0.33 -10.34
N HIS A 45 3.48 0.52 -9.53
CA HIS A 45 3.55 0.68 -8.07
C HIS A 45 3.11 -0.56 -7.32
N GLY A 46 3.83 -0.93 -6.26
CA GLY A 46 3.36 -1.93 -5.29
C GLY A 46 2.18 -1.39 -4.47
N PHE A 47 1.30 -2.27 -4.03
CA PHE A 47 0.17 -1.96 -3.16
C PHE A 47 0.28 -2.89 -1.92
N HIS A 48 0.40 -2.32 -0.73
CA HIS A 48 0.31 -3.06 0.56
C HIS A 48 -0.89 -2.65 1.42
N ILE A 49 -1.37 -3.56 2.28
CA ILE A 49 -2.04 -3.24 3.55
C ILE A 49 -0.99 -3.28 4.68
N HIS A 50 -1.17 -2.39 5.66
CA HIS A 50 -0.37 -2.28 6.88
C HIS A 50 -1.26 -2.50 8.13
N ALA A 51 -0.65 -2.89 9.25
CA ALA A 51 -1.36 -3.56 10.36
C ALA A 51 -2.33 -2.69 11.19
N ASN A 52 -2.20 -1.37 11.13
CA ASN A 52 -3.06 -0.37 11.76
C ASN A 52 -3.42 0.76 10.76
N GLY A 53 -4.18 1.78 11.18
CA GLY A 53 -4.66 2.85 10.29
C GLY A 53 -4.37 4.25 10.81
N SER A 54 -3.31 4.88 10.28
CA SER A 54 -2.91 6.28 10.52
C SER A 54 -1.58 6.61 9.80
N CYS A 55 -1.63 7.43 8.74
CA CYS A 55 -0.50 7.80 7.86
C CYS A 55 0.57 8.73 8.51
N GLN A 56 0.95 8.46 9.75
CA GLN A 56 1.84 9.30 10.56
C GLN A 56 3.24 8.65 10.70
N PRO A 57 4.34 9.38 10.40
CA PRO A 57 5.72 8.91 10.62
C PRO A 57 6.15 9.02 12.08
N ALA A 58 7.21 8.30 12.43
CA ALA A 58 8.02 8.56 13.62
C ALA A 58 9.42 9.02 13.19
N ILE A 59 10.05 9.91 13.95
CA ILE A 59 11.38 10.48 13.66
C ILE A 59 12.48 9.83 14.54
N LYS A 60 12.20 8.61 15.04
CA LYS A 60 13.06 7.87 15.97
C LYS A 60 14.50 7.75 15.46
N ASP A 61 15.47 8.10 16.31
CA ASP A 61 16.92 8.07 16.03
C ASP A 61 17.35 9.16 15.02
N GLY A 62 16.58 10.26 14.95
CA GLY A 62 16.92 11.46 14.16
C GLY A 62 16.58 11.33 12.68
N GLN A 63 15.57 10.52 12.33
CA GLN A 63 15.32 10.08 10.96
C GLN A 63 13.87 9.64 10.79
N ALA A 64 13.20 10.11 9.73
CA ALA A 64 11.76 9.86 9.52
C ALA A 64 11.52 8.45 8.97
N VAL A 65 11.06 7.53 9.81
CA VAL A 65 10.85 6.10 9.51
C VAL A 65 9.56 5.85 8.68
N ALA A 66 9.30 6.71 7.69
CA ALA A 66 8.25 6.64 6.66
C ALA A 66 6.80 6.76 7.17
N ALA A 67 6.35 5.81 7.98
CA ALA A 67 5.04 5.69 8.61
C ALA A 67 5.12 4.64 9.73
N GLU A 68 4.67 4.99 10.94
CA GLU A 68 4.73 4.13 12.13
C GLU A 68 3.32 3.78 12.64
N ALA A 69 2.43 4.76 12.78
CA ALA A 69 1.10 4.55 13.37
C ALA A 69 0.16 3.66 12.51
N ALA A 70 0.48 3.52 11.22
CA ALA A 70 -0.13 2.56 10.31
C ALA A 70 0.34 1.11 10.54
N GLY A 71 1.34 0.86 11.39
CA GLY A 71 1.94 -0.46 11.54
C GLY A 71 2.98 -0.78 10.46
N GLY A 72 3.66 -1.91 10.61
CA GLY A 72 4.50 -2.50 9.56
C GLY A 72 3.67 -3.24 8.52
N HIS A 73 4.31 -4.13 7.75
CA HIS A 73 3.58 -5.13 6.95
C HIS A 73 2.50 -5.82 7.82
N LEU A 74 1.34 -6.16 7.25
CA LEU A 74 0.22 -6.82 7.92
C LEU A 74 0.52 -8.31 8.25
N ASP A 75 1.55 -8.57 9.05
CA ASP A 75 2.42 -9.77 8.99
C ASP A 75 2.51 -10.75 10.18
N PRO A 76 1.82 -10.59 11.34
CA PRO A 76 2.33 -11.11 12.62
C PRO A 76 2.48 -12.64 12.69
N GLN A 77 1.40 -13.39 12.45
CA GLN A 77 1.37 -14.86 12.54
C GLN A 77 1.66 -15.51 11.17
N ASN A 78 2.80 -15.15 10.54
CA ASN A 78 3.28 -15.76 9.29
C ASN A 78 4.71 -16.33 9.44
N THR A 79 5.72 -15.44 9.46
CA THR A 79 7.19 -15.66 9.51
C THR A 79 7.96 -14.36 9.23
N GLY A 80 7.34 -13.39 8.53
CA GLY A 80 7.82 -12.01 8.46
C GLY A 80 8.76 -11.69 7.30
N LYS A 81 9.08 -12.67 6.43
CA LYS A 81 9.98 -12.49 5.29
C LYS A 81 9.32 -11.92 4.01
N HIS A 82 8.03 -11.56 4.03
CA HIS A 82 7.22 -11.23 2.83
C HIS A 82 7.09 -12.45 1.86
N GLU A 83 6.49 -12.29 0.69
CA GLU A 83 6.18 -13.39 -0.25
C GLU A 83 6.00 -12.88 -1.69
N GLY A 84 5.25 -13.60 -2.54
CA GLY A 84 5.00 -13.25 -3.94
C GLY A 84 5.38 -14.42 -4.86
N PRO A 85 6.54 -14.39 -5.54
CA PRO A 85 7.00 -15.48 -6.41
C PRO A 85 7.42 -16.74 -5.65
N GLU A 86 7.63 -16.63 -4.34
CA GLU A 86 8.02 -17.67 -3.38
C GLU A 86 7.81 -17.12 -1.95
N GLY A 87 7.65 -17.99 -0.95
CA GLY A 87 7.50 -17.61 0.46
C GLY A 87 6.06 -17.63 0.98
N GLN A 88 5.93 -17.29 2.27
CA GLN A 88 4.67 -17.20 3.03
C GLN A 88 4.87 -16.23 4.22
N GLY A 89 5.67 -15.17 4.04
CA GLY A 89 6.08 -14.26 5.12
C GLY A 89 5.27 -12.98 5.27
N HIS A 90 4.19 -12.78 4.51
CA HIS A 90 3.21 -11.69 4.65
C HIS A 90 2.06 -11.83 3.63
N LEU A 91 0.92 -12.37 4.07
CA LEU A 91 -0.24 -12.64 3.19
C LEU A 91 -0.96 -11.38 2.63
N GLY A 92 -0.71 -10.19 3.18
CA GLY A 92 -1.43 -8.92 2.94
C GLY A 92 -0.73 -7.94 1.99
N ASP A 93 0.11 -8.43 1.09
CA ASP A 93 0.66 -7.69 -0.05
C ASP A 93 -0.22 -7.92 -1.31
N LEU A 94 -0.27 -6.96 -2.25
CA LEU A 94 -1.32 -6.86 -3.28
C LEU A 94 -0.72 -6.57 -4.69
N PRO A 95 -1.43 -6.88 -5.80
CA PRO A 95 -0.89 -6.82 -7.16
C PRO A 95 -0.61 -5.38 -7.62
N VAL A 96 0.21 -5.23 -8.68
CA VAL A 96 0.88 -3.94 -8.95
C VAL A 96 -0.02 -2.96 -9.71
N LEU A 97 -0.10 -1.76 -9.14
CA LEU A 97 -0.83 -0.59 -9.58
C LEU A 97 -0.03 0.15 -10.67
N VAL A 98 -0.17 -0.32 -11.91
CA VAL A 98 0.45 0.27 -13.11
C VAL A 98 0.00 1.75 -13.30
N VAL A 99 0.92 2.59 -13.79
CA VAL A 99 0.72 3.98 -14.24
C VAL A 99 1.20 4.08 -15.70
N ASN A 100 0.71 5.07 -16.46
CA ASN A 100 1.23 5.39 -17.79
C ASN A 100 2.51 6.27 -17.71
N ASN A 101 3.30 6.37 -18.79
CA ASN A 101 4.61 7.06 -18.83
C ASN A 101 4.64 8.53 -18.31
N ASP A 102 3.49 9.21 -18.24
CA ASP A 102 3.33 10.58 -17.73
C ASP A 102 2.95 10.66 -16.23
N GLY A 103 2.74 9.53 -15.55
CA GLY A 103 2.51 9.48 -14.09
C GLY A 103 1.04 9.50 -13.67
N ILE A 104 0.13 8.94 -14.49
CA ILE A 104 -1.33 8.86 -14.24
C ILE A 104 -1.73 7.39 -14.12
N ALA A 105 -2.54 7.08 -13.09
CA ALA A 105 -3.06 5.75 -12.82
C ALA A 105 -4.57 5.71 -13.11
N THR A 106 -4.92 4.99 -14.19
CA THR A 106 -6.31 4.69 -14.61
C THR A 106 -6.47 3.19 -14.93
N GLU A 107 -5.60 2.36 -14.35
CA GLU A 107 -5.52 0.92 -14.57
C GLU A 107 -6.30 0.20 -13.45
N PRO A 108 -7.48 -0.39 -13.72
CA PRO A 108 -8.27 -1.10 -12.72
C PRO A 108 -7.60 -2.43 -12.34
N VAL A 109 -7.43 -2.67 -11.04
CA VAL A 109 -6.89 -3.93 -10.48
C VAL A 109 -7.79 -4.37 -9.31
N THR A 110 -7.60 -5.57 -8.75
CA THR A 110 -8.49 -6.15 -7.75
C THR A 110 -7.72 -7.07 -6.82
N ALA A 111 -8.12 -7.12 -5.56
CA ALA A 111 -7.52 -8.01 -4.56
C ALA A 111 -8.50 -9.11 -4.08
N PRO A 112 -8.55 -10.30 -4.74
CA PRO A 112 -9.33 -11.46 -4.27
C PRO A 112 -8.80 -12.09 -2.98
N ARG A 113 -7.66 -11.60 -2.47
CA ARG A 113 -7.00 -11.99 -1.22
C ARG A 113 -7.76 -11.44 0.01
N LEU A 114 -8.59 -10.42 -0.20
CA LEU A 114 -9.49 -9.80 0.78
C LEU A 114 -10.94 -10.11 0.36
N LYS A 115 -11.90 -9.91 1.28
CA LYS A 115 -13.30 -10.31 1.11
C LYS A 115 -14.31 -9.50 1.94
N SER A 116 -13.91 -8.45 2.64
CA SER A 116 -14.82 -7.60 3.43
C SER A 116 -14.18 -6.30 3.93
N LEU A 117 -14.80 -5.13 3.74
CA LEU A 117 -14.28 -3.88 4.31
C LEU A 117 -14.12 -3.97 5.85
N ASP A 118 -14.92 -4.79 6.54
CA ASP A 118 -14.79 -5.03 7.98
C ASP A 118 -13.44 -5.60 8.43
N GLU A 119 -12.61 -6.15 7.54
CA GLU A 119 -11.23 -6.55 7.89
C GLU A 119 -10.22 -5.39 7.80
N VAL A 120 -10.61 -4.27 7.18
CA VAL A 120 -9.77 -3.09 6.92
C VAL A 120 -10.34 -1.76 7.47
N LYS A 121 -11.48 -1.78 8.18
CA LYS A 121 -12.21 -0.60 8.69
C LYS A 121 -11.48 0.29 9.72
N ASP A 122 -10.26 -0.07 10.11
CA ASP A 122 -9.35 0.71 10.99
C ASP A 122 -7.87 0.44 10.63
N LYS A 123 -7.61 0.13 9.35
CA LYS A 123 -6.28 -0.14 8.79
C LYS A 123 -5.86 0.98 7.79
N ALA A 124 -4.67 0.86 7.19
CA ALA A 124 -4.23 1.69 6.07
C ALA A 124 -3.73 0.81 4.91
N LEU A 125 -3.85 1.34 3.69
CA LEU A 125 -3.16 0.84 2.49
C LEU A 125 -2.23 1.90 1.92
N MET A 126 -1.18 1.47 1.23
CA MET A 126 -0.09 2.35 0.79
C MET A 126 0.31 2.03 -0.65
N ILE A 127 0.40 3.07 -1.48
CA ILE A 127 0.99 3.04 -2.82
C ILE A 127 2.50 3.22 -2.66
N HIS A 128 3.20 2.14 -2.91
CA HIS A 128 4.64 1.97 -2.74
C HIS A 128 5.40 2.31 -4.06
N VAL A 129 6.63 2.86 -3.97
CA VAL A 129 7.26 3.57 -5.10
C VAL A 129 7.54 2.67 -6.31
N GLY A 130 7.93 1.41 -6.09
CA GLY A 130 8.04 0.37 -7.12
C GLY A 130 7.17 -0.84 -6.80
N GLY A 131 7.05 -1.75 -7.77
CA GLY A 131 6.39 -3.06 -7.62
C GLY A 131 7.12 -4.02 -6.70
N ASP A 132 6.45 -5.13 -6.36
CA ASP A 132 6.54 -5.70 -5.00
C ASP A 132 6.94 -7.20 -4.92
N ASN A 133 7.41 -7.79 -6.02
CA ASN A 133 7.78 -9.23 -6.08
C ASN A 133 9.04 -9.62 -5.26
N MET A 134 9.58 -8.72 -4.44
CA MET A 134 10.85 -8.87 -3.71
C MET A 134 10.69 -9.71 -2.44
N SER A 135 10.63 -11.03 -2.60
CA SER A 135 10.65 -12.00 -1.49
C SER A 135 12.07 -12.30 -0.97
N ASP A 136 13.14 -11.77 -1.58
CA ASP A 136 14.54 -12.09 -1.26
C ASP A 136 15.46 -10.88 -1.52
N GLN A 137 16.50 -10.75 -0.67
CA GLN A 137 17.65 -9.81 -0.65
C GLN A 137 18.11 -9.57 0.80
N PRO A 138 19.40 -9.23 1.06
CA PRO A 138 19.92 -8.99 2.41
C PRO A 138 19.47 -7.65 3.04
N LYS A 139 18.89 -6.72 2.26
CA LYS A 139 18.16 -5.58 2.84
C LYS A 139 16.77 -6.05 3.32
N PRO A 140 16.46 -6.00 4.63
CA PRO A 140 15.27 -6.64 5.19
C PRO A 140 13.97 -5.93 4.80
N LEU A 141 12.83 -6.54 5.17
CA LEU A 141 11.46 -6.06 4.95
C LEU A 141 11.04 -6.02 3.47
N GLY A 142 11.83 -6.63 2.57
CA GLY A 142 11.56 -6.76 1.13
C GLY A 142 12.22 -5.68 0.27
N GLY A 143 13.07 -4.81 0.84
CA GLY A 143 13.85 -3.79 0.11
C GLY A 143 13.04 -2.57 -0.32
N GLY A 144 11.89 -2.77 -0.98
CA GLY A 144 11.02 -1.73 -1.56
C GLY A 144 10.17 -0.98 -0.53
N GLY A 145 10.78 -0.54 0.58
CA GLY A 145 10.09 0.10 1.70
C GLY A 145 9.55 1.51 1.40
N THR A 146 9.99 2.14 0.31
CA THR A 146 9.64 3.52 -0.08
C THR A 146 8.17 3.67 -0.46
N ARG A 147 7.49 4.60 0.22
CA ARG A 147 6.09 4.99 -0.01
C ARG A 147 6.02 6.15 -1.02
N TYR A 148 4.95 6.27 -1.79
CA TYR A 148 4.59 7.52 -2.49
C TYR A 148 3.29 8.14 -1.94
N ALA A 149 2.27 7.33 -1.65
CA ALA A 149 1.01 7.80 -1.08
C ALA A 149 0.43 6.83 -0.04
N CYS A 150 -0.17 7.36 1.02
CA CYS A 150 -0.86 6.61 2.08
C CYS A 150 -2.36 6.89 2.07
N GLY A 151 -3.13 5.83 2.37
CA GLY A 151 -4.57 5.74 2.33
C GLY A 151 -5.11 5.06 3.59
N VAL A 152 -5.25 5.80 4.68
CA VAL A 152 -6.02 5.35 5.87
C VAL A 152 -7.49 5.05 5.50
N ILE A 153 -8.02 3.93 5.99
CA ILE A 153 -9.31 3.35 5.56
C ILE A 153 -10.38 3.55 6.64
N LYS A 154 -11.62 3.86 6.25
CA LYS A 154 -12.76 4.04 7.16
C LYS A 154 -13.88 3.06 6.77
N ALA A 1 -19.22 -3.93 0.80
CA ALA A 1 -18.99 -2.51 1.13
C ALA A 1 -17.96 -1.89 0.16
N SER A 2 -17.57 -0.63 0.36
CA SER A 2 -16.74 0.16 -0.58
C SER A 2 -16.00 1.28 0.17
N GLU A 3 -14.83 1.72 -0.33
CA GLU A 3 -14.09 2.86 0.21
C GLU A 3 -13.16 3.51 -0.83
N LYS A 4 -13.35 4.80 -1.07
CA LYS A 4 -12.49 5.59 -1.98
C LYS A 4 -11.31 6.26 -1.24
N VAL A 5 -10.22 5.51 -1.02
CA VAL A 5 -9.12 5.94 -0.14
C VAL A 5 -8.31 7.07 -0.78
N GLY A 6 -8.34 8.25 -0.15
CA GLY A 6 -7.67 9.50 -0.57
C GLY A 6 -6.18 9.50 -0.24
N MET A 7 -5.39 9.01 -1.19
CA MET A 7 -3.94 8.81 -1.10
C MET A 7 -3.14 10.12 -1.14
N ASN A 8 -2.37 10.36 -0.09
CA ASN A 8 -1.55 11.55 0.12
C ASN A 8 -0.07 11.26 -0.11
N LEU A 9 0.68 12.23 -0.67
CA LEU A 9 2.12 12.16 -0.87
C LEU A 9 2.89 12.36 0.46
N VAL A 10 2.72 11.39 1.37
CA VAL A 10 3.45 11.33 2.66
C VAL A 10 4.94 11.06 2.41
N THR A 11 5.82 11.75 3.16
CA THR A 11 7.28 11.72 2.90
C THR A 11 8.08 12.28 4.09
N ALA A 12 7.94 11.62 5.25
CA ALA A 12 8.71 11.82 6.50
C ALA A 12 8.43 13.13 7.25
N GLN A 13 8.00 14.17 6.54
CA GLN A 13 7.56 15.48 7.04
C GLN A 13 6.29 15.35 7.92
N GLY A 14 5.58 14.22 7.82
CA GLY A 14 4.18 14.03 8.23
C GLY A 14 3.34 13.64 7.02
N VAL A 15 2.01 13.66 7.17
CA VAL A 15 1.07 13.83 6.06
C VAL A 15 1.38 15.13 5.28
N GLY A 16 1.29 15.09 3.94
CA GLY A 16 1.53 16.21 3.02
C GLY A 16 0.26 16.63 2.29
N GLN A 17 0.33 16.71 0.96
CA GLN A 17 -0.78 17.06 0.07
C GLN A 17 -1.13 15.89 -0.87
N SER A 18 -2.30 15.92 -1.48
CA SER A 18 -2.92 14.76 -2.14
C SER A 18 -3.36 15.07 -3.58
N ILE A 19 -3.48 14.02 -4.41
CA ILE A 19 -3.54 14.11 -5.89
C ILE A 19 -4.55 13.14 -6.54
N GLY A 20 -5.37 12.45 -5.72
CA GLY A 20 -6.38 11.48 -6.17
C GLY A 20 -6.73 10.46 -5.09
N THR A 21 -7.74 9.61 -5.36
CA THR A 21 -8.05 8.44 -4.54
C THR A 21 -7.60 7.16 -5.27
N VAL A 22 -7.71 6.04 -4.58
CA VAL A 22 -7.93 4.74 -5.22
C VAL A 22 -9.20 4.15 -4.64
N VAL A 23 -10.15 3.77 -5.50
CA VAL A 23 -11.44 3.24 -5.07
C VAL A 23 -11.39 1.73 -4.86
N ILE A 24 -11.66 1.31 -3.64
CA ILE A 24 -11.78 -0.09 -3.25
C ILE A 24 -13.27 -0.47 -3.24
N ASP A 25 -13.62 -1.53 -3.95
CA ASP A 25 -14.95 -2.14 -3.90
C ASP A 25 -14.82 -3.64 -3.69
N GLU A 26 -15.53 -4.14 -2.68
CA GLU A 26 -15.45 -5.48 -2.16
C GLU A 26 -16.18 -6.50 -3.05
N THR A 27 -15.60 -7.69 -3.31
CA THR A 27 -16.28 -8.75 -4.08
C THR A 27 -15.73 -10.13 -3.72
N GLU A 28 -16.18 -11.18 -4.40
CA GLU A 28 -15.75 -12.58 -4.16
C GLU A 28 -14.28 -12.80 -4.53
N GLY A 29 -13.77 -12.05 -5.52
CA GLY A 29 -12.34 -11.93 -5.81
C GLY A 29 -11.62 -10.91 -4.93
N GLY A 30 -12.30 -10.46 -3.87
CA GLY A 30 -11.81 -9.56 -2.84
C GLY A 30 -11.85 -8.08 -3.21
N LEU A 31 -10.82 -7.36 -2.79
CA LEU A 31 -10.76 -5.91 -2.85
C LEU A 31 -10.38 -5.42 -4.27
N LYS A 32 -11.37 -4.97 -5.04
CA LYS A 32 -11.19 -4.37 -6.38
C LYS A 32 -10.71 -2.92 -6.26
N PHE A 33 -9.44 -2.67 -6.60
CA PHE A 33 -8.71 -1.43 -6.42
C PHE A 33 -8.60 -0.67 -7.75
N THR A 34 -9.18 0.54 -7.84
CA THR A 34 -9.28 1.27 -9.12
C THR A 34 -8.71 2.69 -8.94
N PRO A 35 -7.57 3.04 -9.58
CA PRO A 35 -6.89 4.32 -9.35
C PRO A 35 -7.41 5.41 -10.30
N HIS A 36 -7.18 6.67 -9.90
CA HIS A 36 -7.48 7.83 -10.75
C HIS A 36 -6.55 9.05 -10.49
N LEU A 37 -5.34 8.79 -9.99
CA LEU A 37 -4.39 9.84 -9.60
C LEU A 37 -3.53 10.32 -10.74
N LYS A 38 -3.36 11.64 -10.82
CA LYS A 38 -2.28 12.24 -11.60
C LYS A 38 -1.00 12.38 -10.76
N ALA A 39 0.14 12.45 -11.45
CA ALA A 39 1.42 13.04 -11.03
C ALA A 39 2.45 12.02 -10.49
N LEU A 40 2.31 10.73 -10.83
CA LEU A 40 3.26 9.67 -10.46
C LEU A 40 4.09 9.19 -11.64
N PRO A 41 5.29 8.66 -11.40
CA PRO A 41 6.12 8.18 -12.47
C PRO A 41 5.48 6.95 -13.14
N PRO A 42 5.50 6.85 -14.49
CA PRO A 42 4.65 5.95 -15.25
C PRO A 42 5.24 4.55 -15.38
N GLY A 43 5.61 4.00 -14.23
CA GLY A 43 6.19 2.67 -14.12
C GLY A 43 5.32 1.67 -13.36
N GLU A 44 5.96 0.58 -12.94
CA GLU A 44 5.43 -0.45 -12.04
C GLU A 44 5.58 -0.01 -10.58
N HIS A 45 4.58 -0.28 -9.73
CA HIS A 45 4.58 0.12 -8.31
C HIS A 45 3.96 -0.98 -7.47
N GLY A 46 4.54 -1.32 -6.33
CA GLY A 46 3.89 -2.16 -5.34
C GLY A 46 2.66 -1.49 -4.73
N PHE A 47 1.88 -2.27 -3.98
CA PHE A 47 0.75 -1.81 -3.15
C PHE A 47 0.53 -2.82 -2.02
N HIS A 48 0.38 -2.36 -0.77
CA HIS A 48 -0.08 -3.21 0.35
C HIS A 48 -1.24 -2.64 1.19
N ILE A 49 -1.78 -3.48 2.07
CA ILE A 49 -2.46 -3.11 3.33
C ILE A 49 -1.48 -3.28 4.49
N HIS A 50 -1.62 -2.42 5.50
CA HIS A 50 -0.85 -2.43 6.75
C HIS A 50 -1.79 -2.53 7.97
N ALA A 51 -1.32 -3.11 9.08
CA ALA A 51 -2.17 -3.65 10.15
C ALA A 51 -3.02 -2.63 10.94
N ASN A 52 -2.53 -1.41 11.08
CA ASN A 52 -3.18 -0.26 11.73
C ASN A 52 -3.53 0.87 10.75
N GLY A 53 -4.32 1.86 11.20
CA GLY A 53 -4.84 2.96 10.37
C GLY A 53 -4.23 4.34 10.64
N SER A 54 -2.94 4.56 10.35
CA SER A 54 -2.33 5.91 10.38
C SER A 54 -0.94 6.01 9.71
N CYS A 55 -0.82 6.85 8.68
CA CYS A 55 0.42 7.16 7.96
C CYS A 55 1.47 7.97 8.76
N GLN A 56 1.13 8.43 9.96
CA GLN A 56 1.93 9.41 10.69
C GLN A 56 3.32 8.83 11.07
N PRO A 57 4.38 9.66 11.07
CA PRO A 57 5.73 9.24 11.40
C PRO A 57 5.92 9.12 12.92
N ALA A 58 6.81 8.21 13.33
CA ALA A 58 7.42 8.22 14.66
C ALA A 58 8.84 8.80 14.58
N ILE A 59 9.25 9.59 15.56
CA ILE A 59 10.64 10.03 15.72
C ILE A 59 11.41 8.95 16.48
N LYS A 60 12.53 8.49 15.91
CA LYS A 60 13.22 7.24 16.28
C LYS A 60 14.63 7.21 15.62
N ASP A 61 15.63 6.64 16.30
CA ASP A 61 17.07 6.82 16.01
C ASP A 61 17.39 8.32 16.14
N GLY A 62 17.56 9.02 15.02
CA GLY A 62 17.69 10.48 14.93
C GLY A 62 16.80 11.10 13.84
N GLN A 63 15.70 10.46 13.45
CA GLN A 63 14.92 10.79 12.24
C GLN A 63 13.45 10.33 12.31
N ALA A 64 12.66 10.59 11.26
CA ALA A 64 11.21 10.38 11.23
C ALA A 64 10.81 9.15 10.38
N VAL A 65 10.37 8.08 11.03
CA VAL A 65 9.95 6.80 10.39
C VAL A 65 8.51 6.91 9.91
N ALA A 66 8.34 7.33 8.65
CA ALA A 66 7.05 7.53 7.98
C ALA A 66 6.17 6.26 7.99
N ALA A 67 5.03 6.32 8.68
CA ALA A 67 4.07 5.23 8.83
C ALA A 67 4.63 4.01 9.60
N GLU A 68 5.44 4.25 10.64
CA GLU A 68 5.69 3.28 11.72
C GLU A 68 4.37 2.90 12.40
N ALA A 69 3.50 3.91 12.65
CA ALA A 69 2.22 3.75 13.33
C ALA A 69 1.27 2.77 12.61
N ALA A 70 1.26 2.80 11.27
CA ALA A 70 0.47 1.95 10.39
C ALA A 70 0.67 0.44 10.56
N GLY A 71 1.73 -0.03 11.22
CA GLY A 71 2.05 -1.46 11.29
C GLY A 71 2.96 -1.90 10.14
N GLY A 72 3.37 -3.18 10.17
CA GLY A 72 3.93 -3.88 9.00
C GLY A 72 2.87 -4.17 7.94
N HIS A 73 3.22 -4.87 6.86
CA HIS A 73 2.33 -5.17 5.71
C HIS A 73 1.19 -6.18 6.02
N LEU A 74 0.61 -6.14 7.23
CA LEU A 74 -0.53 -6.94 7.66
C LEU A 74 -0.09 -8.41 7.84
N ASP A 75 0.35 -8.74 9.05
CA ASP A 75 0.97 -10.02 9.47
C ASP A 75 0.92 -10.16 11.01
N PRO A 76 -0.01 -10.97 11.54
CA PRO A 76 -0.07 -11.29 12.96
C PRO A 76 0.82 -12.50 13.31
N GLN A 77 0.65 -13.67 12.66
CA GLN A 77 1.46 -14.88 12.92
C GLN A 77 2.01 -15.55 11.65
N ASN A 78 2.00 -14.88 10.49
CA ASN A 78 2.33 -15.51 9.20
C ASN A 78 3.83 -15.86 9.13
N THR A 79 4.69 -14.89 9.50
CA THR A 79 6.17 -15.00 9.60
C THR A 79 6.81 -13.67 10.01
N GLY A 80 6.73 -12.66 9.16
CA GLY A 80 7.45 -11.39 9.30
C GLY A 80 8.28 -10.99 8.07
N LYS A 81 8.66 -11.92 7.18
CA LYS A 81 9.26 -11.55 5.88
C LYS A 81 8.24 -11.17 4.80
N HIS A 82 8.73 -10.60 3.69
CA HIS A 82 7.90 -10.17 2.56
C HIS A 82 7.59 -11.31 1.56
N GLU A 83 6.40 -11.30 0.94
CA GLU A 83 5.94 -12.33 0.00
C GLU A 83 5.95 -11.84 -1.47
N GLY A 84 5.14 -12.47 -2.33
CA GLY A 84 4.97 -12.16 -3.76
C GLY A 84 3.64 -12.75 -4.28
N PRO A 85 3.63 -13.53 -5.39
CA PRO A 85 2.40 -14.11 -5.95
C PRO A 85 1.87 -15.29 -5.12
N GLU A 86 2.74 -16.00 -4.40
CA GLU A 86 2.45 -17.05 -3.41
C GLU A 86 3.76 -17.49 -2.73
N GLY A 87 3.64 -18.20 -1.61
CA GLY A 87 4.74 -18.64 -0.74
C GLY A 87 4.37 -18.40 0.72
N GLN A 88 5.30 -17.85 1.53
CA GLN A 88 4.94 -17.34 2.85
C GLN A 88 5.70 -16.06 3.20
N GLY A 89 4.94 -14.98 3.35
CA GLY A 89 5.33 -13.70 3.94
C GLY A 89 4.11 -13.09 4.64
N HIS A 90 3.92 -11.77 4.51
CA HIS A 90 2.75 -11.08 5.05
C HIS A 90 1.47 -11.30 4.21
N LEU A 91 0.31 -11.48 4.84
CA LEU A 91 -0.97 -11.65 4.14
C LEU A 91 -1.50 -10.38 3.44
N GLY A 92 -0.98 -9.19 3.78
CA GLY A 92 -1.31 -7.91 3.13
C GLY A 92 -0.43 -7.55 1.94
N ASP A 93 0.42 -8.48 1.45
CA ASP A 93 1.19 -8.32 0.22
C ASP A 93 0.34 -8.70 -1.04
N LEU A 94 0.43 -7.88 -2.08
CA LEU A 94 -0.73 -7.46 -2.90
C LEU A 94 -0.29 -7.09 -4.35
N PRO A 95 -1.21 -6.85 -5.30
CA PRO A 95 -0.89 -6.71 -6.72
C PRO A 95 -0.29 -5.33 -7.06
N VAL A 96 0.42 -5.23 -8.19
CA VAL A 96 1.17 -4.01 -8.57
C VAL A 96 0.31 -2.97 -9.29
N LEU A 97 0.35 -1.76 -8.74
CA LEU A 97 -0.32 -0.53 -9.17
C LEU A 97 0.42 0.12 -10.35
N VAL A 98 0.40 -0.52 -11.52
CA VAL A 98 1.00 0.02 -12.76
C VAL A 98 0.34 1.35 -13.15
N VAL A 99 1.12 2.28 -13.71
CA VAL A 99 0.62 3.52 -14.36
C VAL A 99 1.25 3.66 -15.74
N ASN A 100 0.43 4.03 -16.74
CA ASN A 100 0.86 4.26 -18.12
C ASN A 100 1.72 5.53 -18.31
N ASN A 101 2.56 5.53 -19.37
CA ASN A 101 3.52 6.55 -19.85
C ASN A 101 3.17 8.05 -19.67
N ASP A 102 1.90 8.41 -19.55
CA ASP A 102 1.41 9.79 -19.38
C ASP A 102 1.57 10.33 -17.94
N GLY A 103 1.68 9.45 -16.93
CA GLY A 103 1.87 9.82 -15.52
C GLY A 103 0.58 9.91 -14.69
N ILE A 104 -0.50 9.29 -15.17
CA ILE A 104 -1.81 9.24 -14.50
C ILE A 104 -2.24 7.78 -14.32
N ALA A 105 -2.38 7.33 -13.08
CA ALA A 105 -2.74 5.95 -12.74
C ALA A 105 -4.21 5.66 -13.03
N THR A 106 -4.45 4.61 -13.83
CA THR A 106 -5.77 4.22 -14.35
C THR A 106 -5.97 2.69 -14.41
N GLU A 107 -4.94 1.89 -14.14
CA GLU A 107 -4.96 0.42 -14.25
C GLU A 107 -5.71 -0.22 -13.06
N PRO A 108 -6.84 -0.93 -13.25
CA PRO A 108 -7.56 -1.61 -12.19
C PRO A 108 -6.87 -2.95 -11.82
N VAL A 109 -6.75 -3.22 -10.52
CA VAL A 109 -6.18 -4.48 -9.97
C VAL A 109 -6.98 -4.95 -8.76
N THR A 110 -6.97 -6.25 -8.44
CA THR A 110 -7.87 -6.84 -7.44
C THR A 110 -7.11 -7.79 -6.51
N ALA A 111 -7.42 -7.74 -5.21
CA ALA A 111 -6.72 -8.50 -4.17
C ALA A 111 -7.64 -9.49 -3.41
N PRO A 112 -7.63 -10.81 -3.75
CA PRO A 112 -8.48 -11.83 -3.12
C PRO A 112 -8.05 -12.29 -1.72
N ARG A 113 -6.94 -11.76 -1.17
CA ARG A 113 -6.45 -12.14 0.16
C ARG A 113 -7.34 -11.59 1.28
N LEU A 114 -8.06 -10.49 0.99
CA LEU A 114 -9.02 -9.79 1.82
C LEU A 114 -10.37 -9.84 1.08
N LYS A 115 -11.45 -10.19 1.78
CA LYS A 115 -12.72 -10.58 1.14
C LYS A 115 -13.97 -10.10 1.90
N SER A 116 -13.77 -9.19 2.85
CA SER A 116 -14.75 -8.14 3.16
C SER A 116 -14.02 -6.80 3.26
N LEU A 117 -14.75 -5.67 3.22
CA LEU A 117 -14.17 -4.36 3.55
C LEU A 117 -14.29 -4.09 5.06
N ASP A 118 -15.27 -4.70 5.74
CA ASP A 118 -15.39 -4.74 7.21
C ASP A 118 -14.08 -5.18 7.89
N GLU A 119 -13.42 -6.23 7.39
CA GLU A 119 -12.16 -6.72 7.97
C GLU A 119 -10.96 -5.79 7.75
N VAL A 120 -11.13 -4.66 7.03
CA VAL A 120 -10.09 -3.64 6.80
C VAL A 120 -10.55 -2.20 7.12
N LYS A 121 -11.62 -2.04 7.91
CA LYS A 121 -12.31 -0.74 8.16
C LYS A 121 -11.52 0.36 8.91
N ASP A 122 -10.31 0.09 9.38
CA ASP A 122 -9.34 1.07 9.92
C ASP A 122 -7.90 0.57 9.68
N LYS A 123 -7.56 0.36 8.41
CA LYS A 123 -6.21 0.02 7.94
C LYS A 123 -5.66 1.15 7.05
N ALA A 124 -4.33 1.33 7.09
CA ALA A 124 -3.60 2.12 6.10
C ALA A 124 -3.26 1.25 4.88
N LEU A 125 -3.37 1.84 3.70
CA LEU A 125 -2.93 1.31 2.41
C LEU A 125 -1.79 2.22 1.91
N MET A 126 -0.84 1.66 1.16
CA MET A 126 0.28 2.44 0.61
C MET A 126 0.51 2.13 -0.87
N ILE A 127 0.76 3.18 -1.67
CA ILE A 127 1.30 3.06 -3.03
C ILE A 127 2.82 3.11 -2.91
N HIS A 128 3.49 2.09 -3.43
CA HIS A 128 4.87 1.77 -3.11
C HIS A 128 5.79 1.89 -4.34
N VAL A 129 6.99 2.47 -4.15
CA VAL A 129 7.74 3.15 -5.23
C VAL A 129 8.11 2.24 -6.42
N GLY A 130 8.37 0.95 -6.17
CA GLY A 130 8.65 -0.06 -7.19
C GLY A 130 7.79 -1.31 -6.99
N GLY A 131 7.51 -2.03 -8.08
CA GLY A 131 6.79 -3.30 -8.11
C GLY A 131 7.33 -4.33 -7.11
N ASP A 132 6.40 -5.05 -6.49
CA ASP A 132 6.55 -5.63 -5.16
C ASP A 132 7.29 -6.99 -5.12
N ASN A 133 7.72 -7.51 -6.28
CA ASN A 133 8.22 -8.87 -6.49
C ASN A 133 9.67 -9.12 -6.00
N MET A 134 10.46 -8.06 -5.76
CA MET A 134 11.90 -8.12 -5.46
C MET A 134 12.22 -8.51 -4.00
N SER A 135 11.54 -9.54 -3.49
CA SER A 135 11.15 -9.62 -2.08
C SER A 135 12.19 -10.13 -1.08
N ASP A 136 13.05 -11.07 -1.47
CA ASP A 136 13.85 -11.91 -0.55
C ASP A 136 15.25 -11.33 -0.25
N GLN A 137 15.43 -10.03 -0.44
CA GLN A 137 16.72 -9.34 -0.34
C GLN A 137 17.18 -9.15 1.12
N PRO A 138 18.51 -9.20 1.39
CA PRO A 138 19.08 -8.90 2.71
C PRO A 138 18.94 -7.41 3.10
N LYS A 139 18.62 -6.53 2.15
CA LYS A 139 17.88 -5.30 2.43
C LYS A 139 16.38 -5.61 2.48
N PRO A 140 15.74 -5.75 3.67
CA PRO A 140 14.32 -6.10 3.76
C PRO A 140 13.46 -5.02 3.12
N LEU A 141 12.34 -5.44 2.51
CA LEU A 141 11.41 -4.62 1.71
C LEU A 141 11.99 -4.19 0.35
N GLY A 142 13.26 -4.52 0.05
CA GLY A 142 13.90 -4.42 -1.27
C GLY A 142 14.11 -2.99 -1.79
N GLY A 143 13.83 -1.97 -0.97
CA GLY A 143 13.74 -0.56 -1.38
C GLY A 143 12.35 -0.20 -1.91
N GLY A 144 11.70 -1.10 -2.67
CA GLY A 144 10.39 -0.89 -3.30
C GLY A 144 9.25 -0.61 -2.31
N GLY A 145 9.38 -1.07 -1.06
CA GLY A 145 8.46 -0.78 0.06
C GLY A 145 8.51 0.68 0.58
N THR A 146 9.33 1.55 -0.02
CA THR A 146 9.25 3.01 0.15
C THR A 146 7.93 3.50 -0.46
N ARG A 147 7.40 4.62 0.05
CA ARG A 147 6.04 5.10 -0.26
C ARG A 147 6.10 6.20 -1.34
N TYR A 148 5.25 6.13 -2.37
CA TYR A 148 4.84 7.31 -3.16
C TYR A 148 3.47 7.85 -2.70
N ALA A 149 2.69 7.07 -1.94
CA ALA A 149 1.54 7.58 -1.17
C ALA A 149 1.12 6.65 -0.03
N CYS A 150 0.37 7.20 0.93
CA CYS A 150 -0.36 6.49 1.99
C CYS A 150 -1.79 7.05 2.09
N GLY A 151 -2.73 6.20 2.52
CA GLY A 151 -4.15 6.53 2.66
C GLY A 151 -4.86 5.53 3.57
N VAL A 152 -5.72 6.02 4.47
CA VAL A 152 -6.40 5.20 5.49
C VAL A 152 -7.89 5.01 5.16
N ILE A 153 -8.41 3.80 5.38
CA ILE A 153 -9.84 3.44 5.24
C ILE A 153 -10.71 4.11 6.33
N LYS A 154 -11.97 4.40 6.00
CA LYS A 154 -12.94 5.10 6.87
C LYS A 154 -14.30 4.39 6.88
#